data_7WYS
#
_entry.id   7WYS
#
_cell.length_a   115.109
_cell.length_b   117.470
_cell.length_c   491.339
_cell.angle_alpha   90.000
_cell.angle_beta   90.000
_cell.angle_gamma   90.000
#
_symmetry.space_group_name_H-M   'P 21 21 21'
#
loop_
_entity.id
_entity.type
_entity.pdbx_description
1 polymer 'Sodium/potassium-transporting ATPase subunit alpha-1'
2 polymer 'Sodium/potassium-transporting ATPase subunit beta-1'
3 polymer 'FXYD domain-containing ion transport regulator'
4 branched 2-acetamido-2-deoxy-beta-D-glucopyranose-(1-4)-2-acetamido-2-deoxy-beta-D-glucopyranose
5 non-polymer 'MAGNESIUM ION'
6 non-polymer 'SODIUM ION'
7 non-polymer 1,2-DIOLEOYL-SN-GLYCERO-3-PHOSPHOCHOLINE
8 non-polymer (3E,5S,8R,9S,10R,13S,14S)-3-(2-azanylethoxyimino)-10,13-dimethyl-1,2,4,5,7,8,9,11,12,14,15,16-dodecahydrocyclopenta[a]phenanthrene-6,17-dione
9 non-polymer CHOLESTEROL
10 non-polymer 2-acetamido-2-deoxy-beta-D-glucopyranose
11 water water
#
loop_
_entity_poly.entity_id
_entity_poly.type
_entity_poly.pdbx_seq_one_letter_code
_entity_poly.pdbx_strand_id
1 'polypeptide(L)'
;GRDKYEPAAVSEHGDKKKAKKERDMDELKKEVSMDDHKLSLDELHRKYGTDLSRGLTPARAAEILARDGPNALTPPPTTP
EWVKFCRQLFGGFSMLLWIGAILCFLAYGIQAATEEEPQNDNLYLGVVLSAVVIITGCFSYYQEAKSSKIMESFKNMVPQ
QALVIRNGEKMSINAEEVVVGDLVEVKGGDRIPADLRIISANGCKVDNSSLTGESEPQTRSPDFTNENPLETRNIAFFST
NCVEGTARGIVVYTGDRTVMGRIATLASGLEGGQTPIAAEIEHFIHIITGVAVFLGVSFFILSLILEYTWLEAVIFLIGI
IVANVPEGLLATVTVCLTLTAKRMARKNCLVKNLEAVETLGSTSTICS(PHD)KTGTLTQNRMTVAHMWSDNQIHEADTT
ENQSGVSFDKTSATWLALSRIAGLCNRAVFQANQENLPILKRAVAGDASESALLKCIELCCGSVKEMRERYTKIVEIPFN
STNKYQLSIHKNPNTAEPRHLLVMKGAPERILDRCSSILIHGKEQPLDEELKDAFQNAYLELGGLGERVLGFCHLFLPDE
QFPEGFQFDTDDVNFPLDNLCFVGLISMIDPPRAAVPDAVGKCRSAGIKVIMVTGDHPITAKAIAKGVGIISEGNETVED
IAARLNIPVSQVNPRDAKACVVHGSDLKDMTSEQLDDILKYHTEIVFARTSPQQKLIIVEGCQRQGAIVAVTGDGVNDSP
ASKKADIGVAMGIAGSDVSKQAADMILLDDNFASIVTGVEEGRLIFDNLKKSIAYTLTSNIPEITPFLIFIIANIPLPLG
TVTILCIDLGTDMVPAISLAYEQAESDIMKRQPRNPKTDKLVNEQLISMAYGQIGMIQALGGFFTYFVILAENGFLPIHL
LGLRVNWDDRWINDVEDSYGQQWTYEQRKIVEFTCHTPFFVTIVVVQWADLVICKTRRNSVFQQGMKNKILIFGLFEETA
LAAFLSYCPGMGVALRMYPLKPTWWFCAFPYSLLIFVYDEVRKLIIRRRPGGWVEKETYY
;
A,C
2 'polypeptide(L)'
;MARGKAKEEGSWKKFIWNSEKKEFLGRTGGSWFKILLFYVIFYGCLAGIFIGTIQVMLLTISEFKPTYQDRVAPPGLTQI
PQSQKTEISFRPNDPQSYESYVVSIVRFLEKYKDLAQKDDMIFEDCGNVPSELKERGEYNNERGERKVCRFRLEWLGNCS
GLNDETYGYKDGKPCVIIKLNRVLGFKPKPPKNESLETYPVMKYNPYVLPVHCTGKRDEDKEKVGTMEYFGLGGYPGFPL
QYYPYYGKLLQPKYLQPLMAVQFTNLTMDTEIRIECKAYGENIGYSEKDRFQGRFDVKIEVKS
;
B,D
3 'polypeptide(L)' MAGLSTDDGGSPKGDVDPFYYDYETVRNGGLIFAALAFIVGLIIILSKRLRCGGKKHRPINEDEL G,E
#
loop_
_chem_comp.id
_chem_comp.type
_chem_comp.name
_chem_comp.formula
7Q2 non-polymer (3E,5S,8R,9S,10R,13S,14S)-3-(2-azanylethoxyimino)-10,13-dimethyl-1,2,4,5,7,8,9,11,12,14,15,16-dodecahydrocyclopenta[a]phenanthrene-6,17-dione 'C21 H32 N2 O3'
CLR non-polymer CHOLESTEROL 'C27 H46 O'
MG non-polymer 'MAGNESIUM ION' 'Mg 2'
NA non-polymer 'SODIUM ION' 'Na 1'
NAG D-saccharide, beta linking 2-acetamido-2-deoxy-beta-D-glucopyranose 'C8 H15 N O6'
PCW non-polymer 1,2-DIOLEOYL-SN-GLYCERO-3-PHOSPHOCHOLINE 'C44 H85 N O8 P 1'
#
# COMPACT_ATOMS: atom_id res chain seq x y z
N LYS A 21 67.89 -8.22 -7.91
CA LYS A 21 68.78 -7.47 -7.03
C LYS A 21 68.26 -6.04 -6.81
N GLU A 22 66.98 -5.82 -7.13
CA GLU A 22 66.40 -4.48 -6.95
C GLU A 22 66.25 -4.07 -5.49
N ARG A 23 66.42 -5.02 -4.56
CA ARG A 23 66.35 -4.71 -3.13
C ARG A 23 67.43 -3.70 -2.75
N ASP A 24 68.66 -3.92 -3.24
CA ASP A 24 69.76 -3.02 -2.97
C ASP A 24 69.55 -1.65 -3.62
N MET A 25 68.92 -1.64 -4.79
CA MET A 25 68.65 -0.38 -5.48
C MET A 25 67.70 0.49 -4.66
N ASP A 26 66.69 -0.13 -4.02
CA ASP A 26 65.77 0.67 -3.21
C ASP A 26 66.47 1.18 -1.93
N GLU A 27 67.37 0.37 -1.36
CA GLU A 27 68.05 0.83 -0.17
C GLU A 27 69.01 1.99 -0.44
N LEU A 28 69.51 2.12 -1.68
CA LEU A 28 70.39 3.25 -1.97
C LEU A 28 69.61 4.56 -2.19
N LYS A 29 68.28 4.50 -2.19
CA LYS A 29 67.41 5.66 -2.35
C LYS A 29 66.78 6.09 -1.05
N LYS A 30 66.56 5.14 -0.13
CA LYS A 30 66.03 5.54 1.16
C LYS A 30 67.06 6.30 1.99
N GLU A 31 68.33 6.30 1.57
CA GLU A 31 69.40 7.00 2.26
C GLU A 31 69.36 8.49 1.93
N VAL A 32 69.82 9.30 2.87
CA VAL A 32 69.87 10.74 2.63
C VAL A 32 70.96 11.00 1.60
N SER A 33 70.73 11.97 0.73
CA SER A 33 71.65 12.29 -0.35
C SER A 33 72.98 12.85 0.14
N MET A 34 73.97 12.77 -0.75
CA MET A 34 75.32 13.26 -0.52
C MET A 34 75.77 14.07 -1.73
N ASP A 35 76.77 14.92 -1.54
CA ASP A 35 77.24 15.79 -2.62
C ASP A 35 78.73 16.10 -2.49
N ASP A 36 79.22 16.83 -3.50
CA ASP A 36 80.58 17.33 -3.63
C ASP A 36 80.54 18.83 -3.85
N HIS A 37 79.54 19.49 -3.27
CA HIS A 37 79.37 20.93 -3.42
C HIS A 37 80.52 21.70 -2.77
N LYS A 38 80.92 21.31 -1.56
CA LYS A 38 81.95 22.00 -0.80
C LYS A 38 83.34 21.77 -1.43
N LEU A 39 83.63 22.54 -2.47
CA LEU A 39 84.90 22.47 -3.17
C LEU A 39 85.27 23.85 -3.68
N SER A 40 86.57 24.06 -3.90
CA SER A 40 87.01 25.34 -4.43
C SER A 40 86.58 25.45 -5.89
N LEU A 41 86.51 26.70 -6.38
CA LEU A 41 86.07 26.93 -7.76
C LEU A 41 86.98 26.21 -8.75
N ASP A 42 88.28 26.23 -8.48
CA ASP A 42 89.25 25.57 -9.36
C ASP A 42 89.07 24.04 -9.31
N GLU A 43 88.80 23.49 -8.13
CA GLU A 43 88.61 22.04 -7.99
C GLU A 43 87.37 21.56 -8.73
N LEU A 44 86.28 22.31 -8.64
CA LEU A 44 85.05 21.92 -9.33
C LEU A 44 85.23 21.98 -10.84
N HIS A 45 85.89 23.03 -11.33
CA HIS A 45 86.10 23.13 -12.78
C HIS A 45 87.01 22.01 -13.29
N ARG A 46 88.02 21.60 -12.51
CA ARG A 46 88.89 20.52 -12.98
C ARG A 46 88.16 19.19 -12.97
N LYS A 47 87.42 18.90 -11.89
CA LYS A 47 86.72 17.63 -11.81
C LYS A 47 85.69 17.50 -12.93
N TYR A 48 85.05 18.60 -13.32
CA TYR A 48 84.06 18.51 -14.40
C TYR A 48 84.60 18.90 -15.77
N GLY A 49 85.79 19.50 -15.86
CA GLY A 49 86.35 19.91 -17.13
C GLY A 49 85.43 20.92 -17.79
N THR A 50 85.15 22.02 -17.09
CA THR A 50 84.24 23.02 -17.59
C THR A 50 84.74 24.43 -17.31
N ASP A 51 84.69 25.28 -18.34
CA ASP A 51 85.09 26.67 -18.15
C ASP A 51 84.04 27.35 -17.30
N LEU A 52 84.48 28.22 -16.40
CA LEU A 52 83.56 28.88 -15.47
C LEU A 52 82.77 30.02 -16.10
N SER A 53 83.38 30.79 -17.01
CA SER A 53 82.69 31.91 -17.63
C SER A 53 82.21 31.60 -19.04
N ARG A 54 82.60 30.45 -19.59
CA ARG A 54 82.22 30.06 -20.93
C ARG A 54 81.44 28.75 -20.99
N GLY A 55 81.58 27.89 -20.00
CA GLY A 55 80.90 26.59 -20.04
C GLY A 55 81.75 25.55 -20.75
N LEU A 56 81.30 25.09 -21.92
CA LEU A 56 82.05 24.14 -22.71
C LEU A 56 81.63 24.27 -24.17
N THR A 57 82.33 23.55 -25.04
CA THR A 57 82.02 23.55 -26.45
C THR A 57 80.72 22.78 -26.69
N PRO A 58 79.93 23.17 -27.69
CA PRO A 58 78.67 22.44 -27.97
C PRO A 58 78.88 20.98 -28.31
N ALA A 59 80.03 20.63 -28.88
CA ALA A 59 80.31 19.24 -29.19
C ALA A 59 80.41 18.42 -27.91
N ARG A 60 81.05 18.99 -26.87
CA ARG A 60 81.17 18.31 -25.58
C ARG A 60 79.79 18.14 -24.95
N ALA A 61 78.93 19.14 -25.12
CA ALA A 61 77.57 19.07 -24.59
C ALA A 61 76.81 17.92 -25.25
N ALA A 62 76.88 17.84 -26.57
CA ALA A 62 76.17 16.75 -27.26
C ALA A 62 76.77 15.39 -26.90
N GLU A 63 78.08 15.36 -26.59
CA GLU A 63 78.71 14.09 -26.22
C GLU A 63 78.12 13.55 -24.93
N ILE A 64 77.82 14.42 -23.97
CA ILE A 64 77.21 13.91 -22.74
C ILE A 64 75.73 13.62 -22.95
N LEU A 65 75.09 14.42 -23.83
CA LEU A 65 73.68 14.23 -24.15
C LEU A 65 73.43 12.81 -24.61
N ALA A 66 74.29 12.33 -25.50
CA ALA A 66 74.16 10.96 -25.98
C ALA A 66 74.93 9.98 -25.10
N ARG A 67 75.19 10.34 -23.84
CA ARG A 67 75.92 9.47 -22.95
C ARG A 67 75.06 8.96 -21.79
N ASP A 68 74.52 9.86 -20.97
CA ASP A 68 73.74 9.40 -19.82
C ASP A 68 72.24 9.58 -19.94
N GLY A 69 71.76 10.20 -21.01
CA GLY A 69 70.34 10.43 -21.20
C GLY A 69 70.01 11.90 -21.01
N PRO A 70 69.00 12.37 -21.72
CA PRO A 70 68.61 13.79 -21.61
C PRO A 70 68.13 14.13 -20.21
N ASN A 71 68.29 15.41 -19.86
CA ASN A 71 67.91 15.89 -18.53
C ASN A 71 66.40 15.94 -18.37
N ALA A 72 65.85 14.81 -17.95
CA ALA A 72 64.43 14.66 -17.71
C ALA A 72 64.24 13.34 -16.99
N LEU A 73 63.31 13.33 -16.03
CA LEU A 73 63.02 12.14 -15.28
C LEU A 73 62.44 11.09 -16.22
N THR A 74 62.86 9.84 -16.04
CA THR A 74 62.34 8.78 -16.88
C THR A 74 60.83 8.76 -16.69
N PRO A 75 60.05 8.61 -17.77
CA PRO A 75 58.61 8.63 -17.64
C PRO A 75 58.18 7.60 -16.61
N PRO A 76 57.02 7.81 -15.99
CA PRO A 76 56.54 6.86 -15.02
C PRO A 76 56.37 5.51 -15.69
N PRO A 77 56.30 4.46 -14.93
CA PRO A 77 56.13 3.16 -15.57
C PRO A 77 54.73 3.10 -16.15
N THR A 78 54.65 3.05 -17.48
CA THR A 78 53.36 3.03 -18.14
C THR A 78 52.58 1.77 -17.74
N THR A 79 51.29 1.97 -17.46
CA THR A 79 50.40 0.88 -17.03
C THR A 79 49.40 0.59 -18.14
N PRO A 80 49.60 -0.47 -18.93
CA PRO A 80 48.66 -0.77 -20.02
C PRO A 80 47.26 -1.00 -19.48
N GLU A 81 46.27 -0.70 -20.32
CA GLU A 81 44.89 -0.81 -19.88
C GLU A 81 44.41 -2.26 -19.76
N TRP A 82 44.98 -3.21 -20.50
CA TRP A 82 44.51 -4.58 -20.33
C TRP A 82 45.01 -5.15 -19.00
N VAL A 83 46.14 -4.64 -18.51
CA VAL A 83 46.68 -5.12 -17.25
C VAL A 83 45.71 -4.78 -16.11
N LYS A 84 45.32 -3.50 -15.99
CA LYS A 84 44.41 -3.12 -14.91
C LYS A 84 43.00 -3.66 -15.12
N PHE A 85 42.62 -4.05 -16.34
CA PHE A 85 41.30 -4.65 -16.52
C PHE A 85 41.31 -6.06 -15.95
N CYS A 86 42.31 -6.85 -16.34
CA CYS A 86 42.43 -8.17 -15.75
C CYS A 86 42.63 -8.02 -14.25
N ARG A 87 43.18 -6.87 -13.80
CA ARG A 87 43.33 -6.61 -12.37
C ARG A 87 41.97 -6.54 -11.69
N GLN A 88 41.01 -5.85 -12.31
CA GLN A 88 39.69 -5.77 -11.70
C GLN A 88 38.96 -7.11 -11.70
N LEU A 89 39.33 -8.02 -12.61
CA LEU A 89 38.64 -9.31 -12.61
C LEU A 89 39.11 -10.26 -11.49
N PHE A 90 40.24 -9.97 -10.87
CA PHE A 90 40.85 -10.73 -9.78
C PHE A 90 40.57 -10.00 -8.47
N GLY A 91 41.51 -10.04 -7.53
CA GLY A 91 41.35 -9.36 -6.26
C GLY A 91 41.18 -10.32 -5.11
N GLY A 92 40.19 -10.08 -4.25
CA GLY A 92 39.97 -11.02 -3.17
C GLY A 92 38.56 -11.56 -3.17
N PHE A 93 37.58 -10.67 -3.39
CA PHE A 93 36.17 -11.06 -3.41
C PHE A 93 35.83 -11.78 -4.72
N SER A 94 36.28 -11.20 -5.84
CA SER A 94 36.04 -11.82 -7.13
C SER A 94 36.74 -13.17 -7.21
N MET A 95 37.84 -13.34 -6.45
CA MET A 95 38.52 -14.63 -6.41
C MET A 95 37.59 -15.68 -5.82
N LEU A 96 36.78 -15.30 -4.83
CA LEU A 96 35.83 -16.23 -4.24
C LEU A 96 34.80 -16.64 -5.28
N LEU A 97 34.29 -15.66 -6.05
CA LEU A 97 33.31 -16.07 -7.08
C LEU A 97 33.97 -16.88 -8.20
N TRP A 98 35.28 -16.75 -8.39
CA TRP A 98 35.96 -17.55 -9.40
C TRP A 98 36.06 -19.01 -8.96
N ILE A 99 36.52 -19.24 -7.73
CA ILE A 99 36.63 -20.63 -7.25
C ILE A 99 35.24 -21.24 -7.18
N GLY A 100 34.21 -20.42 -6.93
CA GLY A 100 32.85 -20.95 -6.92
C GLY A 100 32.40 -21.36 -8.32
N ALA A 101 32.70 -20.53 -9.33
CA ALA A 101 32.34 -20.88 -10.70
C ALA A 101 33.05 -22.15 -11.15
N ILE A 102 34.31 -22.29 -10.73
CA ILE A 102 35.08 -23.49 -11.06
C ILE A 102 34.42 -24.70 -10.41
N LEU A 103 33.98 -24.56 -9.15
CA LEU A 103 33.30 -25.69 -8.50
C LEU A 103 31.98 -26.01 -9.21
N CYS A 104 31.35 -25.03 -9.87
CA CYS A 104 30.12 -25.33 -10.60
C CYS A 104 30.41 -26.19 -11.82
N PHE A 105 31.45 -25.85 -12.57
CA PHE A 105 31.79 -26.69 -13.73
C PHE A 105 32.38 -28.03 -13.27
N LEU A 106 33.00 -28.08 -12.09
CA LEU A 106 33.52 -29.34 -11.56
C LEU A 106 32.36 -30.25 -11.16
N ALA A 107 31.37 -29.66 -10.50
CA ALA A 107 30.18 -30.42 -10.11
C ALA A 107 29.42 -30.86 -11.35
N TYR A 108 29.35 -29.99 -12.36
CA TYR A 108 28.69 -30.34 -13.60
C TYR A 108 29.45 -31.43 -14.32
N GLY A 109 30.78 -31.45 -14.20
CA GLY A 109 31.57 -32.50 -14.82
C GLY A 109 31.27 -33.84 -14.19
N ILE A 110 30.99 -33.85 -12.89
CA ILE A 110 30.63 -35.12 -12.24
C ILE A 110 29.16 -35.49 -12.56
N GLN A 111 28.27 -34.49 -12.60
CA GLN A 111 26.83 -34.68 -12.84
C GLN A 111 26.49 -35.12 -14.26
N ALA A 112 27.06 -34.46 -15.27
CA ALA A 112 26.76 -34.79 -16.66
C ALA A 112 27.05 -36.24 -16.98
N ALA A 113 28.29 -36.65 -16.73
CA ALA A 113 28.70 -38.01 -16.97
C ALA A 113 28.00 -39.01 -16.07
N THR A 114 27.43 -38.61 -14.93
CA THR A 114 26.84 -39.70 -14.18
C THR A 114 25.33 -39.83 -14.20
N GLU A 115 24.54 -38.78 -14.35
CA GLU A 115 23.11 -39.05 -14.31
C GLU A 115 22.44 -38.81 -15.66
N GLU A 116 21.24 -39.39 -15.76
CA GLU A 116 20.39 -39.30 -16.93
C GLU A 116 19.77 -37.92 -17.00
N GLU A 117 19.45 -37.50 -18.25
CA GLU A 117 18.83 -36.24 -18.62
C GLU A 117 19.26 -35.18 -17.60
N PRO A 118 20.56 -34.89 -17.54
CA PRO A 118 21.04 -33.93 -16.54
C PRO A 118 20.36 -32.59 -16.71
N GLN A 119 20.28 -31.86 -15.61
CA GLN A 119 19.65 -30.57 -15.62
C GLN A 119 20.68 -29.48 -15.90
N ASN A 120 20.21 -28.43 -16.56
CA ASN A 120 21.06 -27.31 -16.95
C ASN A 120 21.17 -26.24 -15.87
N ASP A 121 20.81 -26.57 -14.61
CA ASP A 121 20.89 -25.59 -13.54
C ASP A 121 22.32 -25.31 -13.12
N ASN A 122 23.14 -26.35 -12.89
CA ASN A 122 24.52 -26.12 -12.49
C ASN A 122 25.30 -25.43 -13.60
N LEU A 123 25.11 -25.85 -14.85
CA LEU A 123 25.81 -25.16 -15.93
C LEU A 123 25.32 -23.72 -16.03
N TYR A 124 24.00 -23.53 -15.86
CA TYR A 124 23.41 -22.19 -15.86
C TYR A 124 24.05 -21.34 -14.77
N LEU A 125 24.31 -21.96 -13.61
CA LEU A 125 24.90 -21.29 -12.46
C LEU A 125 26.38 -20.98 -12.67
N GLY A 126 27.12 -21.90 -13.28
CA GLY A 126 28.53 -21.65 -13.51
C GLY A 126 28.74 -20.48 -14.44
N VAL A 127 27.98 -20.44 -15.53
CA VAL A 127 28.13 -19.32 -16.45
C VAL A 127 27.62 -18.02 -15.82
N VAL A 128 26.58 -18.09 -14.98
CA VAL A 128 26.10 -16.88 -14.34
C VAL A 128 27.15 -16.30 -13.40
N LEU A 129 27.81 -17.15 -12.60
CA LEU A 129 28.85 -16.66 -11.70
C LEU A 129 29.99 -16.02 -12.49
N SER A 130 30.36 -16.64 -13.61
CA SER A 130 31.40 -16.06 -14.44
C SER A 130 30.97 -14.69 -14.97
N ALA A 131 29.69 -14.58 -15.37
CA ALA A 131 29.16 -13.32 -15.87
C ALA A 131 29.12 -12.26 -14.77
N VAL A 132 28.85 -12.68 -13.52
CA VAL A 132 28.80 -11.74 -12.40
C VAL A 132 30.16 -11.09 -12.20
N VAL A 133 31.21 -11.91 -12.19
CA VAL A 133 32.55 -11.36 -11.99
C VAL A 133 32.93 -10.45 -13.16
N ILE A 134 32.59 -10.84 -14.39
CA ILE A 134 32.96 -10.02 -15.56
C ILE A 134 32.26 -8.67 -15.54
N ILE A 135 30.94 -8.65 -15.29
CA ILE A 135 30.21 -7.39 -15.29
C ILE A 135 30.69 -6.51 -14.13
N THR A 136 30.99 -7.12 -12.97
CA THR A 136 31.50 -6.32 -11.86
C THR A 136 32.85 -5.73 -12.23
N GLY A 137 33.68 -6.50 -12.93
CA GLY A 137 34.97 -5.98 -13.35
C GLY A 137 34.83 -4.84 -14.32
N CYS A 138 33.87 -4.94 -15.26
CA CYS A 138 33.68 -3.86 -16.23
C CYS A 138 33.16 -2.59 -15.57
N PHE A 139 32.23 -2.73 -14.63
CA PHE A 139 31.70 -1.54 -13.96
C PHE A 139 32.76 -0.87 -13.08
N SER A 140 33.46 -1.65 -12.25
CA SER A 140 34.48 -1.09 -11.39
C SER A 140 35.66 -0.54 -12.20
N TYR A 141 36.00 -1.20 -13.30
CA TYR A 141 37.07 -0.73 -14.16
C TYR A 141 36.68 0.57 -14.84
N TYR A 142 35.42 0.70 -15.24
CA TYR A 142 34.99 1.94 -15.86
C TYR A 142 35.13 3.09 -14.86
N GLN A 143 34.85 2.83 -13.57
CA GLN A 143 34.98 3.90 -12.58
C GLN A 143 36.44 4.26 -12.27
N GLU A 144 37.31 3.26 -12.08
CA GLU A 144 38.72 3.56 -11.79
C GLU A 144 39.39 4.23 -12.99
N ALA A 145 39.08 3.74 -14.19
CA ALA A 145 39.62 4.34 -15.40
C ALA A 145 39.08 5.75 -15.59
N LYS A 146 37.83 6.01 -15.18
CA LYS A 146 37.29 7.37 -15.29
C LYS A 146 38.07 8.33 -14.41
N SER A 147 38.48 7.85 -13.22
CA SER A 147 39.29 8.70 -12.36
C SER A 147 40.60 9.06 -13.06
N SER A 148 41.25 8.07 -13.69
CA SER A 148 42.49 8.38 -14.40
C SER A 148 42.23 9.23 -15.66
N LYS A 149 41.08 9.04 -16.31
CA LYS A 149 40.76 9.82 -17.51
C LYS A 149 40.67 11.30 -17.21
N ILE A 150 40.17 11.65 -16.02
CA ILE A 150 40.14 13.07 -15.68
C ILE A 150 41.48 13.50 -15.10
N MET A 151 42.28 12.55 -14.55
CA MET A 151 43.59 12.92 -14.02
C MET A 151 44.57 13.27 -15.15
N GLU A 152 44.42 12.63 -16.31
CA GLU A 152 45.31 12.95 -17.43
C GLU A 152 45.01 14.33 -17.99
N SER A 153 43.84 14.89 -17.71
CA SER A 153 43.47 16.23 -18.15
C SER A 153 44.12 17.31 -17.29
N PHE A 154 44.98 16.91 -16.35
CA PHE A 154 45.70 17.83 -15.48
C PHE A 154 47.16 17.93 -15.82
N LYS A 155 47.66 17.12 -16.76
CA LYS A 155 49.07 17.19 -17.15
C LYS A 155 49.25 18.35 -18.11
N ASN A 156 49.42 19.53 -17.55
CA ASN A 156 49.66 20.75 -18.33
C ASN A 156 51.14 21.05 -18.31
N MET A 157 51.93 20.03 -18.65
CA MET A 157 53.39 20.12 -18.65
C MET A 157 53.82 21.03 -19.80
N VAL A 158 54.12 22.28 -19.47
CA VAL A 158 54.54 23.25 -20.47
C VAL A 158 56.05 23.13 -20.64
N PRO A 159 56.54 22.95 -21.86
CA PRO A 159 58.00 22.87 -22.07
C PRO A 159 58.66 24.16 -21.64
N GLN A 160 59.73 24.05 -20.86
CA GLN A 160 60.45 25.20 -20.35
C GLN A 160 61.91 25.14 -20.76
N GLN A 161 62.32 26.07 -21.64
CA GLN A 161 63.71 26.14 -22.07
C GLN A 161 64.57 26.80 -21.01
N ALA A 162 65.79 26.31 -20.86
CA ALA A 162 66.78 26.80 -19.92
C ALA A 162 67.85 27.63 -20.62
N LEU A 163 68.40 28.60 -19.88
CA LEU A 163 69.44 29.48 -20.37
C LEU A 163 70.78 28.89 -19.95
N VAL A 164 71.52 28.36 -20.91
CA VAL A 164 72.81 27.73 -20.68
C VAL A 164 73.88 28.53 -21.42
N ILE A 165 75.07 28.60 -20.82
CA ILE A 165 76.20 29.30 -21.40
C ILE A 165 77.18 28.26 -21.88
N ARG A 166 77.40 28.21 -23.20
CA ARG A 166 78.32 27.25 -23.79
C ARG A 166 79.14 27.98 -24.83
N ASN A 167 80.43 27.63 -24.91
CA ASN A 167 81.37 28.23 -25.84
C ASN A 167 81.49 29.73 -25.64
N GLY A 168 81.22 30.20 -24.42
CA GLY A 168 81.31 31.61 -24.13
C GLY A 168 80.10 32.42 -24.54
N GLU A 169 79.04 31.79 -25.03
CA GLU A 169 77.86 32.52 -25.45
C GLU A 169 76.62 31.96 -24.77
N LYS A 170 75.63 32.83 -24.58
CA LYS A 170 74.37 32.48 -23.96
C LYS A 170 73.43 31.89 -25.01
N MET A 171 72.72 30.83 -24.63
CA MET A 171 71.79 30.17 -25.54
C MET A 171 70.67 29.54 -24.74
N SER A 172 69.45 29.63 -25.28
CA SER A 172 68.28 29.06 -24.64
C SER A 172 67.93 27.75 -25.35
N ILE A 173 67.93 26.65 -24.61
CA ILE A 173 67.65 25.32 -25.16
C ILE A 173 66.68 24.57 -24.26
N ASN A 174 66.08 23.52 -24.79
CA ASN A 174 65.14 22.72 -24.02
C ASN A 174 65.84 22.14 -22.77
N ALA A 175 65.05 21.95 -21.71
CA ALA A 175 65.63 21.41 -20.47
C ALA A 175 66.21 20.03 -20.67
N GLU A 176 65.64 19.24 -21.58
CA GLU A 176 66.16 17.90 -21.84
C GLU A 176 67.50 17.95 -22.58
N GLU A 177 67.76 19.04 -23.31
CA GLU A 177 69.00 19.19 -24.06
C GLU A 177 70.15 19.69 -23.19
N VAL A 178 69.95 19.79 -21.87
CA VAL A 178 70.98 20.24 -20.95
C VAL A 178 71.71 19.01 -20.41
N VAL A 179 73.02 19.15 -20.21
CA VAL A 179 73.84 18.04 -19.74
C VAL A 179 74.61 18.41 -18.48
N VAL A 180 75.48 17.51 -18.03
CA VAL A 180 76.26 17.70 -16.82
C VAL A 180 77.48 18.58 -17.07
N GLY A 181 77.90 19.30 -16.03
CA GLY A 181 79.08 20.13 -16.09
C GLY A 181 79.17 21.26 -17.08
N ASP A 182 78.23 22.21 -17.03
CA ASP A 182 78.26 23.35 -17.92
C ASP A 182 77.58 24.50 -17.22
N LEU A 183 78.02 25.72 -17.55
CA LEU A 183 77.47 26.91 -16.92
C LEU A 183 76.02 27.12 -17.34
N VAL A 184 75.18 27.47 -16.34
CA VAL A 184 73.76 27.72 -16.54
C VAL A 184 73.39 28.99 -15.77
N GLU A 185 72.75 29.91 -16.46
CA GLU A 185 72.30 31.17 -15.90
C GLU A 185 70.79 31.16 -15.75
N VAL A 186 70.30 31.74 -14.66
CA VAL A 186 68.87 31.81 -14.40
C VAL A 186 68.49 33.22 -13.98
N LYS A 187 67.35 33.69 -14.54
CA LYS A 187 66.75 35.00 -14.33
C LYS A 187 65.61 34.89 -13.32
N GLY A 188 65.36 35.98 -12.59
CA GLY A 188 64.30 35.96 -11.60
C GLY A 188 62.95 35.70 -12.23
N GLY A 189 62.51 34.45 -12.10
CA GLY A 189 61.27 33.97 -12.66
C GLY A 189 61.47 32.65 -13.37
N ASP A 190 62.71 32.34 -13.74
CA ASP A 190 63.01 31.10 -14.43
C ASP A 190 63.05 29.94 -13.44
N ARG A 191 62.56 28.78 -13.88
CA ARG A 191 62.56 27.59 -13.05
C ARG A 191 63.92 26.91 -13.22
N ILE A 192 64.57 26.59 -12.10
CA ILE A 192 65.89 25.94 -12.14
C ILE A 192 65.77 24.61 -12.87
N PRO A 193 66.53 24.41 -13.96
CA PRO A 193 66.39 23.13 -14.69
C PRO A 193 66.83 21.91 -13.91
N ALA A 194 68.14 21.69 -13.83
CA ALA A 194 68.73 20.56 -13.13
C ALA A 194 69.38 21.08 -11.85
N ASP A 195 70.04 20.19 -11.14
CA ASP A 195 70.71 20.59 -9.91
C ASP A 195 72.03 21.28 -10.28
N LEU A 196 72.15 22.54 -9.88
CA LEU A 196 73.33 23.36 -10.16
C LEU A 196 74.16 23.59 -8.91
N ARG A 197 75.39 24.03 -9.13
CA ARG A 197 76.35 24.37 -8.09
C ARG A 197 76.62 25.84 -8.38
N ILE A 198 75.99 26.71 -7.59
CA ILE A 198 76.10 28.15 -7.80
C ILE A 198 77.55 28.59 -7.73
N ILE A 199 77.95 29.41 -8.69
CA ILE A 199 79.32 29.91 -8.75
C ILE A 199 79.34 31.43 -8.60
N SER A 200 78.28 32.10 -9.02
CA SER A 200 78.22 33.56 -8.92
C SER A 200 76.76 33.97 -8.86
N ALA A 201 76.36 34.56 -7.73
CA ALA A 201 74.99 35.00 -7.50
C ALA A 201 74.97 36.50 -7.22
N ASN A 202 73.80 37.10 -7.46
CA ASN A 202 73.58 38.53 -7.25
C ASN A 202 72.14 38.72 -6.78
N GLY A 203 71.94 38.73 -5.46
CA GLY A 203 70.61 38.90 -4.90
C GLY A 203 69.64 37.84 -5.36
N CYS A 204 70.12 36.62 -5.59
CA CYS A 204 69.30 35.52 -6.07
C CYS A 204 68.62 34.77 -4.93
N LYS A 205 67.29 34.68 -4.98
CA LYS A 205 66.50 33.96 -4.00
C LYS A 205 65.72 32.89 -4.74
N VAL A 206 65.90 31.64 -4.35
CA VAL A 206 65.20 30.53 -4.97
C VAL A 206 64.08 30.06 -4.04
N ASP A 207 63.16 29.29 -4.61
CA ASP A 207 62.02 28.74 -3.89
C ASP A 207 62.18 27.22 -3.75
N ASN A 208 62.67 26.78 -2.59
CA ASN A 208 62.84 25.37 -2.30
C ASN A 208 61.59 24.78 -1.66
N SER A 209 60.43 25.38 -1.94
CA SER A 209 59.17 24.94 -1.33
C SER A 209 58.73 23.56 -1.79
N SER A 210 58.61 23.35 -3.11
CA SER A 210 58.14 22.07 -3.61
C SER A 210 59.10 20.93 -3.31
N LEU A 211 60.36 21.20 -2.96
CA LEU A 211 61.28 20.09 -2.68
C LEU A 211 61.55 19.80 -1.21
N THR A 212 62.36 20.63 -0.53
CA THR A 212 62.68 20.38 0.87
C THR A 212 61.65 20.92 1.84
N GLY A 213 60.78 21.82 1.39
CA GLY A 213 59.77 22.41 2.23
C GLY A 213 60.11 23.71 2.92
N GLU A 214 61.18 24.40 2.52
CA GLU A 214 61.55 25.67 3.13
C GLU A 214 60.59 26.74 2.58
N SER A 215 59.76 27.32 3.46
CA SER A 215 58.76 28.29 3.07
C SER A 215 59.28 29.62 2.51
N GLU A 216 59.90 30.46 3.34
CA GLU A 216 60.40 31.75 2.87
C GLU A 216 61.41 31.53 1.75
N PRO A 217 61.45 32.40 0.73
CA PRO A 217 62.38 32.17 -0.38
C PRO A 217 63.83 32.15 0.07
N GLN A 218 64.41 30.95 0.08
CA GLN A 218 65.79 30.79 0.52
C GLN A 218 66.74 31.33 -0.53
N THR A 219 67.60 32.25 -0.13
CA THR A 219 68.55 32.81 -1.06
C THR A 219 69.62 31.79 -1.42
N ARG A 220 70.29 32.03 -2.54
CA ARG A 220 71.35 31.16 -3.03
C ARG A 220 72.63 31.99 -3.19
N SER A 221 73.67 31.60 -2.47
CA SER A 221 74.97 32.25 -2.52
C SER A 221 76.05 31.23 -2.90
N PRO A 222 77.03 31.63 -3.72
CA PRO A 222 78.06 30.68 -4.13
C PRO A 222 78.92 30.13 -3.01
N ASP A 223 79.04 30.85 -1.89
CA ASP A 223 79.86 30.38 -0.78
C ASP A 223 79.21 29.19 -0.08
N PHE A 224 80.00 28.15 0.17
CA PHE A 224 79.52 26.95 0.86
C PHE A 224 79.16 27.31 2.31
N THR A 225 77.97 26.90 2.76
CA THR A 225 77.52 27.24 4.11
C THR A 225 77.32 26.05 5.04
N ASN A 226 76.41 25.12 4.72
CA ASN A 226 76.12 24.01 5.60
C ASN A 226 76.55 22.66 5.00
N GLU A 227 76.92 21.74 5.89
CA GLU A 227 77.34 20.41 5.45
C GLU A 227 76.22 19.70 4.73
N ASN A 228 74.99 20.03 5.05
CA ASN A 228 73.86 19.41 4.38
C ASN A 228 73.63 20.12 3.05
N PRO A 229 73.60 19.41 1.93
CA PRO A 229 73.35 20.06 0.64
C PRO A 229 71.98 20.74 0.55
N LEU A 230 71.02 20.34 1.39
CA LEU A 230 69.69 20.93 1.36
C LEU A 230 69.67 22.33 1.98
N GLU A 231 70.40 22.53 3.08
CA GLU A 231 70.40 23.82 3.74
C GLU A 231 71.37 24.80 3.09
N THR A 232 72.43 24.30 2.46
CA THR A 232 73.40 25.19 1.84
C THR A 232 72.77 25.99 0.70
N ARG A 233 73.39 27.11 0.38
CA ARG A 233 72.91 28.03 -0.65
C ARG A 233 73.69 27.99 -1.95
N ASN A 234 74.72 27.16 -2.09
CA ASN A 234 75.48 27.08 -3.33
C ASN A 234 74.92 26.03 -4.27
N ILE A 235 73.68 25.60 -4.05
CA ILE A 235 73.06 24.56 -4.87
C ILE A 235 71.65 24.96 -5.27
N ALA A 236 71.39 24.96 -6.57
CA ALA A 236 70.06 25.21 -7.12
C ALA A 236 69.49 23.82 -7.34
N PHE A 237 68.20 23.65 -7.11
CA PHE A 237 67.60 22.33 -7.19
C PHE A 237 66.58 22.16 -8.30
N PHE A 238 66.37 20.89 -8.66
CA PHE A 238 65.41 20.52 -9.70
C PHE A 238 63.99 20.86 -9.24
N SER A 239 63.17 21.35 -10.17
CA SER A 239 61.77 21.74 -9.99
C SER A 239 61.60 22.96 -9.09
N THR A 240 62.67 23.70 -8.80
CA THR A 240 62.61 24.91 -7.99
C THR A 240 62.69 26.12 -8.91
N ASN A 241 61.95 27.17 -8.54
CA ASN A 241 61.90 28.40 -9.33
C ASN A 241 62.71 29.52 -8.69
N CYS A 242 63.35 30.33 -9.54
CA CYS A 242 64.12 31.47 -9.07
C CYS A 242 63.14 32.60 -8.79
N VAL A 243 63.03 33.01 -7.52
CA VAL A 243 62.09 34.06 -7.15
C VAL A 243 62.53 35.41 -7.70
N GLU A 244 63.74 35.85 -7.34
CA GLU A 244 64.24 37.13 -7.78
C GLU A 244 65.75 37.06 -7.95
N GLY A 245 66.28 38.04 -8.68
CA GLY A 245 67.71 38.11 -8.91
C GLY A 245 68.14 37.10 -9.96
N THR A 246 69.45 37.03 -10.16
CA THR A 246 70.01 36.13 -11.15
C THR A 246 71.21 35.40 -10.56
N ALA A 247 71.53 34.25 -11.16
CA ALA A 247 72.67 33.51 -10.66
C ALA A 247 73.21 32.54 -11.72
N ARG A 248 74.45 32.12 -11.50
CA ARG A 248 75.15 31.18 -12.36
C ARG A 248 75.44 29.90 -11.59
N GLY A 249 75.49 28.78 -12.30
CA GLY A 249 75.78 27.52 -11.65
C GLY A 249 76.20 26.44 -12.62
N ILE A 250 76.99 25.50 -12.13
CA ILE A 250 77.49 24.38 -12.92
C ILE A 250 76.59 23.19 -12.67
N VAL A 251 76.16 22.53 -13.75
CA VAL A 251 75.28 21.38 -13.61
C VAL A 251 76.03 20.23 -12.96
N VAL A 252 75.55 19.78 -11.79
CA VAL A 252 76.18 18.68 -11.06
C VAL A 252 75.35 17.41 -11.26
N TYR A 253 74.08 17.45 -10.89
CA TYR A 253 73.18 16.31 -11.06
C TYR A 253 72.21 16.58 -12.19
N THR A 254 71.88 15.53 -12.95
CA THR A 254 70.99 15.63 -14.09
C THR A 254 70.03 14.45 -14.13
N GLY A 255 68.94 14.63 -14.86
CA GLY A 255 67.95 13.59 -15.05
C GLY A 255 67.40 13.02 -13.75
N ASP A 256 67.34 11.68 -13.69
CA ASP A 256 66.83 10.99 -12.52
C ASP A 256 67.77 11.04 -11.33
N ARG A 257 69.06 11.32 -11.56
CA ARG A 257 70.01 11.41 -10.47
C ARG A 257 69.80 12.64 -9.62
N THR A 258 68.99 13.59 -10.08
CA THR A 258 68.74 14.82 -9.34
C THR A 258 68.07 14.50 -7.99
N VAL A 259 68.01 15.53 -7.15
CA VAL A 259 67.43 15.40 -5.80
C VAL A 259 65.98 14.92 -5.89
N MET A 260 65.13 15.77 -6.47
CA MET A 260 63.73 15.41 -6.62
C MET A 260 63.59 14.23 -7.56
N GLY A 261 64.60 13.96 -8.39
CA GLY A 261 64.54 12.81 -9.27
C GLY A 261 64.66 11.51 -8.49
N ARG A 262 65.62 11.45 -7.56
CA ARG A 262 65.75 10.26 -6.74
C ARG A 262 64.56 10.12 -5.82
N ILE A 263 63.94 11.25 -5.46
CA ILE A 263 62.74 11.18 -4.63
C ILE A 263 61.56 10.62 -5.43
N ALA A 264 61.39 11.09 -6.68
CA ALA A 264 60.31 10.63 -7.53
C ALA A 264 60.47 9.15 -7.85
N THR A 265 61.69 8.74 -8.23
CA THR A 265 61.94 7.34 -8.53
C THR A 265 61.70 6.49 -7.30
N LEU A 266 61.99 7.03 -6.11
CA LEU A 266 61.72 6.27 -4.89
C LEU A 266 60.23 6.07 -4.70
N ALA A 267 59.44 7.11 -4.94
CA ALA A 267 58.00 7.00 -4.77
C ALA A 267 57.39 5.98 -5.72
N SER A 268 57.87 5.93 -6.97
CA SER A 268 57.32 4.94 -7.90
C SER A 268 57.68 3.51 -7.52
N GLY A 269 58.82 3.32 -6.86
CA GLY A 269 59.31 2.01 -6.45
C GLY A 269 58.89 1.55 -5.07
N LEU A 270 58.01 2.28 -4.39
CA LEU A 270 57.56 1.89 -3.06
C LEU A 270 56.27 1.08 -3.13
N GLU A 271 56.04 0.26 -2.11
CA GLU A 271 54.85 -0.56 -2.05
C GLU A 271 53.63 0.27 -1.73
N GLY A 272 52.46 -0.21 -2.17
CA GLY A 272 51.22 0.48 -1.91
C GLY A 272 50.54 -0.01 -0.64
N GLY A 273 50.81 -1.26 -0.27
CA GLY A 273 50.22 -1.86 0.92
C GLY A 273 48.86 -2.47 0.65
N GLN A 274 48.23 -2.92 1.74
CA GLN A 274 46.90 -3.52 1.71
C GLN A 274 45.93 -2.56 2.37
N THR A 275 44.94 -2.09 1.60
CA THR A 275 43.96 -1.14 2.11
C THR A 275 43.15 -1.78 3.24
N PRO A 276 42.71 -0.99 4.22
CA PRO A 276 41.92 -1.56 5.33
C PRO A 276 40.60 -2.15 4.87
N ILE A 277 39.98 -1.57 3.85
CA ILE A 277 38.72 -2.09 3.34
C ILE A 277 38.94 -3.46 2.72
N ALA A 278 40.05 -3.63 1.98
CA ALA A 278 40.36 -4.93 1.37
C ALA A 278 40.64 -5.97 2.44
N ALA A 279 41.26 -5.56 3.55
CA ALA A 279 41.51 -6.49 4.65
C ALA A 279 40.19 -6.94 5.25
N GLU A 280 39.20 -6.04 5.30
CA GLU A 280 37.89 -6.43 5.80
C GLU A 280 37.22 -7.40 4.83
N ILE A 281 37.46 -7.23 3.53
CA ILE A 281 36.90 -8.15 2.53
C ILE A 281 37.47 -9.55 2.76
N GLU A 282 38.79 -9.61 3.00
CA GLU A 282 39.45 -10.89 3.23
C GLU A 282 38.92 -11.56 4.50
N HIS A 283 38.77 -10.77 5.58
CA HIS A 283 38.24 -11.37 6.81
C HIS A 283 36.78 -11.77 6.62
N PHE A 284 36.05 -11.07 5.74
CA PHE A 284 34.66 -11.42 5.47
C PHE A 284 34.56 -12.80 4.82
N ILE A 285 35.39 -13.04 3.80
CA ILE A 285 35.36 -14.33 3.13
C ILE A 285 35.85 -15.44 4.07
N HIS A 286 36.76 -15.12 5.00
CA HIS A 286 37.27 -16.12 5.94
C HIS A 286 36.16 -16.77 6.77
N ILE A 287 35.05 -16.07 6.98
CA ILE A 287 33.92 -16.61 7.71
C ILE A 287 32.87 -17.17 6.76
N ILE A 288 32.68 -16.50 5.60
CA ILE A 288 31.70 -16.98 4.61
C ILE A 288 32.04 -18.40 4.18
N THR A 289 33.29 -18.61 3.79
CA THR A 289 33.71 -19.95 3.40
C THR A 289 33.88 -20.86 4.61
N GLY A 290 34.26 -20.29 5.77
CA GLY A 290 34.41 -21.14 6.95
C GLY A 290 33.13 -21.88 7.26
N VAL A 291 32.02 -21.16 7.23
CA VAL A 291 30.75 -21.84 7.47
C VAL A 291 30.27 -22.58 6.22
N ALA A 292 30.62 -22.11 5.02
CA ALA A 292 30.20 -22.80 3.81
C ALA A 292 30.79 -24.21 3.75
N VAL A 293 32.10 -24.32 3.99
CA VAL A 293 32.77 -25.61 3.98
C VAL A 293 32.38 -26.40 5.21
N PHE A 294 32.09 -25.74 6.34
CA PHE A 294 31.66 -26.50 7.49
C PHE A 294 30.32 -27.18 7.21
N LEU A 295 29.37 -26.43 6.66
CA LEU A 295 28.06 -26.98 6.32
C LEU A 295 28.17 -28.03 5.22
N GLY A 296 28.98 -27.74 4.19
CA GLY A 296 29.14 -28.68 3.10
C GLY A 296 29.76 -29.99 3.54
N VAL A 297 30.82 -29.93 4.36
CA VAL A 297 31.51 -31.14 4.79
C VAL A 297 30.68 -31.92 5.81
N SER A 298 30.16 -31.24 6.83
CA SER A 298 29.34 -31.94 7.83
C SER A 298 28.13 -32.58 7.16
N PHE A 299 27.53 -31.89 6.17
CA PHE A 299 26.40 -32.48 5.47
C PHE A 299 26.85 -33.56 4.49
N PHE A 300 28.07 -33.46 3.94
CA PHE A 300 28.58 -34.50 3.06
C PHE A 300 28.68 -35.81 3.82
N ILE A 301 29.19 -35.72 5.06
CA ILE A 301 29.30 -36.88 5.93
C ILE A 301 27.90 -37.40 6.25
N LEU A 302 26.96 -36.50 6.56
CA LEU A 302 25.59 -36.92 6.86
C LEU A 302 24.93 -37.64 5.67
N SER A 303 25.10 -37.09 4.46
CA SER A 303 24.50 -37.68 3.26
C SER A 303 25.05 -39.08 3.01
N LEU A 304 26.36 -39.27 3.20
CA LEU A 304 26.90 -40.60 3.00
C LEU A 304 26.40 -41.55 4.10
N ILE A 305 26.17 -41.02 5.31
CA ILE A 305 25.65 -41.86 6.38
C ILE A 305 24.26 -42.36 6.01
N LEU A 306 23.46 -41.50 5.36
CA LEU A 306 22.13 -41.98 5.00
C LEU A 306 22.08 -43.02 3.89
N GLU A 307 21.99 -42.55 2.64
CA GLU A 307 21.91 -43.45 1.47
C GLU A 307 22.64 -42.95 0.25
N TYR A 308 22.86 -41.65 0.11
CA TYR A 308 23.50 -41.11 -1.08
C TYR A 308 24.92 -41.62 -1.22
N THR A 309 25.27 -42.02 -2.44
CA THR A 309 26.57 -42.56 -2.77
C THR A 309 27.61 -41.43 -2.89
N TRP A 310 28.86 -41.84 -3.19
CA TRP A 310 29.94 -40.87 -3.35
C TRP A 310 29.66 -39.94 -4.52
N LEU A 311 29.07 -40.51 -5.58
CA LEU A 311 28.72 -39.76 -6.78
C LEU A 311 27.82 -38.57 -6.43
N GLU A 312 26.76 -38.84 -5.66
CA GLU A 312 25.80 -37.79 -5.32
C GLU A 312 26.26 -36.93 -4.14
N ALA A 313 26.93 -37.54 -3.16
CA ALA A 313 27.38 -36.77 -2.01
C ALA A 313 28.37 -35.69 -2.41
N VAL A 314 29.22 -35.96 -3.42
CA VAL A 314 30.17 -34.94 -3.84
C VAL A 314 29.42 -33.71 -4.36
N ILE A 315 28.34 -33.94 -5.12
CA ILE A 315 27.53 -32.85 -5.63
C ILE A 315 26.85 -32.12 -4.47
N PHE A 316 26.49 -32.85 -3.41
CA PHE A 316 25.88 -32.20 -2.24
C PHE A 316 26.87 -31.25 -1.57
N LEU A 317 28.13 -31.70 -1.44
CA LEU A 317 29.17 -30.86 -0.84
C LEU A 317 29.31 -29.56 -1.62
N ILE A 318 29.44 -29.68 -2.95
CA ILE A 318 29.59 -28.49 -3.78
C ILE A 318 28.34 -27.59 -3.73
N GLY A 319 27.15 -28.17 -3.81
CA GLY A 319 25.94 -27.36 -3.80
C GLY A 319 25.76 -26.56 -2.51
N ILE A 320 26.01 -27.20 -1.37
CA ILE A 320 25.88 -26.52 -0.09
C ILE A 320 26.91 -25.43 0.07
N ILE A 321 28.15 -25.67 -0.39
CA ILE A 321 29.15 -24.63 -0.26
C ILE A 321 28.90 -23.49 -1.24
N VAL A 322 28.59 -23.82 -2.50
CA VAL A 322 28.35 -22.83 -3.54
C VAL A 322 27.16 -21.93 -3.21
N ALA A 323 26.09 -22.50 -2.64
CA ALA A 323 24.95 -21.64 -2.30
C ALA A 323 25.26 -20.68 -1.17
N ASN A 324 26.20 -21.03 -0.31
CA ASN A 324 26.54 -20.19 0.83
C ASN A 324 27.40 -19.00 0.43
N VAL A 325 27.67 -18.84 -0.85
CA VAL A 325 28.48 -17.73 -1.35
C VAL A 325 27.53 -16.67 -1.89
N PRO A 326 27.51 -15.46 -1.31
CA PRO A 326 26.60 -14.44 -1.80
C PRO A 326 27.06 -13.93 -3.15
N GLU A 327 26.37 -14.38 -4.20
CA GLU A 327 26.73 -14.00 -5.56
C GLU A 327 26.47 -12.52 -5.82
N GLY A 328 25.28 -12.05 -5.47
CA GLY A 328 24.94 -10.66 -5.70
C GLY A 328 25.61 -9.70 -4.75
N LEU A 329 26.34 -10.21 -3.76
CA LEU A 329 26.99 -9.30 -2.83
C LEU A 329 28.19 -8.61 -3.45
N LEU A 330 28.84 -9.22 -4.45
CA LEU A 330 29.98 -8.57 -5.08
C LEU A 330 29.55 -7.29 -5.79
N ALA A 331 28.49 -7.38 -6.60
CA ALA A 331 28.01 -6.21 -7.34
C ALA A 331 27.45 -5.15 -6.40
N THR A 332 26.68 -5.57 -5.38
CA THR A 332 26.12 -4.60 -4.45
C THR A 332 27.22 -3.89 -3.66
N VAL A 333 28.26 -4.62 -3.26
CA VAL A 333 29.34 -4.01 -2.52
C VAL A 333 30.10 -3.03 -3.42
N THR A 334 30.37 -3.43 -4.67
CA THR A 334 31.09 -2.54 -5.57
C THR A 334 30.28 -1.26 -5.83
N VAL A 335 28.97 -1.39 -6.06
CA VAL A 335 28.15 -0.20 -6.27
C VAL A 335 28.03 0.59 -4.98
N CYS A 336 28.02 -0.10 -3.85
CA CYS A 336 27.93 0.56 -2.55
C CYS A 336 29.14 1.46 -2.35
N LEU A 337 30.32 0.98 -2.74
CA LEU A 337 31.54 1.80 -2.64
C LEU A 337 31.54 2.89 -3.70
N THR A 338 30.98 2.58 -4.88
CA THR A 338 30.94 3.55 -5.96
C THR A 338 30.06 4.75 -5.63
N LEU A 339 28.94 4.54 -4.93
CA LEU A 339 28.05 5.64 -4.59
C LEU A 339 28.75 6.68 -3.70
N THR A 340 29.41 6.21 -2.65
CA THR A 340 30.14 7.12 -1.78
C THR A 340 31.27 7.79 -2.55
N ALA A 341 31.91 7.06 -3.48
CA ALA A 341 32.95 7.68 -4.29
C ALA A 341 32.37 8.79 -5.17
N LYS A 342 31.12 8.64 -5.61
CA LYS A 342 30.47 9.67 -6.41
C LYS A 342 30.35 10.96 -5.60
N ARG A 343 29.92 10.83 -4.34
CA ARG A 343 29.82 12.03 -3.51
C ARG A 343 31.18 12.67 -3.31
N MET A 344 32.25 11.86 -3.28
CA MET A 344 33.58 12.44 -3.15
C MET A 344 33.91 13.29 -4.37
N ALA A 345 33.51 12.83 -5.56
CA ALA A 345 33.77 13.61 -6.78
C ALA A 345 32.91 14.87 -6.86
N ARG A 346 31.73 14.85 -6.23
CA ARG A 346 30.87 16.03 -6.26
C ARG A 346 31.50 17.22 -5.55
N LYS A 347 32.25 16.96 -4.47
CA LYS A 347 32.90 18.00 -3.69
C LYS A 347 34.34 18.22 -4.10
N ASN A 348 34.69 17.89 -5.35
CA ASN A 348 36.04 18.07 -5.90
C ASN A 348 37.11 17.35 -5.07
N CYS A 349 36.76 16.18 -4.56
CA CYS A 349 37.66 15.33 -3.77
C CYS A 349 37.69 13.99 -4.49
N LEU A 350 38.51 13.91 -5.53
CA LEU A 350 38.58 12.70 -6.33
C LEU A 350 39.42 11.61 -5.67
N VAL A 351 39.02 10.37 -5.89
CA VAL A 351 39.74 9.20 -5.37
C VAL A 351 40.22 8.41 -6.58
N LYS A 352 41.54 8.20 -6.67
CA LYS A 352 42.07 7.44 -7.80
C LYS A 352 41.73 5.95 -7.67
N ASN A 353 41.46 5.49 -6.45
CA ASN A 353 41.11 4.12 -6.16
C ASN A 353 39.66 4.08 -5.69
N LEU A 354 38.91 3.09 -6.18
CA LEU A 354 37.50 2.96 -5.82
C LEU A 354 37.29 2.59 -4.35
N GLU A 355 38.21 1.82 -3.75
CA GLU A 355 38.09 1.43 -2.35
C GLU A 355 38.75 2.40 -1.38
N ALA A 356 39.62 3.29 -1.88
CA ALA A 356 40.29 4.27 -1.04
C ALA A 356 39.32 5.26 -0.43
N VAL A 357 38.05 5.26 -0.86
CA VAL A 357 37.06 6.16 -0.29
C VAL A 357 36.81 5.78 1.16
N GLU A 358 37.05 4.52 1.53
CA GLU A 358 36.79 4.10 2.90
C GLU A 358 37.95 4.40 3.85
N THR A 359 39.19 4.37 3.35
CA THR A 359 40.38 4.55 4.18
C THR A 359 40.33 5.76 5.12
N LEU A 360 39.64 6.84 4.75
CA LEU A 360 39.58 8.01 5.63
C LEU A 360 38.85 7.71 6.94
N GLY A 361 37.75 6.96 6.86
CA GLY A 361 36.99 6.63 8.05
C GLY A 361 37.77 5.80 9.06
N SER A 362 38.63 4.90 8.57
CA SER A 362 39.43 4.05 9.44
C SER A 362 40.69 4.74 9.95
N THR A 363 40.99 5.94 9.47
CA THR A 363 42.21 6.63 9.89
C THR A 363 42.15 7.04 11.36
N SER A 364 43.28 6.85 12.04
CA SER A 364 43.43 7.22 13.44
C SER A 364 44.65 8.10 13.67
N THR A 365 45.39 8.44 12.61
CA THR A 365 46.56 9.30 12.71
C THR A 365 46.82 9.92 11.35
N ILE A 366 46.75 11.25 11.25
CA ILE A 366 47.00 11.95 10.00
C ILE A 366 48.33 12.67 10.09
N CYS A 367 49.18 12.41 9.13
CA CYS A 367 50.48 13.04 9.06
C CYS A 367 50.37 14.13 8.00
N SER A 368 50.32 15.37 8.44
CA SER A 368 50.18 16.48 7.50
C SER A 368 51.47 17.20 7.20
N PHD A 369 51.45 17.91 6.08
CA PHD A 369 52.61 18.66 5.64
C PHD A 369 52.31 20.15 5.96
O PHD A 369 51.13 20.60 5.85
CB PHD A 369 52.91 18.44 4.15
CG PHD A 369 53.97 19.25 3.47
OD1 PHD A 369 55.21 19.19 3.92
OD2 PHD A 369 53.75 19.97 2.47
P PHD A 369 56.12 20.39 3.79
OP1 PHD A 369 55.68 21.45 4.76
OP2 PHD A 369 57.54 20.02 4.11
OP3 PHD A 369 56.06 20.94 2.38
N LYS A 370 53.32 20.90 6.36
CA LYS A 370 53.11 22.30 6.69
C LYS A 370 53.00 23.18 5.46
N THR A 371 54.13 23.42 4.80
CA THR A 371 54.18 24.28 3.63
C THR A 371 53.44 23.69 2.44
N GLY A 372 52.45 24.42 1.95
CA GLY A 372 51.65 24.00 0.82
C GLY A 372 50.38 23.26 1.16
N THR A 373 50.44 22.39 2.16
CA THR A 373 49.27 21.60 2.56
C THR A 373 48.47 22.33 3.64
N LEU A 374 49.06 22.50 4.82
CA LEU A 374 48.36 23.22 5.86
C LEU A 374 48.34 24.71 5.54
N THR A 375 49.50 25.26 5.16
CA THR A 375 49.64 26.66 4.82
C THR A 375 49.41 26.89 3.33
N GLN A 376 49.26 28.17 2.98
CA GLN A 376 49.05 28.56 1.60
C GLN A 376 50.33 28.66 0.80
N ASN A 377 51.49 28.58 1.46
CA ASN A 377 52.79 28.66 0.79
C ASN A 377 52.91 29.97 0.01
N ARG A 378 52.68 31.07 0.70
CA ARG A 378 52.74 32.39 0.08
C ARG A 378 52.89 33.43 1.18
N MET A 379 53.85 34.32 1.04
CA MET A 379 54.06 35.36 2.03
C MET A 379 52.87 36.29 2.07
N THR A 380 52.29 36.50 3.25
CA THR A 380 51.14 37.39 3.37
C THR A 380 51.30 38.27 4.60
N VAL A 381 50.86 39.53 4.48
CA VAL A 381 50.94 40.47 5.59
C VAL A 381 50.13 39.92 6.76
N ALA A 382 50.81 39.62 7.86
CA ALA A 382 50.13 39.05 9.02
C ALA A 382 49.57 40.12 9.97
N HIS A 383 50.46 40.89 10.59
CA HIS A 383 50.05 41.91 11.55
C HIS A 383 50.75 43.23 11.23
N MET A 384 50.19 44.30 11.79
CA MET A 384 50.68 45.66 11.64
C MET A 384 50.81 46.32 13.00
N TRP A 385 51.66 47.32 13.09
CA TRP A 385 51.91 48.07 14.32
C TRP A 385 51.53 49.52 14.06
N SER A 386 50.64 50.06 14.88
CA SER A 386 50.23 51.44 14.72
C SER A 386 49.73 51.94 16.07
N ASP A 387 50.23 53.10 16.50
CA ASP A 387 49.85 53.70 17.79
C ASP A 387 50.12 52.73 18.94
N ASN A 388 51.28 52.06 18.89
CA ASN A 388 51.69 51.09 19.91
C ASN A 388 50.64 49.99 20.05
N GLN A 389 49.94 49.68 18.96
CA GLN A 389 48.88 48.69 19.00
C GLN A 389 49.02 47.74 17.80
N ILE A 390 48.88 46.44 18.08
CA ILE A 390 48.97 45.40 17.06
C ILE A 390 47.62 45.31 16.34
N HIS A 391 47.67 45.18 15.01
CA HIS A 391 46.49 45.09 14.16
C HIS A 391 46.64 43.87 13.26
N GLU A 392 45.85 42.84 13.48
CA GLU A 392 45.94 41.62 12.67
C GLU A 392 45.21 41.79 11.34
N ALA A 393 45.93 41.56 10.25
CA ALA A 393 45.32 41.67 8.93
C ALA A 393 44.65 40.34 8.59
N ASP A 394 43.73 40.40 7.63
CA ASP A 394 43.03 39.18 7.21
C ASP A 394 43.98 38.33 6.40
N THR A 395 44.17 37.08 6.83
CA THR A 395 45.09 36.17 6.16
C THR A 395 44.41 34.96 5.55
N THR A 396 43.14 35.06 5.19
CA THR A 396 42.43 33.93 4.60
C THR A 396 42.63 33.91 3.09
N GLU A 397 42.68 32.71 2.52
CA GLU A 397 42.89 32.57 1.08
C GLU A 397 41.74 33.15 0.27
N ASN A 398 40.51 33.02 0.78
CA ASN A 398 39.32 33.54 0.11
C ASN A 398 38.89 34.90 0.61
N GLN A 399 39.62 35.49 1.56
CA GLN A 399 39.33 36.81 2.14
C GLN A 399 37.93 36.85 2.76
N SER A 400 37.80 36.13 3.88
CA SER A 400 36.56 36.07 4.63
C SER A 400 36.83 36.16 6.13
N GLY A 401 37.68 37.11 6.52
CA GLY A 401 38.03 37.27 7.93
C GLY A 401 37.76 38.65 8.48
N VAL A 402 38.27 38.91 9.69
CA VAL A 402 38.07 40.20 10.33
C VAL A 402 38.89 41.28 9.64
N SER A 403 38.30 42.47 9.50
CA SER A 403 38.95 43.61 8.89
C SER A 403 39.35 44.58 9.99
N PHE A 404 40.60 45.05 9.94
CA PHE A 404 41.09 45.97 10.95
C PHE A 404 40.46 47.36 10.79
N ASP A 405 40.76 48.23 11.74
CA ASP A 405 40.24 49.60 11.73
C ASP A 405 41.07 50.41 10.74
N LYS A 406 40.46 50.76 9.61
CA LYS A 406 41.13 51.49 8.54
C LYS A 406 40.60 52.92 8.39
N THR A 407 40.50 53.64 9.50
CA THR A 407 40.02 55.02 9.53
C THR A 407 40.91 55.89 10.43
N SER A 408 42.23 55.81 10.24
CA SER A 408 43.15 56.60 11.05
C SER A 408 44.29 57.14 10.20
N ALA A 409 44.87 58.26 10.63
CA ALA A 409 45.97 58.87 9.91
C ALA A 409 47.23 58.02 10.02
N THR A 410 47.38 57.28 11.12
CA THR A 410 48.52 56.40 11.28
C THR A 410 48.47 55.30 10.23
N TRP A 411 47.25 54.82 9.92
CA TRP A 411 47.07 53.79 8.91
C TRP A 411 47.36 54.33 7.51
N LEU A 412 46.85 55.52 7.19
CA LEU A 412 47.09 56.09 5.87
C LEU A 412 48.58 56.33 5.65
N ALA A 413 49.29 56.84 6.68
CA ALA A 413 50.71 57.07 6.54
C ALA A 413 51.47 55.76 6.37
N LEU A 414 51.18 54.76 7.20
CA LEU A 414 51.85 53.46 7.10
C LEU A 414 51.56 52.80 5.74
N SER A 415 50.30 52.87 5.29
CA SER A 415 49.91 52.28 4.02
C SER A 415 50.60 52.97 2.86
N ARG A 416 50.82 54.28 2.95
CA ARG A 416 51.52 54.98 1.88
C ARG A 416 52.99 54.61 1.85
N ILE A 417 53.61 54.44 3.03
CA ILE A 417 55.02 54.06 3.06
C ILE A 417 55.19 52.70 2.39
N ALA A 418 54.25 51.79 2.64
CA ALA A 418 54.36 50.45 2.04
C ALA A 418 53.98 50.44 0.57
N GLY A 419 52.84 51.05 0.21
CA GLY A 419 52.40 51.05 -1.17
C GLY A 419 53.33 51.80 -2.10
N LEU A 420 53.94 52.88 -1.62
CA LEU A 420 54.85 53.65 -2.47
C LEU A 420 56.25 53.05 -2.53
N CYS A 421 56.97 53.08 -1.41
CA CYS A 421 58.35 52.57 -1.35
C CYS A 421 58.37 51.05 -1.23
N ASN A 422 58.20 50.41 -2.39
CA ASN A 422 58.25 48.95 -2.50
C ASN A 422 58.40 48.60 -3.96
N ARG A 423 59.43 47.82 -4.28
CA ARG A 423 59.72 47.40 -5.65
C ARG A 423 58.86 46.18 -6.00
N ALA A 424 57.57 46.45 -6.22
CA ALA A 424 56.64 45.39 -6.57
C ALA A 424 55.41 45.96 -7.27
N VAL A 425 55.02 45.31 -8.36
CA VAL A 425 53.85 45.68 -9.14
C VAL A 425 53.25 44.41 -9.71
N PHE A 426 52.08 44.57 -10.33
CA PHE A 426 51.36 43.48 -10.95
C PHE A 426 51.96 43.21 -12.32
N GLN A 427 51.25 42.49 -13.16
CA GLN A 427 51.75 42.16 -14.49
C GLN A 427 50.67 42.45 -15.54
N ALA A 428 50.86 41.93 -16.74
CA ALA A 428 49.94 42.17 -17.85
C ALA A 428 48.55 41.55 -17.67
N ASN A 429 48.47 40.22 -17.65
CA ASN A 429 47.18 39.54 -17.53
C ASN A 429 46.54 39.68 -16.15
N GLN A 430 47.28 40.12 -15.14
CA GLN A 430 46.75 40.28 -13.79
C GLN A 430 45.84 41.50 -13.75
N GLU A 431 44.61 41.32 -14.22
CA GLU A 431 43.60 42.38 -14.22
C GLU A 431 42.25 41.88 -13.73
N ASN A 432 41.90 40.64 -14.06
CA ASN A 432 40.64 40.04 -13.66
C ASN A 432 40.80 39.05 -12.52
N LEU A 433 42.03 38.62 -12.24
CA LEU A 433 42.28 37.68 -11.17
C LEU A 433 42.01 38.35 -9.82
N PRO A 434 41.74 37.56 -8.78
CA PRO A 434 41.51 38.16 -7.45
C PRO A 434 42.75 38.88 -6.95
N ILE A 435 42.57 39.67 -5.89
CA ILE A 435 43.68 40.47 -5.33
C ILE A 435 44.81 39.59 -4.80
N LEU A 436 44.49 38.42 -4.24
CA LEU A 436 45.51 37.55 -3.67
C LEU A 436 46.12 36.55 -4.65
N LYS A 437 45.28 35.73 -5.30
CA LYS A 437 45.78 34.70 -6.22
C LYS A 437 46.46 35.23 -7.47
N ARG A 438 46.42 36.55 -7.73
CA ARG A 438 47.09 37.09 -8.91
C ARG A 438 48.61 37.08 -8.71
N ALA A 439 49.33 37.23 -9.82
CA ALA A 439 50.80 37.23 -9.81
C ALA A 439 51.37 38.62 -9.57
N VAL A 440 52.48 38.65 -8.82
CA VAL A 440 53.20 39.88 -8.49
C VAL A 440 54.67 39.64 -8.76
N ALA A 441 55.35 40.61 -9.37
CA ALA A 441 56.77 40.44 -9.67
C ALA A 441 57.63 41.13 -8.61
N GLY A 442 58.69 40.43 -8.15
CA GLY A 442 59.59 40.98 -7.17
C GLY A 442 59.76 40.08 -5.97
N ASP A 443 60.17 40.68 -4.84
CA ASP A 443 60.37 39.95 -3.60
C ASP A 443 59.04 39.46 -3.04
N ALA A 444 59.08 38.34 -2.31
CA ALA A 444 57.86 37.81 -1.70
C ALA A 444 57.31 38.77 -0.66
N SER A 445 58.19 39.47 0.05
CA SER A 445 57.77 40.44 1.05
C SER A 445 57.06 41.63 0.38
N GLU A 446 57.67 42.17 -0.67
CA GLU A 446 57.07 43.29 -1.39
C GLU A 446 55.76 42.88 -2.04
N SER A 447 55.64 41.61 -2.45
CA SER A 447 54.41 41.12 -3.04
C SER A 447 53.28 41.07 -2.00
N ALA A 448 53.61 40.64 -0.78
CA ALA A 448 52.59 40.60 0.27
C ALA A 448 52.10 42.02 0.59
N LEU A 449 53.03 42.98 0.64
CA LEU A 449 52.64 44.35 0.92
C LEU A 449 51.71 44.90 -0.16
N LEU A 450 52.00 44.57 -1.42
CA LEU A 450 51.15 45.04 -2.52
C LEU A 450 49.73 44.44 -2.42
N LYS A 451 49.63 43.15 -2.10
CA LYS A 451 48.32 42.52 -2.00
C LYS A 451 47.50 43.06 -0.83
N CYS A 452 48.16 43.54 0.23
CA CYS A 452 47.38 44.08 1.35
C CYS A 452 46.91 45.51 1.08
N ILE A 453 47.73 46.34 0.42
CA ILE A 453 47.28 47.71 0.13
C ILE A 453 46.23 47.72 -0.98
N GLU A 454 46.35 46.81 -1.96
CA GLU A 454 45.37 46.73 -3.04
C GLU A 454 44.03 46.19 -2.57
N LEU A 455 43.97 45.63 -1.37
CA LEU A 455 42.76 45.06 -0.80
C LEU A 455 42.14 45.89 0.32
N CYS A 456 42.95 46.54 1.17
CA CYS A 456 42.40 47.31 2.29
C CYS A 456 42.61 48.82 2.18
N CYS A 457 43.37 49.29 1.20
CA CYS A 457 43.66 50.72 1.03
C CYS A 457 43.43 51.14 -0.43
N GLY A 458 42.28 50.76 -0.97
CA GLY A 458 41.98 51.12 -2.35
C GLY A 458 42.86 50.39 -3.34
N SER A 459 43.52 51.17 -4.21
CA SER A 459 44.40 50.63 -5.24
C SER A 459 45.76 51.30 -5.17
N VAL A 460 46.82 50.52 -5.42
CA VAL A 460 48.18 51.05 -5.39
C VAL A 460 48.60 51.61 -6.74
N LYS A 461 47.81 51.40 -7.80
CA LYS A 461 48.14 51.92 -9.12
C LYS A 461 48.24 53.45 -9.08
N GLU A 462 47.08 54.08 -8.85
CA GLU A 462 47.03 55.54 -8.77
C GLU A 462 47.68 56.06 -7.50
N MET A 463 47.72 55.25 -6.44
CA MET A 463 48.34 55.69 -5.19
C MET A 463 49.86 55.77 -5.32
N ARG A 464 50.45 55.03 -6.26
CA ARG A 464 51.89 55.06 -6.48
C ARG A 464 52.27 56.14 -7.48
N GLU A 465 51.57 56.21 -8.63
CA GLU A 465 51.94 57.26 -9.57
C GLU A 465 51.61 58.66 -9.05
N ARG A 466 50.82 58.77 -7.98
CA ARG A 466 50.49 60.07 -7.41
C ARG A 466 51.73 60.75 -6.85
N TYR A 467 52.42 60.07 -5.93
CA TYR A 467 53.65 60.59 -5.33
C TYR A 467 54.77 60.24 -6.29
N THR A 468 55.16 61.20 -7.13
CA THR A 468 56.20 60.99 -8.12
C THR A 468 57.55 60.74 -7.45
N LYS A 469 58.17 59.61 -7.79
CA LYS A 469 59.46 59.25 -7.22
C LYS A 469 60.59 59.99 -7.93
N ILE A 470 61.45 60.66 -7.15
CA ILE A 470 62.57 61.40 -7.72
C ILE A 470 63.80 60.50 -7.75
N VAL A 471 64.34 60.17 -6.57
CA VAL A 471 65.51 59.33 -6.45
C VAL A 471 65.24 58.27 -5.39
N GLU A 472 65.56 57.02 -5.73
CA GLU A 472 65.37 55.85 -4.89
C GLU A 472 66.71 55.27 -4.45
N ILE A 473 66.66 54.51 -3.36
CA ILE A 473 67.80 53.82 -2.76
C ILE A 473 67.32 52.43 -2.43
N PRO A 474 67.60 51.43 -3.28
CA PRO A 474 67.14 50.06 -3.00
C PRO A 474 67.81 49.43 -1.78
N PHE A 475 67.50 48.16 -1.53
CA PHE A 475 68.08 47.46 -0.39
C PHE A 475 69.59 47.32 -0.55
N ASN A 476 70.28 47.20 0.58
CA ASN A 476 71.73 47.08 0.61
C ASN A 476 72.13 45.73 1.22
N SER A 477 73.29 45.22 0.80
CA SER A 477 73.78 43.94 1.32
C SER A 477 74.02 44.00 2.82
N THR A 478 74.38 45.17 3.34
CA THR A 478 74.58 45.39 4.77
C THR A 478 73.73 46.59 5.15
N ASN A 479 73.18 46.57 6.36
CA ASN A 479 72.29 47.63 6.84
C ASN A 479 71.10 47.73 5.90
N LYS A 480 70.51 46.57 5.58
CA LYS A 480 69.43 46.50 4.59
C LYS A 480 68.33 47.52 4.83
N TYR A 481 68.35 48.56 4.01
CA TYR A 481 67.40 49.66 4.06
C TYR A 481 66.99 49.99 2.65
N GLN A 482 65.72 50.35 2.47
CA GLN A 482 65.17 50.69 1.16
C GLN A 482 64.37 51.98 1.34
N LEU A 483 64.89 53.08 0.79
CA LEU A 483 64.25 54.38 0.90
C LEU A 483 64.06 55.00 -0.47
N SER A 484 63.27 56.07 -0.51
CA SER A 484 63.01 56.81 -1.75
C SER A 484 62.29 58.10 -1.41
N ILE A 485 62.55 59.14 -2.22
CA ILE A 485 61.90 60.44 -2.02
C ILE A 485 60.79 60.61 -3.04
N HIS A 486 59.65 61.14 -2.60
CA HIS A 486 58.48 61.35 -3.43
C HIS A 486 57.94 62.77 -3.27
N LYS A 487 57.25 63.24 -4.30
CA LYS A 487 56.63 64.55 -4.26
C LYS A 487 55.28 64.44 -3.56
N ASN A 488 54.90 65.50 -2.85
CA ASN A 488 53.63 65.48 -2.13
C ASN A 488 52.59 66.28 -2.89
N PRO A 489 51.57 65.63 -3.50
CA PRO A 489 50.55 66.36 -4.26
C PRO A 489 49.35 66.81 -3.44
N ASN A 490 49.48 66.86 -2.11
CA ASN A 490 48.38 67.29 -1.25
C ASN A 490 48.08 68.76 -1.49
N THR A 491 46.79 69.12 -1.37
CA THR A 491 46.42 70.51 -1.58
C THR A 491 46.62 71.35 -0.33
N ALA A 492 47.71 71.12 0.41
CA ALA A 492 48.00 71.91 1.60
C ALA A 492 49.49 72.10 1.86
N GLU A 493 50.26 71.01 1.77
CA GLU A 493 51.69 71.01 2.06
C GLU A 493 52.54 70.62 0.86
N PRO A 494 53.45 71.47 0.39
CA PRO A 494 54.30 71.13 -0.75
C PRO A 494 55.61 70.46 -0.39
N ARG A 495 55.87 70.19 0.88
CA ARG A 495 57.12 69.58 1.28
C ARG A 495 57.24 68.16 0.73
N HIS A 496 58.47 67.76 0.43
CA HIS A 496 58.73 66.44 -0.12
C HIS A 496 58.51 65.37 0.95
N LEU A 497 58.05 64.20 0.52
CA LEU A 497 57.78 63.08 1.41
C LEU A 497 58.83 61.99 1.21
N LEU A 498 59.63 61.73 2.24
CA LEU A 498 60.66 60.69 2.16
C LEU A 498 60.16 59.47 2.92
N VAL A 499 60.32 58.28 2.33
CA VAL A 499 59.87 57.04 2.95
C VAL A 499 61.01 56.04 2.99
N MET A 500 61.00 55.17 4.02
CA MET A 500 62.04 54.17 4.19
C MET A 500 61.49 52.94 4.92
N LYS A 501 62.09 51.79 4.63
CA LYS A 501 61.70 50.54 5.27
C LYS A 501 62.93 49.67 5.47
N GLY A 502 62.82 48.74 6.41
CA GLY A 502 63.92 47.83 6.69
C GLY A 502 63.69 47.03 7.97
N ALA A 503 64.72 46.28 8.38
CA ALA A 503 64.60 45.50 9.60
C ALA A 503 64.43 46.45 10.78
N PRO A 504 63.67 46.05 11.81
CA PRO A 504 63.47 46.95 12.97
C PRO A 504 64.77 47.39 13.65
N GLU A 505 65.79 46.53 13.63
CA GLU A 505 67.08 46.87 14.23
C GLU A 505 67.89 47.81 13.35
N ARG A 506 67.57 47.90 12.06
CA ARG A 506 68.26 48.80 11.13
C ARG A 506 67.54 50.14 10.96
N ILE A 507 66.29 50.26 11.40
CA ILE A 507 65.55 51.50 11.31
C ILE A 507 65.46 52.20 12.67
N LEU A 508 65.55 51.45 13.78
CA LEU A 508 65.53 52.09 15.09
C LEU A 508 66.72 53.03 15.26
N ASP A 509 67.85 52.72 14.58
CA ASP A 509 69.04 53.56 14.65
C ASP A 509 68.87 54.83 13.83
N ARG A 510 68.01 54.80 12.81
CA ARG A 510 67.76 55.93 11.92
C ARG A 510 66.39 56.55 12.16
N CYS A 511 66.01 56.69 13.43
CA CYS A 511 64.72 57.28 13.77
C CYS A 511 64.84 58.03 15.08
N SER A 512 64.05 59.08 15.20
CA SER A 512 63.98 59.89 16.41
C SER A 512 62.56 60.35 16.73
N SER A 513 61.70 60.45 15.71
CA SER A 513 60.31 60.85 15.84
C SER A 513 59.41 59.62 15.70
N ILE A 514 58.24 59.67 16.33
CA ILE A 514 57.27 58.59 16.35
C ILE A 514 55.90 59.16 16.00
N LEU A 515 55.20 58.51 15.06
CA LEU A 515 53.88 58.96 14.64
C LEU A 515 52.78 58.31 15.48
N ILE A 516 51.82 59.12 15.93
CA ILE A 516 50.69 58.64 16.72
C ILE A 516 49.47 59.48 16.37
N HIS A 517 48.46 58.84 15.76
CA HIS A 517 47.18 59.42 15.35
C HIS A 517 47.32 60.67 14.48
N GLY A 518 48.52 60.94 13.99
CA GLY A 518 48.73 62.11 13.15
C GLY A 518 49.84 63.04 13.62
N LYS A 519 50.08 63.13 14.92
CA LYS A 519 51.12 64.01 15.43
C LYS A 519 52.36 63.21 15.84
N GLU A 520 53.50 63.89 15.89
CA GLU A 520 54.76 63.26 16.22
C GLU A 520 55.16 63.45 17.67
N GLN A 521 55.95 62.51 18.18
CA GLN A 521 56.44 62.48 19.55
C GLN A 521 57.89 61.99 19.54
N PRO A 522 58.67 62.29 20.60
CA PRO A 522 60.07 61.82 20.63
C PRO A 522 60.20 60.32 20.83
N LEU A 523 61.43 59.80 20.81
CA LEU A 523 61.67 58.38 20.99
C LEU A 523 61.67 57.99 22.47
N ASP A 524 60.64 58.43 23.21
CA ASP A 524 60.55 58.14 24.64
C ASP A 524 60.56 56.63 24.88
N GLU A 525 61.36 56.21 25.86
CA GLU A 525 61.50 54.79 26.17
C GLU A 525 60.20 54.17 26.68
N GLU A 526 59.23 54.99 27.12
CA GLU A 526 57.95 54.47 27.59
C GLU A 526 57.17 53.81 26.46
N LEU A 527 57.35 54.31 25.23
CA LEU A 527 56.72 53.74 24.04
C LEU A 527 57.73 53.02 23.15
N LYS A 528 59.03 53.32 23.28
CA LYS A 528 60.05 52.63 22.50
C LYS A 528 60.27 51.22 23.04
N ASP A 529 60.24 51.05 24.36
CA ASP A 529 60.37 49.69 24.90
C ASP A 529 59.08 48.91 24.61
N ALA A 530 57.95 49.64 24.54
CA ALA A 530 56.68 49.04 24.19
C ALA A 530 56.72 48.58 22.74
N PHE A 531 57.59 49.20 21.93
CA PHE A 531 57.82 48.79 20.55
C PHE A 531 58.70 47.53 20.51
N GLN A 532 59.66 47.44 21.43
CA GLN A 532 60.53 46.25 21.44
C GLN A 532 59.77 44.99 21.83
N ASN A 533 58.90 45.06 22.84
CA ASN A 533 58.16 43.84 23.19
C ASN A 533 57.20 43.43 22.08
N ALA A 534 56.69 44.39 21.31
CA ALA A 534 55.81 44.06 20.19
C ALA A 534 56.61 43.41 19.05
N TYR A 535 57.85 43.88 18.85
CA TYR A 535 58.71 43.28 17.84
C TYR A 535 59.01 41.84 18.23
N LEU A 536 59.23 41.60 19.52
CA LEU A 536 59.47 40.25 20.01
C LEU A 536 58.19 39.41 19.99
N GLU A 537 57.01 40.06 19.95
CA GLU A 537 55.74 39.34 19.87
C GLU A 537 55.53 38.78 18.47
N LEU A 538 55.67 39.64 17.45
CA LEU A 538 55.50 39.15 16.08
C LEU A 538 56.62 38.19 15.69
N GLY A 539 57.85 38.46 16.16
CA GLY A 539 58.94 37.56 15.85
C GLY A 539 58.77 36.21 16.52
N GLY A 540 58.33 36.20 17.78
CA GLY A 540 58.12 34.95 18.48
C GLY A 540 56.98 34.13 17.91
N LEU A 541 56.10 34.78 17.13
CA LEU A 541 54.98 34.11 16.49
C LEU A 541 55.40 33.42 15.19
N GLY A 542 56.70 33.40 14.88
CA GLY A 542 57.20 32.77 13.68
C GLY A 542 57.03 33.56 12.40
N GLU A 543 56.90 34.88 12.49
CA GLU A 543 56.71 35.74 11.32
C GLU A 543 57.94 36.61 11.08
N ARG A 544 58.01 37.17 9.88
CA ARG A 544 59.11 38.06 9.49
C ARG A 544 58.62 39.49 9.64
N VAL A 545 59.33 40.28 10.45
CA VAL A 545 58.96 41.66 10.77
C VAL A 545 59.79 42.68 10.00
N LEU A 546 59.14 43.76 9.58
CA LEU A 546 59.74 44.89 8.88
C LEU A 546 59.23 46.17 9.53
N GLY A 547 59.98 47.26 9.36
CA GLY A 547 59.64 48.55 9.91
C GLY A 547 59.55 49.63 8.85
N PHE A 548 58.45 50.40 8.90
CA PHE A 548 58.16 51.46 7.95
C PHE A 548 58.16 52.84 8.63
N CYS A 549 58.74 53.82 7.93
CA CYS A 549 58.82 55.16 8.47
C CYS A 549 58.83 56.18 7.33
N HIS A 550 58.57 57.44 7.70
CA HIS A 550 58.57 58.53 6.73
C HIS A 550 58.91 59.83 7.45
N LEU A 551 59.18 60.86 6.65
CA LEU A 551 59.51 62.17 7.18
C LEU A 551 59.24 63.23 6.12
N PHE A 552 58.85 64.42 6.59
CA PHE A 552 58.56 65.55 5.72
C PHE A 552 59.84 66.37 5.56
N LEU A 553 60.43 66.32 4.36
CA LEU A 553 61.67 67.06 4.12
C LEU A 553 61.39 68.55 4.07
N PRO A 554 62.23 69.39 4.68
CA PRO A 554 61.98 70.83 4.66
C PRO A 554 62.19 71.41 3.27
N ASP A 555 61.10 71.79 2.60
CA ASP A 555 61.22 72.36 1.25
C ASP A 555 61.97 73.69 1.26
N GLU A 556 62.16 74.29 2.43
CA GLU A 556 62.91 75.53 2.54
C GLU A 556 64.40 75.26 2.35
N GLN A 557 64.85 74.06 2.74
CA GLN A 557 66.24 73.64 2.58
C GLN A 557 66.42 72.73 1.36
N PHE A 558 65.33 72.23 0.79
CA PHE A 558 65.35 71.39 -0.40
C PHE A 558 64.18 71.84 -1.26
N PRO A 559 64.39 72.84 -2.13
CA PRO A 559 63.30 73.36 -2.97
C PRO A 559 62.74 72.33 -3.94
N GLU A 560 61.63 72.70 -4.58
CA GLU A 560 60.96 71.83 -5.53
C GLU A 560 61.78 71.53 -6.78
N GLY A 561 62.85 72.27 -7.05
CA GLY A 561 63.67 72.03 -8.21
C GLY A 561 64.97 71.31 -7.91
N PHE A 562 65.31 71.19 -6.62
CA PHE A 562 66.54 70.52 -6.22
C PHE A 562 66.46 69.03 -6.54
N GLN A 563 67.45 68.53 -7.28
CA GLN A 563 67.51 67.12 -7.63
C GLN A 563 68.39 66.43 -6.60
N PHE A 564 67.81 65.45 -5.91
CA PHE A 564 68.48 64.71 -4.84
C PHE A 564 69.29 63.56 -5.42
N ASP A 565 70.33 63.91 -6.18
CA ASP A 565 71.19 62.90 -6.79
C ASP A 565 71.74 61.95 -5.73
N THR A 566 71.59 60.65 -5.99
CA THR A 566 72.00 59.61 -5.05
C THR A 566 73.51 59.44 -4.92
N ASP A 567 74.14 60.24 -4.06
CA ASP A 567 75.57 60.08 -3.81
C ASP A 567 75.99 60.35 -2.37
N ASP A 568 75.59 61.52 -1.87
CA ASP A 568 75.93 62.03 -0.55
C ASP A 568 74.67 62.18 0.29
N VAL A 569 74.82 62.84 1.46
CA VAL A 569 73.73 63.02 2.40
C VAL A 569 72.73 64.08 1.94
N ASN A 570 71.71 63.65 1.19
CA ASN A 570 70.65 64.54 0.73
C ASN A 570 69.39 64.39 1.57
N PHE A 571 69.29 63.30 2.34
CA PHE A 571 68.16 63.00 3.20
C PHE A 571 68.64 62.74 4.62
N PRO A 572 67.94 63.27 5.61
CA PRO A 572 68.34 63.01 6.99
C PRO A 572 68.10 61.55 7.35
N LEU A 573 69.18 60.77 7.48
CA LEU A 573 69.03 59.36 7.84
C LEU A 573 68.35 59.24 9.20
N ASP A 574 68.75 60.08 10.14
CA ASP A 574 68.17 60.10 11.47
C ASP A 574 67.00 61.08 11.49
N ASN A 575 66.43 61.30 12.68
CA ASN A 575 65.30 62.23 12.90
C ASN A 575 64.04 61.85 12.12
N LEU A 576 63.96 60.64 11.60
CA LEU A 576 62.79 60.23 10.85
C LEU A 576 61.62 59.96 11.81
N CYS A 577 60.42 59.83 11.23
CA CYS A 577 59.20 59.58 11.98
C CYS A 577 58.73 58.15 11.71
N PHE A 578 58.89 57.28 12.71
CA PHE A 578 58.50 55.88 12.59
C PHE A 578 56.99 55.73 12.76
N VAL A 579 56.35 54.94 11.91
CA VAL A 579 54.90 54.75 12.01
C VAL A 579 54.57 53.41 12.64
N GLY A 580 55.22 52.34 12.20
CA GLY A 580 54.96 51.03 12.77
C GLY A 580 55.57 49.92 11.95
N LEU A 581 55.55 48.74 12.54
CA LEU A 581 56.06 47.52 11.94
C LEU A 581 54.98 46.82 11.13
N ILE A 582 55.41 45.89 10.29
CA ILE A 582 54.50 45.10 9.45
C ILE A 582 55.12 43.71 9.36
N SER A 583 54.44 42.71 9.93
CA SER A 583 54.93 41.34 9.90
C SER A 583 54.27 40.58 8.75
N MET A 584 54.84 39.42 8.42
CA MET A 584 54.31 38.62 7.34
C MET A 584 54.82 37.19 7.43
N ILE A 585 53.99 36.26 6.98
CA ILE A 585 54.31 34.84 6.98
C ILE A 585 53.29 34.12 6.09
N ASP A 586 53.58 32.87 5.73
CA ASP A 586 52.63 32.09 4.94
C ASP A 586 51.53 31.63 5.89
N PRO A 587 50.29 32.02 5.67
CA PRO A 587 49.22 31.66 6.59
C PRO A 587 48.59 30.32 6.26
N PRO A 588 47.97 29.67 7.24
CA PRO A 588 47.29 28.39 6.98
C PRO A 588 46.07 28.64 6.11
N ARG A 589 45.63 27.58 5.42
CA ARG A 589 44.45 27.72 4.56
C ARG A 589 43.21 28.04 5.42
N ALA A 590 42.16 28.49 4.73
CA ALA A 590 40.93 28.92 5.39
C ALA A 590 40.34 27.87 6.33
N ALA A 591 39.91 26.73 5.79
CA ALA A 591 39.28 25.70 6.60
C ALA A 591 40.25 24.72 7.24
N VAL A 592 41.55 25.02 7.26
CA VAL A 592 42.52 24.12 7.86
C VAL A 592 42.38 24.04 9.39
N PRO A 593 42.39 25.16 10.14
CA PRO A 593 42.28 25.02 11.61
C PRO A 593 40.99 24.34 12.08
N ASP A 594 39.87 24.69 11.46
CA ASP A 594 38.60 24.06 11.82
C ASP A 594 38.66 22.56 11.54
N ALA A 595 39.23 22.19 10.39
CA ALA A 595 39.34 20.78 10.01
C ALA A 595 40.20 20.00 10.99
N VAL A 596 41.29 20.61 11.46
CA VAL A 596 42.15 19.95 12.44
C VAL A 596 41.35 19.68 13.71
N GLY A 597 40.52 20.66 14.10
CA GLY A 597 39.69 20.47 15.27
C GLY A 597 38.70 19.32 15.10
N LYS A 598 38.16 19.16 13.89
CA LYS A 598 37.22 18.06 13.65
C LYS A 598 37.91 16.71 13.72
N CYS A 599 39.14 16.63 13.18
CA CYS A 599 39.86 15.36 13.21
C CYS A 599 40.27 14.99 14.64
N ARG A 600 40.73 15.96 15.42
CA ARG A 600 41.07 15.64 16.81
C ARG A 600 39.81 15.29 17.59
N SER A 601 38.67 15.88 17.21
CA SER A 601 37.41 15.55 17.85
C SER A 601 37.01 14.12 17.50
N ALA A 602 37.32 13.69 16.28
CA ALA A 602 37.04 12.35 15.84
C ALA A 602 38.01 11.33 16.43
N GLY A 603 39.03 11.80 17.16
CA GLY A 603 40.02 10.95 17.78
C GLY A 603 41.25 10.67 16.94
N ILE A 604 41.43 11.40 15.85
CA ILE A 604 42.57 11.20 14.96
C ILE A 604 43.74 12.05 15.47
N LYS A 605 44.87 11.40 15.71
CA LYS A 605 46.07 12.09 16.18
C LYS A 605 46.70 12.82 15.02
N VAL A 606 46.71 14.14 15.09
CA VAL A 606 47.28 14.98 14.03
C VAL A 606 48.77 15.15 14.28
N ILE A 607 49.58 14.82 13.29
CA ILE A 607 51.03 14.91 13.38
C ILE A 607 51.55 15.74 12.22
N MET A 608 52.23 16.84 12.53
CA MET A 608 52.81 17.68 11.51
C MET A 608 54.16 17.10 11.12
N VAL A 609 54.37 16.90 9.82
CA VAL A 609 55.62 16.38 9.28
C VAL A 609 56.04 17.34 8.17
N THR A 610 57.18 18.00 8.35
CA THR A 610 57.66 18.97 7.38
C THR A 610 59.16 19.16 7.52
N GLY A 611 59.76 19.72 6.47
CA GLY A 611 61.18 20.02 6.43
C GLY A 611 61.46 21.47 6.71
N ASP A 612 60.46 22.22 7.16
CA ASP A 612 60.59 23.64 7.46
C ASP A 612 61.32 23.87 8.78
N HIS A 613 61.70 25.13 9.02
CA HIS A 613 62.41 25.48 10.25
C HIS A 613 61.51 25.28 11.46
N PRO A 614 62.07 24.84 12.60
CA PRO A 614 61.23 24.61 13.78
C PRO A 614 60.60 25.87 14.36
N ILE A 615 61.24 27.03 14.16
CA ILE A 615 60.73 28.28 14.71
C ILE A 615 59.35 28.60 14.15
N THR A 616 59.13 28.29 12.88
CA THR A 616 57.85 28.53 12.24
C THR A 616 56.92 27.32 12.34
N ALA A 617 57.49 26.11 12.32
CA ALA A 617 56.67 24.91 12.41
C ALA A 617 55.92 24.85 13.74
N LYS A 618 56.58 25.23 14.83
CA LYS A 618 55.90 25.22 16.12
C LYS A 618 54.77 26.24 16.15
N ALA A 619 55.00 27.45 15.60
CA ALA A 619 53.98 28.49 15.59
C ALA A 619 52.78 28.12 14.73
N ILE A 620 53.04 27.54 13.54
CA ILE A 620 51.95 27.13 12.67
C ILE A 620 51.14 26.01 13.32
N ALA A 621 51.83 25.06 13.97
CA ALA A 621 51.13 23.99 14.66
C ALA A 621 50.28 24.54 15.79
N LYS A 622 50.73 25.64 16.43
CA LYS A 622 49.92 26.26 17.47
C LYS A 622 48.66 26.87 16.87
N GLY A 623 48.80 27.49 15.69
CA GLY A 623 47.69 28.13 15.02
C GLY A 623 46.70 27.24 14.29
N VAL A 624 47.02 25.97 14.05
CA VAL A 624 46.08 25.09 13.36
C VAL A 624 45.36 24.12 14.29
N GLY A 625 45.97 23.80 15.43
CA GLY A 625 45.38 22.88 16.39
C GLY A 625 46.21 21.64 16.65
N ILE A 626 47.35 21.46 15.97
CA ILE A 626 48.18 20.29 16.23
C ILE A 626 48.80 20.42 17.62
N ILE A 627 49.06 21.65 18.05
CA ILE A 627 49.59 21.94 19.38
C ILE A 627 48.54 22.73 20.12
N SER A 628 48.02 22.16 21.22
CA SER A 628 47.00 22.83 22.00
C SER A 628 47.59 23.99 22.79
N GLU A 629 46.80 25.05 22.94
CA GLU A 629 47.25 26.22 23.69
C GLU A 629 47.27 25.86 25.18
N GLY A 630 48.46 25.93 25.78
CA GLY A 630 48.67 25.59 27.18
C GLY A 630 49.65 24.45 27.37
N ASN A 631 49.72 23.53 26.41
CA ASN A 631 50.66 22.42 26.51
C ASN A 631 52.05 22.95 26.21
N GLU A 632 53.04 22.43 26.92
CA GLU A 632 54.42 22.86 26.79
C GLU A 632 55.29 21.73 26.24
N THR A 633 56.38 22.13 25.57
CA THR A 633 57.32 21.17 25.01
C THR A 633 58.38 20.84 26.05
N VAL A 634 59.31 19.96 25.70
CA VAL A 634 60.38 19.62 26.63
C VAL A 634 61.23 20.86 26.86
N GLU A 635 61.38 21.70 25.83
CA GLU A 635 62.16 22.93 25.92
C GLU A 635 61.39 24.03 26.65
N ASP A 636 60.06 24.08 26.45
CA ASP A 636 59.24 25.11 27.08
C ASP A 636 59.23 24.99 28.61
N ILE A 637 59.25 23.76 29.13
CA ILE A 637 59.26 23.58 30.58
C ILE A 637 60.53 24.16 31.18
N ALA A 638 61.66 23.88 30.54
CA ALA A 638 62.94 24.38 31.03
C ALA A 638 62.97 25.91 30.98
N ALA A 639 62.50 26.50 29.88
CA ALA A 639 62.52 27.97 29.78
C ALA A 639 61.59 28.60 30.82
N ARG A 640 60.50 27.92 31.16
CA ARG A 640 59.60 28.47 32.17
C ARG A 640 60.23 28.42 33.56
N LEU A 641 61.15 27.48 33.80
CA LEU A 641 61.80 27.40 35.11
C LEU A 641 63.20 28.00 35.16
N ASN A 642 63.71 28.53 34.04
CA ASN A 642 65.07 29.09 33.95
C ASN A 642 66.10 28.02 34.33
N ILE A 643 65.85 26.79 33.88
CA ILE A 643 66.71 25.64 34.17
C ILE A 643 67.07 24.94 32.86
N PRO A 644 68.15 24.14 32.88
CA PRO A 644 68.51 23.38 31.67
C PRO A 644 67.41 22.41 31.29
N VAL A 645 67.34 22.10 29.99
CA VAL A 645 66.32 21.20 29.49
C VAL A 645 66.56 19.77 29.92
N SER A 646 67.83 19.37 30.12
CA SER A 646 68.15 18.00 30.49
C SER A 646 67.63 17.62 31.87
N GLN A 647 67.12 18.57 32.64
CA GLN A 647 66.61 18.27 33.97
C GLN A 647 65.15 17.89 33.96
N VAL A 648 64.35 18.58 33.15
CA VAL A 648 62.92 18.34 33.13
C VAL A 648 62.60 16.91 32.70
N ASN A 649 61.49 16.44 33.16
CA ASN A 649 61.02 15.10 32.86
C ASN A 649 60.19 15.16 31.59
N PRO A 650 60.52 14.37 30.57
CA PRO A 650 59.71 14.39 29.33
C PRO A 650 58.27 13.96 29.55
N ARG A 651 57.96 13.26 30.64
CA ARG A 651 56.58 12.87 30.92
C ARG A 651 55.73 14.07 31.31
N ASP A 652 56.35 15.18 31.72
CA ASP A 652 55.62 16.38 32.09
C ASP A 652 55.19 17.17 30.86
N ALA A 653 55.80 16.90 29.70
CA ALA A 653 55.49 17.59 28.44
C ALA A 653 54.62 16.71 27.56
N LYS A 654 53.36 17.11 27.35
CA LYS A 654 52.46 16.34 26.51
C LYS A 654 52.88 16.42 25.04
N ALA A 655 53.45 17.55 24.62
CA ALA A 655 53.88 17.75 23.25
C ALA A 655 55.39 17.80 23.16
N CYS A 656 55.90 17.58 21.95
CA CYS A 656 57.36 17.62 21.81
C CYS A 656 57.74 17.90 20.36
N VAL A 657 58.80 18.71 20.18
CA VAL A 657 59.29 19.07 18.84
C VAL A 657 60.46 18.16 18.52
N VAL A 658 60.48 17.61 17.31
CA VAL A 658 61.54 16.71 16.89
C VAL A 658 62.24 17.30 15.66
N HIS A 659 63.51 17.64 15.82
CA HIS A 659 64.29 18.20 14.72
C HIS A 659 64.88 17.07 13.88
N GLY A 660 65.02 17.34 12.58
CA GLY A 660 65.62 16.36 11.70
C GLY A 660 67.08 16.11 12.00
N SER A 661 67.73 17.09 12.66
CA SER A 661 69.12 16.94 13.04
C SER A 661 69.28 15.82 14.06
N ASP A 662 68.26 15.61 14.89
CA ASP A 662 68.25 14.56 15.89
C ASP A 662 67.56 13.28 15.40
N LEU A 663 66.65 13.38 14.43
CA LEU A 663 65.95 12.21 13.90
C LEU A 663 66.90 11.28 13.13
N LYS A 664 67.94 11.85 12.50
CA LYS A 664 68.89 11.02 11.75
C LYS A 664 69.59 10.01 12.64
N ASP A 665 69.95 10.41 13.87
CA ASP A 665 70.62 9.53 14.82
C ASP A 665 69.62 8.85 15.75
N MET A 666 68.57 8.25 15.20
CA MET A 666 67.56 7.59 16.01
C MET A 666 67.35 6.16 15.58
N THR A 667 66.74 5.40 16.48
CA THR A 667 66.43 4.01 16.26
C THR A 667 64.92 3.89 16.12
N SER A 668 64.47 2.68 15.77
CA SER A 668 63.04 2.45 15.63
C SER A 668 62.34 2.52 16.99
N GLU A 669 62.98 1.94 18.02
CA GLU A 669 62.39 1.93 19.35
C GLU A 669 62.22 3.35 19.90
N GLN A 670 63.19 4.22 19.64
CA GLN A 670 63.12 5.60 20.12
C GLN A 670 61.95 6.35 19.48
N LEU A 671 61.74 6.15 18.18
CA LEU A 671 60.63 6.79 17.50
C LEU A 671 59.31 6.27 18.05
N ASP A 672 59.27 4.97 18.38
CA ASP A 672 58.06 4.40 18.99
C ASP A 672 57.76 5.11 20.30
N ASP A 673 58.79 5.29 21.14
CA ASP A 673 58.61 5.97 22.42
C ASP A 673 58.14 7.41 22.23
N ILE A 674 58.61 8.09 21.18
CA ILE A 674 58.14 9.45 20.94
C ILE A 674 56.65 9.46 20.65
N LEU A 675 56.19 8.51 19.82
CA LEU A 675 54.76 8.47 19.49
C LEU A 675 53.88 7.98 20.65
N LYS A 676 54.41 7.14 21.54
CA LYS A 676 53.60 6.59 22.63
C LYS A 676 53.31 7.59 23.75
N TYR A 677 54.32 8.32 24.21
CA TYR A 677 54.18 9.24 25.33
C TYR A 677 53.85 10.68 24.95
N HIS A 678 54.01 11.08 23.69
CA HIS A 678 53.72 12.44 23.25
C HIS A 678 52.49 12.40 22.35
N THR A 679 51.41 13.05 22.79
CA THR A 679 50.15 13.06 22.03
C THR A 679 50.17 14.05 20.87
N GLU A 680 50.91 15.16 21.01
CA GLU A 680 51.01 16.19 19.99
C GLU A 680 52.48 16.28 19.56
N ILE A 681 52.76 15.76 18.36
CA ILE A 681 54.10 15.70 17.82
C ILE A 681 54.22 16.51 16.54
N VAL A 682 55.33 17.22 16.41
CA VAL A 682 55.67 18.04 15.24
C VAL A 682 57.09 17.69 14.82
N PHE A 683 57.22 17.13 13.61
CA PHE A 683 58.49 16.75 13.03
C PHE A 683 58.91 17.88 12.10
N ALA A 684 60.01 18.56 12.43
CA ALA A 684 60.50 19.66 11.64
C ALA A 684 61.87 19.33 11.06
N ARG A 685 62.19 19.98 9.95
CA ARG A 685 63.47 19.79 9.24
C ARG A 685 63.71 18.32 8.89
N THR A 686 62.64 17.58 8.60
CA THR A 686 62.75 16.17 8.25
C THR A 686 62.89 16.01 6.74
N SER A 687 63.91 15.25 6.33
CA SER A 687 64.17 15.00 4.92
C SER A 687 63.03 14.18 4.33
N PRO A 688 62.89 14.16 2.99
CA PRO A 688 61.81 13.35 2.39
C PRO A 688 61.89 11.89 2.84
N GLN A 689 63.13 11.38 2.95
CA GLN A 689 63.35 10.02 3.43
C GLN A 689 62.89 9.91 4.88
N GLN A 690 63.13 10.95 5.68
CA GLN A 690 62.67 10.91 7.06
C GLN A 690 61.16 10.96 7.12
N LYS A 691 60.53 11.59 6.13
CA LYS A 691 59.07 11.56 6.09
C LYS A 691 58.60 10.13 5.94
N LEU A 692 59.31 9.37 5.08
CA LEU A 692 58.96 7.96 4.92
C LEU A 692 59.16 7.18 6.21
N ILE A 693 60.26 7.44 6.92
CA ILE A 693 60.53 6.71 8.17
C ILE A 693 59.50 7.07 9.24
N ILE A 694 59.06 8.33 9.28
CA ILE A 694 58.05 8.75 10.26
C ILE A 694 56.74 8.01 10.02
N VAL A 695 56.33 7.93 8.75
CA VAL A 695 55.09 7.21 8.45
C VAL A 695 55.23 5.73 8.80
N GLU A 696 56.40 5.15 8.51
CA GLU A 696 56.63 3.74 8.85
C GLU A 696 56.55 3.52 10.36
N GLY A 697 57.01 4.50 11.13
CA GLY A 697 56.94 4.39 12.58
C GLY A 697 55.51 4.39 13.08
N CYS A 698 54.66 5.25 12.48
CA CYS A 698 53.25 5.26 12.89
C CYS A 698 52.55 3.97 12.48
N GLN A 699 53.00 3.36 11.38
CA GLN A 699 52.38 2.12 10.94
C GLN A 699 52.76 0.96 11.86
N ARG A 700 53.93 1.05 12.50
CA ARG A 700 54.33 -0.01 13.44
C ARG A 700 53.37 -0.10 14.61
N GLN A 701 52.66 0.99 14.93
CA GLN A 701 51.67 1.00 16.00
C GLN A 701 50.42 0.22 15.61
N GLY A 702 50.30 -0.18 14.35
CA GLY A 702 49.15 -0.90 13.85
C GLY A 702 47.98 -0.01 13.54
N ALA A 703 48.14 1.30 13.66
CA ALA A 703 47.07 2.25 13.40
C ALA A 703 47.08 2.67 11.93
N ILE A 704 45.91 3.08 11.46
CA ILE A 704 45.75 3.52 10.08
C ILE A 704 46.25 4.96 9.96
N VAL A 705 47.16 5.20 9.02
CA VAL A 705 47.79 6.49 8.83
C VAL A 705 47.41 7.09 7.47
N ALA A 706 47.15 8.40 7.48
CA ALA A 706 46.82 9.15 6.27
C ALA A 706 47.82 10.29 6.15
N VAL A 707 48.40 10.47 4.97
CA VAL A 707 49.40 11.50 4.76
C VAL A 707 48.84 12.55 3.81
N THR A 708 48.87 13.81 4.23
CA THR A 708 48.38 14.92 3.40
C THR A 708 49.56 15.82 3.08
N GLY A 709 49.98 15.81 1.80
CA GLY A 709 51.12 16.62 1.38
C GLY A 709 50.92 17.24 0.01
N ASP A 710 51.94 17.99 -0.44
CA ASP A 710 51.90 18.61 -1.75
C ASP A 710 53.22 18.58 -2.53
N GLY A 711 54.34 18.86 -1.86
CA GLY A 711 55.63 18.90 -2.52
C GLY A 711 56.13 17.52 -2.88
N VAL A 712 57.28 17.52 -3.58
CA VAL A 712 57.88 16.25 -3.99
C VAL A 712 58.38 15.45 -2.79
N ASN A 713 58.66 16.12 -1.65
CA ASN A 713 59.11 15.41 -0.45
C ASN A 713 58.01 14.54 0.14
N ASP A 714 56.76 14.82 -0.20
CA ASP A 714 55.60 14.08 0.26
C ASP A 714 55.29 12.88 -0.62
N SER A 715 56.01 12.72 -1.74
CA SER A 715 55.77 11.56 -2.59
C SER A 715 56.14 10.26 -1.87
N PRO A 716 57.34 10.12 -1.27
CA PRO A 716 57.65 8.85 -0.58
C PRO A 716 56.81 8.63 0.65
N ALA A 717 56.27 9.70 1.23
CA ALA A 717 55.43 9.53 2.40
C ALA A 717 54.00 9.20 2.02
N SER A 718 53.49 9.79 0.94
CA SER A 718 52.12 9.50 0.52
C SER A 718 51.99 8.12 -0.09
N LYS A 719 53.01 7.66 -0.83
CA LYS A 719 52.92 6.34 -1.46
C LYS A 719 52.87 5.22 -0.43
N LYS A 720 53.78 5.24 0.56
CA LYS A 720 53.81 4.19 1.57
C LYS A 720 52.64 4.30 2.56
N ALA A 721 52.04 5.48 2.68
CA ALA A 721 50.93 5.66 3.60
C ALA A 721 49.74 4.84 3.14
N ASP A 722 48.85 4.54 4.10
CA ASP A 722 47.64 3.78 3.79
C ASP A 722 46.80 4.55 2.78
N ILE A 723 46.89 5.89 2.81
CA ILE A 723 46.21 6.76 1.86
C ILE A 723 46.96 8.09 1.77
N GLY A 724 47.30 8.47 0.54
CA GLY A 724 47.98 9.70 0.27
C GLY A 724 46.96 10.71 -0.21
N VAL A 725 47.00 11.90 0.38
CA VAL A 725 46.09 12.98 0.07
C VAL A 725 46.93 14.11 -0.49
N ALA A 726 46.72 14.45 -1.76
CA ALA A 726 47.48 15.50 -2.41
C ALA A 726 46.60 16.68 -2.82
N MET A 727 47.24 17.82 -3.06
CA MET A 727 46.56 19.04 -3.47
C MET A 727 46.45 19.05 -4.99
N GLY A 728 45.26 19.37 -5.50
CA GLY A 728 45.02 19.36 -6.93
C GLY A 728 45.75 20.41 -7.75
N ILE A 729 46.15 21.53 -7.15
CA ILE A 729 46.85 22.57 -7.89
C ILE A 729 48.18 22.94 -7.24
N ALA A 730 48.16 23.17 -5.92
CA ALA A 730 49.35 23.55 -5.17
C ALA A 730 50.25 22.37 -4.83
N GLY A 731 50.03 21.22 -5.45
CA GLY A 731 50.83 20.03 -5.21
C GLY A 731 51.65 19.66 -6.42
N SER A 732 52.86 19.15 -6.18
CA SER A 732 53.74 18.73 -7.27
C SER A 732 53.14 17.52 -7.97
N ASP A 733 53.53 17.32 -9.23
CA ASP A 733 52.97 16.20 -10.00
C ASP A 733 53.38 14.83 -9.48
N VAL A 734 54.60 14.70 -8.95
CA VAL A 734 55.07 13.40 -8.45
C VAL A 734 54.23 12.92 -7.27
N SER A 735 54.15 13.73 -6.21
CA SER A 735 53.36 13.35 -5.06
C SER A 735 51.88 13.28 -5.40
N LYS A 736 51.46 13.94 -6.49
CA LYS A 736 50.07 13.90 -6.91
C LYS A 736 49.75 12.55 -7.55
N GLN A 737 50.74 11.92 -8.20
CA GLN A 737 50.48 10.61 -8.77
C GLN A 737 50.71 9.49 -7.77
N ALA A 738 51.65 9.68 -6.83
CA ALA A 738 51.89 8.64 -5.83
C ALA A 738 50.80 8.54 -4.78
N ALA A 739 49.93 9.55 -4.69
CA ALA A 739 48.85 9.54 -3.72
C ALA A 739 47.68 8.69 -4.21
N ASP A 740 46.73 8.45 -3.30
CA ASP A 740 45.55 7.66 -3.61
C ASP A 740 44.28 8.52 -3.70
N MET A 741 44.29 9.73 -3.13
CA MET A 741 43.16 10.65 -3.17
C MET A 741 43.67 12.07 -3.41
N ILE A 742 43.03 12.75 -4.36
CA ILE A 742 43.38 14.10 -4.78
C ILE A 742 42.28 15.07 -4.40
N LEU A 743 42.68 16.27 -3.98
CA LEU A 743 41.76 17.34 -3.63
C LEU A 743 41.93 18.40 -4.72
N LEU A 744 41.08 18.33 -5.75
CA LEU A 744 41.18 19.27 -6.86
C LEU A 744 40.91 20.71 -6.43
N ASP A 745 40.13 20.90 -5.36
CA ASP A 745 39.81 22.23 -4.85
C ASP A 745 40.80 22.74 -3.81
N ASP A 746 41.73 21.89 -3.36
CA ASP A 746 42.73 22.19 -2.34
C ASP A 746 42.10 22.58 -1.01
N ASN A 747 40.81 22.33 -0.83
CA ASN A 747 40.12 22.62 0.42
C ASN A 747 40.49 21.50 1.37
N PHE A 748 41.27 21.82 2.41
CA PHE A 748 41.70 20.80 3.36
C PHE A 748 40.53 20.27 4.19
N ALA A 749 39.38 20.95 4.20
CA ALA A 749 38.22 20.45 4.92
C ALA A 749 37.68 19.18 4.26
N SER A 750 38.13 18.91 3.03
CA SER A 750 37.74 17.69 2.34
C SER A 750 38.23 16.47 3.11
N ILE A 751 39.27 16.62 3.95
CA ILE A 751 39.74 15.50 4.76
C ILE A 751 38.67 15.14 5.79
N VAL A 752 38.06 16.15 6.40
CA VAL A 752 37.00 15.92 7.37
C VAL A 752 35.79 15.30 6.66
N THR A 753 35.49 15.79 5.46
CA THR A 753 34.39 15.19 4.70
C THR A 753 34.71 13.73 4.38
N GLY A 754 35.97 13.45 4.09
CA GLY A 754 36.39 12.09 3.78
C GLY A 754 36.27 11.16 4.97
N VAL A 755 36.73 11.59 6.14
CA VAL A 755 36.63 10.72 7.31
C VAL A 755 35.16 10.48 7.68
N GLU A 756 34.30 11.49 7.46
CA GLU A 756 32.89 11.31 7.75
C GLU A 756 32.26 10.27 6.81
N GLU A 757 32.48 10.42 5.50
CA GLU A 757 31.92 9.46 4.54
C GLU A 757 32.57 8.09 4.68
N GLY A 758 33.83 8.02 5.12
CA GLY A 758 34.48 6.73 5.29
C GLY A 758 33.83 5.90 6.38
N ARG A 759 33.66 6.50 7.57
CA ARG A 759 32.99 5.73 8.63
C ARG A 759 31.52 5.46 8.25
N LEU A 760 30.90 6.41 7.54
CA LEU A 760 29.50 6.25 7.14
C LEU A 760 29.32 5.03 6.25
N ILE A 761 30.08 4.94 5.16
CA ILE A 761 29.93 3.79 4.27
C ILE A 761 30.39 2.51 4.95
N PHE A 762 31.32 2.58 5.91
CA PHE A 762 31.71 1.35 6.61
C PHE A 762 30.53 0.73 7.34
N ASP A 763 29.82 1.54 8.14
CA ASP A 763 28.68 0.99 8.85
C ASP A 763 27.52 0.67 7.88
N ASN A 764 27.36 1.46 6.81
CA ASN A 764 26.32 1.16 5.84
C ASN A 764 26.62 -0.14 5.11
N LEU A 765 27.91 -0.43 4.90
CA LEU A 765 28.30 -1.69 4.29
C LEU A 765 27.96 -2.83 5.20
N LYS A 766 28.13 -2.62 6.52
CA LYS A 766 27.75 -3.68 7.46
C LYS A 766 26.26 -3.99 7.32
N LYS A 767 25.42 -2.95 7.21
CA LYS A 767 23.99 -3.18 7.06
C LYS A 767 23.67 -3.90 5.74
N SER A 768 24.26 -3.45 4.63
CA SER A 768 24.03 -4.08 3.33
C SER A 768 24.52 -5.53 3.32
N ILE A 769 25.63 -5.80 4.02
CA ILE A 769 26.17 -7.14 4.10
C ILE A 769 25.22 -8.03 4.89
N ALA A 770 24.74 -7.55 6.04
CA ALA A 770 23.81 -8.33 6.85
C ALA A 770 22.52 -8.62 6.09
N TYR A 771 22.12 -7.71 5.19
CA TYR A 771 20.92 -7.94 4.41
C TYR A 771 21.13 -9.08 3.41
N THR A 772 22.24 -9.04 2.66
CA THR A 772 22.49 -10.13 1.71
C THR A 772 22.79 -11.44 2.43
N LEU A 773 23.41 -11.38 3.61
CA LEU A 773 23.74 -12.55 4.41
C LEU A 773 22.53 -13.12 5.13
N THR A 774 21.44 -12.36 5.22
CA THR A 774 20.24 -12.86 5.87
C THR A 774 19.44 -13.76 4.94
N SER A 775 19.35 -13.39 3.66
CA SER A 775 18.62 -14.17 2.66
C SER A 775 19.26 -15.53 2.40
N ASN A 776 20.48 -15.75 2.87
CA ASN A 776 21.17 -17.01 2.63
C ASN A 776 20.48 -18.21 3.29
N ILE A 777 20.00 -18.03 4.54
CA ILE A 777 19.34 -19.13 5.24
C ILE A 777 18.13 -19.66 4.48
N PRO A 778 17.16 -18.83 4.06
CA PRO A 778 16.03 -19.38 3.31
C PRO A 778 16.39 -19.81 1.91
N GLU A 779 17.61 -19.54 1.44
CA GLU A 779 18.02 -19.97 0.12
C GLU A 779 18.60 -21.37 0.16
N ILE A 780 19.23 -21.74 1.27
CA ILE A 780 19.86 -23.05 1.40
C ILE A 780 19.01 -24.05 2.16
N THR A 781 18.30 -23.63 3.22
CA THR A 781 17.47 -24.57 3.98
C THR A 781 16.53 -25.43 3.13
N PRO A 782 15.92 -24.93 2.04
CA PRO A 782 15.09 -25.83 1.21
C PRO A 782 15.88 -27.02 0.70
N PHE A 783 17.07 -26.76 0.16
CA PHE A 783 17.92 -27.82 -0.36
C PHE A 783 18.49 -28.71 0.76
N LEU A 784 18.63 -28.17 1.99
CA LEU A 784 19.14 -28.97 3.11
C LEU A 784 18.13 -30.02 3.55
N ILE A 785 16.91 -29.58 3.91
CA ILE A 785 15.91 -30.56 4.32
C ILE A 785 15.44 -31.38 3.14
N PHE A 786 15.73 -30.95 1.90
CA PHE A 786 15.42 -31.78 0.74
C PHE A 786 16.23 -33.07 0.82
N ILE A 787 17.45 -32.96 1.35
CA ILE A 787 18.33 -34.11 1.55
C ILE A 787 17.92 -34.88 2.80
N ILE A 788 17.53 -34.16 3.87
CA ILE A 788 17.18 -34.83 5.12
C ILE A 788 15.81 -35.49 5.10
N ALA A 789 14.74 -34.70 5.04
CA ALA A 789 13.39 -35.23 5.06
C ALA A 789 12.96 -35.92 3.77
N ASN A 790 13.77 -35.84 2.72
CA ASN A 790 13.45 -36.46 1.42
C ASN A 790 12.10 -35.97 0.90
N ILE A 791 11.90 -34.66 0.96
CA ILE A 791 10.66 -34.04 0.50
C ILE A 791 10.95 -33.41 -0.85
N PRO A 792 9.94 -33.07 -1.66
CA PRO A 792 10.22 -32.42 -2.94
C PRO A 792 10.94 -31.10 -2.72
N LEU A 793 11.63 -30.64 -3.76
CA LEU A 793 12.42 -29.41 -3.67
C LEU A 793 11.55 -28.21 -3.27
N PRO A 794 11.82 -27.58 -2.12
CA PRO A 794 10.99 -26.43 -1.72
C PRO A 794 11.27 -25.15 -2.49
N LEU A 795 12.52 -24.95 -2.95
CA LEU A 795 12.90 -23.75 -3.68
C LEU A 795 13.89 -24.10 -4.80
N GLY A 796 13.61 -23.61 -6.02
CA GLY A 796 14.47 -23.86 -7.16
C GLY A 796 15.66 -22.91 -7.24
N THR A 797 16.55 -23.18 -8.21
CA THR A 797 17.76 -22.36 -8.41
C THR A 797 17.45 -21.03 -9.05
N VAL A 798 16.77 -21.08 -10.20
CA VAL A 798 16.43 -19.89 -10.95
C VAL A 798 15.68 -18.91 -10.06
N THR A 799 14.82 -19.44 -9.20
CA THR A 799 14.08 -18.59 -8.27
C THR A 799 15.04 -17.92 -7.30
N ILE A 800 16.13 -18.60 -6.90
CA ILE A 800 17.11 -17.99 -5.99
C ILE A 800 17.84 -16.85 -6.68
N LEU A 801 18.18 -17.04 -7.97
CA LEU A 801 18.86 -15.97 -8.71
C LEU A 801 17.98 -14.74 -8.82
N CYS A 802 16.66 -14.94 -8.91
CA CYS A 802 15.76 -13.79 -8.97
C CYS A 802 15.82 -12.96 -7.68
N ILE A 803 16.30 -13.54 -6.59
CA ILE A 803 16.42 -12.84 -5.31
C ILE A 803 17.80 -12.21 -5.19
N ASP A 804 18.85 -13.03 -5.28
CA ASP A 804 20.20 -12.51 -5.13
C ASP A 804 20.62 -11.58 -6.26
N LEU A 805 20.05 -11.72 -7.46
CA LEU A 805 20.44 -10.88 -8.59
C LEU A 805 19.28 -10.09 -9.20
N GLY A 806 18.13 -10.10 -8.57
CA GLY A 806 16.93 -9.41 -9.02
C GLY A 806 16.38 -8.37 -8.07
N THR A 807 15.49 -8.87 -7.21
CA THR A 807 14.77 -8.05 -6.23
C THR A 807 15.68 -7.41 -5.19
N ASP A 808 16.52 -8.20 -4.50
CA ASP A 808 17.39 -7.70 -3.43
C ASP A 808 18.47 -6.72 -3.88
N MET A 809 18.67 -6.54 -5.18
CA MET A 809 19.69 -5.60 -5.63
C MET A 809 19.38 -4.18 -5.17
N VAL A 810 18.12 -3.76 -5.30
CA VAL A 810 17.67 -2.42 -4.93
C VAL A 810 17.70 -2.22 -3.40
N PRO A 811 17.17 -3.12 -2.57
CA PRO A 811 17.27 -2.88 -1.12
C PRO A 811 18.71 -2.83 -0.63
N ALA A 812 19.58 -3.69 -1.17
CA ALA A 812 20.98 -3.70 -0.75
C ALA A 812 21.67 -2.40 -1.14
N ILE A 813 21.41 -1.92 -2.36
CA ILE A 813 22.03 -0.66 -2.77
C ILE A 813 21.42 0.51 -2.01
N SER A 814 20.09 0.48 -1.80
CA SER A 814 19.39 1.53 -1.07
C SER A 814 19.84 1.58 0.37
N LEU A 815 20.44 0.50 0.88
CA LEU A 815 20.95 0.48 2.24
C LEU A 815 22.22 1.32 2.35
N ALA A 816 22.79 1.73 1.21
CA ALA A 816 23.97 2.58 1.21
C ALA A 816 23.59 4.03 1.43
N TYR A 817 22.37 4.40 1.03
CA TYR A 817 21.85 5.75 1.19
C TYR A 817 21.42 6.04 2.63
N GLU A 818 21.69 5.14 3.58
CA GLU A 818 21.31 5.35 4.96
C GLU A 818 22.16 6.44 5.60
N GLN A 819 21.54 7.25 6.44
CA GLN A 819 22.24 8.32 7.12
C GLN A 819 22.74 7.87 8.49
N ALA A 820 23.38 8.79 9.21
CA ALA A 820 23.95 8.50 10.51
C ALA A 820 22.89 8.31 11.60
N GLU A 821 23.05 7.26 12.40
CA GLU A 821 22.12 7.01 13.51
C GLU A 821 22.46 7.91 14.68
N SER A 822 23.74 8.23 14.85
CA SER A 822 24.24 9.14 15.87
C SER A 822 25.36 9.93 15.22
N ASP A 823 26.03 10.77 15.99
CA ASP A 823 27.11 11.57 15.43
C ASP A 823 28.33 10.67 15.19
N ILE A 824 28.70 10.50 13.91
CA ILE A 824 29.85 9.67 13.60
C ILE A 824 31.14 10.41 13.85
N MET A 825 31.13 11.74 13.76
CA MET A 825 32.33 12.51 14.01
C MET A 825 32.62 12.69 15.50
N LYS A 826 31.89 11.97 16.35
CA LYS A 826 32.08 11.98 17.79
C LYS A 826 32.73 10.71 18.32
N ARG A 827 32.55 9.59 17.62
CA ARG A 827 33.13 8.32 18.03
C ARG A 827 34.62 8.26 17.67
N GLN A 828 35.34 7.41 18.41
CA GLN A 828 36.77 7.24 18.20
C GLN A 828 37.02 6.37 16.97
N PRO A 829 38.22 6.46 16.37
CA PRO A 829 38.50 5.64 15.19
C PRO A 829 38.41 4.16 15.52
N ARG A 830 37.90 3.39 14.57
CA ARG A 830 37.74 1.96 14.77
C ARG A 830 39.09 1.26 14.90
N ASN A 831 39.20 0.39 15.89
CA ASN A 831 40.43 -0.36 16.07
C ASN A 831 40.49 -1.45 15.00
N PRO A 832 41.60 -1.60 14.29
CA PRO A 832 41.64 -2.63 13.23
C PRO A 832 41.48 -4.05 13.73
N LYS A 833 42.13 -4.40 14.83
CA LYS A 833 42.04 -5.75 15.39
C LYS A 833 40.75 -5.99 16.16
N THR A 834 40.01 -4.94 16.53
CA THR A 834 38.78 -5.10 17.30
C THR A 834 37.48 -5.00 16.49
N ASP A 835 37.18 -3.83 15.96
CA ASP A 835 35.93 -3.60 15.22
C ASP A 835 36.05 -4.14 13.80
N LYS A 836 35.69 -5.40 13.60
CA LYS A 836 35.74 -6.00 12.27
C LYS A 836 34.46 -5.69 11.51
N LEU A 837 34.58 -5.71 10.17
CA LEU A 837 33.44 -5.43 9.31
C LEU A 837 32.33 -6.46 9.51
N VAL A 838 32.69 -7.74 9.52
CA VAL A 838 31.76 -8.83 9.73
C VAL A 838 32.32 -9.66 10.89
N ASN A 839 31.60 -9.67 12.00
CA ASN A 839 31.98 -10.37 13.21
C ASN A 839 30.94 -11.45 13.55
N GLU A 840 31.11 -12.09 14.71
CA GLU A 840 30.18 -13.16 15.10
C GLU A 840 28.81 -12.65 15.52
N GLN A 841 28.66 -11.33 15.71
CA GLN A 841 27.37 -10.75 16.07
C GLN A 841 26.48 -10.61 14.84
N LEU A 842 27.06 -10.10 13.74
CA LEU A 842 26.31 -9.97 12.50
C LEU A 842 25.86 -11.32 11.99
N ILE A 843 26.73 -12.33 12.07
CA ILE A 843 26.37 -13.67 11.63
C ILE A 843 25.35 -14.27 12.59
N SER A 844 25.48 -13.99 13.89
CA SER A 844 24.52 -14.50 14.85
C SER A 844 23.12 -14.00 14.52
N MET A 845 23.02 -12.79 13.96
CA MET A 845 21.71 -12.24 13.60
C MET A 845 21.23 -12.69 12.21
N ALA A 846 22.09 -12.56 11.19
CA ALA A 846 21.71 -12.90 9.82
C ALA A 846 21.51 -14.40 9.64
N TYR A 847 22.58 -15.18 9.82
CA TYR A 847 22.48 -16.62 9.64
C TYR A 847 21.75 -17.30 10.79
N GLY A 848 21.83 -16.75 11.98
CA GLY A 848 21.18 -17.39 13.10
C GLY A 848 19.73 -17.05 13.40
N GLN A 849 19.35 -15.79 13.43
CA GLN A 849 17.99 -15.46 13.82
C GLN A 849 17.08 -14.94 12.72
N ILE A 850 17.42 -13.83 12.07
CA ILE A 850 16.54 -13.24 11.06
C ILE A 850 16.36 -14.17 9.86
N GLY A 851 17.49 -14.64 9.30
CA GLY A 851 17.39 -15.55 8.16
C GLY A 851 16.67 -16.83 8.52
N MET A 852 16.73 -17.23 9.80
CA MET A 852 16.04 -18.43 10.24
C MET A 852 14.53 -18.27 10.13
N ILE A 853 14.02 -17.09 10.52
CA ILE A 853 12.58 -16.84 10.40
C ILE A 853 12.19 -16.81 8.93
N GLN A 854 13.07 -16.26 8.08
CA GLN A 854 12.75 -16.25 6.66
C GLN A 854 12.66 -17.66 6.10
N ALA A 855 13.54 -18.56 6.57
CA ALA A 855 13.53 -19.95 6.11
C ALA A 855 12.24 -20.66 6.51
N LEU A 856 11.86 -20.52 7.79
CA LEU A 856 10.63 -21.17 8.24
C LEU A 856 9.40 -20.58 7.53
N GLY A 857 9.42 -19.27 7.22
CA GLY A 857 8.29 -18.70 6.49
C GLY A 857 8.18 -19.29 5.10
N GLY A 858 9.34 -19.54 4.47
CA GLY A 858 9.31 -20.17 3.16
C GLY A 858 8.71 -21.56 3.23
N PHE A 859 9.09 -22.33 4.26
CA PHE A 859 8.52 -23.67 4.40
C PHE A 859 7.03 -23.62 4.68
N PHE A 860 6.57 -22.55 5.32
CA PHE A 860 5.14 -22.41 5.56
C PHE A 860 4.40 -22.33 4.23
N THR A 861 4.82 -21.40 3.36
CA THR A 861 4.17 -21.29 2.05
C THR A 861 4.29 -22.60 1.25
N TYR A 862 5.41 -23.31 1.43
CA TYR A 862 5.63 -24.57 0.76
C TYR A 862 4.55 -25.61 1.14
N PHE A 863 4.38 -25.82 2.44
CA PHE A 863 3.37 -26.76 2.92
C PHE A 863 1.96 -26.29 2.59
N VAL A 864 1.76 -24.97 2.61
CA VAL A 864 0.43 -24.41 2.34
C VAL A 864 -0.01 -24.78 0.93
N ILE A 865 0.83 -24.49 -0.07
CA ILE A 865 0.44 -24.78 -1.45
C ILE A 865 0.27 -26.28 -1.65
N LEU A 866 1.22 -27.09 -1.16
CA LEU A 866 1.10 -28.53 -1.38
C LEU A 866 -0.14 -29.12 -0.71
N ALA A 867 -0.42 -28.73 0.53
CA ALA A 867 -1.58 -29.26 1.24
C ALA A 867 -2.88 -28.82 0.59
N GLU A 868 -2.95 -27.59 0.10
CA GLU A 868 -4.19 -27.14 -0.54
C GLU A 868 -4.41 -27.81 -1.89
N ASN A 869 -3.37 -28.35 -2.52
CA ASN A 869 -3.50 -29.04 -3.80
C ASN A 869 -3.64 -30.54 -3.63
N GLY A 870 -3.69 -31.03 -2.39
CA GLY A 870 -3.83 -32.45 -2.11
C GLY A 870 -2.61 -33.15 -1.53
N PHE A 871 -1.50 -32.47 -1.30
CA PHE A 871 -0.31 -33.10 -0.74
C PHE A 871 -0.10 -32.56 0.67
N LEU A 872 -0.66 -33.25 1.66
CA LEU A 872 -0.56 -32.88 3.07
C LEU A 872 0.90 -32.75 3.47
N PRO A 873 1.25 -31.81 4.36
CA PRO A 873 2.66 -31.67 4.76
C PRO A 873 3.23 -32.93 5.37
N ILE A 874 2.40 -33.71 6.08
CA ILE A 874 2.90 -34.95 6.67
C ILE A 874 3.14 -36.00 5.58
N HIS A 875 2.35 -35.94 4.50
CA HIS A 875 2.46 -36.90 3.40
C HIS A 875 3.66 -36.67 2.48
N LEU A 876 4.26 -35.48 2.50
CA LEU A 876 5.40 -35.17 1.65
C LEU A 876 6.70 -35.84 2.09
N LEU A 877 6.72 -36.51 3.24
CA LEU A 877 7.94 -37.15 3.72
C LEU A 877 8.32 -38.33 2.84
N GLY A 878 9.60 -38.38 2.45
CA GLY A 878 10.11 -39.44 1.60
C GLY A 878 9.48 -39.49 0.23
N LEU A 879 8.86 -38.39 -0.20
CA LEU A 879 8.18 -38.35 -1.49
C LEU A 879 9.09 -38.02 -2.66
N ARG A 880 10.21 -37.33 -2.43
CA ARG A 880 11.14 -36.97 -3.51
C ARG A 880 11.72 -38.18 -4.23
N VAL A 881 11.72 -39.34 -3.59
CA VAL A 881 12.25 -40.55 -4.22
C VAL A 881 11.47 -40.86 -5.50
N ASN A 882 10.14 -40.78 -5.41
CA ASN A 882 9.28 -40.99 -6.56
C ASN A 882 8.82 -39.69 -7.19
N TRP A 883 8.91 -38.57 -6.47
CA TRP A 883 8.50 -37.27 -7.02
C TRP A 883 9.40 -36.83 -8.16
N ASP A 884 10.72 -36.83 -7.91
CA ASP A 884 11.68 -36.41 -8.92
C ASP A 884 11.77 -37.38 -10.10
N ASP A 885 11.23 -38.59 -9.97
CA ASP A 885 11.26 -39.54 -11.06
C ASP A 885 10.39 -38.99 -12.20
N ARG A 886 10.89 -39.12 -13.44
CA ARG A 886 10.18 -38.58 -14.60
C ARG A 886 9.10 -39.50 -15.18
N TRP A 887 9.19 -40.80 -14.97
CA TRP A 887 8.24 -41.70 -15.59
C TRP A 887 7.15 -42.23 -14.67
N ILE A 888 7.26 -42.03 -13.35
CA ILE A 888 6.20 -42.49 -12.46
C ILE A 888 5.11 -41.43 -12.56
N ASN A 889 4.21 -41.59 -13.54
CA ASN A 889 3.14 -40.62 -13.76
C ASN A 889 1.87 -40.94 -12.97
N ASP A 890 1.99 -41.66 -11.86
CA ASP A 890 0.83 -41.92 -11.01
C ASP A 890 1.31 -42.01 -9.56
N VAL A 891 1.56 -40.86 -8.95
CA VAL A 891 2.01 -40.79 -7.57
C VAL A 891 0.83 -40.41 -6.71
N GLU A 892 0.46 -41.30 -5.79
CA GLU A 892 -0.67 -41.06 -4.92
C GLU A 892 -0.35 -39.96 -3.91
N ASP A 893 -1.26 -38.98 -3.81
CA ASP A 893 -1.19 -37.85 -2.89
C ASP A 893 -1.87 -38.27 -1.59
N SER A 894 -2.46 -37.30 -0.88
CA SER A 894 -3.14 -37.60 0.36
C SER A 894 -4.61 -37.97 0.17
N TYR A 895 -5.26 -37.47 -0.88
CA TYR A 895 -6.67 -37.76 -1.17
C TYR A 895 -6.86 -38.94 -2.09
N GLY A 896 -5.78 -39.65 -2.43
CA GLY A 896 -5.85 -40.79 -3.31
C GLY A 896 -5.68 -40.47 -4.78
N GLN A 897 -5.60 -39.19 -5.13
CA GLN A 897 -5.44 -38.79 -6.52
C GLN A 897 -4.07 -39.21 -7.05
N GLN A 898 -4.00 -39.37 -8.36
CA GLN A 898 -2.77 -39.78 -9.05
C GLN A 898 -2.26 -38.58 -9.86
N TRP A 899 -1.03 -38.16 -9.58
CA TRP A 899 -0.40 -37.02 -10.26
C TRP A 899 0.66 -37.50 -11.23
N THR A 900 0.65 -36.95 -12.44
CA THR A 900 1.63 -37.31 -13.45
C THR A 900 2.96 -36.61 -13.14
N TYR A 901 3.91 -36.70 -14.08
CA TYR A 901 5.20 -36.06 -13.85
C TYR A 901 5.07 -34.54 -13.94
N GLU A 902 4.59 -34.04 -15.09
CA GLU A 902 4.45 -32.60 -15.24
C GLU A 902 3.37 -32.02 -14.35
N GLN A 903 2.31 -32.79 -14.06
CA GLN A 903 1.26 -32.26 -13.18
C GLN A 903 1.82 -31.92 -11.80
N ARG A 904 2.69 -32.78 -11.26
CA ARG A 904 3.28 -32.52 -9.95
C ARG A 904 4.48 -31.58 -10.08
N LYS A 905 5.21 -31.64 -11.20
CA LYS A 905 6.35 -30.76 -11.40
C LYS A 905 5.89 -29.32 -11.58
N ILE A 906 4.71 -29.13 -12.18
CA ILE A 906 4.13 -27.80 -12.31
C ILE A 906 3.83 -27.27 -10.93
N VAL A 907 3.39 -28.16 -10.03
CA VAL A 907 3.13 -27.78 -8.65
C VAL A 907 4.44 -27.43 -7.94
N GLU A 908 5.50 -28.17 -8.21
CA GLU A 908 6.80 -27.88 -7.59
C GLU A 908 7.33 -26.51 -8.06
N PHE A 909 7.21 -26.23 -9.36
CA PHE A 909 7.69 -24.94 -9.87
C PHE A 909 6.78 -23.80 -9.41
N THR A 910 5.48 -24.05 -9.31
CA THR A 910 4.54 -23.06 -8.78
C THR A 910 4.58 -23.04 -7.27
N CYS A 911 5.53 -23.80 -6.70
CA CYS A 911 5.81 -23.82 -5.28
C CYS A 911 7.16 -23.14 -5.03
N HIS A 912 7.98 -23.03 -6.09
CA HIS A 912 9.25 -22.30 -6.03
C HIS A 912 8.98 -20.82 -6.25
N THR A 913 8.07 -20.49 -7.18
CA THR A 913 7.72 -19.09 -7.43
C THR A 913 7.16 -18.40 -6.19
N PRO A 914 6.19 -18.97 -5.45
CA PRO A 914 5.71 -18.28 -4.25
C PRO A 914 6.72 -18.34 -3.15
N PHE A 915 7.62 -19.32 -3.15
CA PHE A 915 8.68 -19.34 -2.16
C PHE A 915 9.57 -18.12 -2.37
N PHE A 916 9.82 -17.80 -3.65
CA PHE A 916 10.56 -16.60 -4.01
C PHE A 916 9.80 -15.36 -3.55
N VAL A 917 8.48 -15.36 -3.75
CA VAL A 917 7.64 -14.25 -3.30
C VAL A 917 7.67 -14.15 -1.78
N THR A 918 7.70 -15.29 -1.11
CA THR A 918 7.77 -15.36 0.34
C THR A 918 9.05 -14.67 0.82
N ILE A 919 10.12 -14.85 0.05
CA ILE A 919 11.39 -14.20 0.39
C ILE A 919 11.21 -12.69 0.32
N VAL A 920 10.57 -12.19 -0.75
CA VAL A 920 10.39 -10.73 -0.85
C VAL A 920 9.55 -10.22 0.33
N VAL A 921 8.55 -10.99 0.75
CA VAL A 921 7.70 -10.58 1.86
C VAL A 921 8.52 -10.45 3.14
N VAL A 922 9.38 -11.44 3.44
CA VAL A 922 10.18 -11.33 4.65
C VAL A 922 11.32 -10.32 4.48
N GLN A 923 11.70 -10.03 3.24
CA GLN A 923 12.74 -9.04 2.97
C GLN A 923 12.21 -7.64 3.18
N TRP A 924 10.89 -7.45 3.19
CA TRP A 924 10.33 -6.14 3.49
C TRP A 924 10.77 -5.71 4.89
N ALA A 925 10.45 -6.54 5.88
CA ALA A 925 10.81 -6.27 7.26
C ALA A 925 12.31 -6.38 7.47
N ASP A 926 12.97 -7.31 6.77
CA ASP A 926 14.41 -7.43 6.92
C ASP A 926 15.10 -6.14 6.47
N LEU A 927 14.58 -5.49 5.43
CA LEU A 927 15.15 -4.23 4.95
C LEU A 927 14.90 -3.11 5.94
N VAL A 928 13.70 -3.07 6.52
CA VAL A 928 13.38 -2.01 7.48
C VAL A 928 14.21 -2.15 8.78
N ILE A 929 14.46 -3.38 9.22
CA ILE A 929 15.22 -3.56 10.45
C ILE A 929 16.71 -3.37 10.20
N CYS A 930 17.24 -3.83 9.06
CA CYS A 930 18.66 -3.62 8.78
C CYS A 930 18.93 -2.16 8.48
N LYS A 931 17.88 -1.39 8.16
CA LYS A 931 18.06 0.04 7.91
C LYS A 931 18.62 0.74 9.13
N THR A 932 18.25 0.28 10.32
CA THR A 932 18.71 0.87 11.57
C THR A 932 19.43 -0.18 12.41
N ARG A 933 20.67 0.12 12.81
CA ARG A 933 21.41 -0.83 13.64
C ARG A 933 21.05 -0.70 15.12
N ARG A 934 20.80 0.54 15.59
CA ARG A 934 20.49 0.82 16.99
C ARG A 934 19.19 1.59 17.20
N ASN A 935 18.92 2.59 16.39
CA ASN A 935 17.71 3.38 16.57
C ASN A 935 16.47 2.63 16.12
N SER A 936 15.32 3.07 16.61
CA SER A 936 14.06 2.47 16.23
C SER A 936 13.69 2.94 14.83
N VAL A 937 12.81 2.18 14.18
CA VAL A 937 12.37 2.60 12.86
C VAL A 937 11.57 3.90 12.98
N PHE A 938 10.99 4.14 14.16
CA PHE A 938 10.26 5.37 14.40
C PHE A 938 11.23 6.52 14.67
N GLN A 939 12.41 6.19 15.22
CA GLN A 939 13.44 7.19 15.45
C GLN A 939 14.13 7.57 14.15
N GLN A 940 14.78 6.60 13.49
CA GLN A 940 15.45 6.86 12.22
C GLN A 940 14.48 7.36 11.17
N GLY A 941 13.35 6.69 11.02
CA GLY A 941 12.35 7.12 10.06
C GLY A 941 12.58 6.68 8.63
N MET A 942 11.49 6.29 7.97
CA MET A 942 11.53 5.84 6.58
C MET A 942 11.61 7.03 5.62
N LYS A 943 12.71 7.77 5.74
CA LYS A 943 12.99 8.91 4.88
C LYS A 943 13.92 8.54 3.73
N ASN A 944 14.44 7.32 3.73
CA ASN A 944 15.31 6.83 2.67
C ASN A 944 14.42 6.58 1.46
N LYS A 945 14.33 7.57 0.57
CA LYS A 945 13.48 7.48 -0.62
C LYS A 945 13.94 6.36 -1.55
N ILE A 946 15.25 6.14 -1.63
CA ILE A 946 15.74 5.05 -2.47
C ILE A 946 15.30 3.72 -1.89
N LEU A 947 15.23 3.62 -0.55
CA LEU A 947 14.79 2.38 0.09
C LEU A 947 13.30 2.16 -0.15
N ILE A 948 12.52 3.25 -0.15
CA ILE A 948 11.10 3.14 -0.43
C ILE A 948 10.93 2.57 -1.84
N PHE A 949 11.71 3.12 -2.77
CA PHE A 949 11.65 2.57 -4.12
C PHE A 949 12.22 1.16 -4.14
N GLY A 950 13.12 0.84 -3.22
CA GLY A 950 13.67 -0.51 -3.16
C GLY A 950 12.56 -1.50 -2.88
N LEU A 951 11.64 -1.12 -1.99
CA LEU A 951 10.51 -1.98 -1.67
C LEU A 951 9.51 -2.03 -2.81
N PHE A 952 9.20 -0.88 -3.43
CA PHE A 952 8.23 -0.88 -4.53
C PHE A 952 8.74 -1.66 -5.74
N GLU A 953 9.99 -1.44 -6.13
CA GLU A 953 10.55 -2.16 -7.26
C GLU A 953 10.68 -3.64 -6.95
N GLU A 954 11.22 -3.98 -5.78
CA GLU A 954 11.37 -5.39 -5.42
C GLU A 954 10.03 -6.12 -5.45
N THR A 955 8.99 -5.52 -4.87
CA THR A 955 7.67 -6.14 -4.84
C THR A 955 7.04 -6.24 -6.24
N ALA A 956 7.02 -5.14 -6.99
CA ALA A 956 6.40 -5.16 -8.32
C ALA A 956 7.16 -6.08 -9.27
N LEU A 957 8.49 -6.09 -9.19
CA LEU A 957 9.29 -6.96 -10.03
C LEU A 957 9.02 -8.41 -9.66
N ALA A 958 8.83 -8.68 -8.37
CA ALA A 958 8.53 -10.04 -7.95
C ALA A 958 7.20 -10.51 -8.54
N ALA A 959 6.19 -9.62 -8.53
CA ALA A 959 4.90 -9.98 -9.12
C ALA A 959 5.02 -10.16 -10.63
N PHE A 960 5.90 -9.39 -11.27
CA PHE A 960 6.11 -9.52 -12.71
C PHE A 960 6.74 -10.85 -13.06
N LEU A 961 7.67 -11.32 -12.23
CA LEU A 961 8.34 -12.59 -12.48
C LEU A 961 7.41 -13.80 -12.34
N SER A 962 6.21 -13.61 -11.79
CA SER A 962 5.25 -14.70 -11.62
C SER A 962 4.05 -14.59 -12.54
N TYR A 963 3.57 -13.37 -12.81
CA TYR A 963 2.39 -13.17 -13.64
C TYR A 963 2.70 -12.68 -15.07
N CYS A 964 3.96 -12.75 -15.52
CA CYS A 964 4.12 -12.29 -16.89
C CYS A 964 3.86 -13.45 -17.86
N PRO A 965 3.25 -13.21 -19.04
CA PRO A 965 2.98 -14.33 -19.96
C PRO A 965 4.24 -14.99 -20.49
N GLY A 966 4.52 -16.19 -19.98
CA GLY A 966 5.69 -16.94 -20.38
C GLY A 966 6.72 -17.17 -19.29
N MET A 967 6.46 -16.75 -18.04
CA MET A 967 7.45 -16.98 -16.99
C MET A 967 7.57 -18.46 -16.67
N GLY A 968 6.45 -19.19 -16.68
CA GLY A 968 6.49 -20.61 -16.45
C GLY A 968 7.07 -21.39 -17.61
N VAL A 969 7.32 -20.70 -18.73
CA VAL A 969 7.89 -21.30 -19.92
C VAL A 969 9.39 -21.07 -19.98
N ALA A 970 9.85 -19.86 -19.66
CA ALA A 970 11.28 -19.56 -19.70
C ALA A 970 11.98 -19.81 -18.36
N LEU A 971 11.48 -19.22 -17.28
CA LEU A 971 12.07 -19.37 -15.95
C LEU A 971 11.40 -20.42 -15.11
N ARG A 972 10.43 -21.15 -15.66
CA ARG A 972 9.69 -22.19 -14.94
C ARG A 972 9.02 -21.63 -13.69
N MET A 973 8.63 -20.36 -13.75
CA MET A 973 7.98 -19.67 -12.64
C MET A 973 6.52 -19.45 -13.01
N TYR A 974 5.64 -20.26 -12.44
CA TYR A 974 4.22 -20.20 -12.72
C TYR A 974 3.52 -19.14 -11.87
N PRO A 975 2.34 -18.68 -12.31
CA PRO A 975 1.61 -17.67 -11.54
C PRO A 975 1.16 -18.22 -10.19
N LEU A 976 0.91 -17.31 -9.26
CA LEU A 976 0.52 -17.66 -7.90
C LEU A 976 -0.95 -17.37 -7.64
N LYS A 977 -1.59 -18.25 -6.89
CA LYS A 977 -2.95 -18.01 -6.48
C LYS A 977 -2.84 -16.86 -5.48
N PRO A 978 -3.69 -15.83 -5.56
CA PRO A 978 -3.54 -14.64 -4.70
C PRO A 978 -3.41 -14.88 -3.20
N THR A 979 -3.85 -16.03 -2.69
CA THR A 979 -3.73 -16.26 -1.26
C THR A 979 -2.29 -16.54 -0.80
N TRP A 980 -1.35 -16.83 -1.71
CA TRP A 980 0.03 -17.12 -1.31
C TRP A 980 0.77 -15.88 -0.85
N TRP A 981 0.40 -14.70 -1.39
CA TRP A 981 1.07 -13.45 -1.04
C TRP A 981 0.92 -13.09 0.43
N PHE A 982 -0.01 -13.73 1.15
CA PHE A 982 -0.23 -13.48 2.56
C PHE A 982 0.23 -14.63 3.44
N CYS A 983 0.71 -15.73 2.84
CA CYS A 983 1.18 -16.84 3.65
C CYS A 983 2.43 -16.47 4.43
N ALA A 984 3.19 -15.50 3.92
CA ALA A 984 4.43 -15.06 4.54
C ALA A 984 4.29 -13.75 5.29
N PHE A 985 3.10 -13.15 5.31
CA PHE A 985 2.92 -11.88 6.00
C PHE A 985 3.25 -11.91 7.50
N PRO A 986 2.76 -12.86 8.30
CA PRO A 986 3.09 -12.83 9.74
C PRO A 986 4.57 -13.02 10.03
N TYR A 987 5.31 -13.75 9.20
CA TYR A 987 6.74 -13.95 9.44
C TYR A 987 7.51 -12.64 9.35
N SER A 988 7.21 -11.82 8.34
CA SER A 988 7.87 -10.52 8.22
C SER A 988 7.50 -9.64 9.40
N LEU A 989 6.21 -9.61 9.73
CA LEU A 989 5.80 -8.79 10.87
C LEU A 989 6.50 -9.23 12.15
N LEU A 990 6.69 -10.55 12.31
CA LEU A 990 7.38 -11.07 13.49
C LEU A 990 8.85 -10.66 13.49
N ILE A 991 9.49 -10.72 12.32
CA ILE A 991 10.90 -10.32 12.20
C ILE A 991 11.03 -8.87 12.61
N PHE A 992 10.11 -8.03 12.14
CA PHE A 992 10.13 -6.61 12.49
C PHE A 992 9.95 -6.41 13.99
N VAL A 993 9.01 -7.15 14.59
CA VAL A 993 8.74 -6.99 16.03
C VAL A 993 9.95 -7.41 16.86
N TYR A 994 10.49 -8.60 16.60
CA TYR A 994 11.62 -9.10 17.39
C TYR A 994 12.85 -8.19 17.25
N ASP A 995 13.18 -7.76 16.03
CA ASP A 995 14.34 -6.91 15.88
C ASP A 995 14.10 -5.51 16.45
N GLU A 996 12.86 -5.02 16.38
CA GLU A 996 12.58 -3.70 16.93
C GLU A 996 12.72 -3.72 18.45
N VAL A 997 12.16 -4.75 19.10
CA VAL A 997 12.29 -4.82 20.56
C VAL A 997 13.73 -5.11 20.93
N ARG A 998 14.49 -5.75 20.04
CA ARG A 998 15.90 -6.00 20.32
C ARG A 998 16.66 -4.68 20.39
N LYS A 999 16.53 -3.84 19.36
CA LYS A 999 17.20 -2.54 19.37
C LYS A 999 16.64 -1.64 20.47
N LEU A 1000 15.39 -1.87 20.88
CA LEU A 1000 14.83 -1.10 21.98
C LEU A 1000 15.56 -1.44 23.28
N ILE A 1001 15.80 -2.74 23.51
CA ILE A 1001 16.54 -3.13 24.71
C ILE A 1001 17.97 -2.64 24.61
N ILE A 1002 18.51 -2.55 23.38
CA ILE A 1002 19.86 -2.02 23.22
C ILE A 1002 19.88 -0.57 23.66
N ARG A 1003 18.78 0.15 23.43
CA ARG A 1003 18.70 1.55 23.86
C ARG A 1003 18.61 1.66 25.38
N ARG A 1004 17.65 0.95 25.99
CA ARG A 1004 17.50 1.03 27.44
C ARG A 1004 18.56 0.25 28.22
N ARG A 1005 19.19 -0.76 27.61
CA ARG A 1005 20.23 -1.56 28.25
C ARG A 1005 21.48 -1.55 27.37
N PRO A 1006 22.31 -0.50 27.48
CA PRO A 1006 23.55 -0.47 26.69
C PRO A 1006 24.64 -1.24 27.42
N GLY A 1007 24.24 -2.17 28.30
CA GLY A 1007 25.25 -2.90 29.03
C GLY A 1007 25.92 -4.02 28.25
N GLY A 1008 25.38 -5.24 28.26
CA GLY A 1008 26.06 -6.26 27.49
C GLY A 1008 25.35 -7.31 26.66
N TRP A 1009 24.26 -7.85 27.21
CA TRP A 1009 23.56 -8.96 26.58
C TRP A 1009 23.09 -8.63 25.17
N VAL A 1010 22.18 -7.66 25.04
CA VAL A 1010 21.66 -7.27 23.73
C VAL A 1010 22.65 -6.45 22.92
N GLU A 1011 23.79 -6.07 23.49
CA GLU A 1011 24.77 -5.29 22.75
C GLU A 1011 26.00 -6.08 22.32
N LYS A 1012 26.53 -6.93 23.19
CA LYS A 1012 27.71 -7.70 22.83
C LYS A 1012 27.40 -8.96 22.01
N GLU A 1013 26.16 -9.44 22.05
CA GLU A 1013 25.79 -10.65 21.33
C GLU A 1013 24.99 -10.39 20.07
N THR A 1014 24.09 -9.40 20.10
CA THR A 1014 23.25 -9.11 18.95
C THR A 1014 23.69 -7.88 18.16
N TYR A 1015 24.04 -6.77 18.84
CA TYR A 1015 24.46 -5.56 18.14
C TYR A 1015 25.74 -5.83 17.36
N TYR A 1016 25.76 -5.43 16.10
CA TYR A 1016 26.89 -5.65 15.21
C TYR A 1016 27.28 -4.41 14.42
N LYS B 13 47.65 -16.33 15.52
CA LYS B 13 46.38 -15.70 15.86
C LYS B 13 45.22 -16.72 15.82
N LYS B 14 45.49 -17.96 15.40
CA LYS B 14 44.45 -18.99 15.32
C LYS B 14 44.61 -20.09 16.37
N PHE B 15 45.21 -19.75 17.51
CA PHE B 15 45.37 -20.63 18.65
C PHE B 15 44.67 -20.03 19.86
N ILE B 16 43.55 -19.33 19.61
CA ILE B 16 42.72 -18.68 20.62
C ILE B 16 41.89 -19.73 21.34
N TRP B 17 42.18 -21.02 21.06
CA TRP B 17 41.48 -22.16 21.64
C TRP B 17 41.20 -21.97 23.13
N ASN B 18 42.27 -21.83 23.90
CA ASN B 18 42.19 -21.66 25.34
C ASN B 18 43.28 -20.72 25.81
N SER B 19 43.21 -20.40 27.10
CA SER B 19 44.15 -19.56 27.80
C SER B 19 43.92 -19.84 29.27
N GLU B 20 44.80 -19.32 30.12
CA GLU B 20 44.57 -19.58 31.53
C GLU B 20 43.45 -18.72 32.08
N LYS B 21 42.94 -17.78 31.28
CA LYS B 21 41.85 -16.91 31.69
C LYS B 21 40.50 -17.33 31.09
N LYS B 22 40.34 -18.63 30.80
CA LYS B 22 39.10 -19.22 30.33
C LYS B 22 38.43 -18.83 29.00
N GLU B 23 38.83 -19.48 27.89
CA GLU B 23 38.21 -19.28 26.58
C GLU B 23 38.22 -20.64 25.88
N PHE B 24 37.12 -21.01 25.20
CA PHE B 24 37.05 -22.28 24.45
C PHE B 24 36.48 -22.01 23.08
N LEU B 25 37.24 -22.36 22.03
CA LEU B 25 36.87 -22.18 20.64
C LEU B 25 36.67 -20.69 20.29
N GLY B 26 36.95 -19.80 21.23
CA GLY B 26 36.79 -18.38 21.03
C GLY B 26 36.23 -17.62 22.22
N ARG B 27 35.37 -18.25 23.01
CA ARG B 27 34.76 -17.61 24.18
C ARG B 27 34.86 -18.51 25.40
N THR B 28 34.51 -17.93 26.55
CA THR B 28 34.57 -18.61 27.85
C THR B 28 33.48 -19.68 27.98
N GLY B 29 33.44 -20.29 29.16
CA GLY B 29 32.46 -21.31 29.47
C GLY B 29 31.13 -20.70 29.84
N GLY B 30 31.16 -19.69 30.73
CA GLY B 30 29.92 -19.02 31.11
C GLY B 30 29.26 -18.35 29.93
N SER B 31 30.06 -17.86 28.98
CA SER B 31 29.53 -17.23 27.78
C SER B 31 28.94 -18.28 26.85
N TRP B 32 29.59 -19.45 26.75
CA TRP B 32 29.07 -20.52 25.92
C TRP B 32 27.71 -20.98 26.44
N PHE B 33 27.58 -21.07 27.77
CA PHE B 33 26.30 -21.48 28.35
C PHE B 33 25.24 -20.43 28.11
N LYS B 34 25.57 -19.13 28.28
CA LYS B 34 24.57 -18.09 28.05
C LYS B 34 24.07 -18.10 26.61
N ILE B 35 25.00 -18.17 25.64
CA ILE B 35 24.61 -18.18 24.23
C ILE B 35 23.80 -19.42 23.88
N LEU B 36 24.26 -20.58 24.33
CA LEU B 36 23.56 -21.82 24.02
C LEU B 36 22.15 -21.82 24.61
N LEU B 37 22.00 -21.33 25.84
CA LEU B 37 20.68 -21.25 26.45
C LEU B 37 19.78 -20.31 25.67
N PHE B 38 20.32 -19.16 25.26
CA PHE B 38 19.51 -18.21 24.50
C PHE B 38 19.06 -18.82 23.18
N TYR B 39 19.98 -19.45 22.44
CA TYR B 39 19.62 -20.04 21.15
C TYR B 39 18.62 -21.17 21.32
N VAL B 40 18.71 -21.94 22.40
CA VAL B 40 17.76 -23.02 22.61
C VAL B 40 16.37 -22.44 22.85
N ILE B 41 16.26 -21.41 23.68
CA ILE B 41 14.96 -20.79 23.94
C ILE B 41 14.43 -20.12 22.68
N PHE B 42 15.28 -19.40 21.96
CA PHE B 42 14.88 -18.69 20.74
C PHE B 42 14.39 -19.67 19.68
N TYR B 43 15.20 -20.67 19.36
CA TYR B 43 14.79 -21.64 18.35
C TYR B 43 13.61 -22.46 18.83
N GLY B 44 13.45 -22.65 20.14
CA GLY B 44 12.29 -23.37 20.64
C GLY B 44 11.03 -22.58 20.38
N CYS B 45 11.10 -21.26 20.60
CA CYS B 45 9.95 -20.40 20.32
C CYS B 45 9.66 -20.38 18.82
N LEU B 46 10.72 -20.34 18.00
CA LEU B 46 10.54 -20.35 16.55
C LEU B 46 9.84 -21.63 16.11
N ALA B 47 10.26 -22.77 16.67
CA ALA B 47 9.64 -24.04 16.34
C ALA B 47 8.18 -24.06 16.76
N GLY B 48 7.88 -23.56 17.97
CA GLY B 48 6.50 -23.53 18.42
C GLY B 48 5.62 -22.63 17.56
N ILE B 49 6.18 -21.52 17.08
CA ILE B 49 5.42 -20.61 16.23
C ILE B 49 5.14 -21.25 14.87
N PHE B 50 6.18 -21.85 14.26
CA PHE B 50 5.97 -22.50 12.97
C PHE B 50 4.95 -23.63 13.09
N ILE B 51 4.99 -24.37 14.20
CA ILE B 51 4.05 -25.45 14.41
C ILE B 51 2.63 -24.91 14.60
N GLY B 52 2.47 -23.82 15.36
CA GLY B 52 1.13 -23.26 15.56
C GLY B 52 0.53 -22.76 14.26
N THR B 53 1.33 -22.07 13.45
CA THR B 53 0.83 -21.57 12.17
C THR B 53 0.54 -22.73 11.22
N ILE B 54 1.40 -23.75 11.21
CA ILE B 54 1.15 -24.89 10.33
C ILE B 54 -0.11 -25.62 10.80
N GLN B 55 -0.42 -25.54 12.09
CA GLN B 55 -1.65 -26.16 12.59
C GLN B 55 -2.86 -25.38 12.10
N VAL B 56 -2.77 -24.05 12.09
CA VAL B 56 -3.88 -23.25 11.55
C VAL B 56 -4.07 -23.61 10.08
N MET B 57 -2.95 -23.79 9.38
CA MET B 57 -3.01 -24.19 7.98
C MET B 57 -3.72 -25.53 7.83
N LEU B 58 -3.44 -26.47 8.74
CA LEU B 58 -4.12 -27.76 8.69
C LEU B 58 -5.60 -27.61 8.97
N LEU B 59 -5.98 -26.63 9.79
CA LEU B 59 -7.38 -26.38 10.09
C LEU B 59 -8.10 -25.69 8.94
N THR B 60 -7.38 -25.14 7.97
CA THR B 60 -8.03 -24.50 6.82
C THR B 60 -8.38 -25.50 5.70
N ILE B 61 -8.06 -26.78 5.85
CA ILE B 61 -8.35 -27.81 4.84
C ILE B 61 -9.24 -28.89 5.47
N SER B 62 -10.05 -29.53 4.63
CA SER B 62 -10.95 -30.58 5.08
C SER B 62 -10.34 -31.97 4.85
N GLU B 63 -11.03 -32.99 5.36
CA GLU B 63 -10.58 -34.38 5.24
C GLU B 63 -11.19 -35.11 4.05
N PHE B 64 -12.25 -34.58 3.45
CA PHE B 64 -12.94 -35.24 2.36
C PHE B 64 -12.74 -34.59 1.00
N LYS B 65 -11.97 -33.50 0.90
CA LYS B 65 -11.79 -32.87 -0.41
C LYS B 65 -10.61 -31.90 -0.45
N PRO B 66 -9.77 -31.97 -1.48
CA PRO B 66 -8.66 -31.01 -1.60
C PRO B 66 -9.23 -29.67 -2.02
N THR B 67 -8.71 -28.59 -1.42
CA THR B 67 -9.22 -27.26 -1.73
C THR B 67 -8.97 -26.89 -3.20
N TYR B 68 -7.76 -27.10 -3.71
CA TYR B 68 -7.44 -26.78 -5.09
C TYR B 68 -7.31 -28.07 -5.89
N GLN B 69 -8.09 -28.18 -6.97
CA GLN B 69 -8.05 -29.36 -7.82
C GLN B 69 -7.81 -29.00 -9.28
N ASP B 70 -7.41 -27.76 -9.59
CA ASP B 70 -7.22 -27.37 -10.98
C ASP B 70 -5.89 -27.85 -11.56
N ARG B 71 -4.92 -28.24 -10.75
CA ARG B 71 -3.64 -28.69 -11.26
C ARG B 71 -3.67 -30.13 -11.77
N VAL B 72 -4.82 -30.79 -11.69
CA VAL B 72 -4.99 -32.17 -12.16
C VAL B 72 -6.18 -32.19 -13.11
N ALA B 73 -6.43 -31.07 -13.81
CA ALA B 73 -7.56 -30.95 -14.72
C ALA B 73 -7.57 -32.09 -15.75
N PRO B 74 -6.55 -32.29 -16.59
CA PRO B 74 -6.60 -33.42 -17.52
C PRO B 74 -6.01 -34.67 -16.87
N PRO B 75 -6.81 -35.70 -16.62
CA PRO B 75 -6.27 -36.91 -15.98
C PRO B 75 -5.23 -37.59 -16.86
N GLY B 76 -4.31 -38.28 -16.19
CA GLY B 76 -3.26 -39.00 -16.89
C GLY B 76 -3.72 -40.36 -17.39
N LEU B 77 -2.80 -41.05 -18.06
CA LEU B 77 -3.08 -42.37 -18.62
C LEU B 77 -1.80 -43.20 -18.42
N THR B 78 -1.78 -44.00 -17.35
CA THR B 78 -0.60 -44.80 -17.05
C THR B 78 -0.77 -46.25 -17.50
N GLN B 79 0.29 -47.03 -17.33
CA GLN B 79 0.32 -48.44 -17.70
C GLN B 79 0.84 -49.27 -16.52
N ILE B 80 0.74 -50.59 -16.65
CA ILE B 80 1.19 -51.50 -15.61
C ILE B 80 2.72 -51.65 -15.61
N PRO B 81 3.42 -51.90 -16.76
CA PRO B 81 4.88 -52.01 -16.68
C PRO B 81 5.53 -50.64 -16.61
N GLN B 82 5.69 -50.12 -15.39
CA GLN B 82 6.31 -48.81 -15.20
C GLN B 82 7.78 -48.95 -15.58
N SER B 83 8.01 -48.84 -16.89
CA SER B 83 9.34 -48.96 -17.47
C SER B 83 10.20 -47.75 -17.13
N GLN B 84 11.52 -47.93 -17.18
CA GLN B 84 12.45 -46.84 -16.88
C GLN B 84 12.37 -45.73 -17.92
N LYS B 85 11.96 -46.04 -19.16
CA LYS B 85 11.84 -45.03 -20.21
C LYS B 85 10.62 -45.30 -21.06
N THR B 86 9.58 -45.91 -20.46
CA THR B 86 8.34 -46.30 -21.14
C THR B 86 8.63 -47.24 -22.31
N GLU B 87 9.72 -48.00 -22.20
CA GLU B 87 10.15 -48.93 -23.23
C GLU B 87 10.06 -50.36 -22.72
N ILE B 88 9.58 -51.25 -23.57
CA ILE B 88 9.42 -52.67 -23.23
C ILE B 88 10.35 -53.45 -24.15
N SER B 89 11.56 -53.74 -23.67
CA SER B 89 12.59 -54.48 -24.40
C SER B 89 12.92 -55.74 -23.61
N PHE B 90 12.69 -56.90 -24.22
CA PHE B 90 12.94 -58.18 -23.57
C PHE B 90 13.16 -59.24 -24.64
N ARG B 91 13.36 -60.48 -24.20
CA ARG B 91 13.57 -61.61 -25.09
C ARG B 91 12.41 -62.58 -24.93
N PRO B 92 11.78 -63.04 -26.02
CA PRO B 92 10.66 -63.98 -25.89
C PRO B 92 11.06 -65.31 -25.28
N ASN B 93 12.35 -65.61 -25.18
CA ASN B 93 12.84 -66.88 -24.63
C ASN B 93 13.28 -66.75 -23.17
N ASP B 94 14.25 -65.87 -22.90
CA ASP B 94 14.80 -65.65 -21.56
C ASP B 94 13.75 -65.22 -20.54
N PRO B 95 13.43 -66.05 -19.55
CA PRO B 95 12.43 -65.65 -18.54
C PRO B 95 12.91 -64.52 -17.64
N GLN B 96 14.22 -64.40 -17.41
CA GLN B 96 14.74 -63.34 -16.56
C GLN B 96 14.77 -61.99 -17.27
N SER B 97 14.68 -61.97 -18.59
CA SER B 97 14.70 -60.70 -19.33
C SER B 97 13.42 -59.90 -19.10
N TYR B 98 12.28 -60.58 -18.98
CA TYR B 98 11.00 -59.92 -18.76
C TYR B 98 10.50 -60.07 -17.32
N GLU B 99 11.39 -60.41 -16.38
CA GLU B 99 10.98 -60.57 -14.98
C GLU B 99 10.55 -59.24 -14.37
N SER B 100 11.27 -58.17 -14.70
CA SER B 100 10.95 -56.84 -14.15
C SER B 100 9.56 -56.39 -14.57
N TYR B 101 9.06 -56.86 -15.71
CA TYR B 101 7.73 -56.49 -16.17
C TYR B 101 6.66 -57.29 -15.42
N VAL B 102 6.73 -58.62 -15.52
CA VAL B 102 5.76 -59.51 -14.88
C VAL B 102 5.66 -59.25 -13.38
N VAL B 103 6.79 -58.96 -12.72
CA VAL B 103 6.74 -58.70 -11.28
C VAL B 103 5.82 -57.52 -10.99
N SER B 104 5.97 -56.42 -11.75
CA SER B 104 5.13 -55.26 -11.55
C SER B 104 3.68 -55.54 -11.93
N ILE B 105 3.44 -56.38 -12.95
CA ILE B 105 2.05 -56.65 -13.33
C ILE B 105 1.34 -57.46 -12.24
N VAL B 106 2.03 -58.48 -11.69
CA VAL B 106 1.44 -59.30 -10.64
C VAL B 106 1.21 -58.47 -9.39
N ARG B 107 2.19 -57.64 -9.01
CA ARG B 107 2.01 -56.82 -7.81
C ARG B 107 0.87 -55.81 -8.00
N PHE B 108 0.69 -55.30 -9.23
CA PHE B 108 -0.39 -54.35 -9.49
C PHE B 108 -1.76 -55.05 -9.38
N LEU B 109 -1.90 -56.20 -10.03
CA LEU B 109 -3.16 -56.92 -10.01
C LEU B 109 -3.36 -57.80 -8.76
N GLU B 110 -2.45 -57.72 -7.78
CA GLU B 110 -2.59 -58.52 -6.57
C GLU B 110 -3.81 -58.11 -5.73
N LYS B 111 -4.29 -56.88 -5.89
CA LYS B 111 -5.44 -56.39 -5.15
C LYS B 111 -6.76 -56.59 -5.91
N TYR B 112 -6.71 -57.20 -7.10
CA TYR B 112 -7.88 -57.44 -7.92
C TYR B 112 -8.34 -58.89 -7.91
N LYS B 113 -7.67 -59.76 -7.17
CA LYS B 113 -8.06 -61.17 -7.12
C LYS B 113 -9.42 -61.32 -6.47
N ASP B 114 -10.08 -62.44 -6.78
CA ASP B 114 -11.41 -62.69 -6.22
C ASP B 114 -11.36 -62.82 -4.70
N LEU B 115 -10.22 -63.23 -4.14
CA LEU B 115 -10.11 -63.36 -2.70
C LEU B 115 -9.94 -62.00 -2.03
N ALA B 116 -9.29 -61.04 -2.70
CA ALA B 116 -9.11 -59.71 -2.14
C ALA B 116 -10.43 -58.98 -2.00
N GLN B 117 -11.31 -59.12 -2.99
CA GLN B 117 -12.64 -58.49 -2.97
C GLN B 117 -13.62 -59.56 -2.52
N LYS B 118 -13.66 -59.77 -1.21
CA LYS B 118 -14.54 -60.78 -0.63
C LYS B 118 -15.57 -60.20 0.34
N ASP B 119 -15.26 -59.10 1.01
CA ASP B 119 -16.20 -58.52 1.95
C ASP B 119 -17.35 -57.84 1.21
N ASP B 120 -18.59 -58.20 1.58
CA ASP B 120 -19.76 -57.61 0.96
C ASP B 120 -20.15 -56.28 1.60
N MET B 121 -19.52 -55.92 2.72
CA MET B 121 -19.82 -54.67 3.40
C MET B 121 -19.06 -53.49 2.80
N ILE B 122 -18.09 -53.73 1.94
CA ILE B 122 -17.30 -52.65 1.33
C ILE B 122 -17.24 -52.80 -0.18
N PHE B 123 -17.74 -53.92 -0.70
CA PHE B 123 -17.74 -54.17 -2.13
C PHE B 123 -19.16 -54.31 -2.65
N GLU B 124 -19.38 -53.84 -3.86
CA GLU B 124 -20.68 -53.86 -4.51
C GLU B 124 -20.52 -54.37 -5.94
N ASP B 125 -21.30 -55.38 -6.32
CA ASP B 125 -21.22 -55.94 -7.66
C ASP B 125 -21.91 -54.98 -8.63
N CYS B 126 -21.11 -54.23 -9.41
CA CYS B 126 -21.65 -53.26 -10.36
C CYS B 126 -22.45 -53.93 -11.46
N GLY B 127 -21.82 -54.77 -12.26
CA GLY B 127 -22.53 -55.44 -13.32
C GLY B 127 -21.63 -55.84 -14.46
N ASN B 128 -22.12 -56.77 -15.27
CA ASN B 128 -21.41 -57.29 -16.43
C ASN B 128 -21.48 -56.36 -17.63
N VAL B 129 -22.25 -55.28 -17.54
CA VAL B 129 -22.41 -54.32 -18.62
C VAL B 129 -22.14 -52.91 -18.10
N PRO B 130 -21.34 -52.11 -18.81
CA PRO B 130 -21.07 -50.75 -18.33
C PRO B 130 -22.34 -49.91 -18.30
N SER B 131 -22.63 -49.34 -17.13
CA SER B 131 -23.83 -48.54 -16.92
C SER B 131 -23.45 -47.08 -16.61
N GLU B 132 -24.47 -46.30 -16.27
CA GLU B 132 -24.31 -44.90 -15.95
C GLU B 132 -23.50 -44.71 -14.66
N LEU B 133 -23.15 -43.46 -14.39
CA LEU B 133 -22.37 -43.12 -13.21
C LEU B 133 -23.12 -43.44 -11.92
N LYS B 134 -22.37 -43.75 -10.87
CA LYS B 134 -22.92 -44.10 -9.56
C LYS B 134 -22.49 -43.07 -8.53
N GLU B 135 -23.40 -42.15 -8.21
CA GLU B 135 -23.14 -41.10 -7.23
C GLU B 135 -23.68 -41.54 -5.87
N ARG B 136 -22.77 -41.69 -4.90
CA ARG B 136 -23.15 -42.11 -3.55
C ARG B 136 -23.25 -40.89 -2.63
N GLY B 137 -24.28 -40.09 -2.87
CA GLY B 137 -24.54 -38.89 -2.09
C GLY B 137 -23.47 -37.82 -2.23
N GLU B 138 -23.35 -37.01 -1.19
CA GLU B 138 -22.37 -35.94 -1.14
C GLU B 138 -21.04 -36.47 -0.60
N TYR B 139 -20.02 -35.60 -0.59
CA TYR B 139 -18.69 -35.97 -0.13
C TYR B 139 -18.49 -35.81 1.37
N ASN B 140 -19.52 -35.43 2.13
CA ASN B 140 -19.36 -35.25 3.57
C ASN B 140 -19.28 -36.61 4.27
N ASN B 141 -19.17 -36.57 5.60
CA ASN B 141 -19.09 -37.78 6.41
C ASN B 141 -20.43 -38.14 7.02
N GLU B 142 -21.53 -37.48 6.60
CA GLU B 142 -22.84 -37.80 7.13
C GLU B 142 -23.21 -39.25 6.83
N ARG B 143 -22.77 -39.75 5.69
CA ARG B 143 -22.98 -41.15 5.31
C ARG B 143 -21.78 -41.96 5.76
N GLY B 144 -21.97 -43.27 5.89
CA GLY B 144 -20.88 -44.12 6.32
C GLY B 144 -19.83 -44.31 5.23
N GLU B 145 -19.00 -45.33 5.39
CA GLU B 145 -17.97 -45.60 4.39
C GLU B 145 -18.64 -46.13 3.13
N ARG B 146 -18.50 -45.39 2.03
CA ARG B 146 -19.12 -45.76 0.75
C ARG B 146 -18.62 -47.12 0.26
N LYS B 147 -19.38 -47.68 -0.69
CA LYS B 147 -19.04 -48.95 -1.30
C LYS B 147 -18.21 -48.74 -2.55
N VAL B 148 -17.38 -49.74 -2.88
CA VAL B 148 -16.52 -49.70 -4.05
C VAL B 148 -16.96 -50.81 -4.99
N CYS B 149 -17.24 -50.46 -6.24
CA CYS B 149 -17.66 -51.47 -7.20
C CYS B 149 -16.51 -52.41 -7.51
N ARG B 150 -16.83 -53.70 -7.56
CA ARG B 150 -15.86 -54.75 -7.83
C ARG B 150 -15.43 -54.75 -9.30
N PHE B 151 -14.23 -55.28 -9.54
CA PHE B 151 -13.66 -55.40 -10.89
C PHE B 151 -12.75 -56.64 -10.88
N ARG B 152 -13.32 -57.77 -11.29
CA ARG B 152 -12.58 -59.03 -11.33
C ARG B 152 -11.62 -59.05 -12.52
N LEU B 153 -10.52 -59.79 -12.37
CA LEU B 153 -9.52 -59.86 -13.42
C LEU B 153 -10.05 -60.49 -14.71
N GLU B 154 -11.16 -61.23 -14.63
CA GLU B 154 -11.73 -61.86 -15.81
C GLU B 154 -12.13 -60.87 -16.89
N TRP B 155 -12.40 -59.62 -16.53
CA TRP B 155 -12.80 -58.63 -17.54
C TRP B 155 -11.72 -58.39 -18.58
N LEU B 156 -10.44 -58.47 -18.19
CA LEU B 156 -9.33 -58.29 -19.12
C LEU B 156 -9.00 -59.65 -19.72
N GLY B 157 -9.72 -60.02 -20.78
CA GLY B 157 -9.48 -61.29 -21.41
C GLY B 157 -8.11 -61.38 -22.06
N ASN B 158 -7.57 -62.60 -22.09
CA ASN B 158 -6.26 -62.91 -22.67
C ASN B 158 -5.09 -62.20 -21.99
N CYS B 159 -5.37 -61.42 -20.94
CA CYS B 159 -4.32 -60.75 -20.18
C CYS B 159 -4.60 -60.90 -18.68
N SER B 160 -5.32 -61.96 -18.30
CA SER B 160 -5.58 -62.23 -16.89
C SER B 160 -5.26 -63.67 -16.57
N GLY B 161 -5.97 -64.59 -17.23
CA GLY B 161 -5.78 -66.01 -17.04
C GLY B 161 -6.18 -66.46 -15.65
N LEU B 162 -6.01 -67.76 -15.43
CA LEU B 162 -6.25 -68.41 -14.15
C LEU B 162 -4.94 -69.05 -13.71
N ASN B 163 -3.86 -68.31 -13.91
CA ASN B 163 -2.51 -68.74 -13.58
C ASN B 163 -2.33 -68.85 -12.07
N ASP B 164 -1.18 -69.40 -11.69
CA ASP B 164 -0.79 -69.59 -10.30
C ASP B 164 -0.28 -68.27 -9.74
N GLU B 165 0.49 -68.33 -8.65
CA GLU B 165 1.05 -67.14 -8.04
C GLU B 165 1.74 -66.22 -9.05
N THR B 166 2.29 -66.79 -10.14
CA THR B 166 2.96 -66.04 -11.19
C THR B 166 2.07 -66.05 -12.43
N TYR B 167 1.59 -64.86 -12.82
CA TYR B 167 0.72 -64.72 -13.98
C TYR B 167 1.54 -64.93 -15.24
N GLY B 168 1.49 -66.14 -15.80
CA GLY B 168 2.22 -66.43 -17.02
C GLY B 168 1.60 -65.58 -18.10
N TYR B 169 2.25 -64.47 -18.41
CA TYR B 169 1.73 -63.54 -19.40
C TYR B 169 2.20 -63.92 -20.80
N LYS B 170 2.06 -62.96 -21.71
CA LYS B 170 2.39 -63.18 -23.10
C LYS B 170 3.86 -62.85 -23.36
N ASP B 171 4.59 -63.85 -23.85
CA ASP B 171 5.99 -63.67 -24.21
C ASP B 171 6.02 -63.03 -25.59
N GLY B 172 5.45 -63.71 -26.57
CA GLY B 172 5.28 -63.14 -27.88
C GLY B 172 3.94 -62.44 -27.78
N LYS B 173 3.79 -61.30 -28.47
CA LYS B 173 2.54 -60.53 -28.44
C LYS B 173 2.22 -60.11 -27.00
N PRO B 174 3.00 -59.20 -26.40
CA PRO B 174 2.77 -58.82 -24.99
C PRO B 174 1.48 -58.06 -24.73
N CYS B 175 1.18 -57.96 -23.43
CA CYS B 175 0.01 -57.27 -22.88
C CYS B 175 0.45 -56.03 -22.12
N VAL B 176 -0.29 -54.93 -22.30
CA VAL B 176 -0.02 -53.68 -21.60
C VAL B 176 -1.38 -53.06 -21.25
N ILE B 177 -1.79 -53.15 -19.99
CA ILE B 177 -3.07 -52.58 -19.60
C ILE B 177 -2.87 -51.09 -19.31
N ILE B 178 -3.95 -50.33 -19.48
CA ILE B 178 -3.92 -48.88 -19.26
C ILE B 178 -4.84 -48.57 -18.09
N LYS B 179 -4.55 -47.47 -17.40
CA LYS B 179 -5.32 -47.05 -16.24
C LYS B 179 -5.52 -45.54 -16.27
N LEU B 180 -6.73 -45.11 -15.90
CA LEU B 180 -7.09 -43.71 -15.85
C LEU B 180 -6.75 -43.17 -14.46
N ASN B 181 -6.08 -42.03 -14.43
CA ASN B 181 -5.67 -41.41 -13.18
C ASN B 181 -6.86 -41.13 -12.27
N ARG B 182 -6.83 -41.78 -11.11
CA ARG B 182 -7.88 -41.63 -10.10
C ARG B 182 -7.95 -40.19 -9.65
N VAL B 183 -9.09 -39.54 -9.87
CA VAL B 183 -9.29 -38.15 -9.48
C VAL B 183 -10.56 -38.06 -8.64
N LEU B 184 -10.49 -37.32 -7.54
CA LEU B 184 -11.63 -37.15 -6.65
C LEU B 184 -12.71 -36.30 -7.31
N GLY B 185 -13.95 -36.79 -7.25
CA GLY B 185 -15.10 -36.11 -7.82
C GLY B 185 -15.10 -35.96 -9.33
N PHE B 186 -14.13 -36.57 -10.00
CA PHE B 186 -14.05 -36.46 -11.45
C PHE B 186 -15.09 -37.36 -12.10
N LYS B 187 -15.90 -36.77 -12.98
CA LYS B 187 -16.95 -37.48 -13.70
C LYS B 187 -16.53 -37.57 -15.17
N PRO B 188 -16.08 -38.73 -15.64
CA PRO B 188 -15.68 -38.85 -17.04
C PRO B 188 -16.86 -38.63 -17.97
N LYS B 189 -16.61 -37.90 -19.06
CA LYS B 189 -17.63 -37.60 -20.05
C LYS B 189 -17.11 -38.04 -21.41
N PRO B 190 -17.58 -39.18 -21.94
CA PRO B 190 -17.12 -39.65 -23.24
C PRO B 190 -17.56 -38.71 -24.35
N PRO B 191 -16.94 -38.79 -25.53
CA PRO B 191 -17.34 -37.88 -26.62
C PRO B 191 -18.77 -38.14 -27.06
N LYS B 192 -19.36 -37.11 -27.66
CA LYS B 192 -20.73 -37.18 -28.15
C LYS B 192 -20.82 -38.23 -29.26
N ASN B 193 -22.06 -38.59 -29.64
CA ASN B 193 -22.22 -39.55 -30.73
C ASN B 193 -21.64 -38.98 -32.02
N GLU B 194 -21.51 -37.65 -32.08
CA GLU B 194 -20.88 -36.92 -33.18
C GLU B 194 -19.38 -37.02 -32.93
N SER B 195 -18.84 -38.22 -33.13
CA SER B 195 -17.43 -38.48 -32.90
C SER B 195 -16.63 -37.96 -34.09
N LEU B 196 -15.71 -37.04 -33.81
CA LEU B 196 -14.87 -36.41 -34.84
C LEU B 196 -13.71 -37.32 -35.24
N GLU B 197 -14.04 -38.36 -36.03
CA GLU B 197 -13.05 -39.30 -36.56
C GLU B 197 -12.22 -39.95 -35.44
N THR B 198 -12.83 -40.88 -34.72
CA THR B 198 -12.14 -41.48 -33.58
C THR B 198 -11.60 -42.90 -33.79
N TYR B 199 -11.15 -43.31 -35.02
CA TYR B 199 -10.54 -44.65 -35.18
C TYR B 199 -11.42 -45.82 -34.76
N PRO B 200 -11.98 -46.63 -35.73
CA PRO B 200 -12.96 -47.70 -35.42
C PRO B 200 -13.05 -48.16 -33.97
N VAL B 201 -14.25 -47.94 -33.45
CA VAL B 201 -14.59 -48.21 -32.05
C VAL B 201 -16.02 -48.69 -32.00
N MET B 202 -16.37 -49.40 -30.92
CA MET B 202 -17.71 -49.94 -30.79
C MET B 202 -18.73 -48.82 -30.57
N LYS B 203 -20.01 -49.17 -30.79
CA LYS B 203 -21.11 -48.24 -30.64
C LYS B 203 -21.54 -48.04 -29.19
N TYR B 204 -20.73 -48.46 -28.22
CA TYR B 204 -21.08 -48.25 -26.82
C TYR B 204 -20.55 -46.91 -26.33
N ASN B 205 -20.83 -45.89 -27.14
CA ASN B 205 -20.37 -44.54 -26.83
C ASN B 205 -20.92 -43.92 -25.54
N PRO B 206 -22.17 -44.21 -25.02
CA PRO B 206 -22.60 -43.48 -23.82
C PRO B 206 -22.11 -43.91 -22.45
N TYR B 207 -21.80 -45.18 -22.18
CA TYR B 207 -21.39 -45.53 -20.82
C TYR B 207 -19.99 -46.13 -20.71
N VAL B 208 -19.02 -45.57 -21.42
CA VAL B 208 -17.64 -46.03 -21.33
C VAL B 208 -16.75 -44.96 -21.95
N LEU B 209 -15.61 -44.70 -21.28
CA LEU B 209 -14.62 -43.74 -21.72
C LEU B 209 -13.72 -44.45 -22.72
N PRO B 210 -13.80 -44.06 -23.99
CA PRO B 210 -13.00 -44.73 -25.02
C PRO B 210 -11.51 -44.42 -24.92
N VAL B 211 -10.70 -45.40 -25.31
CA VAL B 211 -9.25 -45.31 -25.33
C VAL B 211 -8.79 -46.06 -26.56
N HIS B 212 -8.11 -45.37 -27.48
CA HIS B 212 -7.65 -46.00 -28.70
C HIS B 212 -6.14 -45.82 -28.85
N CYS B 213 -5.45 -46.92 -29.16
CA CYS B 213 -4.01 -46.90 -29.35
C CYS B 213 -3.70 -46.86 -30.85
N THR B 214 -2.50 -46.37 -31.17
CA THR B 214 -2.06 -46.26 -32.56
C THR B 214 -0.55 -46.05 -32.55
N GLY B 215 0.04 -45.97 -33.73
CA GLY B 215 1.46 -45.73 -33.82
C GLY B 215 1.70 -44.25 -33.62
N LYS B 216 2.84 -43.78 -34.10
CA LYS B 216 3.15 -42.36 -33.98
C LYS B 216 3.43 -41.69 -35.31
N ARG B 217 3.93 -42.44 -36.29
CA ARG B 217 4.22 -41.89 -37.61
C ARG B 217 3.89 -42.97 -38.64
N ASP B 218 4.22 -42.69 -39.90
CA ASP B 218 3.96 -43.65 -40.97
C ASP B 218 4.70 -44.96 -40.79
N GLU B 219 5.81 -44.95 -40.05
CA GLU B 219 6.61 -46.15 -39.82
C GLU B 219 6.05 -47.01 -38.67
N ASP B 220 5.81 -46.39 -37.52
CA ASP B 220 5.28 -47.12 -36.37
C ASP B 220 3.90 -47.69 -36.66
N LYS B 221 3.05 -46.93 -37.36
CA LYS B 221 1.70 -47.40 -37.67
C LYS B 221 1.73 -48.61 -38.60
N GLU B 222 2.78 -48.78 -39.39
CA GLU B 222 2.87 -49.92 -40.28
C GLU B 222 3.50 -51.13 -39.59
N LYS B 223 4.49 -50.90 -38.73
CA LYS B 223 5.13 -52.02 -38.03
C LYS B 223 4.15 -52.72 -37.09
N VAL B 224 3.30 -51.96 -36.40
CA VAL B 224 2.31 -52.51 -35.47
C VAL B 224 1.16 -53.04 -36.32
N GLY B 225 1.10 -54.37 -36.49
CA GLY B 225 0.06 -54.98 -37.29
C GLY B 225 -1.35 -54.99 -36.73
N THR B 226 -1.59 -55.75 -35.67
CA THR B 226 -2.92 -55.85 -35.07
C THR B 226 -2.88 -55.68 -33.56
N MET B 227 -3.86 -54.98 -33.03
CA MET B 227 -4.02 -54.72 -31.61
C MET B 227 -5.38 -55.23 -31.17
N GLU B 228 -5.43 -55.88 -30.02
CA GLU B 228 -6.66 -56.42 -29.45
C GLU B 228 -6.87 -55.81 -28.07
N TYR B 229 -8.01 -55.16 -27.89
CA TYR B 229 -8.37 -54.49 -26.65
C TYR B 229 -9.28 -55.39 -25.81
N PHE B 230 -9.20 -55.22 -24.48
CA PHE B 230 -10.00 -56.00 -23.55
C PHE B 230 -10.52 -55.10 -22.43
N GLY B 231 -11.79 -55.23 -22.10
CA GLY B 231 -12.38 -54.43 -21.05
C GLY B 231 -13.63 -55.06 -20.45
N LEU B 232 -14.40 -54.23 -19.74
CA LEU B 232 -15.63 -54.67 -19.11
C LEU B 232 -16.63 -55.04 -20.19
N GLY B 233 -16.95 -56.33 -20.30
CA GLY B 233 -17.89 -56.79 -21.31
C GLY B 233 -17.36 -56.76 -22.72
N GLY B 234 -16.08 -56.44 -22.91
CA GLY B 234 -15.49 -56.39 -24.23
C GLY B 234 -15.38 -55.01 -24.86
N TYR B 235 -15.43 -53.94 -24.07
CA TYR B 235 -15.34 -52.59 -24.62
C TYR B 235 -13.99 -51.98 -24.30
N PRO B 236 -13.35 -51.35 -25.27
CA PRO B 236 -12.03 -50.72 -25.06
C PRO B 236 -12.11 -49.39 -24.33
N GLY B 237 -12.36 -49.45 -23.02
CA GLY B 237 -12.46 -48.23 -22.26
C GLY B 237 -12.74 -48.48 -20.80
N PHE B 238 -13.14 -47.42 -20.12
CA PHE B 238 -13.45 -47.49 -18.68
C PHE B 238 -14.94 -47.28 -18.44
N PRO B 239 -15.62 -48.17 -17.71
CA PRO B 239 -17.06 -47.98 -17.47
C PRO B 239 -17.35 -46.82 -16.53
N LEU B 240 -18.43 -46.09 -16.81
CA LEU B 240 -18.84 -44.95 -16.00
C LEU B 240 -19.40 -45.35 -14.64
N GLN B 241 -19.75 -46.62 -14.45
CA GLN B 241 -20.31 -47.09 -13.19
C GLN B 241 -19.29 -47.09 -12.05
N TYR B 242 -18.01 -46.85 -12.33
CA TYR B 242 -16.98 -46.82 -11.31
C TYR B 242 -16.58 -45.41 -10.88
N TYR B 243 -17.23 -44.38 -11.42
CA TYR B 243 -16.90 -43.00 -11.10
C TYR B 243 -18.10 -42.27 -10.50
N PRO B 244 -17.87 -41.19 -9.73
CA PRO B 244 -16.58 -40.57 -9.36
C PRO B 244 -15.91 -41.14 -8.10
N TYR B 245 -14.68 -40.71 -7.86
CA TYR B 245 -13.91 -41.14 -6.70
C TYR B 245 -14.24 -40.23 -5.51
N TYR B 246 -14.34 -40.83 -4.32
CA TYR B 246 -14.69 -40.10 -3.10
C TYR B 246 -13.55 -40.05 -2.08
N GLY B 247 -12.31 -39.99 -2.54
CA GLY B 247 -11.16 -39.91 -1.65
C GLY B 247 -10.79 -41.23 -0.99
N LYS B 248 -9.54 -41.31 -0.55
CA LYS B 248 -9.04 -42.52 0.12
C LYS B 248 -9.67 -42.69 1.50
N LEU B 249 -9.97 -41.59 2.18
CA LEU B 249 -10.56 -41.64 3.51
C LEU B 249 -11.96 -42.26 3.48
N LEU B 250 -12.79 -41.85 2.53
CA LEU B 250 -14.14 -42.37 2.42
C LEU B 250 -14.25 -43.64 1.60
N GLN B 251 -13.32 -43.89 0.67
CA GLN B 251 -13.34 -45.08 -0.17
C GLN B 251 -12.00 -45.79 -0.21
N PRO B 252 -11.60 -46.42 0.89
CA PRO B 252 -10.34 -47.16 0.89
C PRO B 252 -10.53 -48.46 0.13
N LYS B 253 -9.41 -49.00 -0.36
CA LYS B 253 -9.42 -50.25 -1.14
C LYS B 253 -10.27 -50.10 -2.39
N TYR B 254 -10.26 -48.91 -2.98
CA TYR B 254 -11.02 -48.64 -4.19
C TYR B 254 -10.27 -49.21 -5.38
N LEU B 255 -11.02 -49.76 -6.34
CA LEU B 255 -10.43 -50.38 -7.53
C LEU B 255 -10.87 -49.62 -8.79
N GLN B 256 -9.98 -48.78 -9.32
CA GLN B 256 -10.28 -48.02 -10.53
C GLN B 256 -10.39 -48.99 -11.72
N PRO B 257 -11.14 -48.60 -12.76
CA PRO B 257 -11.28 -49.50 -13.91
C PRO B 257 -9.97 -49.72 -14.64
N LEU B 258 -9.86 -50.88 -15.27
CA LEU B 258 -8.69 -51.27 -16.04
C LEU B 258 -9.13 -51.71 -17.43
N MET B 259 -8.19 -51.62 -18.37
CA MET B 259 -8.44 -52.00 -19.76
C MET B 259 -7.11 -52.45 -20.35
N ALA B 260 -7.04 -53.70 -20.80
CA ALA B 260 -5.81 -54.24 -21.36
C ALA B 260 -5.73 -54.04 -22.87
N VAL B 261 -4.49 -54.01 -23.37
CA VAL B 261 -4.19 -53.85 -24.79
C VAL B 261 -3.08 -54.81 -25.15
N GLN B 262 -3.31 -55.66 -26.15
CA GLN B 262 -2.34 -56.64 -26.61
C GLN B 262 -1.94 -56.34 -28.04
N PHE B 263 -0.65 -56.41 -28.33
CA PHE B 263 -0.13 -56.14 -29.67
C PHE B 263 0.25 -57.49 -30.29
N THR B 264 -0.68 -58.04 -31.07
CA THR B 264 -0.46 -59.36 -31.68
C THR B 264 0.58 -59.33 -32.80
N ASN B 265 0.32 -58.59 -33.86
CA ASN B 265 1.25 -58.58 -35.00
C ASN B 265 2.30 -57.49 -34.87
N LEU B 266 3.38 -57.81 -34.18
CA LEU B 266 4.48 -56.87 -34.03
C LEU B 266 5.67 -57.36 -34.85
N THR B 267 6.53 -56.42 -35.23
CA THR B 267 7.73 -56.72 -35.99
C THR B 267 8.84 -56.97 -34.98
N MET B 268 9.15 -58.24 -34.73
CA MET B 268 10.18 -58.60 -33.75
C MET B 268 11.53 -57.98 -34.11
N ASP B 269 12.32 -57.69 -33.06
CA ASP B 269 13.65 -57.10 -33.17
C ASP B 269 13.59 -55.69 -33.78
N THR B 270 12.55 -54.93 -33.44
CA THR B 270 12.36 -53.57 -33.93
C THR B 270 11.63 -52.75 -32.88
N GLU B 271 12.21 -51.61 -32.52
CA GLU B 271 11.61 -50.73 -31.52
C GLU B 271 10.58 -49.84 -32.21
N ILE B 272 9.30 -50.00 -31.84
CA ILE B 272 8.21 -49.22 -32.42
C ILE B 272 7.47 -48.47 -31.33
N ARG B 273 7.06 -47.25 -31.68
CA ARG B 273 6.37 -46.35 -30.77
C ARG B 273 4.86 -46.47 -30.91
N ILE B 274 4.19 -46.53 -29.75
CA ILE B 274 2.74 -46.65 -29.65
C ILE B 274 2.24 -45.52 -28.77
N GLU B 275 1.15 -44.88 -29.20
CA GLU B 275 0.49 -43.79 -28.49
C GLU B 275 -0.95 -44.19 -28.24
N CYS B 276 -1.29 -44.42 -26.97
CA CYS B 276 -2.64 -44.80 -26.56
C CYS B 276 -3.30 -43.51 -26.08
N LYS B 277 -4.17 -42.95 -26.91
CA LYS B 277 -4.85 -41.71 -26.62
C LYS B 277 -6.27 -42.00 -26.13
N ALA B 278 -6.59 -41.46 -24.95
CA ALA B 278 -7.91 -41.61 -24.36
C ALA B 278 -8.73 -40.41 -24.82
N TYR B 279 -9.93 -40.67 -25.34
CA TYR B 279 -10.80 -39.63 -25.86
C TYR B 279 -11.96 -39.33 -24.92
N GLY B 280 -12.39 -38.08 -24.97
CA GLY B 280 -13.49 -37.61 -24.16
C GLY B 280 -13.47 -36.10 -24.05
N GLU B 281 -14.60 -35.55 -23.61
CA GLU B 281 -14.70 -34.11 -23.46
C GLU B 281 -13.97 -33.63 -22.21
N ASN B 282 -14.10 -34.37 -21.11
CA ASN B 282 -13.44 -34.06 -19.86
C ASN B 282 -12.00 -34.57 -19.81
N ILE B 283 -11.44 -34.98 -20.95
CA ILE B 283 -10.09 -35.50 -21.02
C ILE B 283 -9.27 -34.52 -21.85
N GLY B 284 -8.34 -33.82 -21.20
CA GLY B 284 -7.50 -32.87 -21.88
C GLY B 284 -6.17 -33.49 -22.31
N TYR B 285 -5.39 -32.70 -23.04
CA TYR B 285 -4.09 -33.13 -23.53
C TYR B 285 -3.07 -32.05 -23.22
N SER B 286 -1.81 -32.34 -23.50
CA SER B 286 -0.74 -31.38 -23.24
C SER B 286 0.48 -31.70 -24.08
N GLU B 287 1.00 -30.69 -24.79
CA GLU B 287 2.18 -30.90 -25.61
C GLU B 287 3.44 -31.01 -24.76
N LYS B 288 3.37 -30.61 -23.49
CA LYS B 288 4.47 -30.67 -22.55
C LYS B 288 4.44 -31.94 -21.69
N ASP B 289 3.26 -32.43 -21.37
CA ASP B 289 3.08 -33.64 -20.58
C ASP B 289 2.48 -34.67 -21.53
N ARG B 290 3.32 -35.59 -22.01
CA ARG B 290 2.87 -36.63 -22.91
C ARG B 290 1.99 -37.67 -22.23
N PHE B 291 1.71 -37.51 -20.94
CA PHE B 291 0.88 -38.43 -20.19
C PHE B 291 -0.52 -37.90 -19.91
N GLN B 292 -0.74 -36.59 -19.99
CA GLN B 292 -2.05 -36.00 -19.77
C GLN B 292 -2.98 -36.39 -20.90
N GLY B 293 -3.93 -37.27 -20.63
CA GLY B 293 -4.87 -37.71 -21.66
C GLY B 293 -4.31 -38.82 -22.54
N ARG B 294 -3.15 -38.59 -23.14
CA ARG B 294 -2.53 -39.59 -24.00
C ARG B 294 -1.54 -40.43 -23.19
N PHE B 295 -0.82 -41.33 -23.88
CA PHE B 295 0.13 -42.22 -23.23
C PHE B 295 1.04 -42.82 -24.31
N ASP B 296 2.35 -42.86 -24.04
CA ASP B 296 3.34 -43.37 -24.99
C ASP B 296 4.07 -44.61 -24.46
N VAL B 297 4.54 -45.43 -25.40
CA VAL B 297 5.26 -46.67 -25.08
C VAL B 297 6.15 -47.02 -26.26
N LYS B 298 7.31 -47.62 -25.97
CA LYS B 298 8.29 -48.04 -26.98
C LYS B 298 8.48 -49.55 -26.83
N ILE B 299 7.74 -50.34 -27.61
CA ILE B 299 7.82 -51.79 -27.51
C ILE B 299 8.85 -52.34 -28.50
N GLU B 300 9.63 -53.34 -28.04
CA GLU B 300 10.66 -53.99 -28.88
C GLU B 300 10.84 -55.42 -28.35
N VAL B 301 10.22 -56.39 -29.04
CA VAL B 301 10.33 -57.81 -28.64
C VAL B 301 11.48 -58.39 -29.46
N LYS B 302 12.70 -58.20 -28.96
CA LYS B 302 13.89 -58.69 -29.65
C LYS B 302 14.12 -60.16 -29.28
N SER B 303 14.15 -61.02 -30.30
CA SER B 303 14.36 -62.45 -30.09
C SER B 303 15.83 -62.84 -30.14
N ASP C 17 -17.12 -26.51 -13.60
CA ASP C 17 -16.41 -27.56 -12.86
C ASP C 17 -15.40 -26.99 -11.88
N PRO C 18 -15.23 -27.65 -10.72
CA PRO C 18 -14.24 -27.17 -9.74
C PRO C 18 -12.80 -27.45 -10.13
N PHE C 19 -12.59 -27.96 -11.33
CA PHE C 19 -11.27 -28.27 -11.85
C PHE C 19 -10.76 -27.21 -12.81
N TYR C 20 -11.37 -26.03 -12.81
CA TYR C 20 -10.98 -24.92 -13.67
C TYR C 20 -10.68 -23.70 -12.81
N TYR C 21 -9.49 -23.14 -12.97
CA TYR C 21 -9.06 -21.97 -12.23
C TYR C 21 -8.95 -20.80 -13.19
N ASP C 22 -9.42 -19.63 -12.76
CA ASP C 22 -9.36 -18.41 -13.57
C ASP C 22 -7.96 -17.80 -13.44
N TYR C 23 -6.99 -18.49 -14.05
CA TYR C 23 -5.61 -18.03 -14.03
C TYR C 23 -5.42 -16.76 -14.82
N GLU C 24 -6.19 -16.58 -15.90
CA GLU C 24 -6.02 -15.38 -16.70
C GLU C 24 -6.43 -14.12 -15.94
N THR C 25 -7.47 -14.19 -15.10
CA THR C 25 -7.87 -13.02 -14.31
C THR C 25 -6.84 -12.71 -13.22
N VAL C 26 -6.35 -13.74 -12.52
CA VAL C 26 -5.36 -13.54 -11.47
C VAL C 26 -4.07 -13.01 -12.07
N ARG C 27 -3.65 -13.57 -13.21
CA ARG C 27 -2.45 -13.13 -13.90
C ARG C 27 -2.59 -11.69 -14.36
N ASN C 28 -3.78 -11.33 -14.84
CA ASN C 28 -4.02 -9.96 -15.28
C ASN C 28 -3.86 -9.01 -14.10
N GLY C 29 -4.43 -9.38 -12.95
CA GLY C 29 -4.30 -8.53 -11.77
C GLY C 29 -2.85 -8.41 -11.29
N GLY C 30 -2.09 -9.50 -11.41
CA GLY C 30 -0.70 -9.46 -10.98
C GLY C 30 0.12 -8.49 -11.81
N LEU C 31 -0.12 -8.47 -13.13
CA LEU C 31 0.63 -7.53 -13.97
C LEU C 31 0.19 -6.09 -13.73
N ILE C 32 -1.11 -5.87 -13.49
CA ILE C 32 -1.56 -4.49 -13.23
C ILE C 32 -0.94 -3.99 -11.93
N PHE C 33 -0.81 -4.89 -10.94
CA PHE C 33 -0.17 -4.52 -9.69
C PHE C 33 1.29 -4.20 -9.94
N ALA C 34 1.96 -5.02 -10.76
CA ALA C 34 3.37 -4.79 -11.08
C ALA C 34 3.55 -3.47 -11.82
N ALA C 35 2.50 -3.00 -12.49
CA ALA C 35 2.57 -1.72 -13.18
C ALA C 35 2.37 -0.56 -12.23
N LEU C 36 1.34 -0.65 -11.38
CA LEU C 36 1.03 0.42 -10.44
C LEU C 36 2.13 0.60 -9.40
N ALA C 37 2.54 -0.49 -8.74
CA ALA C 37 3.56 -0.41 -7.70
C ALA C 37 4.89 0.10 -8.25
N PHE C 38 5.23 -0.27 -9.49
CA PHE C 38 6.49 0.18 -10.07
C PHE C 38 6.44 1.67 -10.45
N ILE C 39 5.40 2.09 -11.17
CA ILE C 39 5.34 3.50 -11.56
C ILE C 39 5.23 4.38 -10.32
N VAL C 40 4.53 3.90 -9.28
CA VAL C 40 4.45 4.69 -8.06
C VAL C 40 5.83 4.77 -7.40
N GLY C 41 6.61 3.69 -7.46
CA GLY C 41 7.96 3.76 -6.92
C GLY C 41 8.79 4.79 -7.67
N LEU C 42 8.57 4.90 -8.99
CA LEU C 42 9.25 5.90 -9.78
C LEU C 42 8.84 7.29 -9.31
N ILE C 43 7.56 7.48 -9.02
CA ILE C 43 7.07 8.76 -8.52
C ILE C 43 7.69 9.02 -7.15
N ILE C 44 7.98 7.95 -6.40
CA ILE C 44 8.58 8.07 -5.07
C ILE C 44 9.98 8.68 -5.16
N ILE C 45 10.83 8.11 -6.02
CA ILE C 45 12.19 8.66 -6.13
C ILE C 45 12.25 9.96 -6.92
N LEU C 46 11.12 10.45 -7.42
CA LEU C 46 11.06 11.73 -8.13
C LEU C 46 10.28 12.73 -7.28
N SER C 47 10.94 13.22 -6.22
CA SER C 47 10.27 14.16 -5.31
C SER C 47 10.09 15.55 -5.91
N LYS C 48 10.67 15.82 -7.07
CA LYS C 48 10.55 17.11 -7.76
C LYS C 48 10.91 18.31 -6.88
N LYS D 21 -67.69 7.26 9.87
CA LYS D 21 -68.47 6.04 9.77
C LYS D 21 -68.08 5.24 8.51
N GLU D 22 -66.91 5.52 7.94
CA GLU D 22 -66.46 4.83 6.74
C GLU D 22 -66.14 3.34 6.98
N ARG D 23 -66.11 2.93 8.25
CA ARG D 23 -65.84 1.53 8.59
C ARG D 23 -66.88 0.59 7.97
N ASP D 24 -68.16 0.94 8.10
CA ASP D 24 -69.22 0.12 7.53
C ASP D 24 -69.17 0.13 6.01
N MET D 25 -68.73 1.25 5.42
CA MET D 25 -68.63 1.31 3.96
C MET D 25 -67.63 0.28 3.47
N ASP D 26 -66.50 0.13 4.15
CA ASP D 26 -65.55 -0.89 3.71
C ASP D 26 -66.09 -2.30 3.96
N GLU D 27 -66.84 -2.49 5.06
CA GLU D 27 -67.38 -3.82 5.31
C GLU D 27 -68.44 -4.21 4.29
N LEU D 28 -69.11 -3.22 3.68
CA LEU D 28 -70.09 -3.53 2.64
C LEU D 28 -69.43 -3.83 1.30
N LYS D 29 -68.11 -3.71 1.23
CA LYS D 29 -67.31 -3.99 0.05
C LYS D 29 -66.51 -5.28 0.15
N LYS D 30 -66.13 -5.69 1.36
CA LYS D 30 -65.41 -6.97 1.51
C LYS D 30 -66.33 -8.17 1.31
N GLU D 31 -67.64 -7.94 1.29
CA GLU D 31 -68.64 -9.00 1.13
C GLU D 31 -68.75 -9.46 -0.31
N VAL D 32 -69.14 -10.72 -0.49
CA VAL D 32 -69.32 -11.26 -1.83
C VAL D 32 -70.53 -10.58 -2.45
N SER D 33 -70.48 -10.36 -3.77
CA SER D 33 -71.54 -9.64 -4.47
C SER D 33 -72.84 -10.45 -4.56
N MET D 34 -73.94 -9.71 -4.79
CA MET D 34 -75.29 -10.24 -4.94
C MET D 34 -75.94 -9.58 -6.15
N ASP D 35 -76.97 -10.23 -6.70
CA ASP D 35 -77.63 -9.70 -7.88
C ASP D 35 -79.08 -10.16 -7.95
N ASP D 36 -79.78 -9.64 -8.96
CA ASP D 36 -81.17 -9.95 -9.28
C ASP D 36 -81.26 -10.48 -10.70
N HIS D 37 -80.23 -11.22 -11.11
CA HIS D 37 -80.16 -11.75 -12.46
C HIS D 37 -81.24 -12.80 -12.74
N LYS D 38 -81.43 -13.75 -11.82
CA LYS D 38 -82.38 -14.84 -12.01
C LYS D 38 -83.82 -14.32 -11.95
N LEU D 39 -84.26 -13.77 -13.07
CA LEU D 39 -85.61 -13.23 -13.19
C LEU D 39 -86.11 -13.44 -14.60
N SER D 40 -87.43 -13.46 -14.75
CA SER D 40 -87.99 -13.60 -16.08
C SER D 40 -87.78 -12.29 -16.83
N LEU D 41 -87.82 -12.37 -18.16
CA LEU D 41 -87.62 -11.18 -18.98
C LEU D 41 -88.70 -10.14 -18.69
N ASP D 42 -89.93 -10.58 -18.46
CA ASP D 42 -91.01 -9.65 -18.15
C ASP D 42 -90.80 -8.98 -16.79
N GLU D 43 -90.36 -9.77 -15.80
CA GLU D 43 -90.13 -9.20 -14.47
C GLU D 43 -88.95 -8.24 -14.49
N LEU D 44 -87.90 -8.56 -15.26
CA LEU D 44 -86.75 -7.68 -15.35
C LEU D 44 -87.13 -6.37 -16.05
N HIS D 45 -87.89 -6.47 -17.15
CA HIS D 45 -88.34 -5.28 -17.87
C HIS D 45 -89.28 -4.43 -17.02
N ARG D 46 -90.07 -5.07 -16.15
CA ARG D 46 -90.98 -4.31 -15.29
C ARG D 46 -90.21 -3.59 -14.19
N LYS D 47 -89.24 -4.27 -13.58
CA LYS D 47 -88.47 -3.63 -12.51
C LYS D 47 -87.70 -2.41 -13.01
N TYR D 48 -87.14 -2.49 -14.22
CA TYR D 48 -86.37 -1.35 -14.72
C TYR D 48 -87.16 -0.40 -15.62
N GLY D 49 -88.36 -0.77 -16.07
CA GLY D 49 -89.15 0.09 -16.94
C GLY D 49 -88.43 0.36 -18.24
N THR D 50 -88.11 -0.71 -18.98
CA THR D 50 -87.39 -0.61 -20.23
C THR D 50 -87.88 -1.63 -21.24
N ASP D 51 -88.06 -1.18 -22.49
CA ASP D 51 -88.49 -2.07 -23.56
C ASP D 51 -87.37 -3.05 -23.89
N LEU D 52 -87.74 -4.29 -24.23
CA LEU D 52 -86.75 -5.33 -24.50
C LEU D 52 -86.08 -5.20 -25.87
N SER D 53 -86.80 -4.78 -26.90
CA SER D 53 -86.25 -4.63 -28.24
C SER D 53 -86.03 -3.18 -28.66
N ARG D 54 -86.42 -2.22 -27.83
CA ARG D 54 -86.26 -0.80 -28.14
C ARG D 54 -85.45 -0.04 -27.12
N GLY D 55 -85.41 -0.48 -25.88
CA GLY D 55 -84.69 0.20 -24.82
C GLY D 55 -85.59 1.22 -24.14
N LEU D 56 -85.23 2.49 -24.24
CA LEU D 56 -86.03 3.55 -23.65
C LEU D 56 -85.83 4.81 -24.46
N THR D 57 -86.63 5.82 -24.14
CA THR D 57 -86.52 7.08 -24.83
C THR D 57 -85.23 7.77 -24.43
N PRO D 58 -84.62 8.55 -25.33
CA PRO D 58 -83.39 9.26 -24.96
C PRO D 58 -83.60 10.19 -23.78
N ALA D 59 -84.83 10.68 -23.58
CA ALA D 59 -85.12 11.52 -22.43
C ALA D 59 -85.00 10.73 -21.13
N ARG D 60 -85.53 9.49 -21.13
CA ARG D 60 -85.43 8.64 -19.95
C ARG D 60 -83.96 8.29 -19.68
N ALA D 61 -83.17 8.17 -20.75
CA ALA D 61 -81.74 7.88 -20.60
C ALA D 61 -81.00 9.05 -19.96
N ALA D 62 -81.21 10.27 -20.48
CA ALA D 62 -80.54 11.44 -19.92
C ALA D 62 -81.03 11.73 -18.50
N GLU D 63 -82.27 11.32 -18.20
CA GLU D 63 -82.83 11.52 -16.87
C GLU D 63 -82.03 10.76 -15.81
N ILE D 64 -81.51 9.58 -16.19
CA ILE D 64 -80.67 8.83 -15.24
C ILE D 64 -79.22 9.34 -15.27
N LEU D 65 -78.77 9.83 -16.45
CA LEU D 65 -77.42 10.36 -16.60
C LEU D 65 -77.15 11.47 -15.61
N ALA D 66 -78.07 12.42 -15.49
CA ALA D 66 -77.89 13.49 -14.51
C ALA D 66 -78.47 13.12 -13.15
N ARG D 67 -78.60 11.82 -12.87
CA ARG D 67 -79.17 11.34 -11.62
C ARG D 67 -78.13 10.62 -10.75
N ASP D 68 -77.50 9.57 -11.26
CA ASP D 68 -76.53 8.84 -10.43
C ASP D 68 -75.08 9.04 -10.85
N GLY D 69 -74.81 9.79 -11.91
CA GLY D 69 -73.45 9.99 -12.36
C GLY D 69 -73.16 9.19 -13.61
N PRO D 70 -72.25 9.70 -14.45
CA PRO D 70 -71.91 8.98 -15.69
C PRO D 70 -71.29 7.62 -15.41
N ASN D 71 -71.47 6.70 -16.37
CA ASN D 71 -70.95 5.34 -16.25
C ASN D 71 -69.44 5.32 -16.40
N ALA D 72 -68.74 5.55 -15.28
CA ALA D 72 -67.30 5.57 -15.26
C ALA D 72 -66.86 5.54 -13.81
N LEU D 73 -65.81 4.81 -13.52
CA LEU D 73 -65.32 4.74 -12.15
C LEU D 73 -64.83 6.10 -11.71
N THR D 74 -65.17 6.48 -10.48
CA THR D 74 -64.72 7.75 -9.98
C THR D 74 -63.20 7.74 -9.99
N PRO D 75 -62.56 8.82 -10.42
CA PRO D 75 -61.10 8.85 -10.50
C PRO D 75 -60.46 8.51 -9.17
N PRO D 76 -59.22 8.07 -9.20
CA PRO D 76 -58.50 7.76 -7.97
C PRO D 76 -58.30 9.03 -7.16
N PRO D 77 -58.02 8.92 -5.89
CA PRO D 77 -57.74 10.11 -5.08
C PRO D 77 -56.35 10.60 -5.45
N THR D 78 -56.26 11.77 -6.06
CA THR D 78 -54.97 12.31 -6.49
C THR D 78 -54.03 12.56 -5.32
N THR D 79 -52.76 12.17 -5.50
CA THR D 79 -51.70 12.32 -4.49
C THR D 79 -50.70 13.36 -4.96
N PRO D 80 -50.79 14.61 -4.48
CA PRO D 80 -49.84 15.65 -4.92
C PRO D 80 -48.40 15.27 -4.61
N GLU D 81 -47.49 15.83 -5.39
CA GLU D 81 -46.08 15.50 -5.23
C GLU D 81 -45.44 16.10 -3.98
N TRP D 82 -45.95 17.22 -3.45
CA TRP D 82 -45.33 17.76 -2.24
C TRP D 82 -45.68 16.89 -1.04
N VAL D 83 -46.81 16.19 -1.11
CA VAL D 83 -47.22 15.32 -0.02
C VAL D 83 -46.20 14.22 0.18
N LYS D 84 -45.87 13.47 -0.88
CA LYS D 84 -44.89 12.41 -0.70
C LYS D 84 -43.48 12.95 -0.45
N PHE D 85 -43.19 14.24 -0.74
CA PHE D 85 -41.87 14.77 -0.40
C PHE D 85 -41.78 14.96 1.10
N CYS D 86 -42.81 15.61 1.67
CA CYS D 86 -42.84 15.74 3.12
C CYS D 86 -42.86 14.35 3.74
N ARG D 87 -43.42 13.36 3.02
CA ARG D 87 -43.42 11.98 3.51
C ARG D 87 -42.02 11.42 3.59
N GLN D 88 -41.19 11.65 2.55
CA GLN D 88 -39.83 11.14 2.56
C GLN D 88 -38.97 11.79 3.63
N LEU D 89 -39.37 12.98 4.09
CA LEU D 89 -38.59 13.66 5.13
C LEU D 89 -38.85 13.09 6.54
N PHE D 90 -39.87 12.26 6.71
CA PHE D 90 -40.29 11.66 7.97
C PHE D 90 -40.07 10.16 7.90
N GLY D 91 -40.93 9.37 8.52
CA GLY D 91 -40.79 7.92 8.50
C GLY D 91 -40.35 7.47 9.86
N GLY D 92 -39.27 6.70 9.93
CA GLY D 92 -38.82 6.33 11.25
C GLY D 92 -37.38 6.70 11.50
N PHE D 93 -36.52 6.42 10.53
CA PHE D 93 -35.10 6.72 10.70
C PHE D 93 -34.86 8.22 10.67
N SER D 94 -35.50 8.90 9.72
CA SER D 94 -35.36 10.35 9.61
C SER D 94 -35.93 11.06 10.84
N MET D 95 -36.94 10.47 11.46
CA MET D 95 -37.54 11.07 12.65
C MET D 95 -36.52 11.18 13.79
N LEU D 96 -35.64 10.18 13.89
CA LEU D 96 -34.61 10.18 14.92
C LEU D 96 -33.65 11.36 14.72
N LEU D 97 -33.22 11.59 13.47
CA LEU D 97 -32.32 12.71 13.22
C LEU D 97 -33.04 14.03 13.44
N TRP D 98 -34.37 14.04 13.35
CA TRP D 98 -35.09 15.29 13.61
C TRP D 98 -35.05 15.65 15.09
N ILE D 99 -35.36 14.67 15.97
CA ILE D 99 -35.32 14.97 17.40
C ILE D 99 -33.91 15.35 17.82
N GLY D 100 -32.90 14.79 17.15
CA GLY D 100 -31.54 15.17 17.46
C GLY D 100 -31.26 16.61 17.09
N ALA D 101 -31.73 17.05 15.92
CA ALA D 101 -31.53 18.44 15.52
C ALA D 101 -32.20 19.38 16.53
N ILE D 102 -33.37 18.97 17.01
CA ILE D 102 -34.09 19.77 18.01
C ILE D 102 -33.26 19.85 19.28
N LEU D 103 -32.68 18.73 19.71
CA LEU D 103 -31.86 18.73 20.91
C LEU D 103 -30.63 19.58 20.73
N CYS D 104 -30.14 19.69 19.49
CA CYS D 104 -28.98 20.53 19.24
C CYS D 104 -29.33 21.99 19.46
N PHE D 105 -30.49 22.41 18.93
CA PHE D 105 -30.89 23.80 19.15
C PHE D 105 -31.32 24.02 20.60
N LEU D 106 -31.77 22.96 21.28
CA LEU D 106 -32.16 23.07 22.68
C LEU D 106 -30.92 23.26 23.55
N ALA D 107 -29.89 22.45 23.31
CA ALA D 107 -28.63 22.55 24.05
C ALA D 107 -27.94 23.86 23.73
N TYR D 108 -27.98 24.29 22.46
CA TYR D 108 -27.37 25.56 22.10
C TYR D 108 -28.12 26.72 22.75
N GLY D 109 -29.45 26.60 22.91
CA GLY D 109 -30.20 27.64 23.58
C GLY D 109 -29.81 27.74 25.03
N ILE D 110 -29.48 26.61 25.65
CA ILE D 110 -29.02 26.63 27.05
C ILE D 110 -27.58 27.16 27.11
N GLN D 111 -26.76 26.79 26.12
CA GLN D 111 -25.34 27.15 26.05
C GLN D 111 -25.10 28.64 25.80
N ALA D 112 -25.79 29.20 24.81
CA ALA D 112 -25.60 30.61 24.48
C ALA D 112 -25.88 31.48 25.69
N ALA D 113 -27.07 31.34 26.26
CA ALA D 113 -27.45 32.11 27.42
C ALA D 113 -26.64 31.76 28.66
N THR D 114 -26.00 30.58 28.73
CA THR D 114 -25.27 30.36 29.98
C THR D 114 -23.77 30.57 29.92
N GLU D 115 -23.09 30.32 28.81
CA GLU D 115 -21.66 30.54 28.90
C GLU D 115 -21.19 31.64 27.95
N GLU D 116 -20.00 32.16 28.27
CA GLU D 116 -19.40 33.21 27.49
C GLU D 116 -18.85 32.61 26.21
N GLU D 117 -18.87 33.40 25.12
CA GLU D 117 -18.41 33.07 23.77
C GLU D 117 -18.64 31.59 23.46
N PRO D 118 -19.89 31.14 23.43
CA PRO D 118 -20.16 29.72 23.17
C PRO D 118 -19.59 29.30 21.83
N GLN D 119 -19.30 28.02 21.73
CA GLN D 119 -18.75 27.48 20.50
C GLN D 119 -19.92 27.08 19.60
N ASN D 120 -19.69 27.15 18.31
CA ASN D 120 -20.68 26.87 17.30
C ASN D 120 -20.81 25.40 16.97
N ASP D 121 -20.36 24.52 17.84
CA ASP D 121 -20.41 23.12 17.47
C ASP D 121 -21.82 22.55 17.48
N ASN D 122 -22.64 22.84 18.49
CA ASN D 122 -24.00 22.28 18.45
C ASN D 122 -24.82 22.90 17.34
N LEU D 123 -24.83 24.23 17.22
CA LEU D 123 -25.62 24.84 16.14
C LEU D 123 -25.17 24.32 14.80
N TYR D 124 -23.85 24.19 14.63
CA TYR D 124 -23.32 23.64 13.41
C TYR D 124 -23.85 22.21 13.21
N LEU D 125 -23.93 21.45 14.29
CA LEU D 125 -24.43 20.07 14.25
C LEU D 125 -25.94 20.00 13.98
N GLY D 126 -26.70 20.92 14.57
CA GLY D 126 -28.14 20.92 14.38
C GLY D 126 -28.50 21.20 12.94
N VAL D 127 -27.85 22.20 12.34
CA VAL D 127 -28.13 22.49 10.94
C VAL D 127 -27.64 21.34 10.07
N VAL D 128 -26.53 20.71 10.44
CA VAL D 128 -26.04 19.58 9.64
C VAL D 128 -27.04 18.42 9.69
N LEU D 129 -27.57 18.09 10.87
CA LEU D 129 -28.54 17.01 10.98
C LEU D 129 -29.80 17.29 10.17
N SER D 130 -30.27 18.55 10.20
CA SER D 130 -31.44 18.92 9.42
C SER D 130 -31.15 18.74 7.93
N ALA D 131 -29.94 19.14 7.50
CA ALA D 131 -29.58 18.97 6.10
C ALA D 131 -29.46 17.50 5.71
N VAL D 132 -29.02 16.65 6.63
CA VAL D 132 -28.90 15.22 6.35
C VAL D 132 -30.27 14.65 6.02
N VAL D 133 -31.25 15.00 6.84
CA VAL D 133 -32.59 14.49 6.57
C VAL D 133 -33.13 15.05 5.26
N ILE D 134 -32.89 16.34 4.99
CA ILE D 134 -33.41 16.93 3.76
C ILE D 134 -32.77 16.28 2.52
N ILE D 135 -31.45 16.11 2.53
CA ILE D 135 -30.75 15.52 1.39
C ILE D 135 -31.19 14.08 1.20
N THR D 136 -31.34 13.32 2.29
CA THR D 136 -31.79 11.94 2.16
C THR D 136 -33.23 11.91 1.65
N GLY D 137 -34.05 12.86 2.11
CA GLY D 137 -35.42 12.93 1.63
C GLY D 137 -35.48 13.25 0.15
N CYS D 138 -34.60 14.14 -0.30
CA CYS D 138 -34.55 14.51 -1.72
C CYS D 138 -34.05 13.35 -2.58
N PHE D 139 -33.02 12.64 -2.12
CA PHE D 139 -32.49 11.52 -2.91
C PHE D 139 -33.49 10.35 -2.98
N SER D 140 -34.07 9.98 -1.83
CA SER D 140 -35.04 8.89 -1.81
C SER D 140 -36.31 9.28 -2.59
N TYR D 141 -36.71 10.55 -2.50
CA TYR D 141 -37.88 11.00 -3.23
C TYR D 141 -37.61 10.95 -4.73
N TYR D 142 -36.38 11.26 -5.15
CA TYR D 142 -36.05 11.21 -6.56
C TYR D 142 -36.17 9.79 -7.10
N GLN D 143 -35.77 8.78 -6.30
CA GLN D 143 -35.89 7.41 -6.81
C GLN D 143 -37.35 6.93 -6.86
N GLU D 144 -38.14 7.22 -5.82
CA GLU D 144 -39.55 6.80 -5.86
C GLU D 144 -40.31 7.53 -6.97
N ALA D 145 -40.02 8.83 -7.15
CA ALA D 145 -40.66 9.60 -8.20
C ALA D 145 -40.25 9.08 -9.57
N LYS D 146 -39.00 8.62 -9.72
CA LYS D 146 -38.57 8.07 -11.01
C LYS D 146 -39.37 6.81 -11.31
N SER D 147 -39.68 6.03 -10.27
CA SER D 147 -40.51 4.86 -10.47
C SER D 147 -41.88 5.26 -11.02
N SER D 148 -42.48 6.31 -10.44
CA SER D 148 -43.78 6.77 -10.95
C SER D 148 -43.66 7.38 -12.35
N LYS D 149 -42.53 8.03 -12.64
CA LYS D 149 -42.30 8.66 -13.95
C LYS D 149 -42.30 7.63 -15.07
N ILE D 150 -41.80 6.42 -14.80
CA ILE D 150 -41.84 5.41 -15.84
C ILE D 150 -43.19 4.67 -15.81
N MET D 151 -43.89 4.68 -14.67
CA MET D 151 -45.19 4.02 -14.62
C MET D 151 -46.27 4.80 -15.37
N GLU D 152 -46.18 6.14 -15.39
CA GLU D 152 -47.17 6.93 -16.11
C GLU D 152 -47.06 6.74 -17.62
N SER D 153 -45.92 6.24 -18.10
CA SER D 153 -45.65 5.97 -19.51
C SER D 153 -46.30 4.67 -19.99
N PHE D 154 -47.12 4.05 -19.14
CA PHE D 154 -47.83 2.81 -19.47
C PHE D 154 -49.33 3.01 -19.62
N LYS D 155 -49.85 4.20 -19.30
CA LYS D 155 -51.27 4.52 -19.39
C LYS D 155 -51.65 4.94 -20.81
N ASN D 156 -52.55 4.18 -21.43
CA ASN D 156 -53.05 4.45 -22.79
C ASN D 156 -54.58 4.32 -22.83
N MET D 157 -55.28 5.04 -21.95
CA MET D 157 -56.75 4.95 -21.89
C MET D 157 -57.36 5.52 -23.17
N VAL D 158 -57.81 4.61 -24.05
CA VAL D 158 -58.44 4.96 -25.32
C VAL D 158 -59.96 5.06 -25.15
N PRO D 159 -60.59 6.16 -25.58
CA PRO D 159 -62.05 6.24 -25.45
C PRO D 159 -62.70 5.19 -26.32
N GLN D 160 -63.63 4.44 -25.73
CA GLN D 160 -64.33 3.37 -26.41
C GLN D 160 -65.82 3.63 -26.35
N GLN D 161 -66.41 3.99 -27.47
CA GLN D 161 -67.84 4.25 -27.52
C GLN D 161 -68.58 2.92 -27.54
N ALA D 162 -69.71 2.88 -26.84
CA ALA D 162 -70.57 1.72 -26.69
C ALA D 162 -71.78 1.80 -27.62
N LEU D 163 -72.29 0.63 -28.00
CA LEU D 163 -73.44 0.50 -28.88
C LEU D 163 -74.69 0.25 -28.00
N VAL D 164 -75.54 1.27 -27.91
CA VAL D 164 -76.76 1.24 -27.10
C VAL D 164 -77.98 1.37 -28.00
N ILE D 165 -79.06 0.68 -27.61
CA ILE D 165 -80.32 0.72 -28.35
C ILE D 165 -81.28 1.55 -27.51
N ARG D 166 -81.69 2.70 -28.05
CA ARG D 166 -82.62 3.58 -27.36
C ARG D 166 -83.63 4.05 -28.38
N ASN D 167 -84.89 4.16 -27.94
CA ASN D 167 -86.01 4.58 -28.78
C ASN D 167 -86.17 3.66 -29.98
N GLY D 168 -85.72 2.42 -29.85
CA GLY D 168 -85.81 1.44 -30.92
C GLY D 168 -84.75 1.54 -31.99
N GLU D 169 -83.77 2.43 -31.83
CA GLU D 169 -82.73 2.58 -32.84
C GLU D 169 -81.36 2.36 -32.21
N LYS D 170 -80.43 1.91 -33.05
CA LYS D 170 -79.06 1.64 -32.64
C LYS D 170 -78.28 2.94 -32.71
N MET D 171 -77.49 3.22 -31.66
CA MET D 171 -76.71 4.43 -31.61
C MET D 171 -75.44 4.15 -30.82
N SER D 172 -74.33 4.71 -31.30
CA SER D 172 -73.03 4.55 -30.65
C SER D 172 -72.72 5.83 -29.89
N ILE D 173 -72.56 5.72 -28.57
CA ILE D 173 -72.28 6.85 -27.70
C ILE D 173 -71.14 6.51 -26.76
N ASN D 174 -70.56 7.55 -26.15
CA ASN D 174 -69.46 7.35 -25.21
C ASN D 174 -69.91 6.47 -24.04
N ALA D 175 -68.96 5.72 -23.47
CA ALA D 175 -69.28 4.81 -22.36
C ALA D 175 -69.83 5.55 -21.16
N GLU D 176 -69.37 6.79 -20.91
CA GLU D 176 -69.88 7.55 -19.77
C GLU D 176 -71.33 7.97 -19.97
N GLU D 177 -71.78 8.05 -21.20
CA GLU D 177 -73.15 8.46 -21.53
C GLU D 177 -74.15 7.30 -21.43
N VAL D 178 -73.73 6.13 -20.94
CA VAL D 178 -74.61 4.97 -20.78
C VAL D 178 -75.20 5.02 -19.39
N VAL D 179 -76.48 4.66 -19.26
CA VAL D 179 -77.17 4.70 -17.99
C VAL D 179 -77.74 3.33 -17.63
N VAL D 180 -78.50 3.28 -16.54
CA VAL D 180 -79.11 2.04 -16.05
C VAL D 180 -80.41 1.76 -16.79
N GLY D 181 -80.71 0.48 -16.95
CA GLY D 181 -81.92 0.01 -17.60
C GLY D 181 -82.18 0.38 -19.03
N ASP D 182 -81.27 0.01 -19.94
CA ASP D 182 -81.45 0.27 -21.37
C ASP D 182 -80.73 -0.82 -22.13
N LEU D 183 -81.25 -1.15 -23.30
CA LEU D 183 -80.68 -2.20 -24.12
C LEU D 183 -79.33 -1.80 -24.70
N VAL D 184 -78.38 -2.75 -24.66
CA VAL D 184 -77.02 -2.56 -25.17
C VAL D 184 -76.63 -3.80 -25.97
N GLU D 185 -76.15 -3.58 -27.18
CA GLU D 185 -75.71 -4.65 -28.06
C GLU D 185 -74.19 -4.59 -28.16
N VAL D 186 -73.56 -5.77 -28.22
CA VAL D 186 -72.11 -5.84 -28.31
C VAL D 186 -71.72 -6.79 -29.44
N LYS D 187 -70.74 -6.35 -30.25
CA LYS D 187 -70.19 -7.04 -31.41
C LYS D 187 -68.90 -7.73 -31.00
N GLY D 188 -68.58 -8.83 -31.68
CA GLY D 188 -67.38 -9.57 -31.35
C GLY D 188 -66.15 -8.72 -31.57
N GLY D 189 -65.61 -8.20 -30.46
CA GLY D 189 -64.46 -7.33 -30.48
C GLY D 189 -64.70 -6.12 -29.59
N ASP D 190 -65.96 -5.84 -29.30
CA ASP D 190 -66.33 -4.71 -28.44
C ASP D 190 -66.14 -5.07 -26.96
N ARG D 191 -65.70 -4.09 -26.18
CA ARG D 191 -65.51 -4.26 -24.74
C ARG D 191 -66.84 -3.95 -24.05
N ILE D 192 -67.30 -4.85 -23.18
CA ILE D 192 -68.57 -4.68 -22.47
C ILE D 192 -68.50 -3.41 -21.63
N PRO D 193 -69.39 -2.43 -21.85
CA PRO D 193 -69.31 -1.19 -21.07
C PRO D 193 -69.57 -1.34 -19.58
N ALA D 194 -70.84 -1.44 -19.20
CA ALA D 194 -71.23 -1.61 -17.82
C ALA D 194 -71.66 -3.06 -17.63
N ASP D 195 -72.12 -3.39 -16.43
CA ASP D 195 -72.56 -4.76 -16.19
C ASP D 195 -73.95 -4.93 -16.80
N LEU D 196 -74.07 -5.88 -17.73
CA LEU D 196 -75.30 -6.15 -18.45
C LEU D 196 -75.93 -7.45 -17.99
N ARG D 197 -77.21 -7.59 -18.33
CA ARG D 197 -78.04 -8.76 -18.07
C ARG D 197 -78.45 -9.21 -19.47
N ILE D 198 -77.77 -10.25 -19.97
CA ILE D 198 -78.02 -10.76 -21.32
C ILE D 198 -79.47 -11.18 -21.49
N ILE D 199 -80.07 -10.76 -22.59
CA ILE D 199 -81.47 -11.10 -22.88
C ILE D 199 -81.56 -11.94 -24.15
N SER D 200 -80.62 -11.73 -25.07
CA SER D 200 -80.61 -12.48 -26.33
C SER D 200 -79.18 -12.49 -26.85
N ALA D 201 -78.58 -13.68 -26.87
CA ALA D 201 -77.22 -13.90 -27.32
C ALA D 201 -77.22 -14.87 -28.48
N ASN D 202 -76.17 -14.77 -29.31
CA ASN D 202 -76.02 -15.63 -30.49
C ASN D 202 -74.53 -15.94 -30.63
N GLY D 203 -74.12 -17.07 -30.05
CA GLY D 203 -72.73 -17.50 -30.09
C GLY D 203 -71.80 -16.49 -29.47
N CYS D 204 -72.27 -15.78 -28.45
CA CYS D 204 -71.49 -14.75 -27.79
C CYS D 204 -70.61 -15.34 -26.71
N LYS D 205 -69.31 -15.14 -26.83
CA LYS D 205 -68.35 -15.61 -25.83
C LYS D 205 -67.60 -14.38 -25.33
N VAL D 206 -67.67 -14.13 -24.03
CA VAL D 206 -66.99 -12.99 -23.44
C VAL D 206 -65.75 -13.50 -22.72
N ASP D 207 -64.83 -12.58 -22.44
CA ASP D 207 -63.57 -12.90 -21.78
C ASP D 207 -63.60 -12.32 -20.36
N ASN D 208 -63.89 -13.20 -19.40
CA ASN D 208 -63.90 -12.84 -17.98
C ASN D 208 -62.54 -13.04 -17.36
N SER D 209 -61.48 -12.93 -18.16
CA SER D 209 -60.12 -13.17 -17.68
C SER D 209 -59.65 -12.12 -16.67
N SER D 210 -59.70 -10.84 -17.04
CA SER D 210 -59.22 -9.81 -16.12
C SER D 210 -60.09 -9.66 -14.88
N LEU D 211 -61.34 -10.14 -14.89
CA LEU D 211 -62.13 -9.95 -13.67
C LEU D 211 -62.24 -11.17 -12.77
N THR D 212 -63.05 -12.17 -13.13
CA THR D 212 -63.17 -13.32 -12.25
C THR D 212 -62.03 -14.30 -12.44
N GLY D 213 -61.21 -14.11 -13.47
CA GLY D 213 -60.07 -14.98 -13.70
C GLY D 213 -60.34 -16.20 -14.54
N GLU D 214 -61.48 -16.25 -15.23
CA GLU D 214 -61.81 -17.40 -16.06
C GLU D 214 -61.01 -17.33 -17.35
N SER D 215 -60.12 -18.31 -17.54
CA SER D 215 -59.23 -18.36 -18.70
C SER D 215 -59.91 -18.51 -20.06
N GLU D 216 -60.44 -19.70 -20.34
CA GLU D 216 -61.07 -19.95 -21.62
C GLU D 216 -62.25 -18.99 -21.80
N PRO D 217 -62.51 -18.51 -23.04
CA PRO D 217 -63.61 -17.55 -23.25
C PRO D 217 -64.95 -18.12 -22.85
N GLN D 218 -65.46 -17.60 -21.73
CA GLN D 218 -66.73 -18.09 -21.20
C GLN D 218 -67.88 -17.59 -22.05
N THR D 219 -68.70 -18.52 -22.54
CA THR D 219 -69.83 -18.11 -23.36
C THR D 219 -70.88 -17.44 -22.47
N ARG D 220 -71.71 -16.61 -23.10
CA ARG D 220 -72.77 -15.88 -22.44
C ARG D 220 -74.09 -16.26 -23.08
N SER D 221 -74.98 -16.83 -22.29
CA SER D 221 -76.29 -17.22 -22.73
C SER D 221 -77.31 -16.52 -21.85
N PRO D 222 -78.42 -16.04 -22.41
CA PRO D 222 -79.43 -15.34 -21.60
C PRO D 222 -80.05 -16.20 -20.50
N ASP D 223 -79.99 -17.52 -20.61
CA ASP D 223 -80.59 -18.40 -19.61
C ASP D 223 -79.79 -18.41 -18.31
N PHE D 224 -80.49 -18.26 -17.19
CA PHE D 224 -79.87 -18.28 -15.87
C PHE D 224 -79.33 -19.69 -15.61
N THR D 225 -78.06 -19.79 -15.23
CA THR D 225 -77.42 -21.09 -14.99
C THR D 225 -77.05 -21.32 -13.53
N ASN D 226 -76.20 -20.48 -12.94
CA ASN D 226 -75.77 -20.68 -11.56
C ASN D 226 -76.21 -19.52 -10.67
N GLU D 227 -76.42 -19.84 -9.38
CA GLU D 227 -76.85 -18.85 -8.39
C GLU D 227 -75.82 -17.75 -8.21
N ASN D 228 -74.55 -18.05 -8.45
CA ASN D 228 -73.49 -17.05 -8.33
C ASN D 228 -73.45 -16.18 -9.57
N PRO D 229 -73.54 -14.85 -9.43
CA PRO D 229 -73.50 -13.99 -10.62
C PRO D 229 -72.19 -14.07 -11.41
N LEU D 230 -71.09 -14.49 -10.77
CA LEU D 230 -69.81 -14.59 -11.46
C LEU D 230 -69.77 -15.77 -12.43
N GLU D 231 -70.42 -16.88 -12.06
CA GLU D 231 -70.46 -18.09 -12.87
C GLU D 231 -71.53 -18.13 -13.94
N THR D 232 -72.66 -17.47 -13.73
CA THR D 232 -73.75 -17.51 -14.69
C THR D 232 -73.34 -16.86 -16.01
N ARG D 233 -74.06 -17.20 -17.08
CA ARG D 233 -73.79 -16.72 -18.42
C ARG D 233 -74.73 -15.61 -18.90
N ASN D 234 -75.72 -15.22 -18.10
CA ASN D 234 -76.63 -14.16 -18.50
C ASN D 234 -76.17 -12.79 -18.03
N ILE D 235 -74.88 -12.65 -17.71
CA ILE D 235 -74.35 -11.39 -17.21
C ILE D 235 -73.03 -11.07 -17.91
N ALA D 236 -72.97 -9.88 -18.52
CA ALA D 236 -71.78 -9.34 -19.14
C ALA D 236 -71.18 -8.42 -18.08
N PHE D 237 -69.87 -8.38 -17.98
CA PHE D 237 -69.23 -7.61 -16.92
C PHE D 237 -68.40 -6.43 -17.40
N PHE D 238 -68.20 -5.48 -16.48
CA PHE D 238 -67.40 -4.30 -16.77
C PHE D 238 -65.96 -4.73 -17.04
N SER D 239 -65.33 -4.06 -18.00
CA SER D 239 -63.94 -4.26 -18.44
C SER D 239 -63.70 -5.61 -19.10
N THR D 240 -64.75 -6.35 -19.47
CA THR D 240 -64.61 -7.63 -20.15
C THR D 240 -64.86 -7.40 -21.63
N ASN D 241 -64.06 -8.04 -22.48
CA ASN D 241 -64.18 -7.87 -23.92
C ASN D 241 -64.93 -9.04 -24.53
N CYS D 242 -65.76 -8.74 -25.53
CA CYS D 242 -66.52 -9.79 -26.22
C CYS D 242 -65.60 -10.42 -27.25
N VAL D 243 -65.30 -11.71 -27.07
CA VAL D 243 -64.38 -12.42 -27.97
C VAL D 243 -65.01 -12.61 -29.35
N GLU D 244 -66.17 -13.26 -29.39
CA GLU D 244 -66.83 -13.54 -30.66
C GLU D 244 -68.34 -13.54 -30.48
N GLY D 245 -69.05 -13.39 -31.59
CA GLY D 245 -70.50 -13.36 -31.57
C GLY D 245 -71.08 -12.03 -31.12
N THR D 246 -72.40 -12.01 -31.01
CA THR D 246 -73.11 -10.81 -30.60
C THR D 246 -74.16 -11.14 -29.54
N ALA D 247 -74.49 -10.11 -28.76
CA ALA D 247 -75.51 -10.33 -27.74
C ALA D 247 -76.12 -9.01 -27.31
N ARG D 248 -77.29 -9.12 -26.69
CA ARG D 248 -78.07 -8.01 -26.17
C ARG D 248 -78.12 -8.11 -24.65
N GLY D 249 -78.25 -6.96 -23.99
CA GLY D 249 -78.32 -6.98 -22.54
C GLY D 249 -78.85 -5.68 -21.97
N ILE D 250 -79.35 -5.77 -20.74
CA ILE D 250 -79.90 -4.62 -20.02
C ILE D 250 -78.87 -4.16 -18.99
N VAL D 251 -78.60 -2.86 -18.93
CA VAL D 251 -77.64 -2.35 -17.95
C VAL D 251 -78.24 -2.47 -16.56
N VAL D 252 -77.61 -3.25 -15.68
CA VAL D 252 -78.13 -3.42 -14.33
C VAL D 252 -77.33 -2.53 -13.38
N TYR D 253 -76.02 -2.70 -13.36
CA TYR D 253 -75.12 -1.91 -12.52
C TYR D 253 -74.36 -0.94 -13.42
N THR D 254 -74.07 0.25 -12.88
CA THR D 254 -73.37 1.27 -13.65
C THR D 254 -72.34 1.97 -12.77
N GLY D 255 -71.40 2.65 -13.44
CA GLY D 255 -70.37 3.40 -12.73
C GLY D 255 -69.56 2.56 -11.76
N ASP D 256 -69.41 3.08 -10.54
CA ASP D 256 -68.64 2.40 -9.49
C ASP D 256 -69.37 1.20 -8.91
N ARG D 257 -70.70 1.12 -9.08
CA ARG D 257 -71.47 0.00 -8.55
C ARG D 257 -71.19 -1.30 -9.27
N THR D 258 -70.51 -1.27 -10.42
CA THR D 258 -70.21 -2.47 -11.18
C THR D 258 -69.32 -3.42 -10.38
N VAL D 259 -69.18 -4.64 -10.90
CA VAL D 259 -68.36 -5.65 -10.22
C VAL D 259 -66.93 -5.15 -10.06
N MET D 260 -66.24 -4.92 -11.19
CA MET D 260 -64.87 -4.44 -11.10
C MET D 260 -64.81 -3.04 -10.48
N GLY D 261 -65.93 -2.32 -10.48
CA GLY D 261 -65.95 -1.00 -9.86
C GLY D 261 -65.82 -1.10 -8.35
N ARG D 262 -66.60 -2.00 -7.74
CA ARG D 262 -66.52 -2.20 -6.29
C ARG D 262 -65.19 -2.84 -5.93
N ILE D 263 -64.55 -3.54 -6.88
CA ILE D 263 -63.24 -4.12 -6.60
C ILE D 263 -62.15 -3.04 -6.60
N ALA D 264 -62.16 -2.17 -7.62
CA ALA D 264 -61.16 -1.09 -7.70
C ALA D 264 -61.31 -0.13 -6.54
N THR D 265 -62.55 0.29 -6.25
CA THR D 265 -62.78 1.19 -5.14
C THR D 265 -62.36 0.54 -3.83
N LEU D 266 -62.49 -0.80 -3.73
CA LEU D 266 -62.04 -1.47 -2.53
C LEU D 266 -60.52 -1.39 -2.40
N ALA D 267 -59.80 -1.59 -3.51
CA ALA D 267 -58.34 -1.52 -3.48
C ALA D 267 -57.83 -0.15 -3.05
N SER D 268 -58.46 0.94 -3.51
CA SER D 268 -57.99 2.26 -3.09
C SER D 268 -58.25 2.52 -1.61
N GLY D 269 -59.29 1.91 -1.04
CA GLY D 269 -59.63 2.09 0.35
C GLY D 269 -58.99 1.14 1.32
N LEU D 270 -58.07 0.29 0.86
CA LEU D 270 -57.40 -0.67 1.75
C LEU D 270 -56.10 -0.09 2.27
N GLU D 271 -55.70 -0.57 3.46
CA GLU D 271 -54.47 -0.12 4.08
C GLU D 271 -53.25 -0.70 3.36
N GLY D 272 -52.12 -0.01 3.50
CA GLY D 272 -50.88 -0.45 2.88
C GLY D 272 -50.10 -1.41 3.75
N GLY D 273 -50.33 -1.33 5.06
CA GLY D 273 -49.65 -2.20 6.00
C GLY D 273 -48.26 -1.68 6.34
N GLN D 274 -47.54 -2.48 7.13
CA GLN D 274 -46.19 -2.15 7.56
C GLN D 274 -45.20 -3.14 6.91
N THR D 275 -44.29 -2.60 6.10
CA THR D 275 -43.29 -3.45 5.45
C THR D 275 -42.37 -4.06 6.49
N PRO D 276 -41.86 -5.28 6.25
CA PRO D 276 -40.95 -5.90 7.24
C PRO D 276 -39.66 -5.12 7.44
N ILE D 277 -39.17 -4.49 6.37
CA ILE D 277 -37.95 -3.70 6.44
C ILE D 277 -38.14 -2.47 7.32
N ALA D 278 -39.28 -1.79 7.19
CA ALA D 278 -39.53 -0.63 8.03
C ALA D 278 -39.66 -1.03 9.49
N ALA D 279 -40.22 -2.22 9.74
CA ALA D 279 -40.33 -2.71 11.10
C ALA D 279 -38.94 -2.94 11.68
N GLU D 280 -38.00 -3.39 10.84
CA GLU D 280 -36.64 -3.56 11.32
C GLU D 280 -36.00 -2.21 11.64
N ILE D 281 -36.35 -1.16 10.88
CA ILE D 281 -35.84 0.17 11.17
C ILE D 281 -36.33 0.62 12.55
N GLU D 282 -37.62 0.34 12.83
CA GLU D 282 -38.18 0.72 14.13
C GLU D 282 -37.49 0.00 15.28
N HIS D 283 -37.24 -1.31 15.12
CA HIS D 283 -36.55 -2.02 16.21
C HIS D 283 -35.10 -1.53 16.36
N PHE D 284 -34.49 -1.15 15.24
CA PHE D 284 -33.12 -0.63 15.28
C PHE D 284 -33.08 0.63 16.12
N ILE D 285 -34.01 1.54 15.88
CA ILE D 285 -34.04 2.79 16.65
C ILE D 285 -34.38 2.50 18.11
N HIS D 286 -35.19 1.47 18.37
CA HIS D 286 -35.51 1.15 19.77
C HIS D 286 -34.24 0.85 20.55
N ILE D 287 -33.27 0.22 19.90
CA ILE D 287 -32.04 -0.07 20.64
C ILE D 287 -31.08 1.12 20.63
N ILE D 288 -30.99 1.83 19.50
CA ILE D 288 -30.09 2.99 19.43
C ILE D 288 -30.49 4.02 20.48
N THR D 289 -31.79 4.33 20.56
CA THR D 289 -32.24 5.28 21.56
C THR D 289 -32.20 4.67 22.96
N GLY D 290 -32.42 3.35 23.11
CA GLY D 290 -32.34 2.77 24.44
C GLY D 290 -30.98 3.00 25.06
N VAL D 291 -29.92 2.77 24.29
CA VAL D 291 -28.59 3.00 24.85
C VAL D 291 -28.26 4.50 24.90
N ALA D 292 -28.80 5.32 23.98
CA ALA D 292 -28.54 6.75 24.02
C ALA D 292 -29.08 7.37 25.29
N VAL D 293 -30.33 7.04 25.62
CA VAL D 293 -30.97 7.58 26.81
C VAL D 293 -30.38 6.94 28.06
N PHE D 294 -29.95 5.67 27.99
CA PHE D 294 -29.34 5.09 29.17
C PHE D 294 -28.03 5.78 29.50
N LEU D 295 -27.17 5.96 28.50
CA LEU D 295 -25.90 6.64 28.72
C LEU D 295 -26.12 8.10 29.09
N GLY D 296 -27.06 8.76 28.41
CA GLY D 296 -27.32 10.17 28.71
C GLY D 296 -27.81 10.38 30.13
N VAL D 297 -28.75 9.55 30.59
CA VAL D 297 -29.28 9.70 31.93
C VAL D 297 -28.29 9.25 32.99
N SER D 298 -27.69 8.06 32.82
CA SER D 298 -26.73 7.58 33.82
C SER D 298 -25.57 8.54 33.97
N PHE D 299 -25.10 9.10 32.86
CA PHE D 299 -24.02 10.07 32.95
C PHE D 299 -24.52 11.42 33.43
N PHE D 300 -25.79 11.76 33.18
CA PHE D 300 -26.33 13.01 33.70
C PHE D 300 -26.32 12.96 35.22
N ILE D 301 -26.72 11.82 35.77
CA ILE D 301 -26.69 11.62 37.21
C ILE D 301 -25.25 11.69 37.70
N LEU D 302 -24.34 11.04 36.96
CA LEU D 302 -22.93 11.05 37.34
C LEU D 302 -22.35 12.48 37.33
N SER D 303 -22.68 13.26 36.30
CA SER D 303 -22.18 14.63 36.17
C SER D 303 -22.66 15.49 37.32
N LEU D 304 -23.93 15.33 37.71
CA LEU D 304 -24.40 16.11 38.85
C LEU D 304 -23.71 15.65 40.12
N ILE D 305 -23.35 14.36 40.19
CA ILE D 305 -22.64 13.87 41.37
C ILE D 305 -21.28 14.56 41.47
N LEU D 306 -20.61 14.76 40.34
CA LEU D 306 -19.30 15.39 40.46
C LEU D 306 -19.30 16.87 40.83
N GLU D 307 -19.36 17.73 39.81
CA GLU D 307 -19.32 19.18 40.05
C GLU D 307 -20.16 20.00 39.09
N TYR D 308 -20.45 19.47 37.90
CA TYR D 308 -21.20 20.25 36.92
C TYR D 308 -22.61 20.57 37.41
N THR D 309 -23.00 21.83 37.25
CA THR D 309 -24.30 22.29 37.71
C THR D 309 -25.37 21.78 36.73
N TRP D 310 -26.63 22.09 37.03
CA TRP D 310 -27.73 21.67 36.18
C TRP D 310 -27.57 22.23 34.78
N LEU D 311 -27.01 23.45 34.69
CA LEU D 311 -26.78 24.11 33.42
C LEU D 311 -25.91 23.28 32.49
N GLU D 312 -24.77 22.82 32.99
CA GLU D 312 -23.85 22.03 32.19
C GLU D 312 -24.28 20.57 32.08
N ALA D 313 -24.92 20.05 33.14
CA ALA D 313 -25.36 18.66 33.12
C ALA D 313 -26.42 18.42 32.05
N VAL D 314 -27.31 19.39 31.83
CA VAL D 314 -28.34 19.21 30.80
C VAL D 314 -27.66 19.09 29.43
N ILE D 315 -26.62 19.89 29.20
CA ILE D 315 -25.90 19.82 27.94
C ILE D 315 -25.22 18.48 27.81
N PHE D 316 -24.74 17.92 28.93
CA PHE D 316 -24.10 16.60 28.88
C PHE D 316 -25.11 15.54 28.47
N LEU D 317 -26.32 15.63 29.02
CA LEU D 317 -27.38 14.68 28.67
C LEU D 317 -27.64 14.73 27.17
N ILE D 318 -27.85 15.94 26.65
CA ILE D 318 -28.11 16.12 25.22
C ILE D 318 -26.93 15.65 24.39
N GLY D 319 -25.71 15.99 24.79
CA GLY D 319 -24.52 15.60 24.04
C GLY D 319 -24.33 14.09 23.94
N ILE D 320 -24.54 13.38 25.06
CA ILE D 320 -24.42 11.92 25.07
C ILE D 320 -25.50 11.30 24.19
N ILE D 321 -26.68 11.90 24.17
CA ILE D 321 -27.73 11.37 23.32
C ILE D 321 -27.42 11.67 21.86
N VAL D 322 -26.97 12.90 21.56
CA VAL D 322 -26.68 13.34 20.19
C VAL D 322 -25.54 12.53 19.58
N ALA D 323 -24.48 12.28 20.36
CA ALA D 323 -23.39 11.50 19.81
C ALA D 323 -23.82 10.06 19.60
N ASN D 324 -24.85 9.61 20.30
CA ASN D 324 -25.33 8.24 20.17
C ASN D 324 -26.25 8.04 18.98
N VAL D 325 -26.49 9.03 18.15
CA VAL D 325 -27.39 8.88 17.01
C VAL D 325 -26.57 8.78 15.73
N PRO D 326 -26.66 7.66 14.96
CA PRO D 326 -25.88 7.57 13.73
C PRO D 326 -26.43 8.52 12.67
N GLU D 327 -25.73 9.64 12.48
CA GLU D 327 -26.16 10.64 11.52
C GLU D 327 -25.99 10.15 10.08
N GLY D 328 -24.81 9.61 9.76
CA GLY D 328 -24.52 9.13 8.44
C GLY D 328 -25.13 7.80 8.08
N LEU D 329 -25.77 7.12 9.02
CA LEU D 329 -26.38 5.83 8.71
C LEU D 329 -27.66 5.96 7.89
N LEU D 330 -28.37 7.08 8.02
CA LEU D 330 -29.60 7.25 7.25
C LEU D 330 -29.30 7.25 5.75
N ALA D 331 -28.32 8.05 5.34
CA ALA D 331 -27.96 8.12 3.92
C ALA D 331 -27.35 6.82 3.44
N THR D 332 -26.48 6.20 4.24
CA THR D 332 -25.87 4.94 3.81
C THR D 332 -26.91 3.84 3.67
N VAL D 333 -27.90 3.79 4.56
CA VAL D 333 -28.95 2.78 4.45
C VAL D 333 -29.81 3.05 3.22
N THR D 334 -30.17 4.32 2.99
CA THR D 334 -31.00 4.66 1.84
C THR D 334 -30.27 4.32 0.54
N VAL D 335 -28.97 4.64 0.44
CA VAL D 335 -28.22 4.31 -0.76
C VAL D 335 -28.05 2.79 -0.84
N CYS D 336 -27.94 2.11 0.30
CA CYS D 336 -27.84 0.66 0.32
C CYS D 336 -29.10 0.03 -0.28
N LEU D 337 -30.26 0.57 0.08
CA LEU D 337 -31.52 0.07 -0.46
C LEU D 337 -31.65 0.42 -1.94
N THR D 338 -31.15 1.61 -2.30
CA THR D 338 -31.22 2.07 -3.67
C THR D 338 -30.34 1.25 -4.60
N LEU D 339 -29.17 0.80 -4.15
CA LEU D 339 -28.30 0.00 -5.03
C LEU D 339 -28.98 -1.29 -5.45
N THR D 340 -29.56 -2.00 -4.48
CA THR D 340 -30.27 -3.24 -4.80
C THR D 340 -31.48 -2.94 -5.68
N ALA D 341 -32.17 -1.81 -5.42
CA ALA D 341 -33.30 -1.45 -6.27
C ALA D 341 -32.82 -1.13 -7.71
N LYS D 342 -31.60 -0.61 -7.85
CA LYS D 342 -31.05 -0.34 -9.18
C LYS D 342 -30.91 -1.64 -9.95
N ARG D 343 -30.40 -2.68 -9.27
CA ARG D 343 -30.28 -3.97 -9.94
C ARG D 343 -31.66 -4.50 -10.31
N MET D 344 -32.67 -4.20 -9.50
CA MET D 344 -34.03 -4.62 -9.83
C MET D 344 -34.48 -3.95 -11.11
N ALA D 345 -34.12 -2.68 -11.30
CA ALA D 345 -34.49 -1.97 -12.53
C ALA D 345 -33.72 -2.49 -13.73
N ARG D 346 -32.52 -3.03 -13.51
CA ARG D 346 -31.73 -3.57 -14.63
C ARG D 346 -32.40 -4.79 -15.25
N LYS D 347 -33.09 -5.60 -14.45
CA LYS D 347 -33.75 -6.81 -14.91
C LYS D 347 -35.24 -6.61 -15.19
N ASN D 348 -35.65 -5.37 -15.50
CA ASN D 348 -37.04 -5.03 -15.81
C ASN D 348 -38.00 -5.45 -14.70
N CYS D 349 -37.54 -5.33 -13.45
CA CYS D 349 -38.34 -5.67 -12.27
C CYS D 349 -38.31 -4.42 -11.40
N LEU D 350 -39.16 -3.45 -11.74
CA LEU D 350 -39.18 -2.17 -11.03
C LEU D 350 -39.97 -2.26 -9.73
N VAL D 351 -39.53 -1.49 -8.73
CA VAL D 351 -40.18 -1.41 -7.43
C VAL D 351 -40.67 0.01 -7.22
N LYS D 352 -41.96 0.16 -6.91
CA LYS D 352 -42.50 1.48 -6.66
C LYS D 352 -42.06 2.03 -5.31
N ASN D 353 -41.71 1.15 -4.38
CA ASN D 353 -41.26 1.51 -3.05
C ASN D 353 -39.79 1.17 -2.91
N LEU D 354 -39.01 2.11 -2.37
CA LEU D 354 -37.58 1.90 -2.22
C LEU D 354 -37.25 0.78 -1.25
N GLU D 355 -38.08 0.57 -0.24
CA GLU D 355 -37.84 -0.49 0.76
C GLU D 355 -38.49 -1.82 0.37
N ALA D 356 -39.44 -1.80 -0.56
CA ALA D 356 -40.09 -3.05 -0.97
C ALA D 356 -39.11 -4.00 -1.64
N VAL D 357 -37.89 -3.55 -1.95
CA VAL D 357 -36.90 -4.42 -2.56
C VAL D 357 -36.52 -5.54 -1.59
N GLU D 358 -36.64 -5.30 -0.28
CA GLU D 358 -36.28 -6.31 0.70
C GLU D 358 -37.39 -7.31 0.98
N THR D 359 -38.65 -6.85 0.90
CA THR D 359 -39.80 -7.69 1.25
C THR D 359 -39.80 -9.08 0.62
N LEU D 360 -39.20 -9.25 -0.56
CA LEU D 360 -39.16 -10.58 -1.17
C LEU D 360 -38.34 -11.55 -0.33
N GLY D 361 -37.21 -11.08 0.20
CA GLY D 361 -36.36 -11.96 1.00
C GLY D 361 -37.02 -12.49 2.25
N SER D 362 -37.86 -11.67 2.89
CA SER D 362 -38.55 -12.09 4.10
C SER D 362 -39.79 -12.92 3.84
N THR D 363 -40.19 -13.06 2.58
CA THR D 363 -41.41 -13.79 2.24
C THR D 363 -41.27 -15.30 2.50
N SER D 364 -42.34 -15.90 3.03
CA SER D 364 -42.40 -17.32 3.29
C SER D 364 -43.66 -17.96 2.73
N THR D 365 -44.50 -17.20 2.03
CA THR D 365 -45.74 -17.72 1.45
C THR D 365 -46.12 -16.84 0.28
N ILE D 366 -46.16 -17.41 -0.92
CA ILE D 366 -46.51 -16.66 -2.13
C ILE D 366 -47.89 -17.08 -2.60
N CYS D 367 -48.76 -16.09 -2.78
CA CYS D 367 -50.10 -16.31 -3.28
C CYS D 367 -50.08 -15.85 -4.73
N SER D 368 -50.10 -16.81 -5.64
CA SER D 368 -50.06 -16.49 -7.07
C SER D 368 -51.41 -16.63 -7.75
N PHD D 369 -51.56 -15.86 -8.82
CA PHD D 369 -52.76 -15.86 -9.60
C PHD D 369 -52.52 -16.82 -10.80
O PHD D 369 -51.37 -16.89 -11.33
CB PHD D 369 -53.15 -14.45 -10.05
CG PHD D 369 -54.33 -14.27 -10.96
OD1 PHD D 369 -55.48 -14.73 -10.58
OD2 PHD D 369 -54.26 -13.67 -12.06
P PHD D 369 -56.46 -15.24 -11.61
OP1 PHD D 369 -55.98 -16.55 -12.16
OP2 PHD D 369 -57.81 -15.45 -10.96
OP3 PHD D 369 -56.59 -14.23 -12.71
N LYS D 370 -53.54 -17.56 -11.22
CA LYS D 370 -53.38 -18.50 -12.32
C LYS D 370 -53.38 -17.83 -13.68
N THR D 371 -54.56 -17.41 -14.14
CA THR D 371 -54.70 -16.80 -15.45
C THR D 371 -54.05 -15.42 -15.49
N GLY D 372 -53.11 -15.25 -16.43
CA GLY D 372 -52.41 -14.00 -16.61
C GLY D 372 -51.07 -13.93 -15.90
N THR D 373 -51.00 -14.47 -14.67
CA THR D 373 -49.76 -14.45 -13.90
C THR D 373 -48.97 -15.75 -14.13
N LEU D 374 -49.52 -16.88 -13.69
CA LEU D 374 -48.84 -18.14 -13.91
C LEU D 374 -48.95 -18.57 -15.36
N THR D 375 -50.16 -18.53 -15.91
CA THR D 375 -50.39 -18.89 -17.30
C THR D 375 -50.27 -17.66 -18.19
N GLN D 376 -50.23 -17.90 -19.49
CA GLN D 376 -50.08 -16.82 -20.45
C GLN D 376 -51.40 -16.14 -20.81
N ASN D 377 -52.54 -16.67 -20.35
CA ASN D 377 -53.86 -16.10 -20.65
C ASN D 377 -54.05 -16.01 -22.17
N ARG D 378 -53.82 -17.14 -22.83
CA ARG D 378 -53.93 -17.20 -24.27
C ARG D 378 -54.08 -18.66 -24.66
N MET D 379 -55.08 -18.95 -25.49
CA MET D 379 -55.31 -20.32 -25.92
C MET D 379 -54.16 -20.79 -26.80
N THR D 380 -53.56 -21.93 -26.43
CA THR D 380 -52.46 -22.45 -27.23
C THR D 380 -52.63 -23.94 -27.38
N VAL D 381 -52.21 -24.45 -28.55
CA VAL D 381 -52.30 -25.88 -28.86
C VAL D 381 -51.48 -26.64 -27.83
N ALA D 382 -52.15 -27.49 -27.06
CA ALA D 382 -51.46 -28.27 -26.02
C ALA D 382 -50.94 -29.61 -26.55
N HIS D 383 -51.85 -30.51 -26.93
CA HIS D 383 -51.48 -31.82 -27.42
C HIS D 383 -52.21 -32.16 -28.72
N MET D 384 -51.64 -33.11 -29.45
CA MET D 384 -52.18 -33.59 -30.70
C MET D 384 -52.25 -35.10 -30.62
N TRP D 385 -53.12 -35.68 -31.42
CA TRP D 385 -53.33 -37.12 -31.46
C TRP D 385 -52.99 -37.59 -32.86
N SER D 386 -52.06 -38.53 -32.98
CA SER D 386 -51.68 -39.03 -34.28
C SER D 386 -51.17 -40.44 -34.09
N ASP D 387 -51.69 -41.36 -34.90
CA ASP D 387 -51.31 -42.77 -34.84
C ASP D 387 -51.49 -43.36 -33.45
N ASN D 388 -52.63 -43.05 -32.81
CA ASN D 388 -52.96 -43.51 -31.46
C ASN D 388 -51.87 -43.13 -30.46
N GLN D 389 -51.19 -42.01 -30.73
CA GLN D 389 -50.11 -41.54 -29.89
C GLN D 389 -50.28 -40.06 -29.61
N ILE D 390 -50.11 -39.68 -28.34
CA ILE D 390 -50.22 -38.29 -27.92
C ILE D 390 -48.90 -37.60 -28.24
N HIS D 391 -48.99 -36.37 -28.77
CA HIS D 391 -47.82 -35.58 -29.15
C HIS D 391 -47.95 -34.20 -28.51
N GLU D 392 -47.08 -33.89 -27.56
CA GLU D 392 -47.12 -32.61 -26.86
C GLU D 392 -46.40 -31.53 -27.64
N ALA D 393 -47.09 -30.43 -27.89
CA ALA D 393 -46.53 -29.30 -28.60
C ALA D 393 -45.80 -28.39 -27.61
N ASP D 394 -44.94 -27.53 -28.14
CA ASP D 394 -44.20 -26.61 -27.27
C ASP D 394 -45.17 -25.53 -26.78
N THR D 395 -45.29 -25.40 -25.46
CA THR D 395 -46.22 -24.46 -24.84
C THR D 395 -45.51 -23.34 -24.10
N THR D 396 -44.32 -22.95 -24.55
CA THR D 396 -43.56 -21.87 -23.94
C THR D 396 -43.86 -20.55 -24.66
N GLU D 397 -43.83 -19.46 -23.89
CA GLU D 397 -44.13 -18.13 -24.44
C GLU D 397 -43.05 -17.66 -25.42
N ASN D 398 -41.79 -17.99 -25.16
CA ASN D 398 -40.68 -17.61 -26.02
C ASN D 398 -40.27 -18.70 -26.99
N GLN D 399 -40.98 -19.84 -26.97
CA GLN D 399 -40.71 -20.99 -27.84
C GLN D 399 -39.28 -21.51 -27.66
N SER D 400 -39.06 -22.12 -26.49
CA SER D 400 -37.77 -22.72 -26.13
C SER D 400 -38.01 -24.07 -25.48
N GLY D 401 -38.88 -24.89 -26.09
CA GLY D 401 -39.20 -26.20 -25.59
C GLY D 401 -39.02 -27.34 -26.58
N VAL D 402 -39.54 -28.52 -26.22
CA VAL D 402 -39.42 -29.70 -27.08
C VAL D 402 -40.33 -29.57 -28.29
N SER D 403 -39.84 -30.02 -29.43
CA SER D 403 -40.57 -30.02 -30.69
C SER D 403 -40.95 -31.46 -31.01
N PHE D 404 -42.20 -31.68 -31.39
CA PHE D 404 -42.69 -33.02 -31.71
C PHE D 404 -42.11 -33.51 -33.04
N ASP D 405 -42.43 -34.76 -33.39
CA ASP D 405 -41.97 -35.38 -34.62
C ASP D 405 -42.86 -34.88 -35.76
N LYS D 406 -42.29 -34.03 -36.62
CA LYS D 406 -43.01 -33.43 -37.73
C LYS D 406 -42.52 -33.95 -39.08
N THR D 407 -42.40 -35.27 -39.19
CA THR D 407 -41.95 -35.93 -40.42
C THR D 407 -42.82 -37.14 -40.73
N SER D 408 -44.13 -36.96 -40.71
CA SER D 408 -45.06 -38.06 -40.97
C SER D 408 -46.23 -37.59 -41.83
N ALA D 409 -46.82 -38.53 -42.56
CA ALA D 409 -47.98 -38.21 -43.39
C ALA D 409 -49.19 -37.92 -42.52
N THR D 410 -49.26 -38.54 -41.34
CA THR D 410 -50.36 -38.27 -40.42
C THR D 410 -50.29 -36.84 -39.93
N TRP D 411 -49.06 -36.34 -39.70
CA TRP D 411 -48.88 -34.96 -39.26
C TRP D 411 -49.22 -33.98 -40.37
N LEU D 412 -48.78 -34.25 -41.61
CA LEU D 412 -49.09 -33.33 -42.71
C LEU D 412 -50.60 -33.27 -42.93
N ALA D 413 -51.28 -34.42 -42.84
CA ALA D 413 -52.73 -34.43 -43.03
C ALA D 413 -53.44 -33.66 -41.91
N LEU D 414 -53.06 -33.94 -40.65
CA LEU D 414 -53.68 -33.24 -39.52
C LEU D 414 -53.42 -31.74 -39.58
N SER D 415 -52.19 -31.35 -39.91
CA SER D 415 -51.82 -29.94 -40.00
C SER D 415 -52.59 -29.25 -41.11
N ARG D 416 -52.85 -29.95 -42.22
CA ARG D 416 -53.61 -29.33 -43.30
C ARG D 416 -55.07 -29.15 -42.90
N ILE D 417 -55.64 -30.12 -42.18
CA ILE D 417 -57.03 -29.98 -41.75
C ILE D 417 -57.18 -28.77 -40.84
N ALA D 418 -56.20 -28.55 -39.97
CA ALA D 418 -56.30 -27.40 -39.07
C ALA D 418 -55.98 -26.08 -39.77
N GLY D 419 -54.89 -26.03 -40.54
CA GLY D 419 -54.52 -24.80 -41.22
C GLY D 419 -55.49 -24.35 -42.29
N LEU D 420 -56.11 -25.29 -42.98
CA LEU D 420 -57.06 -24.93 -44.04
C LEU D 420 -58.44 -24.58 -43.48
N CYS D 421 -59.14 -25.58 -42.94
CA CYS D 421 -60.49 -25.41 -42.42
C CYS D 421 -60.45 -24.78 -41.03
N ASN D 422 -60.29 -23.46 -41.02
CA ASN D 422 -60.28 -22.70 -39.77
C ASN D 422 -60.49 -21.23 -40.12
N ARG D 423 -61.51 -20.62 -39.54
CA ARG D 423 -61.85 -19.22 -39.79
C ARG D 423 -60.96 -18.32 -38.93
N ALA D 424 -59.69 -18.22 -39.33
CA ALA D 424 -58.74 -17.40 -38.61
C ALA D 424 -57.56 -17.06 -39.49
N VAL D 425 -57.14 -15.80 -39.43
CA VAL D 425 -55.99 -15.27 -40.15
C VAL D 425 -55.36 -14.18 -39.29
N PHE D 426 -54.22 -13.68 -39.77
CA PHE D 426 -53.46 -12.62 -39.13
C PHE D 426 -54.11 -11.29 -39.51
N GLN D 427 -53.40 -10.18 -39.32
CA GLN D 427 -53.95 -8.88 -39.64
C GLN D 427 -52.94 -8.06 -40.44
N ALA D 428 -53.15 -6.76 -40.55
CA ALA D 428 -52.27 -5.90 -41.33
C ALA D 428 -50.84 -5.77 -40.82
N ASN D 429 -50.66 -5.16 -39.64
CA ASN D 429 -49.33 -4.96 -39.09
C ASN D 429 -48.66 -6.24 -38.60
N GLN D 430 -49.41 -7.34 -38.47
CA GLN D 430 -48.85 -8.60 -38.00
C GLN D 430 -47.98 -9.22 -39.09
N GLU D 431 -46.77 -8.71 -39.19
CA GLU D 431 -45.78 -9.22 -40.14
C GLU D 431 -44.39 -9.36 -39.55
N ASN D 432 -43.99 -8.50 -38.61
CA ASN D 432 -42.70 -8.54 -37.95
C ASN D 432 -42.76 -9.05 -36.52
N LEU D 433 -43.95 -9.11 -35.91
CA LEU D 433 -44.12 -9.60 -34.56
C LEU D 433 -43.85 -11.09 -34.51
N PRO D 434 -43.51 -11.64 -33.33
CA PRO D 434 -43.27 -13.10 -33.24
C PRO D 434 -44.53 -13.88 -33.60
N ILE D 435 -44.34 -15.18 -33.84
CA ILE D 435 -45.44 -16.05 -34.26
C ILE D 435 -46.54 -16.17 -33.21
N LEU D 436 -46.19 -16.15 -31.92
CA LEU D 436 -47.18 -16.28 -30.87
C LEU D 436 -47.78 -14.96 -30.40
N LYS D 437 -46.93 -14.00 -30.01
CA LYS D 437 -47.39 -12.71 -29.49
C LYS D 437 -48.12 -11.85 -30.53
N ARG D 438 -48.13 -12.24 -31.80
CA ARG D 438 -48.84 -11.44 -32.79
C ARG D 438 -50.35 -11.61 -32.62
N ALA D 439 -51.10 -10.69 -33.21
CA ALA D 439 -52.55 -10.69 -33.11
C ALA D 439 -53.19 -11.57 -34.18
N VAL D 440 -54.26 -12.25 -33.79
CA VAL D 440 -55.02 -13.12 -34.68
C VAL D 440 -56.49 -12.77 -34.48
N ALA D 441 -57.24 -12.68 -35.57
CA ALA D 441 -58.65 -12.34 -35.44
C ALA D 441 -59.53 -13.58 -35.53
N GLY D 442 -60.51 -13.69 -34.63
CA GLY D 442 -61.43 -14.81 -34.62
C GLY D 442 -61.51 -15.49 -33.27
N ASP D 443 -61.93 -16.76 -33.29
CA ASP D 443 -62.05 -17.56 -32.07
C ASP D 443 -60.67 -17.80 -31.47
N ALA D 444 -60.64 -17.96 -30.15
CA ALA D 444 -59.37 -18.24 -29.48
C ALA D 444 -58.81 -19.60 -29.90
N SER D 445 -59.71 -20.57 -30.14
CA SER D 445 -59.30 -21.90 -30.57
C SER D 445 -58.66 -21.87 -31.96
N GLU D 446 -59.32 -21.19 -32.90
CA GLU D 446 -58.79 -21.06 -34.25
C GLU D 446 -57.48 -20.28 -34.25
N SER D 447 -57.33 -19.32 -33.33
CA SER D 447 -56.08 -18.55 -33.24
C SER D 447 -54.92 -19.45 -32.81
N ALA D 448 -55.18 -20.35 -31.85
CA ALA D 448 -54.13 -21.27 -31.42
C ALA D 448 -53.71 -22.19 -32.56
N LEU D 449 -54.70 -22.68 -33.32
CA LEU D 449 -54.37 -23.57 -34.45
C LEU D 449 -53.51 -22.85 -35.49
N LEU D 450 -53.81 -21.56 -35.74
CA LEU D 450 -53.02 -20.80 -36.70
C LEU D 450 -51.58 -20.60 -36.23
N LYS D 451 -51.39 -20.29 -34.94
CA LYS D 451 -50.01 -20.09 -34.47
C LYS D 451 -49.20 -21.39 -34.46
N CYS D 452 -49.85 -22.52 -34.23
CA CYS D 452 -49.09 -23.77 -34.22
C CYS D 452 -48.69 -24.20 -35.63
N ILE D 453 -49.57 -24.02 -36.63
CA ILE D 453 -49.16 -24.41 -37.97
C ILE D 453 -48.15 -23.42 -38.53
N GLU D 454 -48.29 -22.12 -38.20
CA GLU D 454 -47.35 -21.11 -38.67
C GLU D 454 -45.98 -21.28 -38.01
N LEU D 455 -45.90 -22.06 -36.93
CA LEU D 455 -44.62 -22.28 -36.26
C LEU D 455 -43.98 -23.64 -36.52
N CYS D 456 -44.77 -24.71 -36.63
CA CYS D 456 -44.21 -26.06 -36.83
C CYS D 456 -44.48 -26.66 -38.20
N CYS D 457 -45.26 -26.00 -39.06
CA CYS D 457 -45.57 -26.52 -40.38
C CYS D 457 -45.40 -25.44 -41.45
N GLY D 458 -44.27 -24.75 -41.43
CA GLY D 458 -44.04 -23.70 -42.41
C GLY D 458 -44.94 -22.49 -42.19
N SER D 459 -45.67 -22.09 -43.23
CA SER D 459 -46.57 -20.95 -43.18
C SER D 459 -47.96 -21.35 -43.69
N VAL D 460 -49.00 -20.80 -43.05
CA VAL D 460 -50.38 -21.09 -43.44
C VAL D 460 -50.86 -20.17 -44.57
N LYS D 461 -50.11 -19.13 -44.91
CA LYS D 461 -50.49 -18.21 -45.97
C LYS D 461 -50.64 -18.94 -47.30
N GLU D 462 -49.51 -19.43 -47.82
CA GLU D 462 -49.51 -20.16 -49.09
C GLU D 462 -50.14 -21.54 -48.95
N MET D 463 -50.12 -22.11 -47.74
CA MET D 463 -50.72 -23.42 -47.53
C MET D 463 -52.24 -23.36 -47.57
N ARG D 464 -52.83 -22.20 -47.28
CA ARG D 464 -54.28 -22.04 -47.32
C ARG D 464 -54.74 -21.66 -48.72
N GLU D 465 -54.08 -20.67 -49.34
CA GLU D 465 -54.52 -20.33 -50.69
C GLU D 465 -54.22 -21.43 -51.71
N ARG D 466 -53.36 -22.38 -51.37
CA ARG D 466 -53.03 -23.48 -52.28
C ARG D 466 -54.26 -24.33 -52.56
N TYR D 467 -54.93 -24.79 -51.51
CA TYR D 467 -56.15 -25.57 -51.61
C TYR D 467 -57.31 -24.58 -51.71
N THR D 468 -57.79 -24.33 -52.93
CA THR D 468 -58.86 -23.38 -53.15
C THR D 468 -60.16 -23.89 -52.53
N LYS D 469 -60.72 -23.12 -51.60
CA LYS D 469 -61.95 -23.49 -50.93
C LYS D 469 -63.15 -23.21 -51.83
N ILE D 470 -64.01 -24.21 -52.00
CA ILE D 470 -65.19 -24.04 -52.86
C ILE D 470 -66.39 -23.59 -52.02
N VAL D 471 -66.90 -24.48 -51.18
CA VAL D 471 -68.05 -24.20 -50.33
C VAL D 471 -67.72 -24.65 -48.92
N GLU D 472 -67.98 -23.78 -47.95
CA GLU D 472 -67.72 -24.00 -46.54
C GLU D 472 -69.04 -24.09 -45.77
N ILE D 473 -68.95 -24.71 -44.60
CA ILE D 473 -70.04 -24.90 -43.66
C ILE D 473 -69.46 -24.52 -42.30
N PRO D 474 -69.71 -23.29 -41.82
CA PRO D 474 -69.16 -22.87 -40.52
C PRO D 474 -69.76 -23.63 -39.35
N PHE D 475 -69.39 -23.25 -38.13
CA PHE D 475 -69.91 -23.93 -36.95
C PHE D 475 -71.42 -23.75 -36.84
N ASN D 476 -72.06 -24.72 -36.21
CA ASN D 476 -73.51 -24.73 -36.02
C ASN D 476 -73.84 -24.66 -34.52
N SER D 477 -75.01 -24.09 -34.21
CA SER D 477 -75.46 -23.97 -32.82
C SER D 477 -75.66 -25.33 -32.18
N THR D 478 -76.03 -26.34 -32.97
CA THR D 478 -76.21 -27.71 -32.50
C THR D 478 -75.38 -28.60 -33.41
N ASN D 479 -74.80 -29.66 -32.83
CA ASN D 479 -73.90 -30.58 -33.54
C ASN D 479 -72.75 -29.80 -34.14
N LYS D 480 -72.16 -28.92 -33.32
CA LYS D 480 -71.11 -27.99 -33.77
C LYS D 480 -70.02 -28.66 -34.59
N TYR D 481 -70.10 -28.43 -35.89
CA TYR D 481 -69.19 -28.98 -36.88
C TYR D 481 -68.84 -27.87 -37.86
N GLN D 482 -67.60 -27.89 -38.32
CA GLN D 482 -67.11 -26.89 -39.27
C GLN D 482 -66.38 -27.64 -40.37
N LEU D 483 -66.96 -27.67 -41.57
CA LEU D 483 -66.36 -28.38 -42.69
C LEU D 483 -66.25 -27.45 -43.89
N SER D 484 -65.49 -27.90 -44.89
CA SER D 484 -65.31 -27.14 -46.12
C SER D 484 -64.63 -28.03 -47.14
N ILE D 485 -64.93 -27.80 -48.43
CA ILE D 485 -64.33 -28.58 -49.51
C ILE D 485 -63.27 -27.72 -50.19
N HIS D 486 -62.12 -28.33 -50.50
CA HIS D 486 -61.00 -27.66 -51.12
C HIS D 486 -60.50 -28.44 -52.32
N LYS D 487 -59.86 -27.72 -53.23
CA LYS D 487 -59.27 -28.33 -54.42
C LYS D 487 -57.89 -28.88 -54.04
N ASN D 488 -57.53 -30.00 -54.66
CA ASN D 488 -56.25 -30.64 -54.36
C ASN D 488 -55.24 -30.34 -55.46
N PRO D 489 -54.21 -29.51 -55.19
CA PRO D 489 -53.20 -29.19 -56.22
C PRO D 489 -52.02 -30.14 -56.29
N ASN D 490 -52.15 -31.36 -55.74
CA ASN D 490 -51.07 -32.33 -55.80
C ASN D 490 -50.87 -32.81 -57.24
N THR D 491 -49.61 -33.09 -57.59
CA THR D 491 -49.32 -33.56 -58.94
C THR D 491 -49.50 -35.06 -59.12
N ALA D 492 -50.56 -35.63 -58.52
CA ALA D 492 -50.82 -37.05 -58.69
C ALA D 492 -52.31 -37.40 -58.66
N GLU D 493 -53.03 -36.83 -57.70
CA GLU D 493 -54.44 -37.10 -57.46
C GLU D 493 -55.31 -35.86 -57.62
N PRO D 494 -56.26 -35.85 -58.56
CA PRO D 494 -57.14 -34.69 -58.74
C PRO D 494 -58.43 -34.73 -57.94
N ARG D 495 -58.61 -35.72 -57.06
CA ARG D 495 -59.82 -35.82 -56.26
C ARG D 495 -59.93 -34.65 -55.27
N HIS D 496 -61.15 -34.25 -54.98
CA HIS D 496 -61.41 -33.15 -54.05
C HIS D 496 -61.08 -33.55 -52.62
N LEU D 497 -60.60 -32.58 -51.84
CA LEU D 497 -60.23 -32.80 -50.44
C LEU D 497 -61.26 -32.15 -49.52
N LEU D 498 -62.00 -32.95 -48.76
CA LEU D 498 -63.00 -32.43 -47.84
C LEU D 498 -62.41 -32.50 -46.44
N VAL D 499 -62.56 -31.41 -45.66
CA VAL D 499 -62.02 -31.38 -44.30
C VAL D 499 -63.11 -30.95 -43.33
N MET D 500 -63.02 -31.44 -42.09
CA MET D 500 -64.00 -31.11 -41.06
C MET D 500 -63.37 -31.20 -39.68
N LYS D 501 -63.90 -30.39 -38.76
CA LYS D 501 -63.45 -30.36 -37.39
C LYS D 501 -64.65 -30.16 -36.46
N GLY D 502 -64.49 -30.58 -35.22
CA GLY D 502 -65.56 -30.43 -34.24
C GLY D 502 -65.26 -31.21 -32.97
N ALA D 503 -66.23 -31.22 -32.06
CA ALA D 503 -66.05 -31.94 -30.81
C ALA D 503 -65.89 -33.43 -31.10
N PRO D 504 -65.08 -34.16 -30.32
CA PRO D 504 -64.86 -35.59 -30.61
C PRO D 504 -66.12 -36.44 -30.64
N GLU D 505 -67.13 -36.11 -29.82
CA GLU D 505 -68.37 -36.88 -29.82
C GLU D 505 -69.24 -36.58 -31.04
N ARG D 506 -69.03 -35.43 -31.69
CA ARG D 506 -69.79 -35.06 -32.88
C ARG D 506 -69.09 -35.48 -34.17
N ILE D 507 -67.82 -35.90 -34.09
CA ILE D 507 -67.08 -36.34 -35.26
C ILE D 507 -67.01 -37.86 -35.22
N LEU D 508 -67.11 -38.43 -34.01
CA LEU D 508 -67.11 -39.89 -33.91
C LEU D 508 -68.36 -40.48 -34.58
N ASP D 509 -69.46 -39.73 -34.58
CA ASP D 509 -70.71 -40.17 -35.22
C ASP D 509 -70.61 -40.06 -36.74
N ARG D 510 -69.77 -39.16 -37.24
CA ARG D 510 -69.59 -38.92 -38.66
C ARG D 510 -68.23 -39.37 -39.18
N CYS D 511 -67.76 -40.54 -38.77
CA CYS D 511 -66.48 -41.07 -39.22
C CYS D 511 -66.53 -42.59 -39.26
N SER D 512 -65.77 -43.15 -40.20
CA SER D 512 -65.64 -44.60 -40.34
C SER D 512 -64.22 -45.05 -40.69
N SER D 513 -63.44 -44.21 -41.35
CA SER D 513 -62.07 -44.52 -41.73
C SER D 513 -61.14 -43.83 -40.74
N ILE D 514 -59.96 -44.41 -40.55
CA ILE D 514 -58.95 -43.90 -39.63
C ILE D 514 -57.62 -43.85 -40.35
N LEU D 515 -56.93 -42.72 -40.27
CA LEU D 515 -55.64 -42.53 -40.93
C LEU D 515 -54.51 -42.98 -40.01
N ILE D 516 -53.57 -43.75 -40.55
CA ILE D 516 -52.41 -44.25 -39.82
C ILE D 516 -51.23 -44.29 -40.78
N HIS D 517 -50.22 -43.45 -40.52
CA HIS D 517 -48.99 -43.32 -41.31
C HIS D 517 -49.21 -43.10 -42.79
N GLY D 518 -50.45 -42.78 -43.18
CA GLY D 518 -50.75 -42.55 -44.58
C GLY D 518 -51.88 -43.40 -45.13
N LYS D 519 -52.06 -44.62 -44.62
CA LYS D 519 -53.11 -45.50 -45.12
C LYS D 519 -54.31 -45.51 -44.16
N GLU D 520 -55.46 -45.90 -44.68
CA GLU D 520 -56.70 -45.93 -43.92
C GLU D 520 -57.05 -47.32 -43.41
N GLN D 521 -57.78 -47.35 -42.28
CA GLN D 521 -58.22 -48.55 -41.59
C GLN D 521 -59.63 -48.33 -41.08
N PRO D 522 -60.37 -49.41 -40.78
CA PRO D 522 -61.73 -49.23 -40.26
C PRO D 522 -61.75 -48.69 -38.83
N LEU D 523 -62.95 -48.44 -38.29
CA LEU D 523 -63.09 -47.94 -36.93
C LEU D 523 -63.03 -49.07 -35.91
N ASP D 524 -62.01 -49.94 -36.01
CA ASP D 524 -61.88 -51.07 -35.10
C ASP D 524 -61.83 -50.59 -33.66
N GLU D 525 -62.60 -51.26 -32.79
CA GLU D 525 -62.69 -50.88 -31.39
C GLU D 525 -61.35 -51.01 -30.67
N GLU D 526 -60.39 -51.77 -31.22
CA GLU D 526 -59.08 -51.91 -30.59
C GLU D 526 -58.34 -50.58 -30.59
N LEU D 527 -58.58 -49.75 -31.60
CA LEU D 527 -58.00 -48.43 -31.70
C LEU D 527 -59.02 -47.33 -31.44
N LYS D 528 -60.32 -47.63 -31.56
CA LYS D 528 -61.36 -46.64 -31.26
C LYS D 528 -61.48 -46.44 -29.75
N ASP D 529 -61.38 -47.52 -28.96
CA ASP D 529 -61.42 -47.35 -27.51
C ASP D 529 -60.12 -46.71 -27.04
N ALA D 530 -59.03 -46.97 -27.78
CA ALA D 530 -57.75 -46.35 -27.50
C ALA D 530 -57.83 -44.86 -27.78
N PHE D 531 -58.76 -44.47 -28.66
CA PHE D 531 -59.03 -43.06 -28.94
C PHE D 531 -59.83 -42.46 -27.79
N GLN D 532 -60.75 -43.25 -27.21
CA GLN D 532 -61.58 -42.75 -26.10
C GLN D 532 -60.75 -42.45 -24.86
N ASN D 533 -59.83 -43.33 -24.49
CA ASN D 533 -59.02 -43.04 -23.30
C ASN D 533 -58.10 -41.85 -23.53
N ALA D 534 -57.65 -41.62 -24.76
CA ALA D 534 -56.81 -40.46 -25.03
C ALA D 534 -57.63 -39.18 -24.93
N TYR D 535 -58.90 -39.24 -25.36
CA TYR D 535 -59.77 -38.09 -25.22
C TYR D 535 -59.98 -37.78 -23.75
N LEU D 536 -60.11 -38.83 -22.91
CA LEU D 536 -60.27 -38.61 -21.47
C LEU D 536 -58.97 -38.17 -20.82
N GLU D 537 -57.82 -38.43 -21.47
CA GLU D 537 -56.54 -37.99 -20.94
C GLU D 537 -56.37 -36.49 -21.12
N LEU D 538 -56.60 -36.00 -22.34
CA LEU D 538 -56.48 -34.56 -22.57
C LEU D 538 -57.61 -33.79 -21.89
N GLY D 539 -58.83 -34.35 -21.87
CA GLY D 539 -59.93 -33.68 -21.20
C GLY D 539 -59.75 -33.60 -19.70
N GLY D 540 -59.31 -34.71 -19.08
CA GLY D 540 -59.07 -34.71 -17.66
C GLY D 540 -57.92 -33.83 -17.25
N LEU D 541 -57.07 -33.45 -18.20
CA LEU D 541 -55.92 -32.59 -17.99
C LEU D 541 -56.32 -31.11 -17.97
N GLY D 542 -57.63 -30.82 -17.98
CA GLY D 542 -58.11 -29.46 -17.95
C GLY D 542 -58.02 -28.73 -19.27
N GLU D 543 -57.97 -29.45 -20.39
CA GLU D 543 -57.86 -28.85 -21.71
C GLU D 543 -59.14 -29.08 -22.52
N ARG D 544 -59.29 -28.28 -23.57
CA ARG D 544 -60.42 -28.35 -24.48
C ARG D 544 -59.93 -29.11 -25.72
N VAL D 545 -60.62 -30.20 -26.05
CA VAL D 545 -60.24 -31.08 -27.16
C VAL D 545 -61.14 -30.88 -28.38
N LEU D 546 -60.52 -30.97 -29.56
CA LEU D 546 -61.19 -30.89 -30.84
C LEU D 546 -60.71 -32.07 -31.68
N GLY D 547 -61.52 -32.47 -32.67
CA GLY D 547 -61.20 -33.57 -33.55
C GLY D 547 -61.19 -33.15 -34.99
N PHE D 548 -60.12 -33.52 -35.70
CA PHE D 548 -59.90 -33.17 -37.10
C PHE D 548 -59.91 -34.41 -38.00
N CYS D 549 -60.56 -34.26 -39.15
CA CYS D 549 -60.66 -35.37 -40.09
C CYS D 549 -60.77 -34.84 -41.51
N HIS D 550 -60.57 -35.73 -42.47
CA HIS D 550 -60.64 -35.40 -43.88
C HIS D 550 -61.04 -36.64 -44.68
N LEU D 551 -61.38 -36.42 -45.94
CA LEU D 551 -61.77 -37.51 -46.82
C LEU D 551 -61.57 -37.07 -48.26
N PHE D 552 -61.19 -38.03 -49.10
CA PHE D 552 -60.97 -37.79 -50.52
C PHE D 552 -62.29 -38.01 -51.24
N LEU D 553 -62.90 -36.92 -51.70
CA LEU D 553 -64.17 -37.05 -52.41
C LEU D 553 -63.94 -37.72 -53.76
N PRO D 554 -64.78 -38.68 -54.15
CA PRO D 554 -64.58 -39.33 -55.45
C PRO D 554 -64.85 -38.38 -56.60
N ASP D 555 -63.78 -37.93 -57.27
CA ASP D 555 -63.96 -37.01 -58.39
C ASP D 555 -64.71 -37.64 -59.55
N GLU D 556 -64.86 -38.97 -59.55
CA GLU D 556 -65.64 -39.65 -60.58
C GLU D 556 -67.12 -39.40 -60.37
N GLN D 557 -67.53 -39.16 -59.12
CA GLN D 557 -68.91 -38.86 -58.76
C GLN D 557 -69.13 -37.36 -58.54
N PHE D 558 -68.04 -36.59 -58.44
CA PHE D 558 -68.10 -35.13 -58.27
C PHE D 558 -67.00 -34.56 -59.15
N PRO D 559 -67.32 -34.25 -60.40
CA PRO D 559 -66.30 -33.74 -61.34
C PRO D 559 -65.73 -32.40 -60.90
N GLU D 560 -64.67 -32.00 -61.60
CA GLU D 560 -63.96 -30.75 -61.32
C GLU D 560 -64.80 -29.50 -61.57
N GLY D 561 -65.93 -29.63 -62.27
CA GLY D 561 -66.77 -28.47 -62.52
C GLY D 561 -68.00 -28.44 -61.65
N PHE D 562 -68.28 -29.54 -60.95
CA PHE D 562 -69.45 -29.61 -60.08
C PHE D 562 -69.31 -28.63 -58.92
N GLN D 563 -70.31 -27.78 -58.75
CA GLN D 563 -70.34 -26.80 -57.67
C GLN D 563 -71.15 -27.39 -56.54
N PHE D 564 -70.51 -27.58 -55.38
CA PHE D 564 -71.12 -28.20 -54.21
C PHE D 564 -71.87 -27.15 -53.38
N ASP D 565 -72.92 -26.61 -53.98
CA ASP D 565 -73.74 -25.59 -53.34
C ASP D 565 -74.26 -26.06 -51.99
N THR D 566 -74.11 -25.20 -50.98
CA THR D 566 -74.48 -25.53 -49.60
C THR D 566 -75.99 -25.59 -49.34
N ASP D 567 -76.59 -26.75 -49.63
CA ASP D 567 -78.01 -26.95 -49.33
C ASP D 567 -78.37 -28.38 -48.93
N ASP D 568 -77.96 -29.33 -49.76
CA ASP D 568 -78.27 -30.75 -49.59
C ASP D 568 -77.00 -31.56 -49.35
N VAL D 569 -77.15 -32.88 -49.37
CA VAL D 569 -76.04 -33.80 -49.11
C VAL D 569 -75.12 -33.88 -50.32
N ASN D 570 -74.11 -33.01 -50.36
CA ASN D 570 -73.10 -32.99 -51.41
C ASN D 570 -71.81 -33.67 -50.96
N PHE D 571 -71.65 -33.88 -49.65
CA PHE D 571 -70.49 -34.51 -49.06
C PHE D 571 -70.92 -35.66 -48.15
N PRO D 572 -70.23 -36.79 -48.19
CA PRO D 572 -70.59 -37.89 -47.30
C PRO D 572 -70.26 -37.53 -45.87
N LEU D 573 -71.29 -37.29 -45.04
CA LEU D 573 -71.07 -36.91 -43.64
C LEU D 573 -70.32 -38.02 -42.90
N ASP D 574 -70.71 -39.27 -43.14
CA ASP D 574 -70.06 -40.43 -42.53
C ASP D 574 -68.92 -40.88 -43.46
N ASN D 575 -68.31 -42.02 -43.14
CA ASN D 575 -67.23 -42.64 -43.91
C ASN D 575 -65.99 -41.76 -44.01
N LEU D 576 -65.87 -40.72 -43.20
CA LEU D 576 -64.71 -39.86 -43.24
C LEU D 576 -63.50 -40.57 -42.63
N CYS D 577 -62.34 -39.97 -42.85
CA CYS D 577 -61.07 -40.48 -42.36
C CYS D 577 -60.58 -39.58 -41.24
N PHE D 578 -60.68 -40.05 -40.00
CA PHE D 578 -60.25 -39.28 -38.83
C PHE D 578 -58.72 -39.34 -38.71
N VAL D 579 -58.09 -38.20 -38.42
CA VAL D 579 -56.64 -38.19 -38.28
C VAL D 579 -56.22 -38.12 -36.82
N GLY D 580 -56.87 -37.26 -36.03
CA GLY D 580 -56.54 -37.16 -34.62
C GLY D 580 -57.14 -35.94 -33.99
N LEU D 581 -57.08 -35.95 -32.66
CA LEU D 581 -57.58 -34.86 -31.83
C LEU D 581 -56.51 -33.81 -31.63
N ILE D 582 -56.93 -32.63 -31.20
CA ILE D 582 -56.02 -31.53 -30.93
C ILE D 582 -56.57 -30.78 -29.72
N SER D 583 -55.84 -30.79 -28.62
CA SER D 583 -56.26 -30.13 -27.39
C SER D 583 -55.60 -28.75 -27.30
N MET D 584 -56.14 -27.92 -26.39
CA MET D 584 -55.60 -26.57 -26.22
C MET D 584 -56.03 -26.00 -24.87
N ILE D 585 -55.15 -25.17 -24.32
CA ILE D 585 -55.39 -24.52 -23.04
C ILE D 585 -54.37 -23.39 -22.88
N ASP D 586 -54.60 -22.50 -21.91
CA ASP D 586 -53.64 -21.44 -21.63
C ASP D 586 -52.51 -22.10 -20.85
N PRO D 587 -51.30 -22.14 -21.38
CA PRO D 587 -50.22 -22.82 -20.69
C PRO D 587 -49.48 -21.89 -19.74
N PRO D 588 -48.79 -22.44 -18.75
CA PRO D 588 -48.02 -21.60 -17.84
C PRO D 588 -46.86 -20.95 -18.60
N ARG D 589 -46.38 -19.82 -18.08
CA ARG D 589 -45.29 -19.11 -18.73
C ARG D 589 -44.01 -19.97 -18.69
N ALA D 590 -43.02 -19.57 -19.51
CA ALA D 590 -41.77 -20.32 -19.67
C ALA D 590 -41.02 -20.58 -18.36
N ALA D 591 -40.55 -19.52 -17.70
CA ALA D 591 -39.76 -19.65 -16.47
C ALA D 591 -40.61 -19.77 -15.21
N VAL D 592 -41.91 -20.07 -15.34
CA VAL D 592 -42.79 -20.23 -14.18
C VAL D 592 -42.51 -21.53 -13.43
N PRO D 593 -42.50 -22.72 -14.08
CA PRO D 593 -42.24 -23.96 -13.32
C PRO D 593 -40.89 -23.97 -12.62
N ASP D 594 -39.85 -23.46 -13.29
CA ASP D 594 -38.52 -23.40 -12.69
C ASP D 594 -38.56 -22.49 -11.46
N ALA D 595 -39.23 -21.35 -11.59
CA ALA D 595 -39.33 -20.40 -10.48
C ALA D 595 -40.07 -21.01 -9.28
N VAL D 596 -41.12 -21.79 -9.55
CA VAL D 596 -41.86 -22.43 -8.46
C VAL D 596 -40.95 -23.38 -7.71
N GLY D 597 -40.12 -24.12 -8.45
CA GLY D 597 -39.18 -25.03 -7.81
C GLY D 597 -38.17 -24.30 -6.93
N LYS D 598 -37.70 -23.14 -7.40
CA LYS D 598 -36.74 -22.38 -6.59
C LYS D 598 -37.37 -21.84 -5.32
N CYS D 599 -38.61 -21.33 -5.41
CA CYS D 599 -39.27 -20.79 -4.23
C CYS D 599 -39.57 -21.87 -3.20
N ARG D 600 -40.02 -23.04 -3.65
CA ARG D 600 -40.26 -24.12 -2.69
C ARG D 600 -38.92 -24.59 -2.10
N SER D 601 -37.84 -24.47 -2.88
CA SER D 601 -36.52 -24.84 -2.39
C SER D 601 -36.05 -23.87 -1.31
N ALA D 602 -36.38 -22.60 -1.46
CA ALA D 602 -36.02 -21.59 -0.47
C ALA D 602 -36.91 -21.66 0.75
N GLY D 603 -37.92 -22.52 0.75
CA GLY D 603 -38.82 -22.66 1.88
C GLY D 603 -40.07 -21.82 1.80
N ILE D 604 -40.42 -21.32 0.63
CA ILE D 604 -41.62 -20.48 0.46
C ILE D 604 -42.81 -21.35 0.06
N LYS D 605 -43.86 -21.30 0.88
CA LYS D 605 -45.06 -22.07 0.60
C LYS D 605 -45.82 -21.40 -0.54
N VAL D 606 -45.91 -22.09 -1.67
CA VAL D 606 -46.59 -21.55 -2.84
C VAL D 606 -48.06 -21.92 -2.78
N ILE D 607 -48.93 -20.92 -2.88
CA ILE D 607 -50.37 -21.10 -2.81
C ILE D 607 -51.01 -20.46 -4.04
N MET D 608 -51.72 -21.27 -4.82
CA MET D 608 -52.40 -20.77 -6.01
C MET D 608 -53.74 -20.18 -5.58
N VAL D 609 -53.99 -18.94 -6.01
CA VAL D 609 -55.24 -18.24 -5.71
C VAL D 609 -55.79 -17.76 -7.04
N THR D 610 -56.98 -18.24 -7.40
CA THR D 610 -57.58 -17.87 -8.67
C THR D 610 -59.08 -18.11 -8.63
N GLY D 611 -59.79 -17.46 -9.55
CA GLY D 611 -61.22 -17.61 -9.70
C GLY D 611 -61.58 -18.52 -10.85
N ASP D 612 -60.61 -19.24 -11.42
CA ASP D 612 -60.79 -20.15 -12.54
C ASP D 612 -61.43 -21.45 -12.07
N HIS D 613 -61.85 -22.27 -13.03
CA HIS D 613 -62.49 -23.54 -12.73
C HIS D 613 -61.52 -24.50 -12.05
N PRO D 614 -62.02 -25.34 -11.13
CA PRO D 614 -61.11 -26.25 -10.41
C PRO D 614 -60.46 -27.31 -11.29
N ILE D 615 -61.15 -27.75 -12.35
CA ILE D 615 -60.60 -28.77 -13.25
C ILE D 615 -59.32 -28.27 -13.91
N THR D 616 -59.26 -26.97 -14.24
CA THR D 616 -58.08 -26.40 -14.88
C THR D 616 -57.05 -25.91 -13.86
N ALA D 617 -57.51 -25.37 -12.73
CA ALA D 617 -56.59 -24.88 -11.71
C ALA D 617 -55.74 -26.02 -11.14
N LYS D 618 -56.36 -27.19 -10.92
CA LYS D 618 -55.60 -28.31 -10.39
C LYS D 618 -54.53 -28.79 -11.38
N ALA D 619 -54.87 -28.87 -12.67
CA ALA D 619 -53.91 -29.31 -13.68
C ALA D 619 -52.75 -28.33 -13.83
N ILE D 620 -53.05 -27.02 -13.86
CA ILE D 620 -51.97 -26.03 -13.99
C ILE D 620 -51.09 -26.07 -12.75
N ALA D 621 -51.70 -26.25 -11.56
CA ALA D 621 -50.90 -26.34 -10.34
C ALA D 621 -49.99 -27.55 -10.39
N LYS D 622 -50.45 -28.65 -11.02
CA LYS D 622 -49.59 -29.82 -11.15
C LYS D 622 -48.43 -29.53 -12.07
N GLY D 623 -48.68 -28.80 -13.16
CA GLY D 623 -47.64 -28.49 -14.12
C GLY D 623 -46.67 -27.39 -13.73
N VAL D 624 -46.96 -26.61 -12.70
CA VAL D 624 -46.04 -25.55 -12.31
C VAL D 624 -45.21 -25.97 -11.10
N GLY D 625 -45.76 -26.87 -10.29
CA GLY D 625 -45.06 -27.32 -9.10
C GLY D 625 -45.75 -27.00 -7.79
N ILE D 626 -46.90 -26.31 -7.81
CA ILE D 626 -47.60 -26.00 -6.56
C ILE D 626 -48.14 -27.29 -5.96
N ILE D 627 -48.50 -28.26 -6.80
CA ILE D 627 -48.99 -29.56 -6.38
C ILE D 627 -47.95 -30.57 -6.86
N SER D 628 -47.31 -31.25 -5.93
CA SER D 628 -46.28 -32.22 -6.27
C SER D 628 -46.87 -33.48 -6.87
N GLU D 629 -46.12 -34.09 -7.78
CA GLU D 629 -46.52 -35.33 -8.43
C GLU D 629 -46.43 -36.46 -7.41
N GLY D 630 -47.56 -37.11 -7.14
CA GLY D 630 -47.62 -38.18 -6.17
C GLY D 630 -48.56 -37.86 -5.03
N ASN D 631 -48.74 -36.57 -4.73
CA ASN D 631 -49.64 -36.14 -3.68
C ASN D 631 -51.07 -36.13 -4.22
N GLU D 632 -52.00 -36.56 -3.37
CA GLU D 632 -53.42 -36.60 -3.72
C GLU D 632 -54.22 -35.62 -2.89
N THR D 633 -55.38 -35.25 -3.42
CA THR D 633 -56.30 -34.35 -2.76
C THR D 633 -57.28 -35.14 -1.90
N VAL D 634 -58.20 -34.44 -1.24
CA VAL D 634 -59.20 -35.11 -0.43
C VAL D 634 -60.11 -35.95 -1.31
N GLU D 635 -60.35 -35.49 -2.56
CA GLU D 635 -61.19 -36.19 -3.52
C GLU D 635 -60.45 -37.33 -4.24
N ASP D 636 -59.14 -37.15 -4.49
CA ASP D 636 -58.36 -38.16 -5.20
C ASP D 636 -58.28 -39.47 -4.42
N ILE D 637 -58.20 -39.39 -3.09
CA ILE D 637 -58.16 -40.60 -2.27
C ILE D 637 -59.48 -41.36 -2.40
N ALA D 638 -60.60 -40.62 -2.38
CA ALA D 638 -61.91 -41.23 -2.51
C ALA D 638 -62.08 -41.92 -3.86
N ALA D 639 -61.67 -41.24 -4.94
CA ALA D 639 -61.79 -41.85 -6.26
C ALA D 639 -60.82 -43.03 -6.42
N ARG D 640 -59.65 -42.98 -5.79
CA ARG D 640 -58.70 -44.08 -5.91
C ARG D 640 -59.21 -45.32 -5.19
N LEU D 641 -60.02 -45.16 -4.14
CA LEU D 641 -60.57 -46.31 -3.42
C LEU D 641 -62.02 -46.62 -3.78
N ASN D 642 -62.63 -45.85 -4.68
CA ASN D 642 -64.04 -46.02 -5.09
C ASN D 642 -64.97 -45.92 -3.88
N ILE D 643 -64.66 -45.01 -2.98
CA ILE D 643 -65.43 -44.82 -1.76
C ILE D 643 -65.85 -43.36 -1.70
N PRO D 644 -66.92 -43.05 -0.94
CA PRO D 644 -67.34 -41.66 -0.80
C PRO D 644 -66.24 -40.83 -0.16
N VAL D 645 -66.24 -39.54 -0.49
CA VAL D 645 -65.20 -38.65 0.02
C VAL D 645 -65.35 -38.36 1.51
N SER D 646 -66.58 -38.42 2.05
CA SER D 646 -66.83 -38.13 3.46
C SER D 646 -66.23 -39.14 4.45
N GLN D 647 -65.63 -40.24 3.97
CA GLN D 647 -65.04 -41.26 4.84
C GLN D 647 -63.54 -41.09 5.09
N VAL D 648 -62.78 -40.68 4.06
CA VAL D 648 -61.33 -40.52 4.19
C VAL D 648 -60.97 -39.42 5.19
N ASN D 649 -59.73 -39.50 5.72
CA ASN D 649 -59.17 -38.57 6.69
C ASN D 649 -58.41 -37.45 5.97
N PRO D 650 -58.73 -36.17 6.24
CA PRO D 650 -57.98 -35.07 5.59
C PRO D 650 -56.51 -35.06 5.94
N ARG D 651 -56.10 -35.72 7.04
CA ARG D 651 -54.70 -35.76 7.42
C ARG D 651 -53.91 -36.64 6.47
N ASP D 652 -54.59 -37.53 5.74
CA ASP D 652 -53.93 -38.39 4.76
C ASP D 652 -53.68 -37.65 3.46
N ALA D 653 -54.38 -36.53 3.23
CA ALA D 653 -54.24 -35.74 2.01
C ALA D 653 -53.34 -34.54 2.33
N LYS D 654 -52.13 -34.57 1.78
CA LYS D 654 -51.21 -33.46 2.00
C LYS D 654 -51.68 -32.21 1.28
N ALA D 655 -52.30 -32.38 0.13
CA ALA D 655 -52.81 -31.27 -0.67
C ALA D 655 -54.33 -31.28 -0.66
N CYS D 656 -54.92 -30.13 -0.97
CA CYS D 656 -56.39 -30.09 -1.02
C CYS D 656 -56.86 -28.91 -1.85
N VAL D 657 -57.96 -29.11 -2.56
CA VAL D 657 -58.55 -28.07 -3.41
C VAL D 657 -59.72 -27.44 -2.68
N VAL D 658 -59.77 -26.10 -2.69
CA VAL D 658 -60.85 -25.37 -2.02
C VAL D 658 -61.61 -24.51 -3.03
N HIS D 659 -62.90 -24.78 -3.18
CA HIS D 659 -63.76 -24.03 -4.08
C HIS D 659 -64.33 -22.81 -3.38
N GLY D 660 -64.59 -21.76 -4.17
CA GLY D 660 -65.19 -20.57 -3.62
C GLY D 660 -66.59 -20.82 -3.13
N SER D 661 -67.24 -21.87 -3.66
CA SER D 661 -68.59 -22.22 -3.22
C SER D 661 -68.58 -22.64 -1.77
N ASP D 662 -67.50 -23.27 -1.32
CA ASP D 662 -67.36 -23.70 0.06
C ASP D 662 -66.66 -22.64 0.91
N LEU D 663 -65.82 -21.82 0.28
CA LEU D 663 -65.10 -20.79 1.02
C LEU D 663 -66.04 -19.72 1.56
N LYS D 664 -67.13 -19.42 0.84
CA LYS D 664 -68.07 -18.40 1.30
C LYS D 664 -68.68 -18.78 2.64
N ASP D 665 -68.96 -20.07 2.85
CA ASP D 665 -69.53 -20.59 4.08
C ASP D 665 -68.45 -21.11 5.04
N MET D 666 -67.43 -20.31 5.31
CA MET D 666 -66.33 -20.69 6.19
C MET D 666 -66.09 -19.63 7.27
N THR D 667 -65.34 -20.02 8.30
CA THR D 667 -64.96 -19.15 9.41
C THR D 667 -63.45 -18.90 9.34
N SER D 668 -62.98 -17.98 10.20
CA SER D 668 -61.54 -17.67 10.22
C SER D 668 -60.73 -18.87 10.71
N GLU D 669 -61.24 -19.54 11.75
CA GLU D 669 -60.54 -20.70 12.29
C GLU D 669 -60.45 -21.83 11.28
N GLN D 670 -61.51 -22.05 10.48
CA GLN D 670 -61.48 -23.10 9.47
C GLN D 670 -60.40 -22.83 8.42
N LEU D 671 -60.27 -21.55 8.01
CA LEU D 671 -59.22 -21.19 7.05
C LEU D 671 -57.85 -21.43 7.66
N ASP D 672 -57.71 -21.14 8.96
CA ASP D 672 -56.45 -21.38 9.65
C ASP D 672 -56.10 -22.87 9.58
N ASP D 673 -57.09 -23.73 9.84
CA ASP D 673 -56.85 -25.17 9.81
C ASP D 673 -56.41 -25.64 8.43
N ILE D 674 -57.00 -25.08 7.37
CA ILE D 674 -56.58 -25.51 6.03
C ILE D 674 -55.13 -25.12 5.77
N LEU D 675 -54.73 -23.92 6.19
CA LEU D 675 -53.33 -23.53 5.96
C LEU D 675 -52.36 -24.33 6.82
N LYS D 676 -52.78 -24.77 8.00
CA LYS D 676 -51.88 -25.50 8.90
C LYS D 676 -51.66 -26.97 8.50
N TYR D 677 -52.73 -27.69 8.16
CA TYR D 677 -52.59 -29.11 7.85
C TYR D 677 -52.38 -29.43 6.37
N HIS D 678 -52.63 -28.51 5.46
CA HIS D 678 -52.45 -28.76 4.04
C HIS D 678 -51.26 -27.93 3.57
N THR D 679 -50.22 -28.61 3.08
CA THR D 679 -49.01 -27.92 2.62
C THR D 679 -49.14 -27.33 1.22
N GLU D 680 -49.89 -27.99 0.33
CA GLU D 680 -50.09 -27.55 -1.04
C GLU D 680 -51.59 -27.27 -1.22
N ILE D 681 -51.92 -25.98 -1.25
CA ILE D 681 -53.29 -25.50 -1.34
C ILE D 681 -53.50 -24.74 -2.63
N VAL D 682 -54.66 -24.97 -3.24
CA VAL D 682 -55.09 -24.31 -4.46
C VAL D 682 -56.51 -23.81 -4.24
N PHE D 683 -56.68 -22.50 -4.30
CA PHE D 683 -57.98 -21.86 -4.12
C PHE D 683 -58.51 -21.57 -5.51
N ALA D 684 -59.59 -22.25 -5.89
CA ALA D 684 -60.19 -22.06 -7.20
C ALA D 684 -61.58 -21.46 -7.06
N ARG D 685 -62.00 -20.76 -8.12
CA ARG D 685 -63.30 -20.10 -8.17
C ARG D 685 -63.50 -19.12 -7.02
N THR D 686 -62.41 -18.50 -6.54
CA THR D 686 -62.48 -17.56 -5.43
C THR D 686 -62.71 -16.15 -5.96
N SER D 687 -63.73 -15.50 -5.40
CA SER D 687 -64.08 -14.15 -5.78
C SER D 687 -62.94 -13.20 -5.39
N PRO D 688 -62.90 -12.00 -5.99
CA PRO D 688 -61.82 -11.06 -5.61
C PRO D 688 -61.82 -10.77 -4.11
N GLN D 689 -63.03 -10.67 -3.52
CA GLN D 689 -63.15 -10.46 -2.08
C GLN D 689 -62.59 -11.65 -1.33
N GLN D 690 -62.81 -12.86 -1.86
CA GLN D 690 -62.25 -14.04 -1.22
C GLN D 690 -60.74 -14.06 -1.36
N LYS D 691 -60.20 -13.45 -2.42
CA LYS D 691 -58.74 -13.37 -2.55
C LYS D 691 -58.19 -12.55 -1.39
N LEU D 692 -58.90 -11.47 -1.06
CA LEU D 692 -58.48 -10.65 0.09
C LEU D 692 -58.53 -11.44 1.39
N ILE D 693 -59.61 -12.21 1.59
CA ILE D 693 -59.73 -12.99 2.83
C ILE D 693 -58.67 -14.10 2.91
N ILE D 694 -58.30 -14.69 1.77
CA ILE D 694 -57.28 -15.73 1.76
C ILE D 694 -55.95 -15.14 2.21
N VAL D 695 -55.61 -13.96 1.70
CA VAL D 695 -54.36 -13.33 2.12
C VAL D 695 -54.41 -13.00 3.61
N GLU D 696 -55.56 -12.49 4.09
CA GLU D 696 -55.66 -12.20 5.52
C GLU D 696 -55.51 -13.45 6.36
N GLY D 697 -55.98 -14.60 5.85
CA GLY D 697 -55.81 -15.84 6.56
C GLY D 697 -54.35 -16.24 6.64
N CYS D 698 -53.61 -16.05 5.53
CA CYS D 698 -52.18 -16.36 5.55
C CYS D 698 -51.42 -15.40 6.44
N GLN D 699 -51.92 -14.16 6.56
CA GLN D 699 -51.28 -13.15 7.41
C GLN D 699 -51.54 -13.43 8.88
N ARG D 700 -52.67 -14.07 9.21
CA ARG D 700 -52.93 -14.39 10.61
C ARG D 700 -51.88 -15.36 11.15
N GLN D 701 -51.23 -16.12 10.26
CA GLN D 701 -50.18 -17.04 10.65
C GLN D 701 -48.92 -16.31 11.06
N GLY D 702 -48.86 -15.00 10.83
CA GLY D 702 -47.69 -14.20 11.16
C GLY D 702 -46.59 -14.27 10.12
N ALA D 703 -46.85 -14.92 8.98
CA ALA D 703 -45.87 -15.06 7.92
C ALA D 703 -45.95 -13.93 6.90
N ILE D 704 -44.84 -13.68 6.23
CA ILE D 704 -44.78 -12.63 5.20
C ILE D 704 -45.36 -13.24 3.93
N VAL D 705 -46.37 -12.58 3.38
CA VAL D 705 -47.06 -13.07 2.20
C VAL D 705 -46.86 -12.11 1.03
N ALA D 706 -46.62 -12.67 -0.17
CA ALA D 706 -46.44 -11.92 -1.39
C ALA D 706 -47.49 -12.38 -2.38
N VAL D 707 -48.18 -11.45 -3.03
CA VAL D 707 -49.24 -11.79 -3.97
C VAL D 707 -48.79 -11.39 -5.37
N THR D 708 -48.83 -12.34 -6.30
CA THR D 708 -48.45 -12.11 -7.69
C THR D 708 -49.70 -12.28 -8.56
N GLY D 709 -50.22 -11.16 -9.07
CA GLY D 709 -51.42 -11.20 -9.89
C GLY D 709 -51.36 -10.25 -11.08
N ASP D 710 -52.45 -10.24 -11.87
CA ASP D 710 -52.52 -9.34 -13.02
C ASP D 710 -53.89 -8.69 -13.24
N GLY D 711 -54.97 -9.47 -13.09
CA GLY D 711 -56.31 -8.95 -13.31
C GLY D 711 -56.79 -8.02 -12.23
N VAL D 712 -57.98 -7.45 -12.45
CA VAL D 712 -58.55 -6.53 -11.46
C VAL D 712 -58.91 -7.23 -10.17
N ASN D 713 -59.10 -8.55 -10.19
CA ASN D 713 -59.41 -9.28 -8.96
C ASN D 713 -58.21 -9.35 -8.02
N ASP D 714 -57.01 -9.14 -8.55
CA ASP D 714 -55.78 -9.17 -7.78
C ASP D 714 -55.47 -7.82 -7.15
N SER D 715 -56.27 -6.79 -7.43
CA SER D 715 -56.04 -5.48 -6.81
C SER D 715 -56.28 -5.53 -5.30
N PRO D 716 -57.42 -6.03 -4.80
CA PRO D 716 -57.61 -6.08 -3.34
C PRO D 716 -56.69 -7.08 -2.66
N ALA D 717 -56.16 -8.08 -3.39
CA ALA D 717 -55.27 -9.05 -2.78
C ALA D 717 -53.84 -8.53 -2.71
N SER D 718 -53.38 -7.83 -3.76
CA SER D 718 -52.02 -7.29 -3.75
C SER D 718 -51.90 -6.08 -2.84
N LYS D 719 -52.96 -5.26 -2.73
CA LYS D 719 -52.89 -4.08 -1.88
C LYS D 719 -52.70 -4.44 -0.41
N LYS D 720 -53.52 -5.35 0.12
CA LYS D 720 -53.41 -5.75 1.51
C LYS D 720 -52.18 -6.63 1.77
N ALA D 721 -51.66 -7.28 0.73
CA ALA D 721 -50.49 -8.12 0.90
C ALA D 721 -49.28 -7.28 1.29
N ASP D 722 -48.30 -7.94 1.92
CA ASP D 722 -47.08 -7.24 2.31
C ASP D 722 -46.36 -6.68 1.09
N ILE D 723 -46.53 -7.34 -0.06
CA ILE D 723 -45.97 -6.88 -1.33
C ILE D 723 -46.80 -7.42 -2.49
N GLY D 724 -47.24 -6.52 -3.36
CA GLY D 724 -48.01 -6.87 -4.53
C GLY D 724 -47.08 -6.90 -5.73
N VAL D 725 -47.11 -8.00 -6.46
CA VAL D 725 -46.30 -8.21 -7.64
C VAL D 725 -47.25 -8.25 -8.81
N ALA D 726 -47.12 -7.28 -9.70
CA ALA D 726 -47.99 -7.20 -10.85
C ALA D 726 -47.21 -7.41 -12.14
N MET D 727 -47.95 -7.74 -13.20
CA MET D 727 -47.39 -7.94 -14.53
C MET D 727 -47.42 -6.59 -15.22
N GLY D 728 -46.27 -6.20 -15.80
CA GLY D 728 -46.14 -4.90 -16.43
C GLY D 728 -46.97 -4.68 -17.68
N ILE D 729 -47.33 -5.75 -18.38
CA ILE D 729 -48.12 -5.64 -19.61
C ILE D 729 -49.40 -6.46 -19.54
N ALA D 730 -49.31 -7.71 -19.09
CA ALA D 730 -50.49 -8.57 -19.00
C ALA D 730 -51.31 -8.31 -17.76
N GLY D 731 -51.04 -7.24 -17.03
CA GLY D 731 -51.77 -6.90 -15.82
C GLY D 731 -52.63 -5.66 -16.04
N SER D 732 -53.81 -5.67 -15.42
CA SER D 732 -54.72 -4.54 -15.54
C SER D 732 -54.13 -3.34 -14.83
N ASP D 733 -54.62 -2.16 -15.19
CA ASP D 733 -54.10 -0.94 -14.58
C ASP D 733 -54.42 -0.85 -13.09
N VAL D 734 -55.56 -1.36 -12.66
CA VAL D 734 -55.96 -1.27 -11.25
C VAL D 734 -54.98 -2.01 -10.34
N SER D 735 -54.80 -3.32 -10.60
CA SER D 735 -53.88 -4.10 -9.77
C SER D 735 -52.43 -3.68 -10.00
N LYS D 736 -52.14 -3.02 -11.12
CA LYS D 736 -50.79 -2.56 -11.39
C LYS D 736 -50.46 -1.36 -10.53
N GLN D 737 -51.47 -0.55 -10.18
CA GLN D 737 -51.21 0.58 -9.32
C GLN D 737 -51.28 0.21 -7.85
N ALA D 738 -52.13 -0.75 -7.49
CA ALA D 738 -52.22 -1.15 -6.09
C ALA D 738 -51.03 -2.01 -5.64
N ALA D 739 -50.21 -2.50 -6.55
CA ALA D 739 -49.06 -3.33 -6.21
C ALA D 739 -47.89 -2.48 -5.72
N ASP D 740 -46.87 -3.17 -5.17
CA ASP D 740 -45.66 -2.53 -4.66
C ASP D 740 -44.45 -2.79 -5.55
N MET D 741 -44.49 -3.85 -6.36
CA MET D 741 -43.42 -4.24 -7.30
C MET D 741 -44.06 -4.68 -8.61
N ILE D 742 -43.51 -4.17 -9.71
CA ILE D 742 -43.97 -4.42 -11.06
C ILE D 742 -42.91 -5.19 -11.84
N LEU D 743 -43.36 -6.13 -12.66
CA LEU D 743 -42.49 -6.93 -13.51
C LEU D 743 -42.75 -6.43 -14.93
N LEU D 744 -41.94 -5.47 -15.38
CA LEU D 744 -42.11 -4.90 -16.72
C LEU D 744 -41.95 -5.94 -17.82
N ASP D 745 -41.13 -6.97 -17.58
CA ASP D 745 -40.90 -8.02 -18.55
C ASP D 745 -41.86 -9.19 -18.38
N ASP D 746 -42.68 -9.17 -17.32
CA ASP D 746 -43.64 -10.22 -16.98
C ASP D 746 -42.96 -11.56 -16.74
N ASN D 747 -41.65 -11.55 -16.53
CA ASN D 747 -40.90 -12.77 -16.27
C ASN D 747 -41.16 -13.17 -14.83
N PHE D 748 -41.82 -14.31 -14.63
CA PHE D 748 -42.11 -14.75 -13.28
C PHE D 748 -40.85 -15.20 -12.54
N ALA D 749 -39.75 -15.46 -13.27
CA ALA D 749 -38.50 -15.82 -12.61
C ALA D 749 -37.94 -14.62 -11.85
N SER D 750 -38.47 -13.42 -12.15
CA SER D 750 -38.07 -12.22 -11.45
C SER D 750 -38.43 -12.32 -9.98
N ILE D 751 -39.40 -13.16 -9.65
CA ILE D 751 -39.77 -13.39 -8.26
C ILE D 751 -38.61 -14.09 -7.53
N VAL D 752 -38.00 -15.07 -8.21
CA VAL D 752 -36.85 -15.77 -7.65
C VAL D 752 -35.67 -14.81 -7.51
N THR D 753 -35.46 -13.97 -8.52
CA THR D 753 -34.39 -13.00 -8.44
C THR D 753 -34.65 -12.02 -7.29
N GLY D 754 -35.92 -11.68 -7.09
CA GLY D 754 -36.30 -10.77 -6.02
C GLY D 754 -36.07 -11.34 -4.64
N VAL D 755 -36.43 -12.60 -4.42
CA VAL D 755 -36.21 -13.18 -3.09
C VAL D 755 -34.71 -13.30 -2.81
N GLU D 756 -33.90 -13.56 -3.86
CA GLU D 756 -32.46 -13.64 -3.65
C GLU D 756 -31.90 -12.28 -3.23
N GLU D 757 -32.24 -11.23 -3.97
CA GLU D 757 -31.75 -9.90 -3.62
C GLU D 757 -32.34 -9.40 -2.30
N GLY D 758 -33.55 -9.84 -1.94
CA GLY D 758 -34.14 -9.41 -0.69
C GLY D 758 -33.35 -9.91 0.50
N ARG D 759 -33.08 -11.22 0.54
CA ARG D 759 -32.27 -11.71 1.66
C ARG D 759 -30.84 -11.17 1.60
N LEU D 760 -30.32 -10.97 0.37
CA LEU D 760 -28.96 -10.46 0.19
C LEU D 760 -28.80 -9.07 0.80
N ILE D 761 -29.66 -8.13 0.40
CA ILE D 761 -29.53 -6.77 0.94
C ILE D 761 -29.85 -6.76 2.42
N PHE D 762 -30.68 -7.69 2.91
CA PHE D 762 -30.95 -7.71 4.34
C PHE D 762 -29.67 -7.96 5.14
N ASP D 763 -28.92 -9.00 4.76
CA ASP D 763 -27.68 -9.29 5.48
C ASP D 763 -26.61 -8.22 5.24
N ASN D 764 -26.53 -7.67 4.02
CA ASN D 764 -25.55 -6.62 3.75
C ASN D 764 -25.87 -5.37 4.56
N LEU D 765 -27.16 -5.13 4.80
CA LEU D 765 -27.57 -4.00 5.63
C LEU D 765 -27.13 -4.23 7.05
N LYS D 766 -27.21 -5.48 7.52
CA LYS D 766 -26.73 -5.77 8.88
C LYS D 766 -25.26 -5.42 9.00
N LYS D 767 -24.46 -5.81 7.99
CA LYS D 767 -23.04 -5.51 8.02
C LYS D 767 -22.77 -4.00 8.01
N SER D 768 -23.46 -3.28 7.11
CA SER D 768 -23.27 -1.82 7.02
C SER D 768 -23.69 -1.14 8.33
N ILE D 769 -24.73 -1.66 8.97
CA ILE D 769 -25.19 -1.11 10.24
C ILE D 769 -24.14 -1.33 11.31
N ALA D 770 -23.61 -2.55 11.40
CA ALA D 770 -22.60 -2.86 12.41
C ALA D 770 -21.35 -2.01 12.17
N TYR D 771 -21.06 -1.67 10.91
CA TYR D 771 -19.92 -0.82 10.64
C TYR D 771 -20.14 0.58 11.19
N THR D 772 -21.29 1.18 10.89
CA THR D 772 -21.55 2.53 11.39
C THR D 772 -21.74 2.54 12.91
N LEU D 773 -22.28 1.46 13.47
CA LEU D 773 -22.50 1.34 14.91
C LEU D 773 -21.22 1.03 15.67
N THR D 774 -20.17 0.61 14.95
CA THR D 774 -18.91 0.35 15.61
C THR D 774 -18.16 1.65 15.89
N SER D 775 -18.19 2.58 14.94
CA SER D 775 -17.52 3.87 15.07
C SER D 775 -18.09 4.74 16.18
N ASN D 776 -19.26 4.38 16.71
CA ASN D 776 -19.90 5.18 17.76
C ASN D 776 -19.12 5.23 19.06
N ILE D 777 -18.54 4.10 19.49
CA ILE D 777 -17.79 4.06 20.75
C ILE D 777 -16.62 5.04 20.73
N PRO D 778 -15.71 5.04 19.75
CA PRO D 778 -14.62 6.01 19.76
C PRO D 778 -15.06 7.43 19.46
N GLU D 779 -16.33 7.63 19.12
CA GLU D 779 -16.83 8.97 18.88
C GLU D 779 -17.35 9.60 20.16
N ILE D 780 -17.87 8.80 21.08
CA ILE D 780 -18.44 9.32 22.32
C ILE D 780 -17.48 9.21 23.51
N THR D 781 -16.74 8.11 23.62
CA THR D 781 -15.79 7.95 24.73
C THR D 781 -14.86 9.14 24.93
N PRO D 782 -14.40 9.85 23.87
CA PRO D 782 -13.60 11.05 24.14
C PRO D 782 -14.38 12.05 24.97
N PHE D 783 -15.62 12.31 24.59
CA PHE D 783 -16.45 13.25 25.35
C PHE D 783 -16.84 12.68 26.71
N LEU D 784 -16.98 11.36 26.81
CA LEU D 784 -17.33 10.74 28.09
C LEU D 784 -16.23 10.93 29.12
N ILE D 785 -15.01 10.49 28.80
CA ILE D 785 -13.93 10.67 29.75
C ILE D 785 -13.57 12.14 29.85
N PHE D 786 -14.00 12.97 28.88
CA PHE D 786 -13.78 14.40 29.01
C PHE D 786 -14.55 14.90 30.21
N ILE D 787 -15.73 14.31 30.45
CA ILE D 787 -16.53 14.68 31.61
C ILE D 787 -15.96 14.04 32.88
N ILE D 788 -15.51 12.79 32.79
CA ILE D 788 -15.02 12.07 33.98
C ILE D 788 -13.63 12.48 34.47
N ALA D 789 -12.60 12.15 33.70
CA ALA D 789 -11.22 12.43 34.09
C ALA D 789 -10.86 13.91 34.04
N ASN D 790 -11.74 14.76 33.51
CA ASN D 790 -11.51 16.20 33.40
C ASN D 790 -10.22 16.50 32.65
N ILE D 791 -10.10 15.88 31.48
CA ILE D 791 -8.93 16.05 30.62
C ILE D 791 -9.31 16.94 29.44
N PRO D 792 -8.35 17.50 28.69
CA PRO D 792 -8.72 18.29 27.52
C PRO D 792 -9.48 17.42 26.53
N LEU D 793 -10.25 18.07 25.66
CA LEU D 793 -11.07 17.34 24.70
C LEU D 793 -10.26 16.40 23.81
N PRO D 794 -10.49 15.09 23.88
CA PRO D 794 -9.72 14.15 23.04
C PRO D 794 -10.12 14.14 21.57
N LEU D 795 -11.38 14.46 21.25
CA LEU D 795 -11.86 14.45 19.87
C LEU D 795 -12.87 15.57 19.64
N GLY D 796 -12.70 16.33 18.54
CA GLY D 796 -13.60 17.41 18.23
C GLY D 796 -14.87 16.96 17.50
N THR D 797 -15.80 17.92 17.34
CA THR D 797 -17.09 17.66 16.68
C THR D 797 -16.93 17.57 15.16
N VAL D 798 -16.32 18.60 14.58
CA VAL D 798 -16.13 18.66 13.13
C VAL D 798 -15.39 17.42 12.66
N THR D 799 -14.46 16.92 13.47
CA THR D 799 -13.72 15.71 13.13
C THR D 799 -14.68 14.51 13.08
N ILE D 800 -15.65 14.45 13.99
CA ILE D 800 -16.61 13.36 13.98
C ILE D 800 -17.42 13.40 12.70
N LEU D 801 -17.80 14.61 12.25
CA LEU D 801 -18.54 14.71 11.00
C LEU D 801 -17.68 14.21 9.85
N CYS D 802 -16.37 14.45 9.91
CA CYS D 802 -15.50 13.95 8.85
C CYS D 802 -15.49 12.43 8.84
N ILE D 803 -15.88 11.81 9.95
CA ILE D 803 -15.94 10.35 9.97
C ILE D 803 -17.28 9.83 9.50
N ASP D 804 -18.35 10.22 10.20
CA ASP D 804 -19.69 9.74 9.88
C ASP D 804 -20.23 10.23 8.54
N LEU D 805 -19.75 11.37 8.05
CA LEU D 805 -20.25 11.95 6.80
C LEU D 805 -19.16 12.14 5.74
N GLY D 806 -17.96 11.61 5.99
CA GLY D 806 -16.82 11.68 5.11
C GLY D 806 -16.24 10.36 4.66
N THR D 807 -15.31 9.93 5.51
CA THR D 807 -14.53 8.70 5.32
C THR D 807 -15.40 7.44 5.37
N ASP D 808 -16.28 7.31 6.38
CA ASP D 808 -17.09 6.10 6.53
C ASP D 808 -18.19 5.92 5.49
N MET D 809 -18.49 6.93 4.67
CA MET D 809 -19.56 6.78 3.69
C MET D 809 -19.23 5.70 2.67
N VAL D 810 -17.99 5.67 2.19
CA VAL D 810 -17.55 4.69 1.20
C VAL D 810 -17.51 3.28 1.77
N PRO D 811 -16.94 3.01 2.96
CA PRO D 811 -16.98 1.63 3.45
C PRO D 811 -18.40 1.14 3.72
N ALA D 812 -19.25 2.03 4.24
CA ALA D 812 -20.63 1.64 4.51
C ALA D 812 -21.38 1.30 3.23
N ILE D 813 -21.20 2.11 2.18
CA ILE D 813 -21.86 1.82 0.91
C ILE D 813 -21.22 0.59 0.25
N SER D 814 -19.89 0.50 0.31
CA SER D 814 -19.16 -0.63 -0.27
C SER D 814 -19.50 -1.92 0.44
N LEU D 815 -20.02 -1.83 1.66
CA LEU D 815 -20.45 -3.01 2.40
C LEU D 815 -21.75 -3.54 1.83
N ALA D 816 -22.43 -2.76 0.98
CA ALA D 816 -23.65 -3.20 0.33
C ALA D 816 -23.32 -4.06 -0.89
N TYR D 817 -22.18 -3.78 -1.53
CA TYR D 817 -21.73 -4.53 -2.69
C TYR D 817 -21.16 -5.90 -2.32
N GLU D 818 -21.29 -6.30 -1.06
CA GLU D 818 -20.78 -7.60 -0.65
C GLU D 818 -21.63 -8.71 -1.24
N GLN D 819 -20.98 -9.77 -1.68
CA GLN D 819 -21.71 -10.87 -2.25
C GLN D 819 -22.02 -11.89 -1.16
N ALA D 820 -22.67 -12.98 -1.56
CA ALA D 820 -23.09 -14.00 -0.62
C ALA D 820 -21.94 -14.80 -0.03
N GLU D 821 -21.99 -15.02 1.28
CA GLU D 821 -20.98 -15.82 1.96
C GLU D 821 -21.27 -17.30 1.74
N SER D 822 -22.54 -17.67 1.61
CA SER D 822 -22.97 -19.04 1.34
C SER D 822 -24.19 -18.93 0.43
N ASP D 823 -24.83 -20.06 0.15
CA ASP D 823 -26.02 -20.05 -0.71
C ASP D 823 -27.20 -19.49 0.07
N ILE D 824 -27.71 -18.33 -0.35
CA ILE D 824 -28.84 -17.71 0.35
C ILE D 824 -30.15 -18.35 -0.08
N MET D 825 -30.23 -18.90 -1.29
CA MET D 825 -31.45 -19.54 -1.77
C MET D 825 -31.61 -20.95 -1.23
N LYS D 826 -30.73 -21.34 -0.31
CA LYS D 826 -30.79 -22.63 0.35
C LYS D 826 -31.31 -22.51 1.78
N ARG D 827 -31.10 -21.35 2.40
CA ARG D 827 -31.56 -21.12 3.77
C ARG D 827 -33.06 -20.86 3.78
N GLN D 828 -33.65 -21.08 4.94
CA GLN D 828 -35.07 -20.89 5.16
C GLN D 828 -35.40 -19.41 5.36
N PRO D 829 -36.65 -19.01 5.12
CA PRO D 829 -37.01 -17.59 5.33
C PRO D 829 -36.79 -17.20 6.78
N ARG D 830 -36.29 -15.98 6.96
CA ARG D 830 -36.01 -15.47 8.29
C ARG D 830 -37.28 -15.33 9.12
N ASN D 831 -37.20 -15.74 10.38
CA ASN D 831 -38.33 -15.62 11.28
C ASN D 831 -38.44 -14.17 11.74
N PRO D 832 -39.65 -13.57 11.70
CA PRO D 832 -39.76 -12.15 12.12
C PRO D 832 -39.43 -11.92 13.58
N LYS D 833 -39.93 -12.77 14.47
CA LYS D 833 -39.66 -12.59 15.90
C LYS D 833 -38.26 -13.06 16.28
N THR D 834 -37.60 -13.86 15.45
CA THR D 834 -36.27 -14.34 15.80
C THR D 834 -35.11 -13.58 15.17
N ASP D 835 -34.94 -13.71 13.86
CA ASP D 835 -33.83 -13.08 13.16
C ASP D 835 -34.11 -11.61 12.95
N LYS D 836 -33.73 -10.80 13.94
CA LYS D 836 -33.92 -9.36 13.88
C LYS D 836 -32.74 -8.72 13.15
N LEU D 837 -32.99 -7.54 12.57
CA LEU D 837 -31.94 -6.84 11.85
C LEU D 837 -30.78 -6.46 12.76
N VAL D 838 -31.09 -5.80 13.87
CA VAL D 838 -30.10 -5.37 14.85
C VAL D 838 -30.56 -5.96 16.18
N ASN D 839 -29.79 -6.90 16.70
CA ASN D 839 -30.09 -7.59 17.94
C ASN D 839 -29.00 -7.29 18.98
N GLU D 840 -29.09 -7.96 20.13
CA GLU D 840 -28.10 -7.73 21.17
C GLU D 840 -26.74 -8.35 20.84
N GLN D 841 -26.67 -9.17 19.77
CA GLN D 841 -25.41 -9.76 19.35
C GLN D 841 -24.58 -8.73 18.57
N LEU D 842 -25.24 -8.04 17.63
CA LEU D 842 -24.57 -7.01 16.87
C LEU D 842 -24.10 -5.89 17.79
N ILE D 843 -24.92 -5.54 18.78
CA ILE D 843 -24.55 -4.51 19.75
C ILE D 843 -23.42 -5.01 20.64
N SER D 844 -23.47 -6.31 21.00
CA SER D 844 -22.41 -6.88 21.81
C SER D 844 -21.06 -6.78 21.12
N MET D 845 -21.05 -6.85 19.78
CA MET D 845 -19.78 -6.74 19.06
C MET D 845 -19.37 -5.31 18.73
N ALA D 846 -20.27 -4.53 18.13
CA ALA D 846 -19.96 -3.16 17.73
C ALA D 846 -19.78 -2.23 18.93
N TYR D 847 -20.85 -2.04 19.71
CA TYR D 847 -20.76 -1.16 20.86
C TYR D 847 -19.95 -1.77 21.99
N GLY D 848 -19.92 -3.10 22.09
CA GLY D 848 -19.19 -3.72 23.16
C GLY D 848 -17.72 -4.07 22.98
N GLN D 849 -17.34 -4.71 21.88
CA GLN D 849 -15.96 -5.14 21.72
C GLN D 849 -15.13 -4.40 20.68
N ILE D 850 -15.56 -4.41 19.41
CA ILE D 850 -14.77 -3.78 18.35
C ILE D 850 -14.63 -2.27 18.55
N GLY D 851 -15.76 -1.59 18.75
CA GLY D 851 -15.72 -0.14 18.97
C GLY D 851 -14.92 0.22 20.20
N MET D 852 -14.89 -0.69 21.18
CA MET D 852 -14.14 -0.46 22.41
C MET D 852 -12.65 -0.36 22.09
N ILE D 853 -12.16 -1.26 21.22
CA ILE D 853 -10.76 -1.21 20.84
C ILE D 853 -10.48 0.05 20.04
N GLN D 854 -11.45 0.49 19.22
CA GLN D 854 -11.26 1.72 18.46
C GLN D 854 -11.13 2.92 19.40
N ALA D 855 -11.92 2.92 20.48
CA ALA D 855 -11.84 4.00 21.46
C ALA D 855 -10.49 4.00 22.16
N LEU D 856 -10.01 2.82 22.55
CA LEU D 856 -8.72 2.74 23.22
C LEU D 856 -7.58 3.18 22.29
N GLY D 857 -7.65 2.83 21.00
CA GLY D 857 -6.60 3.27 20.08
C GLY D 857 -6.57 4.78 19.95
N GLY D 858 -7.76 5.38 19.94
CA GLY D 858 -7.80 6.84 19.86
C GLY D 858 -7.16 7.49 21.06
N PHE D 859 -7.47 6.98 22.26
CA PHE D 859 -6.87 7.58 23.45
C PHE D 859 -5.36 7.36 23.47
N PHE D 860 -4.90 6.27 22.87
CA PHE D 860 -3.47 6.04 22.80
C PHE D 860 -2.80 7.18 22.05
N THR D 861 -3.29 7.45 20.83
CA THR D 861 -2.72 8.55 20.06
C THR D 861 -2.87 9.89 20.79
N TYR D 862 -3.96 10.05 21.54
CA TYR D 862 -4.21 11.27 22.31
C TYR D 862 -3.06 11.52 23.30
N PHE D 863 -2.77 10.52 24.13
CA PHE D 863 -1.68 10.66 25.09
C PHE D 863 -0.33 10.74 24.40
N VAL D 864 -0.18 10.05 23.27
CA VAL D 864 1.09 10.05 22.55
C VAL D 864 1.46 11.47 22.13
N ILE D 865 0.52 12.15 21.47
CA ILE D 865 0.80 13.51 21.02
C ILE D 865 1.02 14.44 22.21
N LEU D 866 0.14 14.37 23.21
CA LEU D 866 0.30 15.29 24.34
C LEU D 866 1.61 15.06 25.08
N ALA D 867 1.95 13.80 25.33
CA ALA D 867 3.18 13.48 26.06
C ALA D 867 4.42 13.89 25.27
N GLU D 868 4.42 13.70 23.95
CA GLU D 868 5.58 14.10 23.16
C GLU D 868 5.70 15.62 23.07
N ASN D 869 4.61 16.34 23.32
CA ASN D 869 4.63 17.80 23.28
C ASN D 869 4.78 18.42 24.66
N GLY D 870 5.04 17.60 25.69
CA GLY D 870 5.25 18.10 27.03
C GLY D 870 4.13 17.88 28.01
N PHE D 871 3.01 17.28 27.59
CA PHE D 871 1.88 17.04 28.47
C PHE D 871 1.74 15.54 28.67
N LEU D 872 2.41 15.02 29.71
CA LEU D 872 2.41 13.62 30.06
C LEU D 872 0.98 13.13 30.26
N PRO D 873 0.67 11.88 29.90
CA PRO D 873 -0.71 11.41 30.07
C PRO D 873 -1.21 11.48 31.51
N ILE D 874 -0.32 11.29 32.49
CA ILE D 874 -0.75 11.35 33.87
C ILE D 874 -1.03 12.80 34.29
N HIS D 875 -0.32 13.78 33.69
CA HIS D 875 -0.49 15.20 34.02
C HIS D 875 -1.78 15.80 33.47
N LEU D 876 -2.39 15.17 32.46
CA LEU D 876 -3.62 15.70 31.86
C LEU D 876 -4.83 15.56 32.76
N LEU D 877 -4.73 14.87 33.89
CA LEU D 877 -5.87 14.71 34.77
C LEU D 877 -6.25 16.02 35.45
N GLY D 878 -7.55 16.33 35.44
CA GLY D 878 -8.06 17.56 36.03
C GLY D 878 -7.53 18.81 35.38
N LEU D 879 -7.02 18.69 34.15
CA LEU D 879 -6.42 19.80 33.42
C LEU D 879 -7.40 20.61 32.60
N ARG D 880 -8.54 20.02 32.19
CA ARG D 880 -9.51 20.75 31.38
C ARG D 880 -10.06 21.98 32.09
N VAL D 881 -9.98 22.01 33.42
CA VAL D 881 -10.50 23.16 34.17
C VAL D 881 -9.78 24.43 33.75
N ASN D 882 -8.44 24.37 33.68
CA ASN D 882 -7.67 25.52 33.24
C ASN D 882 -7.35 25.47 31.76
N TRP D 883 -7.44 24.29 31.14
CA TRP D 883 -7.15 24.16 29.73
C TRP D 883 -8.19 24.88 28.90
N ASP D 884 -9.49 24.62 29.17
CA ASP D 884 -10.56 25.26 28.40
C ASP D 884 -10.64 26.76 28.64
N ASP D 885 -10.02 27.29 29.69
CA ASP D 885 -10.07 28.73 29.91
C ASP D 885 -9.35 29.43 28.78
N ARG D 886 -9.95 30.52 28.29
CA ARG D 886 -9.39 31.26 27.16
C ARG D 886 -8.34 32.28 27.55
N TRP D 887 -8.26 32.68 28.82
CA TRP D 887 -7.32 33.71 29.21
C TRP D 887 -6.10 33.24 30.00
N ILE D 888 -6.07 31.98 30.45
CA ILE D 888 -4.90 31.52 31.19
C ILE D 888 -3.82 31.19 30.17
N ASN D 889 -3.01 32.18 29.81
CA ASN D 889 -1.97 31.98 28.82
C ASN D 889 -0.65 31.49 29.40
N ASP D 890 -0.69 30.88 30.60
CA ASP D 890 0.53 30.32 31.18
C ASP D 890 0.12 29.06 31.98
N VAL D 891 -0.13 27.96 31.28
CA VAL D 891 -0.51 26.70 31.92
C VAL D 891 0.71 25.81 31.93
N GLU D 892 1.15 25.44 33.13
CA GLU D 892 2.32 24.60 33.24
C GLU D 892 2.01 23.18 32.78
N ASP D 893 2.87 22.67 31.92
CA ASP D 893 2.83 21.33 31.36
C ASP D 893 3.57 20.41 32.31
N SER D 894 4.20 19.36 31.80
CA SER D 894 4.96 18.44 32.63
C SER D 894 6.42 18.83 32.78
N TYR D 895 6.99 19.55 31.80
CA TYR D 895 8.38 19.99 31.84
C TYR D 895 8.54 21.39 32.41
N GLY D 896 7.47 21.99 32.91
CA GLY D 896 7.53 23.32 33.44
C GLY D 896 7.28 24.43 32.45
N GLN D 897 7.13 24.10 31.17
CA GLN D 897 6.88 25.13 30.17
C GLN D 897 5.51 25.77 30.39
N GLN D 898 5.39 27.00 29.91
CA GLN D 898 4.14 27.76 30.01
C GLN D 898 3.52 27.86 28.62
N TRP D 899 2.30 27.34 28.48
CA TRP D 899 1.58 27.33 27.21
C TRP D 899 0.45 28.34 27.23
N THR D 900 0.31 29.11 26.15
CA THR D 900 -0.75 30.11 26.03
C THR D 900 -2.06 29.42 25.67
N TYR D 901 -3.09 30.21 25.40
CA TYR D 901 -4.38 29.63 25.05
C TYR D 901 -4.32 28.99 23.67
N GLU D 902 -3.96 29.77 22.64
CA GLU D 902 -3.90 29.20 21.30
C GLU D 902 -2.77 28.18 21.17
N GLN D 903 -1.66 28.37 21.88
CA GLN D 903 -0.58 27.40 21.78
C GLN D 903 -1.04 26.01 22.21
N ARG D 904 -1.85 25.93 23.27
CA ARG D 904 -2.36 24.65 23.74
C ARG D 904 -3.60 24.22 22.95
N LYS D 905 -4.42 25.18 22.50
CA LYS D 905 -5.60 24.83 21.72
C LYS D 905 -5.21 24.29 20.38
N ILE D 906 -4.08 24.77 19.84
CA ILE D 906 -3.57 24.25 18.58
C ILE D 906 -3.20 22.80 18.78
N VAL D 907 -2.66 22.48 19.96
CA VAL D 907 -2.31 21.09 20.27
C VAL D 907 -3.58 20.25 20.39
N GLU D 908 -4.62 20.81 21.01
CA GLU D 908 -5.89 20.07 21.13
C GLU D 908 -6.51 19.81 19.75
N PHE D 909 -6.50 20.81 18.88
CA PHE D 909 -7.07 20.62 17.55
C PHE D 909 -6.19 19.70 16.71
N THR D 910 -4.87 19.79 16.90
CA THR D 910 -3.95 18.89 16.21
C THR D 910 -3.88 17.55 16.92
N CYS D 911 -4.75 17.38 17.93
CA CYS D 911 -4.93 16.12 18.63
C CYS D 911 -6.28 15.52 18.26
N HIS D 912 -7.20 16.36 17.74
CA HIS D 912 -8.48 15.88 17.25
C HIS D 912 -8.30 15.34 15.83
N THR D 913 -7.49 16.04 15.02
CA THR D 913 -7.22 15.58 13.65
C THR D 913 -6.59 14.19 13.61
N PRO D 914 -5.54 13.87 14.38
CA PRO D 914 -5.01 12.51 14.33
C PRO D 914 -5.92 11.52 14.99
N PHE D 915 -6.77 11.96 15.92
CA PHE D 915 -7.74 11.05 16.51
C PHE D 915 -8.70 10.60 15.41
N PHE D 916 -9.07 11.53 14.52
CA PHE D 916 -9.91 11.21 13.37
C PHE D 916 -9.17 10.23 12.47
N VAL D 917 -7.87 10.46 12.26
CA VAL D 917 -7.07 9.55 11.44
C VAL D 917 -7.02 8.17 12.11
N THR D 918 -6.90 8.16 13.45
CA THR D 918 -6.88 6.92 14.21
C THR D 918 -8.16 6.14 13.98
N ILE D 919 -9.27 6.85 13.88
CA ILE D 919 -10.54 6.18 13.61
C ILE D 919 -10.46 5.50 12.24
N VAL D 920 -9.95 6.21 11.25
CA VAL D 920 -9.84 5.60 9.90
C VAL D 920 -8.91 4.38 9.95
N VAL D 921 -7.83 4.46 10.72
CA VAL D 921 -6.88 3.35 10.83
C VAL D 921 -7.59 2.12 11.38
N VAL D 922 -8.38 2.28 12.45
CA VAL D 922 -9.09 1.12 12.98
C VAL D 922 -10.27 0.73 12.08
N GLN D 923 -10.75 1.66 11.24
CA GLN D 923 -11.83 1.34 10.32
C GLN D 923 -11.32 0.47 9.19
N TRP D 924 -9.99 0.45 8.99
CA TRP D 924 -9.43 -0.47 8.00
C TRP D 924 -9.79 -1.91 8.38
N ALA D 925 -9.42 -2.30 9.60
CA ALA D 925 -9.71 -3.64 10.08
C ALA D 925 -11.20 -3.84 10.32
N ASP D 926 -11.90 -2.80 10.81
CA ASP D 926 -13.34 -2.95 11.06
C ASP D 926 -14.08 -3.23 9.75
N LEU D 927 -13.66 -2.61 8.65
CA LEU D 927 -14.31 -2.84 7.37
C LEU D 927 -14.00 -4.25 6.86
N VAL D 928 -12.75 -4.70 7.03
CA VAL D 928 -12.40 -6.04 6.55
C VAL D 928 -13.11 -7.12 7.36
N ILE D 929 -13.30 -6.92 8.66
CA ILE D 929 -13.97 -7.94 9.45
C ILE D 929 -15.48 -7.89 9.27
N CYS D 930 -16.08 -6.69 9.17
CA CYS D 930 -17.51 -6.60 8.96
C CYS D 930 -17.88 -7.07 7.56
N LYS D 931 -16.89 -7.16 6.67
CA LYS D 931 -17.14 -7.64 5.31
C LYS D 931 -17.66 -9.07 5.32
N THR D 932 -17.19 -9.88 6.26
CA THR D 932 -17.60 -11.28 6.38
C THR D 932 -18.18 -11.51 7.76
N ARG D 933 -19.41 -12.03 7.81
CA ARG D 933 -20.04 -12.31 9.10
C ARG D 933 -19.61 -13.65 9.66
N ARG D 934 -19.36 -14.62 8.78
CA ARG D 934 -18.98 -15.97 9.19
C ARG D 934 -17.69 -16.48 8.55
N ASN D 935 -17.48 -16.20 7.27
CA ASN D 935 -16.29 -16.68 6.59
C ASN D 935 -15.06 -15.88 6.97
N SER D 936 -13.90 -16.49 6.73
CA SER D 936 -12.63 -15.85 6.97
C SER D 936 -12.36 -14.85 5.86
N VAL D 937 -11.46 -13.90 6.13
CA VAL D 937 -11.13 -12.94 5.08
C VAL D 937 -10.44 -13.66 3.94
N PHE D 938 -9.81 -14.80 4.24
CA PHE D 938 -9.16 -15.60 3.21
C PHE D 938 -10.19 -16.42 2.44
N GLN D 939 -11.27 -16.81 3.12
CA GLN D 939 -12.31 -17.56 2.44
C GLN D 939 -13.09 -16.63 1.51
N GLN D 940 -13.73 -15.61 2.09
CA GLN D 940 -14.51 -14.66 1.30
C GLN D 940 -13.64 -13.94 0.27
N GLY D 941 -12.49 -13.42 0.70
CA GLY D 941 -11.61 -12.76 -0.24
C GLY D 941 -11.95 -11.32 -0.54
N MET D 942 -10.91 -10.48 -0.64
CA MET D 942 -11.06 -9.05 -0.91
C MET D 942 -11.30 -8.81 -2.40
N LYS D 943 -12.43 -9.33 -2.88
CA LYS D 943 -12.82 -9.17 -4.27
C LYS D 943 -13.81 -8.03 -4.47
N ASN D 944 -14.26 -7.41 -3.37
CA ASN D 944 -15.18 -6.28 -3.43
C ASN D 944 -14.37 -5.07 -3.89
N LYS D 945 -14.40 -4.80 -5.19
CA LYS D 945 -13.62 -3.69 -5.76
C LYS D 945 -14.08 -2.34 -5.22
N ILE D 946 -15.38 -2.19 -4.95
CA ILE D 946 -15.85 -0.94 -4.38
C ILE D 946 -15.29 -0.81 -2.97
N LEU D 947 -15.15 -1.93 -2.26
CA LEU D 947 -14.60 -1.88 -0.90
C LEU D 947 -13.12 -1.50 -0.92
N ILE D 948 -12.40 -1.98 -1.93
CA ILE D 948 -11.00 -1.61 -2.07
C ILE D 948 -10.91 -0.11 -2.29
N PHE D 949 -11.76 0.41 -3.18
CA PHE D 949 -11.77 1.84 -3.38
C PHE D 949 -12.25 2.55 -2.13
N GLY D 950 -13.08 1.89 -1.32
CA GLY D 950 -13.52 2.51 -0.08
C GLY D 950 -12.35 2.76 0.84
N LEU D 951 -11.42 1.80 0.89
CA LEU D 951 -10.23 1.97 1.73
C LEU D 951 -9.32 3.04 1.16
N PHE D 952 -9.12 3.03 -0.16
CA PHE D 952 -8.23 4.03 -0.77
C PHE D 952 -8.80 5.44 -0.66
N GLU D 953 -10.09 5.61 -0.94
CA GLU D 953 -10.71 6.92 -0.85
C GLU D 953 -10.75 7.40 0.59
N GLU D 954 -11.20 6.54 1.52
CA GLU D 954 -11.28 6.93 2.91
C GLU D 954 -9.92 7.36 3.47
N THR D 955 -8.87 6.58 3.17
CA THR D 955 -7.54 6.90 3.66
C THR D 955 -6.98 8.19 3.04
N ALA D 956 -7.00 8.29 1.71
CA ALA D 956 -6.47 9.49 1.06
C ALA D 956 -7.27 10.72 1.46
N LEU D 957 -8.59 10.59 1.60
CA LEU D 957 -9.42 11.70 2.00
C LEU D 957 -9.05 12.17 3.40
N ALA D 958 -8.77 11.23 4.30
CA ALA D 958 -8.37 11.63 5.65
C ALA D 958 -7.05 12.43 5.60
N ALA D 959 -6.11 11.95 4.78
CA ALA D 959 -4.85 12.67 4.66
C ALA D 959 -5.08 14.06 4.10
N PHE D 960 -6.05 14.21 3.19
CA PHE D 960 -6.36 15.52 2.64
C PHE D 960 -6.96 16.43 3.71
N LEU D 961 -7.80 15.86 4.58
CA LEU D 961 -8.41 16.65 5.65
C LEU D 961 -7.39 17.13 6.67
N SER D 962 -6.19 16.55 6.66
CA SER D 962 -5.17 17.01 7.59
C SER D 962 -4.06 17.84 6.94
N TYR D 963 -3.66 17.49 5.71
CA TYR D 963 -2.57 18.19 5.03
C TYR D 963 -3.03 19.15 3.94
N CYS D 964 -4.31 19.52 3.90
CA CYS D 964 -4.53 20.48 2.84
C CYS D 964 -4.24 21.88 3.40
N PRO D 965 -3.69 22.83 2.59
CA PRO D 965 -3.39 24.15 3.15
C PRO D 965 -4.64 24.90 3.55
N GLY D 966 -4.87 24.99 4.87
CA GLY D 966 -6.03 25.68 5.38
C GLY D 966 -7.03 24.82 6.13
N MET D 967 -6.72 23.54 6.35
CA MET D 967 -7.65 22.70 7.09
C MET D 967 -7.75 23.15 8.55
N GLY D 968 -6.63 23.59 9.12
CA GLY D 968 -6.61 24.07 10.49
C GLY D 968 -7.24 25.44 10.66
N VAL D 969 -7.66 26.07 9.58
CA VAL D 969 -8.29 27.39 9.63
C VAL D 969 -9.81 27.29 9.54
N ALA D 970 -10.32 26.48 8.62
CA ALA D 970 -11.75 26.31 8.43
C ALA D 970 -12.32 25.22 9.32
N LEU D 971 -11.72 24.04 9.30
CA LEU D 971 -12.17 22.91 10.12
C LEU D 971 -11.36 22.73 11.39
N ARG D 972 -10.39 23.60 11.66
CA ARG D 972 -9.52 23.51 12.84
C ARG D 972 -8.80 22.16 12.89
N MET D 973 -8.47 21.62 11.72
CA MET D 973 -7.75 20.33 11.61
C MET D 973 -6.34 20.61 11.12
N TYR D 974 -5.39 20.55 12.04
CA TYR D 974 -4.00 20.82 11.72
C TYR D 974 -3.29 19.62 11.13
N PRO D 975 -2.16 19.83 10.43
CA PRO D 975 -1.41 18.71 9.86
C PRO D 975 -0.83 17.86 10.97
N LEU D 976 -0.59 16.59 10.64
CA LEU D 976 -0.08 15.61 11.59
C LEU D 976 1.38 15.29 11.37
N LYS D 977 2.11 15.10 12.47
CA LYS D 977 3.48 14.66 12.35
C LYS D 977 3.39 13.22 11.84
N PRO D 978 4.21 12.83 10.87
CA PRO D 978 4.06 11.50 10.26
C PRO D 978 4.02 10.30 11.20
N THR D 979 4.67 10.36 12.35
CA THR D 979 4.66 9.18 13.22
C THR D 979 3.27 8.86 13.78
N TRP D 980 2.35 9.84 13.78
CA TRP D 980 1.01 9.57 14.31
C TRP D 980 0.25 8.57 13.46
N TRP D 981 0.58 8.49 12.16
CA TRP D 981 -0.17 7.55 11.34
C TRP D 981 0.05 6.11 11.77
N PHE D 982 1.04 5.83 12.62
CA PHE D 982 1.27 4.46 13.06
C PHE D 982 0.89 4.22 14.51
N CYS D 983 0.44 5.26 15.23
CA CYS D 983 0.08 5.05 16.63
C CYS D 983 -1.12 4.14 16.79
N ALA D 984 -1.97 4.04 15.77
CA ALA D 984 -3.13 3.19 15.84
C ALA D 984 -2.98 1.90 15.04
N PHE D 985 -1.84 1.68 14.40
CA PHE D 985 -1.61 0.48 13.61
C PHE D 985 -1.84 -0.83 14.38
N PRO D 986 -1.30 -1.03 15.58
CA PRO D 986 -1.56 -2.30 16.27
C PRO D 986 -3.00 -2.48 16.68
N TYR D 987 -3.73 -1.40 16.99
CA TYR D 987 -5.12 -1.55 17.38
C TYR D 987 -5.95 -2.13 16.25
N SER D 988 -5.71 -1.65 15.02
CA SER D 988 -6.42 -2.21 13.87
C SER D 988 -6.03 -3.65 13.65
N LEU D 989 -4.72 -3.93 13.65
CA LEU D 989 -4.28 -5.31 13.44
C LEU D 989 -4.88 -6.25 14.49
N LEU D 990 -5.00 -5.77 15.73
CA LEU D 990 -5.59 -6.57 16.80
C LEU D 990 -7.08 -6.81 16.56
N ILE D 991 -7.80 -5.77 16.13
CA ILE D 991 -9.23 -5.92 15.86
C ILE D 991 -9.41 -6.99 14.78
N PHE D 992 -8.57 -6.94 13.76
CA PHE D 992 -8.62 -7.94 12.69
C PHE D 992 -8.37 -9.33 13.22
N VAL D 993 -7.36 -9.49 14.07
CA VAL D 993 -7.02 -10.81 14.60
C VAL D 993 -8.14 -11.36 15.48
N TYR D 994 -8.64 -10.56 16.41
CA TYR D 994 -9.69 -11.04 17.30
C TYR D 994 -10.94 -11.43 16.53
N ASP D 995 -11.37 -10.61 15.57
CA ASP D 995 -12.57 -10.98 14.83
C ASP D 995 -12.31 -12.15 13.88
N GLU D 996 -11.08 -12.27 13.35
CA GLU D 996 -10.76 -13.37 12.46
C GLU D 996 -10.78 -14.70 13.21
N VAL D 997 -10.15 -14.74 14.39
CA VAL D 997 -10.14 -15.97 15.18
C VAL D 997 -11.55 -16.22 15.72
N ARG D 998 -12.34 -15.16 15.92
CA ARG D 998 -13.70 -15.35 16.40
C ARG D 998 -14.53 -16.07 15.34
N LYS D 999 -14.51 -15.57 14.09
CA LYS D 999 -15.25 -16.24 13.02
C LYS D 999 -14.67 -17.63 12.76
N LEU D 1000 -13.38 -17.81 13.06
CA LEU D 1000 -12.79 -19.13 12.90
C LEU D 1000 -13.42 -20.12 13.89
N ILE D 1001 -13.60 -19.69 15.15
CA ILE D 1001 -14.21 -20.56 16.14
C ILE D 1001 -15.68 -20.78 15.79
N ILE D 1002 -16.32 -19.80 15.14
CA ILE D 1002 -17.70 -19.99 14.72
C ILE D 1002 -17.75 -21.10 13.68
N ARG D 1003 -16.68 -21.23 12.88
CA ARG D 1003 -16.62 -22.31 11.89
C ARG D 1003 -16.42 -23.67 12.55
N ARG D 1004 -15.38 -23.82 13.39
CA ARG D 1004 -15.13 -25.12 14.00
C ARG D 1004 -16.13 -25.46 15.11
N ARG D 1005 -16.77 -24.47 15.72
CA ARG D 1005 -17.74 -24.69 16.78
C ARG D 1005 -19.06 -23.99 16.44
N PRO D 1006 -19.92 -24.63 15.61
CA PRO D 1006 -21.23 -24.03 15.31
C PRO D 1006 -22.23 -24.40 16.39
N GLY D 1007 -21.74 -24.47 17.63
CA GLY D 1007 -22.55 -24.85 18.77
C GLY D 1007 -23.22 -23.66 19.41
N GLY D 1008 -22.66 -23.13 20.50
CA GLY D 1008 -23.34 -21.98 21.06
C GLY D 1008 -22.64 -20.69 21.45
N TRP D 1009 -21.50 -20.78 22.13
CA TRP D 1009 -20.82 -19.60 22.65
C TRP D 1009 -20.47 -18.52 21.63
N VAL D 1010 -19.58 -18.83 20.69
CA VAL D 1010 -19.19 -17.85 19.69
C VAL D 1010 -20.28 -17.61 18.65
N GLU D 1011 -21.36 -18.37 18.69
CA GLU D 1011 -22.43 -18.17 17.73
C GLU D 1011 -23.65 -17.49 18.32
N LYS D 1012 -24.07 -17.89 19.52
CA LYS D 1012 -25.24 -17.27 20.13
C LYS D 1012 -24.91 -15.94 20.79
N GLU D 1013 -23.65 -15.66 21.08
CA GLU D 1013 -23.28 -14.42 21.73
C GLU D 1013 -22.58 -13.42 20.84
N THR D 1014 -21.72 -13.89 19.94
CA THR D 1014 -20.95 -13.00 19.07
C THR D 1014 -21.48 -12.92 17.64
N TYR D 1015 -21.88 -14.05 17.04
CA TYR D 1015 -22.39 -14.03 15.68
C TYR D 1015 -23.71 -13.26 15.62
N TYR D 1016 -23.84 -12.38 14.63
CA TYR D 1016 -25.03 -11.56 14.48
C TYR D 1016 -25.54 -11.51 13.05
N LYS E 13 -47.61 -8.43 27.96
CA LYS E 13 -46.90 -8.94 26.78
C LYS E 13 -45.44 -8.51 26.80
N LYS E 14 -45.09 -7.64 27.76
CA LYS E 14 -43.74 -7.12 27.94
C LYS E 14 -43.16 -7.58 29.27
N PHE E 15 -43.50 -8.80 29.69
CA PHE E 15 -43.02 -9.36 30.94
C PHE E 15 -41.91 -10.36 30.70
N ILE E 16 -41.03 -10.04 29.73
CA ILE E 16 -39.89 -10.87 29.39
C ILE E 16 -38.87 -10.70 30.51
N TRP E 17 -39.23 -9.88 31.51
CA TRP E 17 -38.43 -9.67 32.71
C TRP E 17 -37.99 -11.00 33.29
N ASN E 18 -38.99 -11.80 33.65
CA ASN E 18 -38.83 -13.12 34.23
C ASN E 18 -39.92 -14.03 33.70
N SER E 19 -39.78 -15.29 34.06
CA SER E 19 -40.71 -16.36 33.71
C SER E 19 -40.38 -17.49 34.67
N GLU E 20 -41.23 -18.53 34.66
CA GLU E 20 -40.91 -19.62 35.56
C GLU E 20 -39.78 -20.48 35.01
N LYS E 21 -39.35 -20.22 33.77
CA LYS E 21 -38.26 -20.97 33.14
C LYS E 21 -36.94 -20.17 33.15
N LYS E 22 -36.77 -19.28 34.13
CA LYS E 22 -35.52 -18.54 34.33
C LYS E 22 -34.99 -17.55 33.29
N GLU E 23 -35.44 -16.29 33.34
CA GLU E 23 -34.92 -15.24 32.48
C GLU E 23 -34.92 -13.95 33.31
N PHE E 24 -33.87 -13.13 33.20
CA PHE E 24 -33.79 -11.86 33.93
C PHE E 24 -33.32 -10.76 32.98
N LEU E 25 -34.14 -9.72 32.82
CA LEU E 25 -33.87 -8.58 31.96
C LEU E 25 -33.74 -8.99 30.51
N GLY E 26 -33.99 -10.26 30.20
CA GLY E 26 -33.90 -10.79 28.86
C GLY E 26 -33.28 -12.18 28.77
N ARG E 27 -32.35 -12.50 29.67
CA ARG E 27 -31.70 -13.81 29.65
C ARG E 27 -31.70 -14.41 31.05
N THR E 28 -31.31 -15.69 31.09
CA THR E 28 -31.26 -16.46 32.32
C THR E 28 -30.13 -15.99 33.23
N GLY E 29 -29.98 -16.70 34.35
CA GLY E 29 -28.94 -16.40 35.33
C GLY E 29 -27.59 -16.96 34.90
N GLY E 30 -27.59 -18.22 34.47
CA GLY E 30 -26.35 -18.84 34.01
C GLY E 30 -25.80 -18.10 32.80
N SER E 31 -26.68 -17.56 31.97
CA SER E 31 -26.25 -16.80 30.81
C SER E 31 -25.70 -15.45 31.22
N TRP E 32 -26.31 -14.83 32.24
CA TRP E 32 -25.83 -13.54 32.74
C TRP E 32 -24.42 -13.70 33.30
N PHE E 33 -24.18 -14.79 34.02
CA PHE E 33 -22.84 -15.00 34.57
C PHE E 33 -21.83 -15.31 33.47
N LYS E 34 -22.20 -16.13 32.48
CA LYS E 34 -21.25 -16.44 31.40
C LYS E 34 -20.83 -15.17 30.66
N ILE E 35 -21.82 -14.34 30.28
CA ILE E 35 -21.53 -13.12 29.55
C ILE E 35 -20.72 -12.15 30.41
N LEU E 36 -21.13 -11.97 31.68
CA LEU E 36 -20.42 -11.05 32.55
C LEU E 36 -18.97 -11.49 32.75
N LEU E 37 -18.75 -12.79 32.93
CA LEU E 37 -17.39 -13.29 33.10
C LEU E 37 -16.58 -13.05 31.84
N PHE E 38 -17.16 -13.30 30.67
CA PHE E 38 -16.43 -13.06 29.42
C PHE E 38 -16.05 -11.60 29.28
N TYR E 39 -17.01 -10.70 29.49
CA TYR E 39 -16.74 -9.26 29.35
C TYR E 39 -15.72 -8.80 30.38
N VAL E 40 -15.73 -9.38 31.56
CA VAL E 40 -14.73 -8.99 32.56
C VAL E 40 -13.35 -9.41 32.09
N ILE E 41 -13.22 -10.63 31.57
CA ILE E 41 -11.93 -11.10 31.08
C ILE E 41 -11.49 -10.29 29.85
N PHE E 42 -12.42 -10.07 28.92
CA PHE E 42 -12.13 -9.32 27.70
C PHE E 42 -11.71 -7.90 27.99
N TYR E 43 -12.52 -7.17 28.77
CA TYR E 43 -12.18 -5.80 29.12
C TYR E 43 -10.94 -5.75 30.00
N GLY E 44 -10.69 -6.80 30.78
CA GLY E 44 -9.47 -6.82 31.58
C GLY E 44 -8.26 -6.92 30.68
N CYS E 45 -8.35 -7.77 29.66
CA CYS E 45 -7.26 -7.90 28.70
C CYS E 45 -7.09 -6.59 27.93
N LEU E 46 -8.20 -5.95 27.58
CA LEU E 46 -8.15 -4.68 26.86
C LEU E 46 -7.46 -3.61 27.71
N ALA E 47 -7.81 -3.56 28.99
CA ALA E 47 -7.19 -2.60 29.89
C ALA E 47 -5.69 -2.87 30.02
N GLY E 48 -5.32 -4.14 30.16
CA GLY E 48 -3.91 -4.50 30.26
C GLY E 48 -3.13 -4.17 29.00
N ILE E 49 -3.76 -4.34 27.84
CA ILE E 49 -3.09 -4.04 26.57
C ILE E 49 -2.88 -2.54 26.43
N PHE E 50 -3.92 -1.75 26.71
CA PHE E 50 -3.78 -0.30 26.62
C PHE E 50 -2.72 0.18 27.60
N ILE E 51 -2.68 -0.41 28.80
CA ILE E 51 -1.69 -0.02 29.79
C ILE E 51 -0.28 -0.40 29.32
N GLY E 52 -0.12 -1.59 28.74
CA GLY E 52 1.20 -1.98 28.27
C GLY E 52 1.71 -1.07 27.17
N THR E 53 0.83 -0.73 26.21
CA THR E 53 1.24 0.15 25.13
C THR E 53 1.54 1.56 25.66
N ILE E 54 0.73 2.05 26.60
CA ILE E 54 0.98 3.37 27.15
C ILE E 54 2.27 3.35 27.97
N GLN E 55 2.64 2.21 28.55
CA GLN E 55 3.89 2.14 29.30
C GLN E 55 5.07 2.22 28.34
N VAL E 56 4.98 1.54 27.20
CA VAL E 56 6.05 1.65 26.21
C VAL E 56 6.15 3.09 25.74
N MET E 57 5.01 3.72 25.53
CA MET E 57 5.00 5.13 25.13
C MET E 57 5.68 5.97 26.20
N LEU E 58 5.45 5.63 27.48
CA LEU E 58 6.11 6.36 28.56
C LEU E 58 7.61 6.15 28.49
N LEU E 59 8.05 5.00 27.96
CA LEU E 59 9.47 4.73 27.81
C LEU E 59 10.06 5.47 26.62
N THR E 60 9.22 6.00 25.73
CA THR E 60 9.77 6.73 24.58
C THR E 60 10.14 8.18 24.93
N ILE E 61 9.83 8.64 26.14
CA ILE E 61 10.16 10.01 26.52
C ILE E 61 11.08 10.00 27.72
N SER E 62 11.90 11.04 27.82
CA SER E 62 12.84 11.19 28.92
C SER E 62 12.22 12.04 30.02
N GLU E 63 12.92 12.13 31.14
CA GLU E 63 12.44 12.91 32.27
C GLU E 63 12.99 14.33 32.29
N PHE E 64 14.02 14.61 31.49
CA PHE E 64 14.66 15.91 31.49
C PHE E 64 14.42 16.73 30.22
N LYS E 65 13.66 16.22 29.25
CA LYS E 65 13.44 17.02 28.05
C LYS E 65 12.28 16.53 27.20
N PRO E 66 11.40 17.44 26.76
CA PRO E 66 10.29 17.02 25.90
C PRO E 66 10.82 16.70 24.52
N THR E 67 10.29 15.64 23.93
CA THR E 67 10.75 15.24 22.60
C THR E 67 10.43 16.33 21.56
N TYR E 68 9.21 16.87 21.57
CA TYR E 68 8.84 17.93 20.65
C TYR E 68 8.66 19.25 21.40
N GLN E 69 9.35 20.28 20.92
CA GLN E 69 9.24 21.61 21.51
C GLN E 69 8.90 22.65 20.45
N ASP E 70 8.46 22.21 19.27
CA ASP E 70 8.15 23.11 18.17
C ASP E 70 6.79 23.80 18.28
N ARG E 71 5.87 23.27 19.09
CA ARG E 71 4.56 23.91 19.23
C ARG E 71 4.57 25.10 20.17
N VAL E 72 5.73 25.42 20.75
CA VAL E 72 5.91 26.54 21.66
C VAL E 72 7.05 27.40 21.14
N ALA E 73 7.24 27.42 19.81
CA ALA E 73 8.31 28.19 19.18
C ALA E 73 8.30 29.66 19.59
N PRO E 74 7.23 30.44 19.35
CA PRO E 74 7.24 31.82 19.82
C PRO E 74 6.71 31.89 21.24
N PRO E 75 7.53 32.24 22.24
CA PRO E 75 7.04 32.29 23.62
C PRO E 75 5.97 33.36 23.83
N GLY E 76 5.09 33.11 24.80
CA GLY E 76 4.01 34.02 25.13
C GLY E 76 4.45 35.16 26.02
N LEU E 77 3.51 36.05 26.30
CA LEU E 77 3.75 37.21 27.16
C LEU E 77 2.51 37.39 28.02
N THR E 78 2.56 36.90 29.25
CA THR E 78 1.42 36.98 30.14
C THR E 78 1.56 38.14 31.11
N GLN E 79 0.50 38.36 31.89
CA GLN E 79 0.45 39.42 32.88
C GLN E 79 0.01 38.86 34.22
N ILE E 80 0.13 39.67 35.27
CA ILE E 80 -0.28 39.24 36.60
C ILE E 80 -1.80 39.27 36.76
N PRO E 81 -2.54 40.34 36.39
CA PRO E 81 -3.99 40.26 36.57
C PRO E 81 -4.65 39.46 35.45
N GLN E 82 -4.74 38.14 35.64
CA GLN E 82 -5.35 37.29 34.63
C GLN E 82 -6.82 37.62 34.61
N SER E 83 -7.15 38.68 33.88
CA SER E 83 -8.51 39.17 33.76
C SER E 83 -9.36 38.21 32.91
N GLN E 84 -10.69 38.29 33.13
CA GLN E 84 -11.61 37.45 32.40
C GLN E 84 -11.64 37.78 30.91
N LYS E 85 -11.29 39.02 30.52
CA LYS E 85 -11.23 39.41 29.11
C LYS E 85 -10.04 40.34 28.86
N THR E 86 -8.98 40.18 29.65
CA THR E 86 -7.77 41.00 29.60
C THR E 86 -8.11 42.47 29.81
N GLU E 87 -9.19 42.72 30.55
CA GLU E 87 -9.67 44.06 30.82
C GLU E 87 -9.54 44.35 32.32
N ILE E 88 -9.10 45.57 32.62
CA ILE E 88 -8.92 46.01 34.00
C ILE E 88 -9.90 47.15 34.23
N SER E 89 -11.08 46.82 34.77
CA SER E 89 -12.14 47.78 35.07
C SER E 89 -12.43 47.74 36.56
N PHE E 90 -12.22 48.86 37.24
CA PHE E 90 -12.42 48.97 38.69
C PHE E 90 -12.68 50.42 39.04
N ARG E 91 -12.85 50.67 40.35
CA ARG E 91 -13.09 52.01 40.87
C ARG E 91 -11.92 52.42 41.76
N PRO E 92 -11.34 53.61 41.56
CA PRO E 92 -10.21 54.02 42.41
C PRO E 92 -10.55 54.17 43.88
N ASN E 93 -11.85 54.19 44.23
CA ASN E 93 -12.29 54.34 45.61
C ASN E 93 -12.68 53.00 46.25
N ASP E 94 -13.64 52.29 45.67
CA ASP E 94 -14.12 51.02 46.20
C ASP E 94 -13.02 49.98 46.32
N PRO E 95 -12.66 49.59 47.55
CA PRO E 95 -11.60 48.58 47.70
C PRO E 95 -12.04 47.21 47.22
N GLN E 96 -13.33 46.89 47.27
CA GLN E 96 -13.79 45.60 46.82
C GLN E 96 -13.88 45.53 45.30
N SER E 97 -13.86 46.68 44.62
CA SER E 97 -13.92 46.69 43.16
C SER E 97 -12.65 46.10 42.53
N TYR E 98 -11.49 46.37 43.14
CA TYR E 98 -10.23 45.87 42.62
C TYR E 98 -9.66 44.71 43.46
N GLU E 99 -10.50 44.02 44.23
CA GLU E 99 -10.04 42.91 45.06
C GLU E 99 -9.58 41.72 44.20
N SER E 100 -10.31 41.41 43.12
CA SER E 100 -9.95 40.30 42.26
C SER E 100 -8.58 40.47 41.62
N TYR E 101 -8.13 41.72 41.42
CA TYR E 101 -6.84 41.98 40.82
C TYR E 101 -5.72 41.77 41.84
N VAL E 102 -5.77 42.53 42.94
CA VAL E 102 -4.78 42.47 44.00
C VAL E 102 -4.62 41.04 44.54
N VAL E 103 -5.72 40.28 44.64
CA VAL E 103 -5.63 38.91 45.14
C VAL E 103 -4.71 38.08 44.27
N SER E 104 -4.88 38.17 42.95
CA SER E 104 -4.02 37.43 42.04
C SER E 104 -2.59 37.96 42.06
N ILE E 105 -2.40 39.27 42.24
CA ILE E 105 -1.03 39.80 42.26
C ILE E 105 -0.28 39.29 43.49
N VAL E 106 -0.93 39.31 44.66
CA VAL E 106 -0.28 38.84 45.88
C VAL E 106 0.00 37.34 45.81
N ARG E 107 -0.98 36.55 45.33
CA ARG E 107 -0.73 35.12 45.23
C ARG E 107 0.38 34.80 44.23
N PHE E 108 0.49 35.57 43.16
CA PHE E 108 1.56 35.34 42.19
C PHE E 108 2.92 35.66 42.79
N LEU E 109 3.06 36.84 43.41
CA LEU E 109 4.33 37.24 44.00
C LEU E 109 4.58 36.63 45.36
N GLU E 110 3.72 35.73 45.84
CA GLU E 110 3.93 35.11 47.14
C GLU E 110 5.18 34.25 47.18
N LYS E 111 5.65 33.78 46.03
CA LYS E 111 6.85 32.95 45.96
C LYS E 111 8.11 33.77 45.72
N TYR E 112 8.01 35.10 45.65
CA TYR E 112 9.14 35.97 45.43
C TYR E 112 9.60 36.73 46.67
N LYS E 113 8.97 36.50 47.82
CA LYS E 113 9.37 37.21 49.04
C LYS E 113 10.76 36.78 49.47
N ASP E 114 11.41 37.65 50.24
CA ASP E 114 12.77 37.35 50.71
C ASP E 114 12.80 36.11 51.60
N LEU E 115 11.67 35.77 52.25
CA LEU E 115 11.63 34.57 53.07
C LEU E 115 11.51 33.30 52.23
N ALA E 116 10.85 33.40 51.07
CA ALA E 116 10.70 32.23 50.21
C ALA E 116 12.05 31.81 49.63
N GLN E 117 12.88 32.78 49.23
CA GLN E 117 14.21 32.51 48.68
C GLN E 117 15.21 32.74 49.81
N LYS E 118 15.32 31.73 50.68
CA LYS E 118 16.24 31.81 51.81
C LYS E 118 17.29 30.71 51.81
N ASP E 119 16.99 29.55 51.24
CA ASP E 119 17.97 28.47 51.21
C ASP E 119 19.08 28.80 50.21
N ASP E 120 20.32 28.73 50.65
CA ASP E 120 21.46 29.01 49.78
C ASP E 120 21.88 27.82 48.95
N MET E 121 21.33 26.63 49.23
CA MET E 121 21.65 25.41 48.49
C MET E 121 20.88 25.27 47.19
N ILE E 122 19.86 26.10 46.96
CA ILE E 122 19.06 26.01 45.75
C ILE E 122 18.91 27.38 45.10
N PHE E 123 19.39 28.43 45.76
CA PHE E 123 19.31 29.78 45.24
C PHE E 123 20.71 30.34 45.04
N GLU E 124 20.87 31.16 44.00
CA GLU E 124 22.13 31.76 43.64
C GLU E 124 21.91 33.24 43.35
N ASP E 125 22.67 34.10 44.01
CA ASP E 125 22.54 35.54 43.82
C ASP E 125 23.19 35.91 42.48
N CYS E 126 22.34 36.17 41.47
CA CYS E 126 22.84 36.51 40.14
C CYS E 126 23.59 37.83 40.16
N GLY E 127 22.91 38.92 40.49
CA GLY E 127 23.54 40.21 40.53
C GLY E 127 22.56 41.34 40.30
N ASN E 128 23.00 42.54 40.65
CA ASN E 128 22.21 43.77 40.50
C ASN E 128 22.21 44.31 39.08
N VAL E 129 23.00 43.72 38.18
CA VAL E 129 23.08 44.18 36.79
C VAL E 129 22.84 42.98 35.88
N PRO E 130 22.00 43.10 34.85
CA PRO E 130 21.74 41.96 33.96
C PRO E 130 23.00 41.53 33.22
N SER E 131 23.33 40.24 33.32
CA SER E 131 24.53 39.70 32.68
C SER E 131 24.16 38.69 31.58
N GLU E 132 25.19 38.05 31.04
CA GLU E 132 25.04 37.06 29.98
C GLU E 132 24.32 35.83 30.51
N LEU E 133 23.97 34.93 29.59
CA LEU E 133 23.24 33.72 29.95
C LEU E 133 24.09 32.83 30.85
N LYS E 134 23.42 32.08 31.73
CA LYS E 134 24.06 31.18 32.69
C LYS E 134 23.67 29.74 32.36
N GLU E 135 24.58 29.03 31.69
CA GLU E 135 24.34 27.65 31.31
C GLU E 135 24.94 26.72 32.37
N ARG E 136 24.09 25.94 33.04
CA ARG E 136 24.52 25.01 34.08
C ARG E 136 24.64 23.59 33.51
N GLY E 137 25.64 23.41 32.65
CA GLY E 137 25.96 22.14 32.00
C GLY E 137 24.90 21.65 31.03
N GLU E 138 24.84 20.32 30.85
CA GLU E 138 23.88 19.68 29.97
C GLU E 138 22.57 19.41 30.71
N TYR E 139 21.56 18.92 29.98
CA TYR E 139 20.26 18.65 30.56
C TYR E 139 20.13 17.27 31.19
N ASN E 140 21.20 16.47 31.24
CA ASN E 140 21.10 15.14 31.83
C ASN E 140 21.05 15.25 33.35
N ASN E 141 21.00 14.09 34.01
CA ASN E 141 20.95 14.01 35.47
C ASN E 141 22.32 13.74 36.07
N GLU E 142 23.40 13.82 35.26
CA GLU E 142 24.74 13.58 35.78
C GLU E 142 25.09 14.60 36.86
N ARG E 143 24.60 15.82 36.73
CA ARG E 143 24.78 16.87 37.72
C ARG E 143 23.59 16.87 38.65
N GLY E 144 23.77 17.43 39.84
CA GLY E 144 22.69 17.48 40.81
C GLY E 144 21.61 18.47 40.44
N GLU E 145 20.80 18.85 41.41
CA GLU E 145 19.72 19.81 41.18
C GLU E 145 20.35 21.18 40.95
N ARG E 146 20.17 21.73 39.75
CA ARG E 146 20.75 23.02 39.40
C ARG E 146 20.25 24.14 40.32
N LYS E 147 20.98 25.25 40.29
CA LYS E 147 20.63 26.41 41.09
C LYS E 147 19.75 27.36 40.29
N VAL E 148 18.90 28.09 41.00
CA VAL E 148 17.99 29.06 40.40
C VAL E 148 18.37 30.44 40.89
N CYS E 149 18.57 31.38 39.96
CA CYS E 149 18.94 32.73 40.35
C CYS E 149 17.76 33.44 41.04
N ARG E 150 18.08 34.15 42.13
CA ARG E 150 17.09 34.87 42.92
C ARG E 150 16.58 36.11 42.19
N PHE E 151 15.36 36.54 42.56
CA PHE E 151 14.73 37.73 41.98
C PHE E 151 13.82 38.31 43.07
N ARG E 152 14.35 39.28 43.81
CA ARG E 152 13.60 39.93 44.88
C ARG E 152 12.59 40.92 44.31
N LEU E 153 11.50 41.11 45.05
CA LEU E 153 10.43 42.01 44.61
C LEU E 153 10.90 43.46 44.49
N GLU E 154 12.02 43.80 45.13
CA GLU E 154 12.54 45.18 45.07
C GLU E 154 12.90 45.62 43.66
N TRP E 155 13.19 44.67 42.77
CA TRP E 155 13.55 45.03 41.40
C TRP E 155 12.41 45.72 40.67
N LEU E 156 11.16 45.36 40.98
CA LEU E 156 9.99 45.98 40.36
C LEU E 156 9.62 47.17 41.25
N GLY E 157 10.28 48.29 41.00
CA GLY E 157 10.01 49.48 41.79
C GLY E 157 8.60 49.99 41.60
N ASN E 158 8.07 50.57 42.68
CA ASN E 158 6.73 51.16 42.73
C ASN E 158 5.59 50.18 42.48
N CYS E 159 5.87 48.89 42.24
CA CYS E 159 4.83 47.89 41.98
C CYS E 159 5.07 46.60 42.77
N SER E 160 5.40 46.74 44.06
CA SER E 160 5.60 45.59 44.92
C SER E 160 4.91 45.70 46.27
N GLY E 161 4.58 46.90 46.73
CA GLY E 161 3.93 47.17 48.00
C GLY E 161 4.83 47.17 49.22
N GLY E 168 -1.20 46.13 49.35
CA GLY E 168 -1.36 47.53 49.00
C GLY E 168 -0.69 47.88 47.69
N TYR E 169 -1.44 47.59 46.63
CA TYR E 169 -1.03 47.81 45.25
C TYR E 169 -1.54 49.17 44.76
N LYS E 170 -1.56 49.36 43.45
CA LYS E 170 -1.96 50.61 42.83
C LYS E 170 -3.43 50.65 42.42
N ASP E 171 -4.17 51.63 42.97
CA ASP E 171 -5.56 51.90 42.63
C ASP E 171 -5.60 52.94 41.51
N GLY E 172 -5.10 54.15 41.77
CA GLY E 172 -4.99 55.15 40.74
C GLY E 172 -3.64 54.86 40.10
N LYS E 173 -3.57 54.97 38.76
CA LYS E 173 -2.33 54.67 38.04
C LYS E 173 -1.97 53.21 38.33
N PRO E 174 -2.72 52.25 37.80
CA PRO E 174 -2.45 50.84 38.13
C PRO E 174 -1.14 50.31 37.59
N CYS E 175 -0.78 49.15 38.13
CA CYS E 175 0.43 48.40 37.80
C CYS E 175 0.03 47.10 37.13
N VAL E 176 0.78 46.72 36.10
CA VAL E 176 0.56 45.46 35.41
C VAL E 176 1.92 44.88 35.04
N ILE E 177 2.39 43.88 35.78
CA ILE E 177 3.67 43.30 35.45
C ILE E 177 3.47 42.27 34.35
N ILE E 178 4.52 42.07 33.57
CA ILE E 178 4.53 41.15 32.45
C ILE E 178 5.54 40.05 32.76
N LYS E 179 5.31 38.88 32.17
CA LYS E 179 6.17 37.72 32.37
C LYS E 179 6.35 36.98 31.06
N LEU E 180 7.57 36.49 30.83
CA LEU E 180 7.92 35.75 29.63
C LEU E 180 7.63 34.27 29.88
N ASN E 181 6.94 33.64 28.92
CA ASN E 181 6.57 32.23 29.03
C ASN E 181 7.79 31.34 29.22
N ARG E 182 7.83 30.67 30.36
CA ARG E 182 8.91 29.77 30.72
C ARG E 182 8.97 28.62 29.71
N VAL E 183 10.10 28.50 29.00
CA VAL E 183 10.29 27.46 28.02
C VAL E 183 11.60 26.75 28.32
N LEU E 184 11.59 25.42 28.25
CA LEU E 184 12.78 24.63 28.55
C LEU E 184 13.84 24.82 27.47
N GLY E 185 15.08 25.08 27.90
CA GLY E 185 16.21 25.26 27.02
C GLY E 185 16.16 26.46 26.10
N PHE E 186 15.16 27.31 26.26
CA PHE E 186 15.02 28.48 25.41
C PHE E 186 16.03 29.55 25.82
N LYS E 187 16.81 30.02 24.84
CA LYS E 187 17.82 31.05 25.07
C LYS E 187 17.35 32.34 24.39
N PRO E 188 16.90 33.33 25.15
CA PRO E 188 16.44 34.58 24.53
C PRO E 188 17.57 35.29 23.81
N LYS E 189 17.25 35.84 22.64
CA LYS E 189 18.20 36.58 21.82
C LYS E 189 17.61 37.95 21.51
N PRO E 190 18.05 39.00 22.20
CA PRO E 190 17.52 40.34 21.95
C PRO E 190 17.92 40.81 20.57
N PRO E 191 17.24 41.82 20.01
CA PRO E 191 17.63 42.31 18.68
C PRO E 191 19.01 42.92 18.70
N LYS E 192 19.63 42.97 17.51
CA LYS E 192 20.96 43.52 17.33
C LYS E 192 21.01 45.00 17.70
N ASN E 193 22.22 45.55 17.82
CA ASN E 193 22.35 46.98 18.10
C ASN E 193 21.74 47.79 16.97
N GLU E 194 21.60 47.18 15.79
CA GLU E 194 20.95 47.77 14.62
C GLU E 194 19.45 47.54 14.81
N SER E 195 18.89 48.27 15.77
CA SER E 195 17.47 48.16 16.12
C SER E 195 16.62 48.94 15.12
N LEU E 196 15.69 48.24 14.46
CA LEU E 196 14.80 48.82 13.45
C LEU E 196 13.64 49.58 14.09
N GLU E 197 13.96 50.78 14.61
CA GLU E 197 12.96 51.67 15.23
C GLU E 197 12.19 50.98 16.36
N THR E 198 12.82 50.81 17.53
CA THR E 198 12.18 50.08 18.61
C THR E 198 11.63 50.93 19.77
N TYR E 199 11.11 52.18 19.54
CA TYR E 199 10.50 52.93 20.65
C TYR E 199 11.39 53.21 21.85
N PRO E 200 11.86 54.49 22.07
CA PRO E 200 12.83 54.83 23.13
C PRO E 200 13.00 53.81 24.24
N VAL E 201 14.23 53.28 24.29
CA VAL E 201 14.64 52.23 25.21
C VAL E 201 16.08 52.49 25.61
N MET E 202 16.48 51.93 26.75
CA MET E 202 17.83 52.13 27.23
C MET E 202 18.86 51.44 26.32
N LYS E 203 20.12 51.84 26.48
CA LYS E 203 21.25 51.33 25.72
C LYS E 203 21.72 49.97 26.21
N TYR E 204 20.92 49.26 27.00
CA TYR E 204 21.30 47.93 27.48
C TYR E 204 20.83 46.84 26.53
N ASN E 205 21.10 47.06 25.24
CA ASN E 205 20.68 46.10 24.22
C ASN E 205 21.26 44.68 24.34
N PRO E 206 22.50 44.44 24.83
CA PRO E 206 22.99 43.05 24.81
C PRO E 206 22.55 42.08 25.91
N TYR E 207 22.27 42.50 27.13
CA TYR E 207 21.93 41.50 28.15
C TYR E 207 20.55 41.65 28.75
N VAL E 208 19.55 41.94 27.93
CA VAL E 208 18.17 42.03 28.42
C VAL E 208 17.26 41.99 27.21
N LEU E 209 16.16 41.24 27.35
CA LEU E 209 15.14 41.07 26.32
C LEU E 209 14.20 42.26 26.46
N PRO E 210 14.20 43.17 25.49
CA PRO E 210 13.34 44.34 25.56
C PRO E 210 11.86 44.02 25.37
N VAL E 211 11.02 44.81 26.04
CA VAL E 211 9.57 44.71 26.00
C VAL E 211 9.03 46.13 26.02
N HIS E 212 8.31 46.54 24.98
CA HIS E 212 7.77 47.88 24.93
C HIS E 212 6.26 47.86 24.73
N CYS E 213 5.56 48.64 25.53
CA CYS E 213 4.11 48.77 25.47
C CYS E 213 3.74 50.03 24.70
N THR E 214 2.53 50.03 24.17
CA THR E 214 2.03 51.17 23.40
C THR E 214 0.53 50.98 23.28
N GLY E 215 -0.14 51.92 22.62
CA GLY E 215 -1.56 51.81 22.41
C GLY E 215 -1.81 50.87 21.25
N LYS E 216 -2.97 51.00 20.64
CA LYS E 216 -3.26 50.15 19.49
C LYS E 216 -3.62 50.94 18.24
N ARG E 217 -4.15 52.14 18.39
CA ARG E 217 -4.52 52.97 17.25
C ARG E 217 -4.24 54.42 17.62
N ASP E 218 -4.64 55.33 16.74
CA ASP E 218 -4.45 56.75 16.97
C ASP E 218 -5.18 57.25 18.21
N GLU E 219 -6.25 56.56 18.62
CA GLU E 219 -7.02 56.96 19.80
C GLU E 219 -6.39 56.45 21.09
N ASP E 220 -6.10 55.15 21.15
CA ASP E 220 -5.50 54.55 22.35
C ASP E 220 -4.13 55.14 22.63
N LYS E 221 -3.34 55.39 21.59
CA LYS E 221 -2.01 55.94 21.78
C LYS E 221 -2.07 57.35 22.37
N GLU E 222 -3.17 58.07 22.15
CA GLU E 222 -3.28 59.43 22.70
C GLU E 222 -3.86 59.43 24.11
N LYS E 223 -4.82 58.54 24.40
CA LYS E 223 -5.42 58.51 25.73
C LYS E 223 -4.39 58.12 26.80
N VAL E 224 -3.53 57.16 26.50
CA VAL E 224 -2.49 56.69 27.44
C VAL E 224 -1.38 57.73 27.43
N GLY E 225 -1.31 58.56 28.47
CA GLY E 225 -0.30 59.59 28.54
C GLY E 225 1.14 59.17 28.77
N THR E 226 1.45 58.64 29.96
CA THR E 226 2.81 58.25 30.31
C THR E 226 2.84 56.86 30.93
N MET E 227 3.86 56.09 30.57
CA MET E 227 4.07 54.75 31.08
C MET E 227 5.47 54.68 31.70
N GLU E 228 5.56 54.02 32.85
CA GLU E 228 6.83 53.85 33.55
C GLU E 228 7.09 52.36 33.72
N TYR E 229 8.22 51.90 33.20
CA TYR E 229 8.61 50.50 33.27
C TYR E 229 9.57 50.26 34.42
N PHE E 230 9.54 49.04 34.97
CA PHE E 230 10.42 48.67 36.09
C PHE E 230 10.96 47.27 35.87
N GLY E 231 12.26 47.11 36.09
CA GLY E 231 12.92 45.83 35.92
C GLY E 231 14.19 45.72 36.74
N LEU E 232 15.00 44.73 36.37
CA LEU E 232 16.28 44.48 37.05
C LEU E 232 17.22 45.64 36.76
N GLY E 233 17.56 46.41 37.79
CA GLY E 233 18.45 47.53 37.62
C GLY E 233 17.86 48.71 36.87
N GLY E 234 16.58 48.66 36.55
CA GLY E 234 15.93 49.74 35.83
C GLY E 234 15.79 49.55 34.34
N TYR E 235 15.86 48.32 33.84
CA TYR E 235 15.74 48.08 32.41
C TYR E 235 14.41 47.43 32.09
N PRO E 236 13.68 47.92 31.06
CA PRO E 236 12.37 47.37 30.69
C PRO E 236 12.47 46.06 29.91
N GLY E 237 12.80 44.99 30.61
CA GLY E 237 12.93 43.70 29.95
C GLY E 237 13.30 42.60 30.92
N PHE E 238 13.75 41.50 30.33
CA PHE E 238 14.15 40.32 31.10
C PHE E 238 15.64 40.08 31.02
N PRO E 239 16.35 39.94 32.13
CA PRO E 239 17.80 39.71 32.07
C PRO E 239 18.12 38.32 31.56
N LEU E 240 19.19 38.22 30.76
CA LEU E 240 19.64 36.95 30.19
C LEU E 240 20.27 36.02 31.21
N GLN E 241 20.62 36.53 32.40
CA GLN E 241 21.25 35.72 33.45
C GLN E 241 20.31 34.69 34.06
N TYR E 242 19.01 34.73 33.76
CA TYR E 242 18.06 33.79 34.31
C TYR E 242 17.69 32.67 33.35
N TYR E 243 18.29 32.62 32.17
CA TYR E 243 17.97 31.61 31.17
C TYR E 243 19.20 30.77 30.84
N PRO E 244 19.01 29.54 30.31
CA PRO E 244 17.74 28.84 30.01
C PRO E 244 17.13 28.04 31.15
N TYR E 245 15.91 27.55 30.94
CA TYR E 245 15.19 26.74 31.91
C TYR E 245 15.59 25.28 31.76
N TYR E 246 15.72 24.58 32.89
CA TYR E 246 16.13 23.17 32.89
C TYR E 246 15.03 22.23 33.38
N GLY E 247 13.78 22.54 33.06
CA GLY E 247 12.67 21.69 33.45
C GLY E 247 12.29 21.78 34.92
N LYS E 248 11.06 21.38 35.24
CA LYS E 248 10.59 21.41 36.63
C LYS E 248 11.30 20.35 37.47
N LEU E 249 11.67 19.23 36.85
CA LEU E 249 12.33 18.15 37.57
C LEU E 249 13.72 18.57 38.06
N LEU E 250 14.51 19.23 37.20
CA LEU E 250 15.85 19.64 37.58
C LEU E 250 15.93 20.99 38.27
N GLN E 251 14.96 21.89 38.06
CA GLN E 251 14.97 23.21 38.69
C GLN E 251 13.63 23.55 39.31
N PRO E 252 13.26 22.89 40.41
CA PRO E 252 12.00 23.23 41.08
C PRO E 252 12.16 24.56 41.80
N LYS E 253 11.02 25.22 42.02
CA LYS E 253 10.98 26.53 42.68
C LYS E 253 11.79 27.57 41.89
N TYR E 254 11.74 27.45 40.57
CA TYR E 254 12.44 28.37 39.68
C TYR E 254 11.65 29.67 39.56
N LEU E 255 12.36 30.80 39.50
CA LEU E 255 11.72 32.11 39.42
C LEU E 255 12.13 32.83 38.12
N GLN E 256 11.21 32.82 37.15
CA GLN E 256 11.47 33.48 35.88
C GLN E 256 11.51 34.98 36.10
N PRO E 257 12.19 35.72 35.22
CA PRO E 257 12.28 37.18 35.40
C PRO E 257 10.91 37.84 35.27
N LEU E 258 10.76 38.98 35.95
CA LEU E 258 9.53 39.76 35.94
C LEU E 258 9.87 41.19 35.58
N MET E 259 8.86 41.90 35.06
CA MET E 259 9.01 43.29 34.65
C MET E 259 7.65 43.96 34.74
N ALA E 260 7.56 44.99 35.58
CA ALA E 260 6.28 45.69 35.77
C ALA E 260 6.14 46.88 34.84
N VAL E 261 4.89 47.27 34.61
CA VAL E 261 4.53 48.41 33.78
C VAL E 261 3.42 49.18 34.46
N GLN E 262 3.63 50.48 34.70
CA GLN E 262 2.65 51.34 35.34
C GLN E 262 2.19 52.40 34.36
N PHE E 263 0.89 52.66 34.33
CA PHE E 263 0.28 53.65 33.43
C PHE E 263 -0.10 54.86 34.28
N THR E 264 0.79 55.85 34.33
CA THR E 264 0.56 57.03 35.15
C THR E 264 -0.53 57.94 34.59
N ASN E 265 -0.34 58.48 33.39
CA ASN E 265 -1.33 59.41 32.84
C ASN E 265 -2.36 58.71 31.99
N LEU E 266 -3.43 58.23 32.62
CA LEU E 266 -4.52 57.58 31.94
C LEU E 266 -5.74 58.50 31.95
N THR E 267 -6.63 58.27 30.99
CA THR E 267 -7.87 59.04 30.88
C THR E 267 -8.91 58.24 31.65
N MET E 268 -9.19 58.67 32.89
CA MET E 268 -10.16 57.96 33.73
C MET E 268 -11.53 57.91 33.07
N ASP E 269 -12.27 56.84 33.40
CA ASP E 269 -13.61 56.58 32.87
C ASP E 269 -13.57 56.38 31.36
N THR E 270 -12.51 55.74 30.87
CA THR E 270 -12.34 55.48 29.45
C THR E 270 -11.57 54.19 29.25
N GLU E 271 -12.14 53.27 28.47
CA GLU E 271 -11.50 51.99 28.18
C GLU E 271 -10.52 52.18 27.04
N ILE E 272 -9.24 51.99 27.31
CA ILE E 272 -8.17 52.15 26.32
C ILE E 272 -7.41 50.85 26.18
N ARG E 273 -7.02 50.55 24.94
CA ARG E 273 -6.30 49.33 24.59
C ARG E 273 -4.79 49.57 24.58
N ILE E 274 -4.08 48.64 25.20
CA ILE E 274 -2.63 48.67 25.33
C ILE E 274 -2.08 47.34 24.79
N GLU E 275 -1.01 47.43 24.00
CA GLU E 275 -0.33 46.30 23.40
C GLU E 275 1.13 46.35 23.85
N CYS E 276 1.52 45.38 24.67
CA CYS E 276 2.89 45.26 25.16
C CYS E 276 3.55 44.21 24.28
N LYS E 277 4.39 44.67 23.36
CA LYS E 277 5.07 43.80 22.42
C LYS E 277 6.50 43.57 22.86
N ALA E 278 6.88 42.29 22.98
CA ALA E 278 8.22 41.90 23.36
C ALA E 278 9.02 41.74 22.07
N TYR E 279 10.20 42.35 22.02
CA TYR E 279 11.04 42.33 20.83
C TYR E 279 12.26 41.42 21.00
N GLY E 280 12.69 40.85 19.89
CA GLY E 280 13.83 39.96 19.88
C GLY E 280 13.82 39.08 18.65
N GLU E 281 14.96 38.46 18.40
CA GLU E 281 15.09 37.57 17.25
C GLU E 281 14.39 36.24 17.49
N ASN E 282 14.56 35.67 18.69
CA ASN E 282 13.95 34.40 19.07
C ASN E 282 12.52 34.58 19.57
N ILE E 283 11.92 35.74 19.33
CA ILE E 283 10.57 36.02 19.78
C ILE E 283 9.70 36.17 18.55
N GLY E 284 8.80 35.21 18.35
CA GLY E 284 7.89 35.24 17.21
C GLY E 284 6.57 35.88 17.58
N TYR E 285 5.72 36.06 16.57
CA TYR E 285 4.40 36.66 16.73
C TYR E 285 3.37 35.80 16.01
N SER E 286 2.11 36.17 16.14
CA SER E 286 1.04 35.42 15.50
C SER E 286 -0.21 36.29 15.37
N GLU E 287 -0.75 36.34 14.15
CA GLU E 287 -1.97 37.11 13.92
C GLU E 287 -3.20 36.40 14.47
N LYS E 288 -3.07 35.11 14.79
CA LYS E 288 -4.15 34.30 15.34
C LYS E 288 -4.08 34.22 16.87
N ASP E 289 -2.88 34.26 17.44
CA ASP E 289 -2.64 34.23 18.88
C ASP E 289 -2.07 35.59 19.26
N ARG E 290 -2.92 36.45 19.84
CA ARG E 290 -2.49 37.78 20.25
C ARG E 290 -1.58 37.74 21.47
N PHE E 291 -1.23 36.56 21.98
CA PHE E 291 -0.36 36.43 23.14
C PHE E 291 1.05 35.95 22.77
N GLN E 292 1.24 35.36 21.61
CA GLN E 292 2.56 34.90 21.19
C GLN E 292 3.44 36.11 20.91
N GLY E 293 4.40 36.36 21.78
CA GLY E 293 5.30 37.51 21.62
C GLY E 293 4.70 38.80 22.13
N ARG E 294 3.51 39.15 21.65
CA ARG E 294 2.86 40.37 22.09
C ARG E 294 1.91 40.08 23.24
N PHE E 295 1.19 41.11 23.67
CA PHE E 295 0.27 40.99 24.80
C PHE E 295 -0.67 42.20 24.79
N ASP E 296 -1.97 41.95 24.99
CA ASP E 296 -3.00 42.99 24.97
C ASP E 296 -3.70 43.14 26.31
N VAL E 297 -4.21 44.35 26.55
CA VAL E 297 -4.92 44.67 27.79
C VAL E 297 -5.88 45.84 27.52
N LYS E 298 -7.03 45.83 28.21
CA LYS E 298 -8.05 46.87 28.06
C LYS E 298 -8.24 47.52 29.44
N ILE E 299 -7.54 48.63 29.70
CA ILE E 299 -7.61 49.30 31.00
C ILE E 299 -8.68 50.38 31.00
N GLU E 300 -9.42 50.48 32.12
CA GLU E 300 -10.48 51.49 32.28
C GLU E 300 -10.60 51.78 33.77
N VAL E 301 -10.01 52.89 34.21
CA VAL E 301 -10.07 53.29 35.64
C VAL E 301 -11.25 54.25 35.75
N LYS E 302 -12.44 53.67 35.91
CA LYS E 302 -13.67 54.45 36.02
C LYS E 302 -13.89 54.90 37.46
N SER E 303 -14.00 56.21 37.66
CA SER E 303 -14.20 56.76 38.99
C SER E 303 -15.69 56.90 39.32
N ASP F 17 17.60 25.48 15.31
CA ASP F 17 16.91 25.31 16.58
C ASP F 17 15.94 24.13 16.57
N PRO F 18 15.81 23.42 17.69
CA PRO F 18 14.87 22.31 17.76
C PRO F 18 13.42 22.73 17.93
N PHE F 19 13.15 24.05 17.87
CA PHE F 19 11.83 24.64 18.00
C PHE F 19 11.19 24.95 16.66
N TYR F 20 11.77 24.46 15.57
CA TYR F 20 11.24 24.67 14.23
C TYR F 20 10.99 23.31 13.62
N TYR F 21 9.78 23.12 13.09
CA TYR F 21 9.39 21.87 12.48
C TYR F 21 9.18 22.06 10.98
N ASP F 22 9.66 21.10 10.20
CA ASP F 22 9.50 21.14 8.75
C ASP F 22 8.11 20.60 8.41
N TYR F 23 7.09 21.40 8.75
CA TYR F 23 5.71 21.03 8.48
C TYR F 23 5.40 21.06 6.99
N GLU F 24 6.09 21.90 6.23
CA GLU F 24 5.83 21.99 4.80
C GLU F 24 6.22 20.72 4.06
N THR F 25 7.36 20.10 4.42
CA THR F 25 7.76 18.87 3.75
C THR F 25 6.80 17.74 4.10
N VAL F 26 6.39 17.68 5.37
CA VAL F 26 5.45 16.65 5.81
C VAL F 26 4.08 16.86 5.16
N ARG F 27 3.59 18.10 5.14
CA ARG F 27 2.29 18.42 4.56
C ARG F 27 2.30 18.13 3.06
N ASN F 28 3.42 18.45 2.38
CA ASN F 28 3.55 18.18 0.96
C ASN F 28 3.51 16.67 0.70
N GLY F 29 4.24 15.90 1.53
CA GLY F 29 4.22 14.46 1.36
C GLY F 29 2.84 13.88 1.60
N GLY F 30 2.10 14.47 2.53
CA GLY F 30 0.75 14.01 2.79
C GLY F 30 -0.17 14.27 1.62
N LEU F 31 -0.01 15.44 0.96
CA LEU F 31 -0.85 15.74 -0.19
C LEU F 31 -0.50 14.82 -1.37
N ILE F 32 0.78 14.48 -1.52
CA ILE F 32 1.14 13.58 -2.61
C ILE F 32 0.56 12.19 -2.37
N PHE F 33 0.64 11.69 -1.14
CA PHE F 33 0.04 10.39 -0.85
C PHE F 33 -1.47 10.43 -1.03
N ALA F 34 -2.10 11.54 -0.61
CA ALA F 34 -3.53 11.66 -0.76
C ALA F 34 -3.92 11.67 -2.23
N ALA F 35 -3.02 12.11 -3.10
CA ALA F 35 -3.31 12.09 -4.53
C ALA F 35 -3.08 10.69 -5.11
N LEU F 36 -1.97 10.06 -4.72
CA LEU F 36 -1.60 8.74 -5.23
C LEU F 36 -2.59 7.65 -4.81
N ALA F 37 -2.88 7.53 -3.51
CA ALA F 37 -3.80 6.50 -3.04
C ALA F 37 -5.19 6.66 -3.66
N PHE F 38 -5.61 7.91 -3.89
CA PHE F 38 -6.92 8.17 -4.47
C PHE F 38 -6.98 7.79 -5.95
N ILE F 39 -6.01 8.24 -6.75
CA ILE F 39 -6.03 7.89 -8.16
C ILE F 39 -5.88 6.39 -8.34
N VAL F 40 -5.13 5.74 -7.45
CA VAL F 40 -5.01 4.30 -7.55
C VAL F 40 -6.36 3.64 -7.28
N GLY F 41 -7.12 4.16 -6.30
CA GLY F 41 -8.46 3.62 -6.06
C GLY F 41 -9.36 3.77 -7.26
N LEU F 42 -9.22 4.90 -7.97
CA LEU F 42 -10.02 5.11 -9.17
C LEU F 42 -9.69 4.04 -10.21
N ILE F 43 -8.39 3.74 -10.36
CA ILE F 43 -7.99 2.71 -11.31
C ILE F 43 -8.49 1.35 -10.83
N ILE F 44 -8.63 1.18 -9.51
CA ILE F 44 -9.09 -0.09 -8.95
C ILE F 44 -10.52 -0.37 -9.40
N ILE F 45 -11.42 0.60 -9.22
CA ILE F 45 -12.79 0.32 -9.64
C ILE F 45 -12.96 0.34 -11.15
N LEU F 46 -11.92 0.72 -11.89
CA LEU F 46 -11.97 0.73 -13.35
C LEU F 46 -11.20 -0.49 -13.85
N SER F 47 -11.75 -1.67 -13.56
CA SER F 47 -11.18 -2.96 -13.91
C SER F 47 -11.24 -3.26 -15.40
N LYS F 48 -11.75 -2.34 -16.21
CA LYS F 48 -11.86 -2.49 -17.66
C LYS F 48 -12.61 -3.76 -18.05
C1 NAG G . -7.19 -65.65 -26.31
C2 NAG G . -7.92 -65.22 -27.59
C3 NAG G . -8.50 -66.44 -28.31
C4 NAG G . -7.44 -67.53 -28.50
C5 NAG G . -6.73 -67.83 -27.18
C6 NAG G . -5.58 -68.80 -27.34
C7 NAG G . -9.03 -63.04 -27.86
C8 NAG G . -10.19 -62.18 -27.44
N2 NAG G . -8.97 -64.25 -27.30
O3 NAG G . -9.04 -66.03 -29.56
O4 NAG G . -8.07 -68.74 -28.94
O5 NAG G . -6.19 -66.62 -26.63
O6 NAG G . -5.27 -69.45 -26.12
O7 NAG G . -8.19 -62.65 -28.66
C1 NAG G . -7.96 -68.95 -30.36
C2 NAG G . -8.18 -70.45 -30.63
C3 NAG G . -8.16 -70.73 -32.13
C4 NAG G . -9.15 -69.81 -32.86
C5 NAG G . -8.87 -68.36 -32.52
C6 NAG G . -9.88 -67.40 -33.11
C7 NAG G . -7.34 -71.75 -28.71
C8 NAG G . -6.19 -72.56 -28.18
N2 NAG G . -7.18 -71.26 -29.95
O3 NAG G . -8.50 -72.09 -32.39
O4 NAG G . -9.06 -70.01 -34.27
O5 NAG G . -8.93 -68.18 -31.10
O6 NAG G . -9.43 -66.06 -33.04
O7 NAG G . -8.37 -71.56 -28.07
C1 NAG H . 0.85 -60.31 -39.56
C2 NAG H . -0.21 -60.36 -40.65
C3 NAG H . 0.33 -61.08 -41.87
C4 NAG H . 1.69 -60.56 -42.30
C5 NAG H . 2.64 -60.43 -41.10
C6 NAG H . 3.92 -59.69 -41.39
C7 NAG H . -2.44 -60.33 -39.60
C8 NAG H . -3.61 -61.16 -39.16
N2 NAG H . -1.43 -61.00 -40.16
O3 NAG H . -0.61 -60.94 -42.94
O4 NAG H . 2.21 -61.51 -43.23
O5 NAG H . 1.99 -59.69 -40.06
O6 NAG H . 4.90 -59.90 -40.38
O7 NAG H . -2.41 -59.11 -39.46
C1 NAG H . 3.04 -61.01 -44.33
C2 NAG H . 3.98 -62.16 -44.70
C3 NAG H . 4.93 -61.71 -45.80
C4 NAG H . 4.15 -61.15 -46.99
C5 NAG H . 3.17 -60.06 -46.53
C6 NAG H . 2.27 -59.57 -47.64
C7 NAG H . 4.30 -63.67 -42.79
C8 NAG H . 5.19 -64.03 -41.63
N2 NAG H . 4.71 -62.64 -43.55
O3 NAG H . 5.75 -62.80 -46.22
O4 NAG H . 5.05 -60.59 -47.94
O5 NAG H . 2.31 -60.59 -45.50
O6 NAG H . 1.58 -58.38 -47.27
O7 NAG H . 3.27 -64.28 -43.03
C1 NAG I . 7.48 55.81 43.07
C2 NAG I . 8.24 56.65 42.06
C3 NAG I . 8.80 57.90 42.73
C4 NAG I . 7.72 58.66 43.49
C5 NAG I . 6.95 57.72 44.41
C6 NAG I . 5.76 58.37 45.07
C7 NAG I . 9.55 55.87 40.12
C8 NAG I . 10.70 55.02 39.67
N2 NAG I . 9.32 55.88 41.44
O3 NAG I . 9.38 58.75 41.73
O4 NAG I . 8.31 59.66 44.30
O5 NAG I . 6.45 56.60 43.67
O6 NAG I . 5.52 57.84 46.37
O7 NAG I . 8.85 56.49 39.33
C1 NAG I . 8.15 60.98 43.78
C2 NAG I . 8.27 61.98 44.94
C3 NAG I . 8.18 63.42 44.42
C4 NAG I . 9.22 63.64 43.31
C5 NAG I . 9.05 62.60 42.22
C6 NAG I . 10.11 62.68 41.14
C7 NAG I . 7.42 60.96 47.01
C8 NAG I . 6.25 60.83 47.94
N2 NAG I . 7.24 61.75 45.94
O3 NAG I . 8.40 64.33 45.48
O4 NAG I . 9.08 64.94 42.77
O5 NAG I . 9.15 61.28 42.79
O6 NAG I . 9.90 61.72 40.12
O7 NAG I . 8.48 60.39 47.22
C1 NAG J . -1.04 64.26 32.29
C2 NAG J . -0.07 65.21 31.62
C3 NAG J . -0.60 66.65 31.68
C4 NAG J . -2.05 66.74 31.20
C5 NAG J . -2.91 65.65 31.85
C6 NAG J . -4.31 65.51 31.29
C7 NAG J . 2.16 64.21 31.94
C8 NAG J . 3.46 64.29 32.69
N2 NAG J . 1.24 65.13 32.25
O3 NAG J . 0.23 67.49 30.89
O4 NAG J . -2.52 68.04 31.53
O5 NAG J . -2.29 64.37 31.67
O6 NAG J . -5.01 64.42 31.85
O7 NAG J . 1.95 63.34 31.09
C1 NAG J . -3.35 68.63 30.51
C2 NAG J . -4.39 69.50 31.23
C3 NAG J . -5.33 70.15 30.21
C4 NAG J . -4.54 70.89 29.14
C5 NAG J . -3.48 69.98 28.52
C6 NAG J . -2.57 70.70 27.54
C7 NAG J . -4.71 68.48 33.45
C8 NAG J . -5.61 67.66 34.31
N2 NAG J . -5.14 68.72 32.21
O3 NAG J . -6.22 71.03 30.87
O4 NAG J . -5.41 71.35 28.12
O5 NAG J . -2.62 69.44 29.55
O6 NAG J . -1.64 69.80 26.95
O7 NAG J . -3.62 68.91 33.86
MG MG K . 54.47 21.02 0.51
NA NA L . 49.01 3.84 -2.02
MG MG M . 22.25 -15.89 -2.24
C1 PCW N . 27.62 2.94 -16.45
C2 PCW N . 28.22 1.51 -16.68
C3 PCW N . 27.09 0.50 -17.00
C4 PCW N . 28.55 7.69 -15.40
C5 PCW N . 28.83 8.66 -16.56
C6 PCW N . 27.78 10.49 -15.39
C7 PCW N . 30.17 10.24 -15.27
C8 PCW N . 29.15 10.94 -17.31
C11 PCW N . 25.47 -0.84 -16.02
C12 PCW N . 25.97 -2.25 -16.35
C31 PCW N . 30.07 0.45 -17.67
C32 PCW N . 30.13 -0.51 -18.88
N PCW N . 28.98 10.06 -16.13
O2 PCW N . 29.18 1.48 -17.78
O3 PCW N . 26.44 0.09 -15.80
O11 PCW N . 24.26 -0.60 -15.94
O31 PCW N . 30.81 0.26 -16.72
O1P PCW N . 28.85 5.43 -13.68
O2P PCW N . 26.49 5.02 -14.54
O3P PCW N . 28.44 3.75 -15.57
O4P PCW N . 28.16 6.38 -15.87
P PCW N . 27.93 5.14 -14.81
C1 PCW O . 34.99 -17.08 15.49
C2 PCW O . 33.90 -17.92 14.80
C3 PCW O . 34.42 -19.34 14.48
C4 PCW O . 36.76 -12.29 14.76
C5 PCW O . 36.21 -11.15 15.63
C6 PCW O . 37.39 -10.44 17.61
C7 PCW O . 38.56 -10.37 15.50
C8 PCW O . 36.71 -8.93 15.93
C11 PCW O . 34.54 -20.27 12.29
C12 PCW O . 33.85 -21.50 12.87
C31 PCW O . 32.64 -18.85 16.65
C32 PCW O . 31.57 -19.95 16.53
N PCW O . 37.25 -10.26 16.16
O2 PCW O . 32.70 -17.97 15.61
O3 PCW O . 35.08 -19.38 13.20
O11 PCW O . 34.60 -20.11 11.07
O31 PCW O . 33.33 -18.77 17.67
O1P PCW O . 37.51 -15.12 15.00
O2P PCW O . 35.91 -14.50 16.90
O3P PCW O . 35.07 -15.78 14.89
O4P PCW O . 35.80 -13.35 14.70
P PCW O . 36.15 -14.72 15.45
C1 PCW P . 21.05 4.40 -10.62
C2 PCW P . 20.28 3.11 -10.97
C3 PCW P . 19.04 3.44 -11.81
C4 PCW P . 20.06 9.20 -8.89
C5 PCW P . 18.80 9.97 -8.44
C6 PCW P . 20.12 11.66 -7.33
C7 PCW P . 19.52 11.94 -9.64
C8 PCW P . 17.84 12.11 -7.95
C11 PCW P . 18.38 3.86 -14.02
C12 PCW P . 18.86 4.26 -15.41
C31 PCW P . 20.68 0.94 -11.87
C32 PCW P . 21.01 0.28 -13.21
N PCW P . 19.08 11.42 -8.34
O2 PCW P . 21.14 2.22 -11.73
O3 PCW P . 19.36 3.34 -13.21
O11 PCW P . 17.21 4.01 -13.68
O31 PCW P . 20.06 0.32 -11.01
O1P PCW P . 21.42 7.36 -10.85
O2P PCW P . 22.02 6.74 -8.45
O3P PCW P . 20.34 5.35 -9.78
O4P PCW P . 19.82 7.79 -9.00
P PCW P . 21.02 6.83 -9.53
C1 PCW Q . 39.00 -17.09 11.02
C2 PCW Q . 39.07 -18.61 11.30
C3 PCW Q . 39.84 -19.35 10.19
C4 PCW Q . 42.24 -12.99 10.50
C5 PCW Q . 43.73 -12.67 10.76
C6 PCW Q . 43.22 -10.38 10.06
C7 PCW Q . 43.57 -10.81 12.35
C8 PCW Q . 45.41 -10.96 10.87
C11 PCW Q . 39.90 -21.31 8.96
C12 PCW Q . 40.27 -22.74 9.39
C31 PCW Q . 39.17 -20.04 13.13
C32 PCW Q . 40.23 -20.94 13.81
N PCW Q . 43.97 -11.22 11.01
O2 PCW Q . 39.65 -18.88 12.59
O3 PCW Q . 39.20 -20.60 9.88
O11 PCW Q . 40.21 -20.89 7.84
O31 PCW Q . 37.99 -20.36 13.13
O1P PCW Q . 39.73 -14.09 11.71
O2P PCW Q . 39.93 -14.66 9.24
O3P PCW Q . 40.30 -16.44 10.98
O4P PCW Q . 41.95 -14.40 10.61
P PCW Q . 40.39 -14.84 10.62
C1 PCW R . 9.05 10.51 10.63
C2 PCW R . 8.39 9.20 10.18
C3 PCW R . 7.96 9.26 8.70
C4 PCW R . 10.38 14.27 11.63
C5 PCW R . 10.45 15.25 10.46
C6 PCW R . 11.18 17.35 9.64
C7 PCW R . 10.89 17.08 12.00
C8 PCW R . 12.72 16.02 10.86
C11 PCW R . 8.53 10.12 6.58
C12 PCW R . 7.78 8.97 5.91
C31 PCW R . 8.54 6.94 10.67
C32 PCW R . 8.81 5.75 9.73
N PCW R . 11.31 16.41 10.76
O2 PCW R . 9.26 8.08 10.40
O3 PCW R . 8.93 9.93 7.88
O11 PCW R . 8.77 11.15 5.94
O31 PCW R . 7.74 6.84 11.59
O1P PCW R . 10.07 12.10 13.49
O2P PCW R . 7.65 12.85 13.32
O3P PCW R . 8.44 10.95 11.87
O4P PCW R . 9.25 13.37 11.48
P PCW R . 8.86 12.32 12.66
CAA 7Q2 S . 20.55 -23.92 -4.98
CAB 7Q2 S . 19.90 -24.64 -6.16
CAD 7Q2 S . 21.84 -24.65 -4.83
CAE 7Q2 S . 22.49 -25.01 -7.13
CAF 7Q2 S . 21.89 -25.61 -5.85
CAG 7Q2 S . 20.50 -25.94 -6.08
CAH 7Q2 S . 22.64 -26.83 -5.47
CAI 7Q2 S . 20.37 -26.71 -7.31
CAJ 7Q2 S . 18.91 -26.93 -7.63
CAK 7Q2 S . 22.55 -27.85 -6.68
CAL 7Q2 S . 21.04 -28.06 -7.10
CAM 7Q2 S . 18.82 -27.81 -8.73
CAO 7Q2 S . 21.62 -28.08 -9.50
CAP 7Q2 S . 20.95 -28.85 -8.36
CAQ 7Q2 S . 19.49 -29.07 -8.70
CAR 7Q2 S . 21.62 -30.19 -8.18
CAS 7Q2 S . 19.39 -29.77 -10.03
CAT 7Q2 S . 21.55 -30.96 -9.51
CAU 7Q2 S . 20.22 -30.91 -10.03
CAX 7Q2 S . 19.91 -34.30 -11.17
CAY 7Q2 S . 20.33 -34.48 -12.63
NAV 7Q2 S . 19.75 -32.00 -10.61
NAZ 7Q2 S . 19.72 -35.70 -13.21
OAC 7Q2 S . 22.71 -24.46 -3.98
OAN 7Q2 S . 18.14 -27.50 -9.72
OAW 7Q2 S . 20.61 -33.19 -10.60
C1 CLR T . 3.77 5.08 17.86
C2 CLR T . 4.48 6.39 17.50
C3 CLR T . 5.34 6.96 18.67
C4 CLR T . 6.28 5.81 19.19
C5 CLR T . 5.57 4.47 19.46
C6 CLR T . 5.53 3.95 20.68
C7 CLR T . 4.62 2.81 21.01
C8 CLR T . 4.54 1.89 19.78
C9 CLR T . 3.91 2.65 18.59
C10 CLR T . 4.74 3.97 18.23
C11 CLR T . 3.65 1.69 17.38
C12 CLR T . 2.98 0.32 17.74
C13 CLR T . 3.79 -0.39 18.89
C14 CLR T . 3.75 0.65 20.09
C15 CLR T . 4.17 -0.13 21.35
C16 CLR T . 3.61 -1.58 21.10
C17 CLR T . 3.06 -1.62 19.59
C18 CLR T . 5.23 -0.77 18.49
C19 CLR T . 5.64 3.67 16.99
C20 CLR T . 3.33 -3.02 19.00
C21 CLR T . 2.59 -3.38 17.69
C22 CLR T . 2.87 -4.04 20.12
C23 CLR T . 3.47 -5.45 19.93
C24 CLR T . 2.22 -6.38 19.66
C25 CLR T . 2.66 -7.61 18.82
C26 CLR T . 2.37 -8.98 19.48
C27 CLR T . 2.03 -7.44 17.41
O1 CLR T . 6.06 8.18 18.36
C1 NAG U . -25.31 -43.07 -32.32
C2 NAG U . -26.38 -43.73 -31.44
C3 NAG U . -26.60 -45.17 -31.88
C4 NAG U . -26.94 -45.23 -33.37
C5 NAG U . -25.88 -44.49 -34.19
C6 NAG U . -26.24 -44.39 -35.66
C7 NAG U . -26.45 -42.74 -29.20
C8 NAG U . -25.99 -42.84 -27.78
N2 NAG U . -26.01 -43.67 -30.03
O3 NAG U . -27.65 -45.76 -31.12
O4 NAG U . -27.02 -46.58 -33.80
O5 NAG U . -25.71 -43.15 -33.70
O6 NAG U . -25.50 -43.36 -36.30
O7 NAG U . -27.20 -41.84 -29.57
C1 CLR V . 26.72 -21.22 18.10
C2 CLR V . 27.47 -20.11 18.88
C3 CLR V . 27.70 -18.84 18.02
C4 CLR V . 26.32 -18.40 17.44
C5 CLR V . 25.56 -19.51 16.70
C6 CLR V . 25.48 -19.49 15.40
C7 CLR V . 25.20 -20.73 14.61
C8 CLR V . 24.16 -21.56 15.38
C9 CLR V . 24.71 -21.98 16.76
C10 CLR V . 25.34 -20.78 17.60
C11 CLR V . 23.73 -22.89 17.52
C12 CLR V . 23.26 -24.14 16.70
C13 CLR V . 22.70 -23.71 15.28
C14 CLR V . 23.85 -22.82 14.61
C15 CLR V . 23.44 -22.64 13.15
C16 CLR V . 22.77 -24.04 12.79
C17 CLR V . 22.66 -24.86 14.17
C18 CLR V . 21.36 -22.97 15.34
C19 CLR V . 24.43 -20.47 18.83
C20 CLR V . 21.41 -25.77 14.12
C21 CLR V . 21.19 -26.70 15.33
C22 CLR V . 21.63 -26.69 12.83
C23 CLR V . 20.60 -27.84 12.71
C24 CLR V . 20.84 -28.47 11.27
C25 CLR V . 19.61 -29.34 10.86
C26 CLR V . 19.56 -29.70 9.35
C27 CLR V . 19.57 -30.56 11.82
O1 CLR V . 28.38 -17.76 18.72
C1 CLR W . -3.69 -9.02 -5.49
C2 CLR W . -4.33 -9.85 -6.64
C3 CLR W . -3.35 -10.06 -7.79
C4 CLR W . -2.12 -10.80 -7.22
C5 CLR W . -1.42 -10.05 -6.08
C6 CLR W . -0.21 -9.58 -6.26
C7 CLR W . 0.40 -8.54 -5.36
C8 CLR W . -0.20 -8.65 -3.93
C9 CLR W . -1.74 -8.54 -3.99
C10 CLR W . -2.40 -9.65 -4.91
C11 CLR W . -2.36 -8.37 -2.58
C12 CLR W . -1.75 -7.20 -1.76
C13 CLR W . -0.19 -7.37 -1.63
C14 CLR W . 0.36 -7.52 -3.12
C15 CLR W . 1.89 -7.44 -2.99
C16 CLR W . 2.08 -6.35 -1.86
C17 CLR W . 0.61 -6.05 -1.29
C18 CLR W . 0.25 -8.55 -0.72
C19 CLR W . -2.77 -10.87 -4.00
C20 CLR W . 0.74 -5.61 0.17
C21 CLR W . -0.55 -5.11 0.86
C22 CLR W . 1.76 -4.41 0.11
C23 CLR W . 1.61 -3.42 1.27
C24 CLR W . 2.64 -3.95 2.33
C25 CLR W . 2.02 -3.82 3.74
C26 CLR W . 2.74 -4.63 4.84
C27 CLR W . 1.89 -2.29 4.04
O1 CLR W . -3.92 -10.71 -8.96
MG MG X . -55.15 -12.69 -13.75
NA NA Y . -48.50 -2.56 -0.06
MG MG Z . -21.35 8.90 14.45
C1 CLR AA . -2.05 -18.14 4.69
C2 CLR AA . -2.63 -18.75 3.40
C3 CLR AA . -3.14 -20.20 3.61
C4 CLR AA . -4.15 -20.19 4.81
C5 CLR AA . -3.62 -19.50 6.08
C6 CLR AA . -3.45 -20.20 7.20
C7 CLR AA . -2.66 -19.66 8.36
C8 CLR AA . -2.89 -18.13 8.41
C9 CLR AA . -2.36 -17.46 7.12
C10 CLR AA . -3.07 -18.06 5.82
C11 CLR AA . -2.39 -15.90 7.24
C12 CLR AA . -1.85 -15.31 8.59
C13 CLR AA . -2.53 -16.02 9.81
C14 CLR AA . -2.20 -17.55 9.62
C15 CLR AA . -2.49 -18.25 10.96
C16 CLR AA . -2.17 -17.13 12.03
C17 CLR AA . -1.82 -15.79 11.22
C18 CLR AA . -4.05 -15.76 9.92
C19 CLR AA . -4.21 -17.08 5.40
C20 CLR AA . -2.28 -14.56 12.04
C21 CLR AA . -1.66 -13.21 11.64
C22 CLR AA . -1.86 -14.89 13.53
C23 CLR AA . -2.49 -13.93 14.56
C24 CLR AA . -1.31 -13.58 15.56
C25 CLR AA . -1.75 -12.46 16.52
C26 CLR AA . -1.20 -12.59 17.97
C27 CLR AA . -1.41 -11.11 15.83
O1 CLR AA . -3.69 -20.83 2.41
C1 PCW BA . -32.89 -6.42 23.64
C2 PCW BA . -32.30 -5.09 24.21
C3 PCW BA . -32.78 -4.88 25.65
C4 PCW BA . -34.81 -9.81 21.72
C5 PCW BA . -36.32 -9.89 22.02
C6 PCW BA . -37.00 -9.59 19.73
C7 PCW BA . -36.47 -11.78 20.52
C8 PCW BA . -38.46 -10.69 21.27
C11 PCW BA . -34.54 -4.11 26.90
C12 PCW BA . -33.83 -2.89 27.50
C31 PCW BA . -30.29 -3.83 24.32
C32 PCW BA . -29.39 -3.60 25.54
N PCW BA . -37.05 -10.49 20.89
O2 PCW BA . -30.86 -5.08 24.19
O3 PCW BA . -34.14 -4.46 25.64
O11 PCW BA . -35.42 -4.70 27.53
O31 PCW BA . -30.42 -2.93 23.49
O1P PCW BA . -31.85 -9.15 21.78
O2P PCW BA . -33.07 -7.74 20.05
O3P PCW BA . -32.43 -6.71 22.29
O4P PCW BA . -34.26 -8.53 22.09
P PCW BA . -32.82 -8.08 21.47
C1 PCW CA . -8.81 -30.89 16.39
C2 PCW CA . -8.45 -30.98 17.89
C3 PCW CA . -7.14 -31.77 18.09
C4 PCW CA . -12.95 -31.95 13.26
C5 PCW CA . -14.46 -32.24 13.44
C6 PCW CA . -14.71 -31.49 11.12
C7 PCW CA . -15.24 -33.74 11.70
C8 PCW CA . -16.63 -31.97 12.44
C11 PCW CA . -6.29 -34.03 18.28
C12 PCW CA . -4.91 -33.35 18.39
C31 PCW CA . -8.13 -29.59 19.78
C32 PCW CA . -6.87 -28.89 20.28
N PCW CA . -15.23 -32.36 12.18
O2 PCW CA . -8.28 -29.65 18.42
O3 PCW CA . -7.38 -33.19 18.14
O11 PCW CA . -6.38 -35.26 18.31
O31 PCW CA . -8.95 -30.05 20.57
O1P PCW CA . -9.97 -31.75 13.55
O2P PCW CA . -10.96 -29.59 14.46
O3P PCW CA . -10.16 -31.35 16.07
O4P PCW CA . -12.28 -31.71 14.53
P PCW CA . -10.77 -31.05 14.57
C1 PCW DA . -16.04 24.91 12.04
C2 PCW DA . -17.06 24.60 10.88
C3 PCW DA . -16.56 25.08 9.50
C4 PCW DA . -15.05 29.24 14.87
C5 PCW DA . -15.86 30.11 15.86
C6 PCW DA . -13.93 30.88 17.09
C7 PCW DA . -14.85 32.20 15.28
C8 PCW DA . -16.04 31.99 17.36
C11 PCW DA . -17.17 24.99 7.24
C12 PCW DA . -17.74 23.87 6.37
C31 PCW DA . -18.59 22.55 10.05
C32 PCW DA . -18.06 21.59 9.00
N PCW DA . -15.17 31.29 16.40
O2 PCW DA . -17.62 23.20 10.88
O3 PCW DA . -17.62 25.01 8.53
O11 PCW DA . -16.38 25.82 6.77
O31 PCW DA . -19.81 22.50 10.17
O1P PCW DA . -13.65 27.30 13.34
O2P PCW DA . -15.00 25.59 14.67
O3P PCW DA . -15.86 26.33 12.42
O4P PCW DA . -15.73 28.00 14.52
P PCW DA . -14.96 26.75 13.75
C1 PCW EA . -8.87 -14.91 -3.44
C2 PCW EA . -7.97 -13.95 -2.64
C3 PCW EA . -7.80 -12.61 -3.38
C4 PCW EA . -10.82 -17.44 -6.49
C5 PCW EA . -11.13 -16.95 -7.92
C6 PCW EA . -12.66 -16.97 -9.80
C7 PCW EA . -11.94 -19.05 -8.88
C8 PCW EA . -13.44 -17.67 -7.65
C11 PCW EA . -8.92 -10.81 -4.32
C12 PCW EA . -7.91 -9.80 -3.78
C31 PCW EA . -7.65 -13.08 -0.51
C32 PCW EA . -8.21 -11.98 0.40
N PCW EA . -12.28 -17.66 -8.55
O2 PCW EA . -8.53 -13.71 -1.34
O3 PCW EA . -9.07 -11.96 -3.59
O11 PCW EA . -9.56 -10.55 -5.34
O31 PCW EA . -6.45 -13.35 -0.46
O1P PCW EA . -9.50 -18.10 -3.84
O2P PCW EA . -7.68 -17.84 -5.57
O3P PCW EA . -8.10 -15.97 -4.02
O4P PCW EA . -9.80 -16.61 -5.87
P PCW EA . -8.76 -17.24 -4.79
CAA 7Q2 FA . -19.37 15.25 19.96
CAB 7Q2 FA . -18.77 16.67 20.00
CAD 7Q2 FA . -20.59 15.39 20.81
CAE 7Q2 FA . -21.41 17.57 20.16
CAF 7Q2 FA . -20.65 16.74 21.21
CAG 7Q2 FA . -19.27 17.14 21.25
CAH 7Q2 FA . -21.27 16.91 22.54
CAI 7Q2 FA . -19.20 18.60 21.36
CAJ 7Q2 FA . -17.77 19.06 21.26
CAK 7Q2 FA . -21.23 18.46 22.90
CAL 7Q2 FA . -19.75 19.00 22.73
CAM 7Q2 FA . -17.72 20.46 21.53
CAO 7Q2 FA . -20.57 21.11 21.73
CAP 7Q2 FA . -19.72 20.49 22.85
CAQ 7Q2 FA . -18.29 20.96 22.73
CAR 7Q2 FA . -20.26 20.90 24.19
CAS 7Q2 FA . -18.27 22.47 22.72
CAT 7Q2 FA . -20.27 22.45 24.26
CAU 7Q2 FA . -19.01 22.95 23.82
CAX 7Q2 FA . -18.62 25.64 26.17
CAY 7Q2 FA . -19.17 26.95 25.58
NAV 7Q2 FA . -18.54 24.02 24.46
NAZ 7Q2 FA . -18.58 28.13 26.26
OAC 7Q2 FA . -21.38 14.50 21.10
OAN 7Q2 FA . -17.16 21.21 20.74
OAW 7Q2 FA . -19.31 24.53 25.59
C1 NAG GA . 25.28 50.68 19.52
C2 NAG GA . 26.08 50.78 20.83
C3 NAG GA . 26.14 52.24 21.29
C4 NAG GA . 26.69 53.13 20.18
C5 NAG GA . 25.89 52.92 18.89
C6 NAG GA . 26.48 53.66 17.71
C7 NAG GA . 26.23 49.16 22.68
C8 NAG GA . 27.71 49.16 22.46
N2 NAG GA . 25.50 49.94 21.87
O3 NAG GA . 26.93 52.35 22.47
O4 NAG GA . 26.60 54.49 20.57
O5 NAG GA . 25.87 51.54 18.53
O6 NAG GA . 25.64 54.75 17.30
O7 NAG GA . 25.71 48.47 23.56
C1 PCW HA . 11.53 -0.10 33.33
C2 PCW HA . 10.37 -1.08 33.04
C3 PCW HA . 9.03 -0.33 32.80
C4 PCW HA . 13.37 4.46 31.44
C5 PCW HA . 13.26 5.06 30.03
C6 PCW HA . 13.70 7.31 30.73
C7 PCW HA . 15.54 5.85 30.23
C8 PCW HA . 14.14 6.64 28.46
C11 PCW HA . 7.07 0.22 33.93
C12 PCW HA . 6.25 -0.03 35.20
C31 PCW HA . 9.84 -2.96 31.67
C32 PCW HA . 9.71 -4.02 32.77
N PCW HA . 14.16 6.21 29.86
O2 PCW HA . 10.70 -1.93 31.91
O3 PCW HA . 8.41 0.01 34.05
O11 PCW HA . 6.51 0.59 32.88
O31 PCW HA . 9.22 -3.10 30.61
O1P PCW HA . 14.06 1.48 32.40
O2P PCW HA . 12.63 2.83 33.99
O3P PCW HA . 11.57 1.07 32.49
O4P PCW HA . 12.57 3.28 31.53
P PCW HA . 12.78 2.16 32.69
C1 CLR IA . -24.68 -7.71 28.55
C2 CLR IA . -25.29 -8.98 27.96
C3 CLR IA . -26.15 -8.71 26.69
C4 CLR IA . -25.33 -7.78 25.71
C5 CLR IA . -24.62 -6.58 26.36
C6 CLR IA . -24.91 -5.34 26.02
C7 CLR IA . -24.46 -4.15 26.84
C8 CLR IA . -23.05 -4.48 27.45
C9 CLR IA . -23.15 -5.74 28.33
C10 CLR IA . -23.77 -7.00 27.58
C11 CLR IA . -21.82 -6.02 29.07
C12 CLR IA . -21.28 -4.81 29.90
C13 CLR IA . -21.14 -3.52 28.99
C14 CLR IA . -22.58 -3.31 28.32
C15 CLR IA . -22.52 -1.92 27.66
C16 CLR IA . -21.62 -1.09 28.68
C17 CLR IA . -21.06 -2.13 29.77
C18 CLR IA . -20.01 -3.62 27.93
C19 CLR IA . -22.62 -7.96 27.18
C20 CLR IA . -19.66 -1.64 30.27
C21 CLR IA . -18.97 -2.54 31.32
C22 CLR IA . -19.95 -0.22 30.95
C23 CLR IA . -18.66 0.44 31.53
C24 CLR IA . -19.14 1.86 32.05
C25 CLR IA . -17.89 2.77 32.30
C26 CLR IA . -18.19 4.29 32.33
C27 CLR IA . -17.17 2.24 33.57
O1 CLR IA . -26.63 -9.92 26.05
C1 CLR JA . 3.89 9.56 4.94
C2 CLR JA . 4.55 10.96 5.03
C3 CLR JA . 3.54 12.09 4.75
C4 CLR JA . 2.37 11.93 5.78
C5 CLR JA . 1.70 10.55 5.76
C6 CLR JA . 0.45 10.43 5.35
C7 CLR JA . -0.15 9.11 4.95
C8 CLR JA . 0.51 7.97 5.78
C9 CLR JA . 2.03 7.98 5.57
C10 CLR JA . 2.72 9.36 5.92
C11 CLR JA . 2.70 6.73 6.20
C12 CLR JA . 2.10 5.38 5.71
C13 CLR JA . 0.54 5.34 5.96
C14 CLR JA . -0.05 6.66 5.28
C15 CLR JA . -1.58 6.48 5.32
C16 CLR JA . -1.75 4.93 5.03
C17 CLR JA . -0.27 4.30 5.08
C18 CLR JA . 0.14 5.22 7.46
C19 CLR JA . 3.28 9.29 7.39
C20 CLR JA . -0.36 2.84 5.56
C21 CLR JA . 0.95 2.03 5.53
C22 CLR JA . -1.38 2.17 4.56
C23 CLR JA . -1.17 0.65 4.41
C24 CLR JA . -2.40 0.01 5.19
C25 CLR JA . -1.90 -1.20 6.01
C26 CLR JA . -2.83 -1.58 7.21
C27 CLR JA . -1.64 -2.36 5.02
O1 CLR JA . 4.12 13.42 4.76
#